data_7PJ1
#
_entry.id   7PJ1
#
loop_
_entity.id
_entity.type
_entity.pdbx_description
1 polymer 'Histone H2A'
2 polymer 'Histone H2B'
#
loop_
_entity_poly.entity_id
_entity_poly.type
_entity_poly.pdbx_seq_one_letter_code
_entity_poly.pdbx_strand_id
1 'polypeptide(L)'
;SGRGKGGKVKGKAKSRSNRAGLQFPVGRIHRLLRKGNYAERVGAGAPVYLAAVMEYLAAEVLELAGNAARDNKKTRIIPR
HLQLAIRNDEELNKLLSGVTIAQGGVLPNIQAVLLPKKTEKKA
;
A
2 'polypeptide(L)'
;PPKTSGKAAKKAGKAQKNITKTDKKKKRKRKESYAIYIYKVLKQVHPDTGISSKAMSIMNSFVNDIFERIAAEASRLAHY
NKRSTITSREIQTAVRLLLPGELAKHAVSEGTKAVTKYTSSK
;
B
#
# COMPACT_ATOMS: atom_id res chain seq x y z
N SER A 1 30.35 22.17 6.94
CA SER A 1 30.93 22.99 8.03
C SER A 1 30.68 24.42 7.73
N GLY A 2 31.33 25.29 8.52
CA GLY A 2 31.31 26.71 8.26
C GLY A 2 32.17 27.04 7.05
N ARG A 3 33.44 26.59 7.03
CA ARG A 3 34.37 26.94 5.97
C ARG A 3 33.87 26.41 4.68
N GLY A 4 33.27 25.21 4.68
CA GLY A 4 32.82 24.65 3.44
C GLY A 4 32.42 23.24 3.69
N LYS A 5 32.56 22.38 2.66
CA LYS A 5 32.22 20.98 2.78
C LYS A 5 33.49 20.19 2.99
N GLY A 6 33.91 20.05 4.27
CA GLY A 6 35.11 19.35 4.66
C GLY A 6 35.02 17.86 4.42
N GLY A 7 33.91 17.23 4.84
CA GLY A 7 33.79 15.82 4.67
C GLY A 7 32.87 15.51 3.54
N LYS A 8 32.30 14.29 3.59
CA LYS A 8 31.36 13.87 2.58
C LYS A 8 30.02 13.76 3.24
N VAL A 9 29.09 14.66 2.85
CA VAL A 9 27.74 14.63 3.30
C VAL A 9 26.97 14.27 2.07
N LYS A 10 25.79 13.66 2.28
CA LYS A 10 25.01 13.26 1.13
C LYS A 10 23.56 13.21 1.54
N GLY A 11 23.21 12.24 2.41
CA GLY A 11 21.84 12.02 2.79
C GLY A 11 21.49 12.71 4.08
N LYS A 12 20.29 12.39 4.60
CA LYS A 12 19.75 13.00 5.79
C LYS A 12 20.63 12.79 6.99
N ALA A 13 21.35 11.65 7.09
CA ALA A 13 22.17 11.44 8.25
C ALA A 13 23.38 10.66 7.85
N LYS A 14 24.33 10.46 8.79
CA LYS A 14 25.52 9.72 8.45
C LYS A 14 25.45 8.36 9.07
N SER A 15 25.05 7.34 8.28
CA SER A 15 25.00 5.97 8.73
C SER A 15 24.93 5.08 7.54
N ARG A 16 25.55 3.90 7.61
CA ARG A 16 25.45 2.99 6.50
C ARG A 16 24.04 2.56 6.42
N SER A 17 23.40 2.29 7.56
CA SER A 17 22.00 1.98 7.53
C SER A 17 21.30 3.28 7.29
N ASN A 18 20.57 3.35 6.17
CA ASN A 18 19.89 4.56 5.80
C ASN A 18 18.75 4.21 4.92
N ARG A 19 17.70 5.05 4.92
CA ARG A 19 16.57 4.77 4.09
C ARG A 19 16.50 5.85 3.05
N ALA A 20 16.69 5.47 1.75
CA ALA A 20 16.72 6.38 0.64
C ALA A 20 15.39 7.06 0.41
N GLY A 21 14.28 6.31 0.40
CA GLY A 21 13.04 6.96 0.11
C GLY A 21 12.08 6.73 1.22
N LEU A 22 10.78 6.95 0.89
CA LEU A 22 9.64 6.81 1.81
C LEU A 22 9.17 5.37 1.87
N GLN A 23 10.09 4.43 1.65
CA GLN A 23 9.78 3.01 1.69
C GLN A 23 9.55 2.53 3.12
N PHE A 24 8.86 1.40 3.26
CA PHE A 24 8.57 0.84 4.56
C PHE A 24 9.41 -0.42 4.81
N PRO A 25 10.38 -0.35 5.73
CA PRO A 25 11.22 -1.50 6.06
C PRO A 25 10.45 -2.55 6.87
N VAL A 26 11.01 -3.76 6.94
CA VAL A 26 10.39 -4.86 7.67
C VAL A 26 10.02 -4.46 9.10
N GLY A 27 10.93 -3.76 9.76
CA GLY A 27 10.69 -3.31 11.12
C GLY A 27 9.48 -2.41 11.23
N ARG A 28 9.33 -1.50 10.28
CA ARG A 28 8.20 -0.57 10.31
C ARG A 28 6.90 -1.32 10.01
N ILE A 29 6.96 -2.27 9.08
CA ILE A 29 5.79 -3.06 8.73
C ILE A 29 5.30 -3.82 9.95
N HIS A 30 6.24 -4.44 10.67
CA HIS A 30 5.91 -5.19 11.87
C HIS A 30 5.27 -4.28 12.91
N ARG A 31 5.82 -3.08 13.03
CA ARG A 31 5.30 -2.09 13.98
C ARG A 31 3.85 -1.74 13.67
N LEU A 32 3.57 -1.49 12.39
CA LEU A 32 2.22 -1.14 11.95
C LEU A 32 1.26 -2.30 12.20
N LEU A 33 1.67 -3.50 11.83
CA LEU A 33 0.84 -4.69 12.01
C LEU A 33 0.51 -4.91 13.48
N ARG A 34 1.47 -4.65 14.34
CA ARG A 34 1.27 -4.81 15.78
C ARG A 34 0.38 -3.71 16.33
N LYS A 35 0.48 -2.51 15.75
CA LYS A 35 -0.32 -1.38 16.17
C LYS A 35 -1.80 -1.63 15.86
N GLY A 36 -2.05 -2.38 14.79
CA GLY A 36 -3.40 -2.69 14.40
C GLY A 36 -3.84 -4.04 14.95
N ASN A 37 -2.96 -4.67 15.73
CA ASN A 37 -3.20 -5.97 16.34
C ASN A 37 -3.52 -7.03 15.28
N TYR A 38 -2.87 -6.90 14.13
CA TYR A 38 -3.07 -7.85 13.05
C TYR A 38 -2.17 -9.05 13.21
N ALA A 39 -0.87 -8.80 13.35
CA ALA A 39 0.10 -9.87 13.51
C ALA A 39 1.33 -9.37 14.24
N GLU A 40 2.10 -10.30 14.78
CA GLU A 40 3.31 -9.96 15.51
C GLU A 40 4.53 -10.12 14.62
N ARG A 41 4.51 -11.16 13.80
CA ARG A 41 5.62 -11.44 12.89
C ARG A 41 5.11 -11.80 11.51
N VAL A 42 6.02 -11.82 10.54
CA VAL A 42 5.70 -12.18 9.17
C VAL A 42 6.62 -13.29 8.72
N GLY A 43 6.08 -14.24 7.97
CA GLY A 43 6.88 -15.36 7.49
C GLY A 43 7.80 -14.97 6.36
N ALA A 44 8.86 -15.74 6.17
CA ALA A 44 9.83 -15.47 5.11
C ALA A 44 9.20 -15.72 3.75
N GLY A 45 9.32 -14.75 2.86
CA GLY A 45 8.76 -14.87 1.54
C GLY A 45 7.42 -14.19 1.44
N ALA A 46 6.76 -14.03 2.59
CA ALA A 46 5.46 -13.39 2.65
C ALA A 46 5.53 -11.92 2.23
N PRO A 47 6.53 -11.12 2.70
CA PRO A 47 6.65 -9.71 2.30
C PRO A 47 6.75 -9.55 0.78
N VAL A 48 7.35 -10.55 0.13
CA VAL A 48 7.50 -10.53 -1.32
C VAL A 48 6.14 -10.70 -1.97
N TYR A 49 5.35 -11.61 -1.43
CA TYR A 49 4.00 -11.87 -1.95
C TYR A 49 3.09 -10.69 -1.65
N LEU A 50 3.21 -10.14 -0.44
CA LEU A 50 2.41 -9.00 -0.02
C LEU A 50 2.61 -7.83 -0.97
N ALA A 51 3.87 -7.59 -1.35
CA ALA A 51 4.19 -6.50 -2.26
C ALA A 51 3.54 -6.72 -3.62
N ALA A 52 3.61 -7.96 -4.11
CA ALA A 52 3.03 -8.32 -5.40
C ALA A 52 1.52 -8.09 -5.39
N VAL A 53 0.87 -8.49 -4.30
CA VAL A 53 -0.57 -8.31 -4.16
C VAL A 53 -0.92 -6.83 -4.21
N MET A 54 -0.17 -6.03 -3.46
CA MET A 54 -0.38 -4.59 -3.40
C MET A 54 -0.23 -3.96 -4.78
N GLU A 55 0.83 -4.33 -5.49
CA GLU A 55 1.10 -3.82 -6.82
C GLU A 55 0.00 -4.23 -7.79
N TYR A 56 -0.56 -5.43 -7.58
CA TYR A 56 -1.63 -5.92 -8.44
C TYR A 56 -2.88 -5.08 -8.24
N LEU A 57 -3.21 -4.82 -6.98
CA LEU A 57 -4.37 -4.01 -6.63
C LEU A 57 -4.23 -2.61 -7.22
N ALA A 58 -3.05 -2.01 -7.00
CA ALA A 58 -2.76 -0.68 -7.50
C ALA A 58 -2.88 -0.62 -9.02
N ALA A 59 -2.37 -1.64 -9.70
CA ALA A 59 -2.42 -1.73 -11.16
C ALA A 59 -3.86 -1.64 -11.67
N GLU A 60 -4.76 -2.40 -11.05
CA GLU A 60 -6.16 -2.41 -11.45
C GLU A 60 -6.80 -1.03 -11.24
N VAL A 61 -6.52 -0.43 -10.10
CA VAL A 61 -7.06 0.89 -9.78
C VAL A 61 -6.54 1.94 -10.76
N LEU A 62 -5.23 1.89 -11.03
CA LEU A 62 -4.59 2.83 -11.94
C LEU A 62 -5.09 2.64 -13.37
N GLU A 63 -5.44 1.41 -13.72
CA GLU A 63 -5.96 1.10 -15.04
C GLU A 63 -7.29 1.82 -15.27
N LEU A 64 -8.18 1.68 -14.31
CA LEU A 64 -9.49 2.31 -14.37
C LEU A 64 -9.36 3.83 -14.31
N ALA A 65 -8.58 4.31 -13.35
CA ALA A 65 -8.37 5.73 -13.17
C ALA A 65 -7.74 6.37 -14.42
N GLY A 66 -6.73 5.72 -14.97
CA GLY A 66 -6.06 6.22 -16.15
C GLY A 66 -6.98 6.28 -17.36
N ASN A 67 -7.79 5.25 -17.54
CA ASN A 67 -8.72 5.19 -18.65
C ASN A 67 -9.79 6.28 -18.52
N ALA A 68 -10.25 6.49 -17.30
CA ALA A 68 -11.26 7.51 -17.04
C ALA A 68 -10.72 8.91 -17.28
N ALA A 69 -9.46 9.13 -16.93
CA ALA A 69 -8.82 10.42 -17.12
C ALA A 69 -8.77 10.78 -18.60
N ARG A 70 -8.45 9.79 -19.43
CA ARG A 70 -8.36 9.99 -20.87
C ARG A 70 -9.73 10.29 -21.46
N ASP A 71 -10.77 9.71 -20.87
CA ASP A 71 -12.13 9.91 -21.33
C ASP A 71 -12.53 11.38 -21.16
N ASN A 72 -11.99 12.01 -20.12
CA ASN A 72 -12.27 13.41 -19.84
C ASN A 72 -11.28 14.31 -20.56
N LYS A 73 -10.47 13.71 -21.44
CA LYS A 73 -9.46 14.42 -22.22
C LYS A 73 -8.40 15.06 -21.34
N LYS A 74 -8.08 14.41 -20.23
CA LYS A 74 -7.08 14.92 -19.30
C LYS A 74 -5.78 14.12 -19.40
N THR A 75 -4.66 14.80 -19.29
CA THR A 75 -3.36 14.15 -19.35
C THR A 75 -3.03 13.57 -17.96
N ARG A 76 -3.46 14.28 -16.93
CA ARG A 76 -3.24 13.85 -15.56
C ARG A 76 -4.57 13.60 -14.88
N ILE A 77 -4.67 12.50 -14.16
CA ILE A 77 -5.89 12.15 -13.44
C ILE A 77 -6.18 13.17 -12.35
N ILE A 78 -7.43 13.62 -12.29
CA ILE A 78 -7.84 14.60 -11.30
C ILE A 78 -8.62 13.93 -10.17
N PRO A 79 -8.69 14.56 -8.99
CA PRO A 79 -9.41 14.01 -7.82
C PRO A 79 -10.87 13.68 -8.10
N ARG A 80 -11.45 14.33 -9.10
CA ARG A 80 -12.84 14.10 -9.47
C ARG A 80 -13.07 12.66 -9.90
N HIS A 81 -12.03 12.03 -10.43
CA HIS A 81 -12.13 10.65 -10.89
C HIS A 81 -12.19 9.67 -9.72
N LEU A 82 -11.51 10.02 -8.64
CA LEU A 82 -11.48 9.18 -7.45
C LEU A 82 -12.81 9.21 -6.70
N GLN A 83 -13.51 10.33 -6.77
CA GLN A 83 -14.79 10.48 -6.09
C GLN A 83 -15.97 10.13 -6.98
N LEU A 84 -15.71 9.84 -8.25
CA LEU A 84 -16.79 9.50 -9.17
C LEU A 84 -16.57 8.12 -9.80
N ALA A 85 -15.62 8.04 -10.72
CA ALA A 85 -15.34 6.78 -11.42
C ALA A 85 -14.94 5.66 -10.47
N ILE A 86 -13.99 5.95 -9.58
CA ILE A 86 -13.50 4.96 -8.62
C ILE A 86 -14.60 4.55 -7.64
N ARG A 87 -15.56 5.44 -7.41
CA ARG A 87 -16.65 5.17 -6.49
C ARG A 87 -17.76 4.35 -7.16
N ASN A 88 -17.67 4.22 -8.48
CA ASN A 88 -18.67 3.47 -9.23
C ASN A 88 -18.31 1.99 -9.34
N ASP A 89 -17.02 1.69 -9.26
CA ASP A 89 -16.55 0.31 -9.36
C ASP A 89 -16.96 -0.50 -8.13
N GLU A 90 -17.73 -1.56 -8.36
CA GLU A 90 -18.21 -2.42 -7.28
C GLU A 90 -17.10 -3.24 -6.64
N GLU A 91 -16.14 -3.68 -7.46
CA GLU A 91 -15.03 -4.49 -6.95
C GLU A 91 -14.19 -3.67 -5.97
N LEU A 92 -13.79 -2.48 -6.40
CA LEU A 92 -12.98 -1.61 -5.57
C LEU A 92 -13.76 -1.18 -4.32
N ASN A 93 -15.03 -0.82 -4.51
CA ASN A 93 -15.89 -0.40 -3.41
C ASN A 93 -16.03 -1.51 -2.37
N LYS A 94 -16.04 -2.75 -2.83
CA LYS A 94 -16.19 -3.91 -1.95
C LYS A 94 -15.01 -4.01 -0.98
N LEU A 95 -13.80 -3.92 -1.52
CA LEU A 95 -12.59 -4.03 -0.70
C LEU A 95 -12.34 -2.75 0.09
N LEU A 96 -12.95 -1.64 -0.36
CA LEU A 96 -12.79 -0.37 0.32
C LEU A 96 -13.79 -0.23 1.46
N SER A 97 -14.63 -1.23 1.62
CA SER A 97 -15.64 -1.22 2.68
C SER A 97 -15.24 -2.16 3.81
N GLY A 98 -15.87 -1.98 4.98
CA GLY A 98 -15.69 -2.79 6.14
C GLY A 98 -17.08 -2.95 6.66
N VAL A 99 -17.28 -3.54 7.85
CA VAL A 99 -18.64 -3.74 8.29
C VAL A 99 -19.27 -2.40 8.55
N THR A 100 -20.26 -2.06 7.70
CA THR A 100 -20.98 -0.84 7.80
C THR A 100 -22.26 -1.15 7.08
N ILE A 101 -22.81 -0.21 6.28
CA ILE A 101 -24.03 -0.51 5.54
C ILE A 101 -23.64 -1.56 4.53
N ALA A 102 -24.30 -2.74 4.60
CA ALA A 102 -23.92 -3.87 3.81
C ALA A 102 -24.04 -3.56 2.35
N GLN A 103 -22.91 -3.71 1.63
CA GLN A 103 -22.87 -3.46 0.22
C GLN A 103 -22.92 -4.80 -0.40
N GLY A 104 -21.81 -5.55 -0.27
CA GLY A 104 -21.73 -6.88 -0.77
C GLY A 104 -22.15 -7.81 0.33
N GLY A 105 -22.04 -9.11 0.00
CA GLY A 105 -22.30 -10.28 0.82
C GLY A 105 -21.27 -10.52 1.89
N VAL A 106 -19.97 -10.22 1.61
CA VAL A 106 -18.95 -10.55 2.57
C VAL A 106 -19.12 -9.72 3.81
N LEU A 107 -19.65 -10.33 4.90
CA LEU A 107 -19.73 -9.70 6.19
C LEU A 107 -19.19 -10.73 7.15
N PRO A 108 -17.97 -10.62 7.61
CA PRO A 108 -17.43 -11.64 8.47
C PRO A 108 -18.09 -11.67 9.81
N ASN A 109 -18.70 -12.81 10.19
CA ASN A 109 -19.33 -12.90 11.47
C ASN A 109 -19.98 -14.27 11.58
N ILE A 110 -20.75 -14.53 12.68
CA ILE A 110 -21.37 -15.80 12.95
C ILE A 110 -22.50 -16.15 11.99
N GLN A 111 -23.46 -15.24 11.69
CA GLN A 111 -24.58 -15.58 10.82
C GLN A 111 -24.67 -14.52 9.77
N ALA A 112 -25.81 -14.46 9.04
CA ALA A 112 -26.00 -13.44 8.04
C ALA A 112 -26.58 -12.22 8.70
N VAL A 113 -26.26 -11.03 8.15
CA VAL A 113 -26.59 -9.73 8.71
C VAL A 113 -28.08 -9.60 8.96
N LEU A 114 -28.94 -10.12 8.06
CA LEU A 114 -30.37 -10.05 8.22
C LEU A 114 -30.83 -10.90 9.39
N LEU A 115 -30.18 -12.08 9.58
CA LEU A 115 -30.43 -13.14 10.55
C LEU A 115 -31.46 -14.07 9.97
N PRO A 116 -31.28 -15.37 10.04
CA PRO A 116 -32.19 -16.32 9.45
C PRO A 116 -33.58 -16.36 10.05
N LYS A 117 -33.77 -15.83 11.28
CA LYS A 117 -35.07 -15.84 11.90
C LYS A 117 -35.19 -14.65 12.79
N LYS A 118 -36.29 -14.59 13.55
CA LYS A 118 -36.57 -13.56 14.51
C LYS A 118 -36.12 -14.11 15.82
N THR A 119 -36.14 -13.29 16.89
CA THR A 119 -35.76 -13.75 18.19
C THR A 119 -37.01 -14.18 18.88
N GLU A 120 -36.86 -14.47 20.18
CA GLU A 120 -37.92 -14.90 21.05
C GLU A 120 -38.56 -13.68 21.64
N LYS A 121 -39.89 -13.77 21.82
CA LYS A 121 -40.61 -12.69 22.42
C LYS A 121 -41.00 -13.21 23.75
N LYS A 122 -41.08 -12.32 24.77
CA LYS A 122 -41.43 -12.76 26.08
C LYS A 122 -42.86 -12.36 26.30
N ALA A 123 -43.61 -13.14 27.09
CA ALA A 123 -44.98 -12.81 27.36
C ALA A 123 -45.03 -12.14 28.73
N PRO B 1 24.83 26.88 -3.96
CA PRO B 1 25.78 27.60 -4.85
C PRO B 1 25.83 28.90 -4.11
N PRO B 2 26.73 29.85 -4.35
CA PRO B 2 26.76 31.09 -3.58
C PRO B 2 25.43 31.79 -3.55
N LYS B 3 24.88 31.92 -2.31
CA LYS B 3 23.63 32.46 -1.82
C LYS B 3 22.91 31.27 -1.25
N THR B 4 22.81 31.20 0.09
CA THR B 4 22.20 30.04 0.69
C THR B 4 20.94 30.46 1.36
N SER B 5 20.19 29.46 1.88
CA SER B 5 18.93 29.64 2.56
C SER B 5 19.12 30.50 3.77
N GLY B 6 18.42 31.66 3.77
CA GLY B 6 18.37 32.63 4.84
C GLY B 6 17.53 32.21 6.01
N LYS B 7 16.33 31.67 5.76
CA LYS B 7 15.43 31.36 6.83
C LYS B 7 15.35 29.89 6.99
N ALA B 8 14.98 29.47 8.21
CA ALA B 8 14.76 28.09 8.53
C ALA B 8 13.41 28.08 9.16
N ALA B 9 12.71 26.92 9.10
CA ALA B 9 11.40 26.77 9.69
C ALA B 9 11.40 26.78 11.21
N LYS B 10 12.32 26.03 11.88
CA LYS B 10 12.32 25.83 13.32
C LYS B 10 12.14 27.10 14.10
N LYS B 11 10.89 27.28 14.59
CA LYS B 11 10.43 28.39 15.40
C LYS B 11 9.13 27.92 15.98
N ALA B 12 8.32 28.88 16.50
CA ALA B 12 7.00 28.58 16.97
C ALA B 12 6.13 28.64 15.76
N GLY B 13 5.03 27.89 15.74
CA GLY B 13 4.22 27.91 14.56
C GLY B 13 2.92 28.52 14.94
N LYS B 14 2.18 28.99 13.93
CA LYS B 14 0.88 29.55 14.14
C LYS B 14 -0.01 28.44 13.70
N ALA B 15 -0.19 28.37 12.37
CA ALA B 15 -0.87 27.29 11.73
C ALA B 15 0.21 26.28 11.53
N GLN B 16 -0.17 25.04 11.15
CA GLN B 16 0.72 23.90 10.98
C GLN B 16 1.95 24.29 10.21
N LYS B 17 3.06 24.48 10.98
CA LYS B 17 4.40 24.85 10.55
C LYS B 17 4.38 26.01 9.58
N ASN B 18 3.35 26.88 9.67
CA ASN B 18 3.09 28.02 8.83
C ASN B 18 3.39 27.69 7.40
N ILE B 19 2.81 26.59 6.87
CA ILE B 19 3.09 26.16 5.52
C ILE B 19 2.16 26.85 4.55
N THR B 20 2.72 27.39 3.46
CA THR B 20 1.87 27.97 2.45
C THR B 20 2.37 27.55 1.10
N LYS B 21 1.88 26.39 0.58
CA LYS B 21 2.05 25.81 -0.74
C LYS B 21 3.47 25.38 -1.11
N THR B 22 4.50 25.84 -0.35
CA THR B 22 5.91 25.65 -0.58
C THR B 22 6.37 24.22 -0.41
N ASP B 23 5.99 23.58 0.72
CA ASP B 23 6.40 22.25 1.09
C ASP B 23 5.45 21.20 0.59
N LYS B 24 5.68 19.99 1.13
CA LYS B 24 4.84 18.84 0.92
C LYS B 24 3.78 18.90 1.99
N LYS B 25 2.53 18.62 1.60
CA LYS B 25 1.44 18.73 2.53
C LYS B 25 1.53 17.57 3.47
N LYS B 26 1.68 17.91 4.77
CA LYS B 26 1.80 16.95 5.83
C LYS B 26 0.69 17.26 6.78
N LYS B 27 -0.26 16.30 6.96
CA LYS B 27 -1.39 16.43 7.86
C LYS B 27 -2.01 15.07 8.04
N ARG B 28 -3.05 15.00 8.91
CA ARG B 28 -3.82 13.82 9.21
C ARG B 28 -2.94 12.65 9.60
N LYS B 29 -1.84 12.92 10.34
CA LYS B 29 -0.88 11.93 10.81
C LYS B 29 -0.41 11.03 9.71
N ARG B 30 -0.17 11.55 8.48
CA ARG B 30 0.26 10.69 7.41
C ARG B 30 1.73 10.44 7.56
N LYS B 31 2.15 9.16 7.46
CA LYS B 31 3.55 8.92 7.62
C LYS B 31 4.08 8.02 6.55
N GLU B 32 4.94 8.59 5.67
CA GLU B 32 5.67 7.96 4.59
C GLU B 32 4.81 7.32 3.57
N SER B 33 5.34 6.58 2.55
CA SER B 33 4.20 6.58 1.64
C SER B 33 4.41 5.55 0.53
N TYR B 34 3.34 5.18 -0.16
CA TYR B 34 3.42 4.20 -1.23
C TYR B 34 3.52 4.90 -2.58
N ALA B 35 3.77 6.22 -2.54
CA ALA B 35 3.89 7.04 -3.74
C ALA B 35 4.87 6.42 -4.74
N ILE B 36 5.97 5.88 -4.24
CA ILE B 36 6.98 5.27 -5.10
C ILE B 36 6.39 4.09 -5.88
N TYR B 37 5.61 3.27 -5.18
CA TYR B 37 4.98 2.11 -5.80
C TYR B 37 3.97 2.55 -6.85
N ILE B 38 3.07 3.44 -6.46
CA ILE B 38 2.03 3.93 -7.35
C ILE B 38 2.63 4.60 -8.60
N TYR B 39 3.64 5.45 -8.40
CA TYR B 39 4.27 6.14 -9.52
C TYR B 39 5.01 5.18 -10.43
N LYS B 40 5.46 4.06 -9.87
CA LYS B 40 6.19 3.05 -10.63
C LYS B 40 5.24 2.16 -11.43
N VAL B 41 4.16 1.73 -10.78
CA VAL B 41 3.19 0.86 -11.44
C VAL B 41 2.35 1.65 -12.45
N LEU B 42 2.09 2.92 -12.15
CA LEU B 42 1.30 3.79 -13.02
C LEU B 42 1.86 3.81 -14.44
N LYS B 43 3.16 4.03 -14.56
CA LYS B 43 3.79 4.13 -15.87
C LYS B 43 3.90 2.78 -16.57
N GLN B 44 3.58 1.71 -15.87
CA GLN B 44 3.62 0.37 -16.47
C GLN B 44 2.27 0.00 -17.06
N VAL B 45 1.24 0.71 -16.61
CA VAL B 45 -0.12 0.48 -17.09
C VAL B 45 -0.56 1.63 -17.98
N HIS B 46 -0.27 2.84 -17.54
CA HIS B 46 -0.62 4.06 -18.26
C HIS B 46 0.57 5.02 -18.25
N PRO B 47 1.50 4.84 -19.20
CA PRO B 47 2.70 5.67 -19.30
C PRO B 47 2.42 7.10 -19.73
N ASP B 48 1.57 7.25 -20.73
CA ASP B 48 1.21 8.58 -21.26
C ASP B 48 0.33 9.35 -20.28
N THR B 49 -0.24 8.64 -19.32
CA THR B 49 -1.11 9.26 -18.34
C THR B 49 -0.34 9.67 -17.09
N GLY B 50 -0.72 10.80 -16.52
CA GLY B 50 -0.10 11.28 -15.31
C GLY B 50 -1.10 11.43 -14.20
N ILE B 51 -0.72 12.05 -13.09
CA ILE B 51 -1.63 12.22 -11.97
C ILE B 51 -1.33 13.52 -11.22
N SER B 52 -2.37 14.16 -10.71
CA SER B 52 -2.22 15.39 -9.95
C SER B 52 -1.82 15.08 -8.51
N SER B 53 -1.15 16.01 -7.86
CA SER B 53 -0.71 15.83 -6.48
C SER B 53 -1.91 15.61 -5.56
N LYS B 54 -3.01 16.30 -5.87
CA LYS B 54 -4.23 16.17 -5.09
C LYS B 54 -4.79 14.76 -5.19
N ALA B 55 -4.82 14.24 -6.40
CA ALA B 55 -5.33 12.90 -6.64
C ALA B 55 -4.45 11.86 -5.96
N MET B 56 -3.14 12.04 -6.09
CA MET B 56 -2.16 11.12 -5.48
C MET B 56 -2.39 11.02 -3.97
N SER B 57 -2.65 12.16 -3.33
CA SER B 57 -2.89 12.19 -1.89
C SER B 57 -4.07 11.31 -1.49
N ILE B 58 -5.12 11.31 -2.31
CA ILE B 58 -6.30 10.51 -2.06
C ILE B 58 -6.09 9.08 -2.53
N MET B 59 -5.43 8.94 -3.68
CA MET B 59 -5.15 7.63 -4.27
C MET B 59 -4.38 6.74 -3.30
N ASN B 60 -3.32 7.27 -2.73
CA ASN B 60 -2.50 6.52 -1.77
C ASN B 60 -3.34 6.07 -0.58
N SER B 61 -4.21 6.96 -0.11
CA SER B 61 -5.08 6.66 1.02
C SER B 61 -6.12 5.60 0.65
N PHE B 62 -6.54 5.59 -0.60
CA PHE B 62 -7.53 4.64 -1.09
C PHE B 62 -6.93 3.25 -1.25
N VAL B 63 -5.85 3.16 -2.01
CA VAL B 63 -5.18 1.89 -2.26
C VAL B 63 -4.69 1.25 -0.96
N ASN B 64 -4.21 2.09 -0.03
CA ASN B 64 -3.72 1.60 1.25
C ASN B 64 -4.83 0.91 2.03
N ASP B 65 -6.02 1.52 2.00
CA ASP B 65 -7.18 0.97 2.70
C ASP B 65 -7.53 -0.41 2.20
N ILE B 66 -7.34 -0.63 0.90
CA ILE B 66 -7.63 -1.91 0.28
C ILE B 66 -6.76 -3.00 0.92
N PHE B 67 -5.48 -2.69 1.10
CA PHE B 67 -4.56 -3.63 1.71
C PHE B 67 -4.89 -3.83 3.18
N GLU B 68 -5.29 -2.74 3.84
CA GLU B 68 -5.66 -2.80 5.26
C GLU B 68 -6.82 -3.78 5.45
N ARG B 69 -7.78 -3.72 4.55
CA ARG B 69 -8.95 -4.60 4.60
C ARG B 69 -8.52 -6.07 4.44
N ILE B 70 -7.54 -6.30 3.57
CA ILE B 70 -7.03 -7.65 3.34
C ILE B 70 -6.23 -8.13 4.55
N ALA B 71 -5.50 -7.21 5.17
CA ALA B 71 -4.70 -7.53 6.34
C ALA B 71 -5.60 -7.99 7.49
N ALA B 72 -6.83 -7.48 7.49
CA ALA B 72 -7.80 -7.86 8.51
C ALA B 72 -8.15 -9.34 8.38
N GLU B 73 -8.28 -9.80 7.15
CA GLU B 73 -8.60 -11.19 6.88
C GLU B 73 -7.44 -12.09 7.27
N ALA B 74 -6.22 -11.56 7.14
CA ALA B 74 -5.03 -12.31 7.51
C ALA B 74 -5.06 -12.61 9.00
N SER B 75 -5.41 -11.60 9.78
CA SER B 75 -5.52 -11.75 11.23
C SER B 75 -6.69 -12.67 11.57
N ARG B 76 -7.71 -12.64 10.73
CA ARG B 76 -8.88 -13.48 10.90
C ARG B 76 -8.52 -14.95 10.71
N LEU B 77 -7.77 -15.22 9.66
CA LEU B 77 -7.34 -16.59 9.35
C LEU B 77 -6.36 -17.11 10.38
N ALA B 78 -5.39 -16.27 10.76
CA ALA B 78 -4.40 -16.65 11.75
C ALA B 78 -5.06 -16.98 13.08
N HIS B 79 -6.19 -16.33 13.34
CA HIS B 79 -6.96 -16.54 14.56
C HIS B 79 -7.55 -17.94 14.59
N TYR B 80 -7.82 -18.50 13.41
CA TYR B 80 -8.39 -19.85 13.31
C TYR B 80 -7.30 -20.88 13.54
N ASN B 81 -6.08 -20.55 13.15
CA ASN B 81 -4.95 -21.44 13.32
C ASN B 81 -4.27 -21.21 14.66
N LYS B 82 -4.83 -20.28 15.42
CA LYS B 82 -4.33 -19.92 16.75
C LYS B 82 -2.89 -19.45 16.67
N ARG B 83 -2.63 -18.55 15.73
CA ARG B 83 -1.29 -18.00 15.53
C ARG B 83 -1.37 -16.49 15.33
N SER B 84 -0.23 -15.83 15.41
CA SER B 84 -0.17 -14.38 15.23
C SER B 84 0.92 -14.03 14.22
N THR B 85 0.99 -14.84 13.16
CA THR B 85 1.98 -14.65 12.11
C THR B 85 1.29 -14.67 10.75
N ILE B 86 1.78 -13.86 9.81
CA ILE B 86 1.21 -13.81 8.47
C ILE B 86 2.13 -14.53 7.49
N THR B 87 1.59 -15.51 6.79
CA THR B 87 2.34 -16.27 5.81
C THR B 87 1.56 -16.33 4.49
N SER B 88 2.12 -17.02 3.50
CA SER B 88 1.48 -17.15 2.19
C SER B 88 0.09 -17.79 2.31
N ARG B 89 -0.05 -18.69 3.26
CA ARG B 89 -1.32 -19.37 3.51
C ARG B 89 -2.45 -18.37 3.76
N GLU B 90 -2.19 -17.42 4.64
CA GLU B 90 -3.18 -16.41 4.98
C GLU B 90 -3.39 -15.44 3.81
N ILE B 91 -2.30 -14.96 3.23
CA ILE B 91 -2.36 -14.01 2.12
C ILE B 91 -3.23 -14.55 0.97
N GLN B 92 -2.93 -15.76 0.53
CA GLN B 92 -3.66 -16.40 -0.56
C GLN B 92 -5.16 -16.50 -0.26
N THR B 93 -5.49 -16.95 0.94
CA THR B 93 -6.88 -17.10 1.33
C THR B 93 -7.56 -15.75 1.53
N ALA B 94 -6.84 -14.80 2.12
CA ALA B 94 -7.38 -13.46 2.37
C ALA B 94 -7.82 -12.80 1.08
N VAL B 95 -6.99 -12.89 0.06
CA VAL B 95 -7.29 -12.31 -1.24
C VAL B 95 -8.53 -12.98 -1.85
N ARG B 96 -8.60 -14.29 -1.71
CA ARG B 96 -9.71 -15.06 -2.25
C ARG B 96 -11.00 -14.86 -1.46
N LEU B 97 -10.90 -14.27 -0.28
CA LEU B 97 -12.08 -14.04 0.56
C LEU B 97 -12.78 -12.73 0.20
N LEU B 98 -12.03 -11.78 -0.33
CA LEU B 98 -12.60 -10.48 -0.68
C LEU B 98 -12.63 -10.27 -2.20
N LEU B 99 -11.50 -10.54 -2.83
CA LEU B 99 -11.37 -10.36 -4.27
C LEU B 99 -11.93 -11.58 -5.00
N PRO B 100 -12.65 -11.36 -6.12
CA PRO B 100 -13.20 -12.46 -6.92
C PRO B 100 -12.12 -13.43 -7.37
N GLY B 101 -12.47 -14.71 -7.43
CA GLY B 101 -11.53 -15.74 -7.83
C GLY B 101 -10.85 -15.46 -9.16
N GLU B 102 -11.59 -14.86 -10.08
CA GLU B 102 -11.09 -14.52 -11.40
C GLU B 102 -9.88 -13.59 -11.31
N LEU B 103 -9.92 -12.65 -10.37
CA LEU B 103 -8.83 -11.71 -10.19
C LEU B 103 -7.79 -12.28 -9.23
N ALA B 104 -8.26 -13.04 -8.26
CA ALA B 104 -7.39 -13.65 -7.26
C ALA B 104 -6.36 -14.56 -7.89
N LYS B 105 -6.75 -15.25 -8.95
CA LYS B 105 -5.85 -16.17 -9.64
C LYS B 105 -4.74 -15.40 -10.36
N HIS B 106 -4.95 -14.11 -10.60
CA HIS B 106 -3.96 -13.29 -11.26
C HIS B 106 -2.94 -12.82 -10.23
N ALA B 107 -3.45 -12.49 -9.04
CA ALA B 107 -2.62 -12.02 -7.94
C ALA B 107 -1.60 -13.09 -7.54
N VAL B 108 -2.06 -14.34 -7.45
CA VAL B 108 -1.19 -15.43 -7.07
C VAL B 108 -0.02 -15.56 -8.06
N SER B 109 -0.34 -15.51 -9.36
CA SER B 109 0.66 -15.61 -10.40
C SER B 109 1.67 -14.48 -10.30
N GLU B 110 1.20 -13.27 -9.99
CA GLU B 110 2.06 -12.11 -9.84
C GLU B 110 3.02 -12.30 -8.67
N GLY B 111 2.50 -12.89 -7.59
CA GLY B 111 3.30 -13.13 -6.42
C GLY B 111 4.40 -14.14 -6.70
N THR B 112 4.07 -15.16 -7.47
CA THR B 112 5.03 -16.18 -7.85
C THR B 112 6.19 -15.55 -8.61
N LYS B 113 5.88 -14.55 -9.44
CA LYS B 113 6.88 -13.85 -10.23
C LYS B 113 7.84 -13.10 -9.32
N ALA B 114 7.28 -12.38 -8.36
CA ALA B 114 8.05 -11.59 -7.41
C ALA B 114 9.04 -12.46 -6.63
N VAL B 115 8.57 -13.62 -6.18
CA VAL B 115 9.40 -14.54 -5.41
C VAL B 115 10.50 -15.15 -6.28
N THR B 116 10.20 -15.37 -7.56
CA THR B 116 11.17 -15.96 -8.47
C THR B 116 12.22 -14.93 -8.89
N LYS B 117 11.79 -13.68 -9.08
CA LYS B 117 12.71 -12.62 -9.47
C LYS B 117 13.39 -12.02 -8.24
N TYR B 118 12.87 -12.40 -7.06
CA TYR B 118 13.38 -11.92 -5.78
C TYR B 118 13.31 -10.41 -5.69
N THR B 119 12.31 -9.83 -6.34
CA THR B 119 12.13 -8.39 -6.34
C THR B 119 10.89 -8.02 -5.54
N SER B 120 11.03 -7.05 -4.66
CA SER B 120 9.93 -6.59 -3.83
C SER B 120 9.14 -5.47 -4.51
N SER B 121 9.21 -5.44 -5.84
CA SER B 121 8.52 -4.42 -6.62
C SER B 121 8.67 -4.72 -8.12
N LYS B 122 7.74 -4.19 -8.90
CA LYS B 122 7.75 -4.35 -10.34
C LYS B 122 8.66 -3.31 -10.99
N SER A 1 26.47 -24.20 17.18
CA SER A 1 26.79 -25.38 16.32
C SER A 1 27.62 -24.98 15.16
N GLY A 2 26.96 -24.88 13.99
CA GLY A 2 27.64 -24.58 12.77
C GLY A 2 27.85 -25.90 12.10
N ARG A 3 28.30 -25.86 10.85
CA ARG A 3 28.50 -27.07 10.13
C ARG A 3 29.97 -27.21 9.90
N GLY A 4 30.34 -28.45 9.58
CA GLY A 4 31.64 -28.88 9.16
C GLY A 4 31.30 -29.80 8.06
N LYS A 5 32.17 -29.99 7.05
CA LYS A 5 31.70 -30.84 6.00
C LYS A 5 32.69 -31.97 5.84
N GLY A 6 32.71 -32.94 6.81
CA GLY A 6 33.57 -34.09 6.80
C GLY A 6 33.17 -35.15 5.80
N GLY A 7 31.88 -35.56 5.80
CA GLY A 7 31.45 -36.62 4.93
C GLY A 7 30.66 -36.07 3.79
N LYS A 8 29.71 -36.88 3.29
CA LYS A 8 28.84 -36.47 2.22
C LYS A 8 27.51 -36.14 2.80
N VAL A 9 27.11 -34.86 2.67
CA VAL A 9 25.88 -34.32 3.21
C VAL A 9 24.80 -34.54 2.19
N LYS A 10 23.64 -35.07 2.63
CA LYS A 10 22.53 -35.30 1.75
C LYS A 10 21.82 -34.00 1.59
N GLY A 11 21.56 -33.58 0.34
CA GLY A 11 20.92 -32.32 0.09
C GLY A 11 21.99 -31.34 -0.26
N LYS A 12 21.60 -30.30 -1.01
CA LYS A 12 22.53 -29.29 -1.40
C LYS A 12 22.00 -27.99 -0.90
N ALA A 13 22.89 -27.18 -0.32
CA ALA A 13 22.47 -25.88 0.14
C ALA A 13 23.22 -24.92 -0.72
N LYS A 14 22.62 -23.74 -0.96
CA LYS A 14 23.27 -22.74 -1.76
C LYS A 14 23.77 -21.70 -0.82
N SER A 15 24.80 -20.97 -1.25
CA SER A 15 25.28 -19.90 -0.43
C SER A 15 25.31 -18.71 -1.31
N ARG A 16 24.99 -17.52 -0.76
CA ARG A 16 25.04 -16.34 -1.58
C ARG A 16 26.32 -15.65 -1.25
N SER A 17 27.11 -15.29 -2.30
CA SER A 17 28.38 -14.60 -2.22
C SER A 17 28.22 -13.13 -1.95
N ASN A 18 27.25 -12.46 -2.64
CA ASN A 18 26.97 -11.05 -2.56
C ASN A 18 26.56 -10.65 -1.17
N ARG A 19 25.50 -11.26 -0.62
CA ARG A 19 25.06 -10.86 0.69
C ARG A 19 24.94 -12.12 1.44
N ALA A 20 25.19 -12.07 2.76
CA ALA A 20 25.01 -13.23 3.59
C ALA A 20 24.05 -12.83 4.67
N GLY A 21 23.09 -13.73 4.97
CA GLY A 21 22.09 -13.52 6.00
C GLY A 21 20.89 -12.76 5.48
N LEU A 22 20.60 -12.86 4.17
CA LEU A 22 19.54 -12.10 3.52
C LEU A 22 18.19 -12.48 4.10
N GLN A 23 17.49 -11.51 4.67
CA GLN A 23 16.20 -11.75 5.27
C GLN A 23 15.14 -10.86 4.63
N PHE A 24 13.90 -11.03 5.07
CA PHE A 24 12.79 -10.26 4.54
C PHE A 24 12.48 -9.07 5.45
N PRO A 25 12.07 -7.94 4.87
CA PRO A 25 11.74 -6.74 5.64
C PRO A 25 10.37 -6.88 6.32
N VAL A 26 10.30 -7.80 7.28
CA VAL A 26 9.06 -8.07 8.01
C VAL A 26 8.67 -6.88 8.90
N GLY A 27 9.63 -6.01 9.17
CA GLY A 27 9.36 -4.84 10.00
C GLY A 27 8.30 -3.93 9.39
N ARG A 28 8.19 -3.98 8.06
CA ARG A 28 7.20 -3.17 7.36
C ARG A 28 5.79 -3.61 7.73
N ILE A 29 5.63 -4.90 8.00
CA ILE A 29 4.33 -5.44 8.36
C ILE A 29 4.12 -5.32 9.87
N HIS A 30 5.19 -5.54 10.64
CA HIS A 30 5.14 -5.47 12.08
C HIS A 30 4.58 -4.12 12.54
N ARG A 31 4.97 -3.05 11.84
CA ARG A 31 4.49 -1.71 12.14
C ARG A 31 2.97 -1.64 12.07
N LEU A 32 2.41 -2.21 11.02
CA LEU A 32 0.97 -2.20 10.81
C LEU A 32 0.27 -3.16 11.76
N LEU A 33 0.92 -4.30 12.02
CA LEU A 33 0.35 -5.31 12.91
C LEU A 33 0.16 -4.75 14.32
N ARG A 34 1.07 -3.88 14.73
CA ARG A 34 1.00 -3.27 16.05
C ARG A 34 -0.05 -2.16 16.09
N LYS A 35 -0.16 -1.41 15.00
CA LYS A 35 -1.11 -0.32 14.91
C LYS A 35 -2.55 -0.83 14.86
N GLY A 36 -2.77 -1.85 14.04
CA GLY A 36 -4.11 -2.41 13.91
C GLY A 36 -4.38 -3.56 14.87
N ASN A 37 -3.35 -3.96 15.62
CA ASN A 37 -3.46 -5.06 16.58
C ASN A 37 -3.91 -6.33 15.89
N TYR A 38 -3.42 -6.53 14.67
CA TYR A 38 -3.77 -7.69 13.88
C TYR A 38 -3.07 -8.95 14.38
N ALA A 39 -1.77 -8.86 14.60
CA ALA A 39 -0.99 -10.00 15.06
C ALA A 39 0.29 -9.54 15.73
N GLU A 40 1.09 -10.49 16.19
CA GLU A 40 2.35 -10.16 16.84
C GLU A 40 3.50 -10.24 15.85
N ARG A 41 3.56 -11.34 15.11
CA ARG A 41 4.60 -11.55 14.11
C ARG A 41 3.98 -11.98 12.79
N VAL A 42 4.80 -12.07 11.76
CA VAL A 42 4.33 -12.46 10.44
C VAL A 42 5.31 -13.45 9.82
N GLY A 43 4.81 -14.30 8.93
CA GLY A 43 5.63 -15.30 8.27
C GLY A 43 6.60 -14.69 7.28
N ALA A 44 7.70 -15.39 7.04
CA ALA A 44 8.72 -14.92 6.11
C ALA A 44 8.23 -15.01 4.67
N GLY A 45 8.59 -14.02 3.87
CA GLY A 45 8.18 -13.99 2.48
C GLY A 45 6.95 -13.14 2.25
N ALA A 46 6.16 -12.98 3.30
CA ALA A 46 4.93 -12.19 3.24
C ALA A 46 5.15 -10.77 2.71
N PRO A 47 6.17 -10.00 3.19
CA PRO A 47 6.41 -8.64 2.71
C PRO A 47 6.56 -8.56 1.19
N VAL A 48 7.22 -9.54 0.61
CA VAL A 48 7.43 -9.58 -0.84
C VAL A 48 6.19 -10.10 -1.56
N TYR A 49 5.54 -11.08 -0.94
CA TYR A 49 4.33 -11.68 -1.49
C TYR A 49 3.24 -10.62 -1.61
N LEU A 50 3.02 -9.88 -0.53
CA LEU A 50 2.00 -8.85 -0.49
C LEU A 50 2.34 -7.71 -1.46
N ALA A 51 3.62 -7.43 -1.63
CA ALA A 51 4.05 -6.39 -2.54
C ALA A 51 3.66 -6.73 -3.97
N ALA A 52 3.86 -7.99 -4.35
CA ALA A 52 3.51 -8.46 -5.69
C ALA A 52 2.02 -8.33 -5.93
N VAL A 53 1.23 -8.78 -4.97
CA VAL A 53 -0.22 -8.72 -5.05
C VAL A 53 -0.70 -7.28 -5.16
N MET A 54 -0.13 -6.41 -4.33
CA MET A 54 -0.49 -5.00 -4.33
C MET A 54 -0.14 -4.34 -5.67
N GLU A 55 1.06 -4.62 -6.17
CA GLU A 55 1.51 -4.05 -7.44
C GLU A 55 0.63 -4.51 -8.59
N TYR A 56 0.16 -5.75 -8.49
CA TYR A 56 -0.72 -6.32 -9.50
C TYR A 56 -2.08 -5.63 -9.47
N LEU A 57 -2.59 -5.42 -8.27
CA LEU A 57 -3.89 -4.76 -8.09
C LEU A 57 -3.81 -3.30 -8.51
N ALA A 58 -2.76 -2.63 -8.08
CA ALA A 58 -2.55 -1.22 -8.38
C ALA A 58 -2.61 -0.93 -9.87
N ALA A 59 -2.08 -1.85 -10.68
CA ALA A 59 -2.06 -1.68 -12.13
C ALA A 59 -3.48 -1.56 -12.67
N GLU A 60 -4.40 -2.31 -12.10
CA GLU A 60 -5.80 -2.29 -12.54
C GLU A 60 -6.53 -1.12 -11.88
N VAL A 61 -6.27 -0.92 -10.59
CA VAL A 61 -6.90 0.15 -9.83
C VAL A 61 -6.63 1.53 -10.43
N LEU A 62 -5.37 1.80 -10.75
CA LEU A 62 -4.98 3.10 -11.32
C LEU A 62 -5.76 3.40 -12.60
N GLU A 63 -5.92 2.38 -13.44
CA GLU A 63 -6.63 2.54 -14.70
C GLU A 63 -8.10 2.87 -14.45
N LEU A 64 -8.74 2.08 -13.59
CA LEU A 64 -10.16 2.26 -13.28
C LEU A 64 -10.39 3.58 -12.54
N ALA A 65 -9.47 3.96 -11.69
CA ALA A 65 -9.59 5.21 -10.95
C ALA A 65 -9.51 6.42 -11.89
N GLY A 66 -8.75 6.24 -12.97
CA GLY A 66 -8.61 7.30 -13.94
C GLY A 66 -9.68 7.23 -15.01
N ASN A 67 -10.72 6.47 -14.74
CA ASN A 67 -11.84 6.30 -15.67
C ASN A 67 -12.46 7.63 -16.01
N ALA A 68 -12.82 8.39 -14.97
CA ALA A 68 -13.45 9.69 -15.15
C ALA A 68 -12.51 10.69 -15.82
N ALA A 69 -11.21 10.51 -15.63
CA ALA A 69 -10.21 11.39 -16.21
C ALA A 69 -10.22 11.25 -17.73
N ARG A 70 -10.14 10.01 -18.21
CA ARG A 70 -10.15 9.74 -19.63
C ARG A 70 -11.54 10.02 -20.20
N ASP A 71 -12.56 9.67 -19.43
CA ASP A 71 -13.94 9.88 -19.84
C ASP A 71 -14.25 11.36 -20.01
N ASN A 72 -13.50 12.20 -19.31
CA ASN A 72 -13.70 13.64 -19.39
C ASN A 72 -12.70 14.25 -20.37
N LYS A 73 -11.85 13.38 -20.94
CA LYS A 73 -10.83 13.79 -21.90
C LYS A 73 -9.99 14.95 -21.37
N LYS A 74 -9.39 14.73 -20.21
CA LYS A 74 -8.56 15.75 -19.58
C LYS A 74 -7.08 15.42 -19.74
N THR A 75 -6.25 16.45 -19.73
CA THR A 75 -4.82 16.29 -19.90
C THR A 75 -4.10 16.01 -18.57
N ARG A 76 -4.84 16.04 -17.47
CA ARG A 76 -4.24 15.80 -16.16
C ARG A 76 -5.30 15.27 -15.19
N ILE A 77 -4.99 14.13 -14.56
CA ILE A 77 -5.89 13.51 -13.60
C ILE A 77 -5.89 14.31 -12.30
N ILE A 78 -7.07 14.73 -11.87
CA ILE A 78 -7.21 15.50 -10.64
C ILE A 78 -8.11 14.77 -9.65
N PRO A 79 -8.10 15.16 -8.36
CA PRO A 79 -8.92 14.54 -7.31
C PRO A 79 -10.40 14.45 -7.68
N ARG A 80 -10.88 15.44 -8.44
CA ARG A 80 -12.27 15.48 -8.87
C ARG A 80 -12.62 14.25 -9.71
N HIS A 81 -11.66 13.82 -10.54
CA HIS A 81 -11.87 12.67 -11.40
C HIS A 81 -11.88 11.39 -10.57
N LEU A 82 -10.91 11.27 -9.67
CA LEU A 82 -10.78 10.10 -8.81
C LEU A 82 -12.04 9.86 -7.98
N GLN A 83 -12.45 10.89 -7.23
CA GLN A 83 -13.63 10.78 -6.37
C GLN A 83 -14.89 10.43 -7.15
N LEU A 84 -15.09 11.10 -8.29
CA LEU A 84 -16.27 10.87 -9.12
C LEU A 84 -16.24 9.48 -9.75
N ALA A 85 -15.05 8.97 -10.03
CA ALA A 85 -14.90 7.65 -10.63
C ALA A 85 -15.13 6.55 -9.61
N ILE A 86 -14.43 6.64 -8.48
CA ILE A 86 -14.54 5.64 -7.43
C ILE A 86 -15.97 5.50 -6.92
N ARG A 87 -16.66 6.62 -6.75
CA ARG A 87 -18.03 6.62 -6.25
C ARG A 87 -19.03 6.25 -7.35
N ASN A 88 -18.53 5.97 -8.54
CA ASN A 88 -19.39 5.60 -9.66
C ASN A 88 -18.83 4.41 -10.40
N ASP A 89 -18.11 3.57 -9.67
CA ASP A 89 -17.50 2.38 -10.25
C ASP A 89 -17.76 1.17 -9.38
N GLU A 90 -18.30 0.13 -9.99
CA GLU A 90 -18.62 -1.10 -9.28
C GLU A 90 -17.40 -2.01 -9.15
N GLU A 91 -16.50 -1.93 -10.13
CA GLU A 91 -15.31 -2.76 -10.11
C GLU A 91 -14.39 -2.35 -8.97
N LEU A 92 -14.18 -1.04 -8.84
CA LEU A 92 -13.35 -0.49 -7.78
C LEU A 92 -13.97 -0.79 -6.41
N ASN A 93 -15.30 -0.89 -6.39
CA ASN A 93 -16.02 -1.17 -5.16
C ASN A 93 -15.72 -2.58 -4.66
N LYS A 94 -15.52 -3.50 -5.61
CA LYS A 94 -15.24 -4.89 -5.28
C LYS A 94 -13.74 -5.11 -5.05
N LEU A 95 -12.91 -4.37 -5.76
CA LEU A 95 -11.45 -4.50 -5.64
C LEU A 95 -10.97 -4.12 -4.25
N LEU A 96 -11.76 -3.33 -3.54
CA LEU A 96 -11.39 -2.90 -2.19
C LEU A 96 -12.05 -3.78 -1.13
N SER A 97 -12.69 -4.85 -1.56
CA SER A 97 -13.35 -5.76 -0.63
C SER A 97 -12.33 -6.70 -0.01
N GLY A 98 -12.89 -7.93 -0.16
CA GLY A 98 -12.98 -9.32 0.15
C GLY A 98 -14.18 -9.68 1.01
N VAL A 99 -14.45 -8.90 2.05
CA VAL A 99 -15.57 -9.09 2.91
C VAL A 99 -16.41 -7.89 2.63
N THR A 100 -17.70 -7.93 2.99
CA THR A 100 -18.56 -6.80 2.73
C THR A 100 -18.68 -5.98 3.99
N ILE A 101 -19.10 -4.70 3.86
CA ILE A 101 -19.25 -3.91 5.04
C ILE A 101 -20.46 -4.39 5.78
N ALA A 102 -20.24 -4.78 7.05
CA ALA A 102 -21.29 -5.30 7.85
C ALA A 102 -21.05 -4.80 9.23
N GLN A 103 -22.13 -4.73 10.02
CA GLN A 103 -22.05 -4.27 11.39
C GLN A 103 -22.00 -5.48 12.25
N GLY A 104 -21.69 -5.27 13.54
CA GLY A 104 -21.66 -6.32 14.52
C GLY A 104 -23.01 -6.42 15.14
N GLY A 105 -23.12 -7.16 16.26
CA GLY A 105 -24.37 -7.34 16.93
C GLY A 105 -24.40 -6.39 18.07
N VAL A 106 -25.62 -5.88 18.37
CA VAL A 106 -25.89 -4.95 19.45
C VAL A 106 -25.67 -5.57 20.81
N LEU A 107 -26.30 -6.72 21.14
CA LEU A 107 -26.10 -7.34 22.42
C LEU A 107 -25.63 -8.73 22.12
N PRO A 108 -24.91 -9.38 23.01
CA PRO A 108 -24.49 -10.75 22.75
C PRO A 108 -25.63 -11.74 22.65
N ASN A 109 -26.80 -11.44 23.22
CA ASN A 109 -27.95 -12.29 23.10
C ASN A 109 -29.07 -11.39 22.69
N ILE A 110 -29.76 -11.72 21.58
CA ILE A 110 -30.85 -10.87 21.16
C ILE A 110 -32.10 -11.56 21.62
N GLN A 111 -32.92 -10.85 22.42
CA GLN A 111 -34.12 -11.40 22.98
C GLN A 111 -35.27 -10.84 22.21
N ALA A 112 -36.41 -11.55 22.22
CA ALA A 112 -37.57 -11.01 21.54
C ALA A 112 -38.46 -10.41 22.60
N VAL A 113 -38.58 -9.07 22.59
CA VAL A 113 -39.37 -8.32 23.54
C VAL A 113 -40.85 -8.51 23.34
N LEU A 114 -41.36 -8.38 22.09
CA LEU A 114 -42.77 -8.51 21.88
C LEU A 114 -43.15 -9.95 21.84
N LEU A 115 -44.36 -10.24 22.37
CA LEU A 115 -44.93 -11.55 22.39
C LEU A 115 -46.01 -11.56 21.34
N PRO A 116 -46.44 -12.71 20.87
CA PRO A 116 -47.50 -12.77 19.89
C PRO A 116 -48.82 -12.46 20.54
N LYS A 117 -49.73 -11.79 19.79
CA LYS A 117 -50.99 -11.43 20.37
C LYS A 117 -52.01 -12.40 19.84
N LYS A 118 -53.04 -12.68 20.65
CA LYS A 118 -54.09 -13.65 20.39
C LYS A 118 -54.91 -13.26 19.18
N THR A 119 -54.98 -11.95 18.86
CA THR A 119 -55.80 -11.45 17.79
C THR A 119 -55.46 -12.13 16.49
N GLU A 120 -56.50 -12.76 15.89
CA GLU A 120 -56.47 -13.53 14.69
C GLU A 120 -56.15 -12.63 13.54
N LYS A 121 -55.30 -13.11 12.62
CA LYS A 121 -54.94 -12.30 11.51
C LYS A 121 -55.12 -13.09 10.25
N LYS A 122 -55.59 -12.38 9.18
CA LYS A 122 -55.83 -12.88 7.85
C LYS A 122 -56.72 -14.09 7.83
N ALA A 123 -57.99 -13.96 8.27
CA ALA A 123 -58.92 -15.05 8.23
C ALA A 123 -59.71 -14.94 6.92
N PRO B 1 45.20 29.78 -7.08
CA PRO B 1 44.08 30.71 -7.41
C PRO B 1 43.92 31.53 -6.17
N PRO B 2 43.25 32.66 -6.24
CA PRO B 2 43.02 33.43 -5.03
C PRO B 2 41.93 32.81 -4.22
N LYS B 3 42.03 32.86 -2.88
CA LYS B 3 40.98 32.27 -2.08
C LYS B 3 39.85 33.24 -2.07
N THR B 4 38.73 32.88 -2.73
CA THR B 4 37.63 33.78 -2.71
C THR B 4 36.55 32.94 -2.15
N SER B 5 35.51 33.58 -1.57
CA SER B 5 34.35 32.85 -1.13
C SER B 5 33.44 32.86 -2.31
N GLY B 6 32.19 32.40 -2.11
CA GLY B 6 31.23 32.41 -3.17
C GLY B 6 30.04 31.63 -2.74
N LYS B 7 29.00 31.67 -3.58
CA LYS B 7 27.79 30.94 -3.34
C LYS B 7 27.82 29.79 -4.28
N ALA B 8 26.96 28.78 -4.04
CA ALA B 8 26.87 27.61 -4.88
C ALA B 8 26.11 27.95 -6.13
N ALA B 9 26.54 27.36 -7.27
CA ALA B 9 25.95 27.57 -8.57
C ALA B 9 24.53 27.07 -8.67
N LYS B 10 24.24 25.86 -8.15
CA LYS B 10 22.92 25.29 -8.23
C LYS B 10 22.23 25.52 -6.94
N LYS B 11 20.89 25.37 -6.93
CA LYS B 11 20.11 25.56 -5.74
C LYS B 11 19.86 24.23 -5.11
N ALA B 12 19.63 24.26 -3.78
CA ALA B 12 19.32 23.10 -2.99
C ALA B 12 17.84 22.90 -3.07
N GLY B 13 17.40 21.72 -2.58
CA GLY B 13 16.02 21.36 -2.53
C GLY B 13 15.51 21.77 -1.19
N LYS B 14 14.27 21.33 -0.88
CA LYS B 14 13.66 21.65 0.38
C LYS B 14 13.46 20.35 1.09
N ALA B 15 13.97 20.26 2.35
CA ALA B 15 13.80 19.12 3.20
C ALA B 15 12.49 19.27 3.93
N GLN B 16 12.10 18.21 4.68
CA GLN B 16 10.88 18.23 5.45
C GLN B 16 11.03 19.32 6.48
N LYS B 17 10.38 20.49 6.23
CA LYS B 17 10.42 21.68 7.04
C LYS B 17 9.74 21.53 8.38
N ASN B 18 8.55 20.91 8.42
CA ASN B 18 7.82 20.81 9.66
C ASN B 18 7.96 19.39 10.14
N ILE B 19 7.94 19.19 11.47
CA ILE B 19 8.00 17.90 12.11
C ILE B 19 6.66 17.24 11.93
N THR B 20 6.67 15.91 11.67
CA THR B 20 5.44 15.22 11.47
C THR B 20 5.09 14.59 12.78
N LYS B 21 3.79 14.39 13.03
CA LYS B 21 3.28 13.81 14.25
C LYS B 21 3.82 12.41 14.41
N THR B 22 4.01 11.69 13.29
CA THR B 22 4.50 10.33 13.27
C THR B 22 5.90 10.22 13.82
N ASP B 23 6.80 11.16 13.44
CA ASP B 23 8.18 11.08 13.83
C ASP B 23 8.44 11.77 15.14
N LYS B 24 9.61 11.43 15.73
CA LYS B 24 10.09 12.00 16.94
C LYS B 24 11.21 12.87 16.48
N LYS B 25 11.60 13.89 17.29
CA LYS B 25 12.63 14.82 16.87
C LYS B 25 13.91 14.06 16.61
N LYS B 26 14.24 13.98 15.31
CA LYS B 26 15.39 13.31 14.76
C LYS B 26 15.62 13.96 13.43
N LYS B 27 16.46 13.34 12.58
CA LYS B 27 16.66 13.80 11.23
C LYS B 27 15.71 12.93 10.44
N ARG B 28 14.76 13.52 9.68
CA ARG B 28 13.76 12.64 9.17
C ARG B 28 14.21 12.05 7.86
N LYS B 29 15.02 10.97 7.95
CA LYS B 29 15.44 10.26 6.78
C LYS B 29 14.55 9.05 6.72
N ARG B 30 13.38 9.19 6.05
CA ARG B 30 12.44 8.11 6.01
C ARG B 30 11.60 8.31 4.78
N LYS B 31 11.32 7.25 4.03
CA LYS B 31 10.50 7.46 2.87
C LYS B 31 9.52 6.33 2.76
N GLU B 32 8.24 6.57 3.08
CA GLU B 32 7.26 5.51 2.92
C GLU B 32 6.16 6.03 2.05
N SER B 33 6.17 5.74 0.72
CA SER B 33 5.07 6.19 -0.12
C SER B 33 5.03 5.38 -1.42
N TYR B 34 3.85 5.21 -1.96
CA TYR B 34 3.66 4.46 -3.19
C TYR B 34 3.47 5.41 -4.36
N ALA B 35 3.57 6.71 -4.08
CA ALA B 35 3.39 7.75 -5.10
C ALA B 35 4.36 7.57 -6.27
N ILE B 36 5.56 7.09 -5.98
CA ILE B 36 6.57 6.87 -7.01
C ILE B 36 6.11 5.78 -7.98
N TYR B 37 5.69 4.65 -7.43
CA TYR B 37 5.23 3.53 -8.23
C TYR B 37 3.95 3.91 -8.98
N ILE B 38 3.07 4.62 -8.28
CA ILE B 38 1.80 5.06 -8.85
C ILE B 38 2.02 5.93 -10.09
N TYR B 39 2.85 6.95 -9.97
CA TYR B 39 3.12 7.87 -11.07
C TYR B 39 3.65 7.14 -12.30
N LYS B 40 4.48 6.14 -12.07
CA LYS B 40 5.07 5.37 -13.17
C LYS B 40 4.03 4.53 -13.90
N VAL B 41 3.25 3.76 -13.14
CA VAL B 41 2.23 2.89 -13.73
C VAL B 41 1.06 3.69 -14.30
N LEU B 42 0.73 4.80 -13.65
CA LEU B 42 -0.38 5.64 -14.10
C LEU B 42 -0.14 6.14 -15.51
N LYS B 43 1.12 6.48 -15.82
CA LYS B 43 1.48 6.98 -17.14
C LYS B 43 1.44 5.84 -18.17
N GLN B 44 1.49 4.60 -17.67
CA GLN B 44 1.46 3.43 -18.54
C GLN B 44 0.02 3.08 -18.93
N VAL B 45 -0.87 3.15 -17.95
CA VAL B 45 -2.28 2.83 -18.20
C VAL B 45 -3.02 4.01 -18.82
N HIS B 46 -2.54 5.21 -18.54
CA HIS B 46 -3.14 6.41 -19.09
C HIS B 46 -2.06 7.29 -19.72
N PRO B 47 -1.72 7.01 -20.99
CA PRO B 47 -0.68 7.75 -21.71
C PRO B 47 -1.12 9.17 -22.07
N ASP B 48 -0.14 10.09 -22.08
CA ASP B 48 -0.37 11.49 -22.43
C ASP B 48 -1.27 12.19 -21.40
N THR B 49 -1.48 11.54 -20.27
CA THR B 49 -2.32 12.08 -19.23
C THR B 49 -1.48 12.41 -18.00
N GLY B 50 -1.52 13.68 -17.59
CA GLY B 50 -0.76 14.11 -16.45
C GLY B 50 -1.37 13.66 -15.14
N ILE B 51 -0.62 13.83 -14.07
CA ILE B 51 -1.06 13.43 -12.74
C ILE B 51 -0.79 14.56 -11.76
N SER B 52 -1.82 14.97 -11.03
CA SER B 52 -1.68 16.05 -10.05
C SER B 52 -1.06 15.55 -8.76
N SER B 53 -0.53 16.48 -7.97
CA SER B 53 0.10 16.16 -6.72
C SER B 53 -0.90 15.56 -5.73
N LYS B 54 -2.10 16.13 -5.68
CA LYS B 54 -3.14 15.65 -4.80
C LYS B 54 -3.63 14.27 -5.21
N ALA B 55 -3.62 13.99 -6.50
CA ALA B 55 -4.06 12.69 -7.01
C ALA B 55 -3.20 11.58 -6.41
N MET B 56 -1.90 11.82 -6.36
CA MET B 56 -0.96 10.86 -5.82
C MET B 56 -1.21 10.66 -4.32
N SER B 57 -1.55 11.73 -3.63
CA SER B 57 -1.82 11.67 -2.20
C SER B 57 -3.05 10.82 -1.91
N ILE B 58 -4.10 11.02 -2.69
CA ILE B 58 -5.33 10.26 -2.50
C ILE B 58 -5.14 8.80 -2.90
N MET B 59 -4.49 8.58 -4.04
CA MET B 59 -4.25 7.23 -4.53
C MET B 59 -3.29 6.48 -3.64
N ASN B 60 -2.40 7.21 -2.97
CA ASN B 60 -1.43 6.59 -2.07
C ASN B 60 -2.16 5.82 -0.97
N SER B 61 -3.12 6.48 -0.34
CA SER B 61 -3.90 5.86 0.73
C SER B 61 -4.78 4.76 0.16
N PHE B 62 -5.25 4.96 -1.07
CA PHE B 62 -6.10 3.99 -1.76
C PHE B 62 -5.35 2.67 -1.97
N VAL B 63 -4.10 2.78 -2.41
CA VAL B 63 -3.27 1.60 -2.65
C VAL B 63 -2.76 1.04 -1.32
N ASN B 64 -2.43 1.94 -0.40
CA ASN B 64 -1.93 1.55 0.93
C ASN B 64 -2.98 0.73 1.67
N ASP B 65 -4.24 1.05 1.44
CA ASP B 65 -5.36 0.38 2.07
C ASP B 65 -5.37 -1.12 1.77
N ILE B 66 -4.81 -1.50 0.63
CA ILE B 66 -4.75 -2.90 0.22
C ILE B 66 -4.00 -3.73 1.27
N PHE B 67 -2.91 -3.17 1.78
CA PHE B 67 -2.10 -3.85 2.77
C PHE B 67 -2.90 -4.06 4.05
N GLU B 68 -3.72 -3.07 4.39
CA GLU B 68 -4.56 -3.13 5.59
C GLU B 68 -5.70 -4.14 5.41
N ARG B 69 -6.32 -4.12 4.23
CA ARG B 69 -7.43 -5.02 3.94
C ARG B 69 -7.03 -6.48 4.11
N ILE B 70 -5.90 -6.84 3.51
CA ILE B 70 -5.41 -8.22 3.60
C ILE B 70 -5.05 -8.57 5.03
N ALA B 71 -4.45 -7.62 5.75
CA ALA B 71 -4.06 -7.82 7.14
C ALA B 71 -5.26 -8.11 8.02
N ALA B 72 -6.37 -7.42 7.75
CA ALA B 72 -7.59 -7.60 8.51
C ALA B 72 -8.13 -9.02 8.37
N GLU B 73 -8.24 -9.49 7.13
CA GLU B 73 -8.75 -10.83 6.86
C GLU B 73 -7.78 -11.88 7.38
N ALA B 74 -6.49 -11.62 7.21
CA ALA B 74 -5.45 -12.55 7.67
C ALA B 74 -5.51 -12.72 9.18
N SER B 75 -5.68 -11.60 9.89
CA SER B 75 -5.77 -11.61 11.35
C SER B 75 -6.91 -12.52 11.81
N ARG B 76 -8.03 -12.45 11.09
CA ARG B 76 -9.20 -13.27 11.42
C ARG B 76 -8.88 -14.75 11.28
N LEU B 77 -8.29 -15.11 10.15
CA LEU B 77 -7.93 -16.49 9.88
C LEU B 77 -6.98 -17.01 10.93
N ALA B 78 -5.92 -16.25 11.21
CA ALA B 78 -4.95 -16.64 12.21
C ALA B 78 -5.60 -16.78 13.59
N HIS B 79 -6.56 -15.90 13.87
CA HIS B 79 -7.28 -15.93 15.14
C HIS B 79 -8.08 -17.22 15.28
N TYR B 80 -8.72 -17.64 14.19
CA TYR B 80 -9.51 -18.87 14.20
C TYR B 80 -8.60 -20.08 14.24
N ASN B 81 -7.40 -19.94 13.71
CA ASN B 81 -6.43 -21.03 13.69
C ASN B 81 -5.64 -21.06 15.01
N LYS B 82 -6.00 -20.12 15.90
CA LYS B 82 -5.36 -19.99 17.21
C LYS B 82 -3.89 -19.63 17.10
N ARG B 83 -3.56 -18.84 16.09
CA ARG B 83 -2.19 -18.41 15.87
C ARG B 83 -2.04 -16.92 16.16
N SER B 84 -0.90 -16.56 16.72
CA SER B 84 -0.62 -15.17 17.03
C SER B 84 0.31 -14.58 15.99
N THR B 85 0.70 -15.44 15.05
CA THR B 85 1.58 -15.06 13.96
C THR B 85 0.95 -15.49 12.63
N ILE B 86 0.78 -14.55 11.72
CA ILE B 86 0.19 -14.85 10.42
C ILE B 86 1.22 -15.55 9.54
N THR B 87 1.03 -16.84 9.31
CA THR B 87 1.95 -17.60 8.50
C THR B 87 1.84 -17.23 7.03
N SER B 88 2.86 -17.60 6.27
CA SER B 88 2.90 -17.30 4.83
C SER B 88 1.85 -18.12 4.08
N ARG B 89 1.16 -19.00 4.80
CA ARG B 89 0.12 -19.82 4.21
C ARG B 89 -1.24 -19.16 4.40
N GLU B 90 -1.49 -18.66 5.61
CA GLU B 90 -2.75 -18.00 5.92
C GLU B 90 -2.90 -16.72 5.12
N ILE B 91 -1.79 -16.06 4.83
CA ILE B 91 -1.81 -14.83 4.06
C ILE B 91 -2.31 -15.09 2.63
N GLN B 92 -2.06 -16.31 2.14
CA GLN B 92 -2.49 -16.70 0.81
C GLN B 92 -4.01 -16.89 0.80
N THR B 93 -4.52 -17.43 1.90
CA THR B 93 -5.95 -17.66 2.04
C THR B 93 -6.71 -16.34 2.09
N ALA B 94 -6.12 -15.36 2.76
CA ALA B 94 -6.73 -14.03 2.89
C ALA B 94 -7.02 -13.42 1.53
N VAL B 95 -6.01 -13.43 0.66
CA VAL B 95 -6.15 -12.87 -0.68
C VAL B 95 -7.24 -13.62 -1.46
N ARG B 96 -7.26 -14.94 -1.29
CA ARG B 96 -8.22 -15.80 -1.98
C ARG B 96 -9.65 -15.58 -1.46
N LEU B 97 -9.79 -15.00 -0.27
CA LEU B 97 -11.11 -14.77 0.31
C LEU B 97 -11.55 -13.32 0.07
N LEU B 98 -10.61 -12.47 -0.31
CA LEU B 98 -10.91 -11.07 -0.57
C LEU B 98 -11.16 -10.81 -2.05
N LEU B 99 -10.34 -11.43 -2.89
CA LEU B 99 -10.46 -11.26 -4.32
C LEU B 99 -11.03 -12.51 -4.98
N PRO B 100 -11.62 -12.37 -6.19
CA PRO B 100 -12.18 -13.51 -6.92
C PRO B 100 -11.17 -14.64 -7.08
N GLY B 101 -11.67 -15.87 -7.13
CA GLY B 101 -10.80 -17.03 -7.24
C GLY B 101 -9.77 -16.96 -8.35
N GLU B 102 -10.23 -16.68 -9.56
CA GLU B 102 -9.33 -16.60 -10.72
C GLU B 102 -8.35 -15.43 -10.58
N LEU B 103 -8.80 -14.34 -9.98
CA LEU B 103 -7.96 -13.17 -9.78
C LEU B 103 -6.89 -13.48 -8.73
N ALA B 104 -7.33 -14.14 -7.66
CA ALA B 104 -6.44 -14.51 -6.58
C ALA B 104 -5.37 -15.49 -7.07
N LYS B 105 -5.78 -16.41 -7.94
CA LYS B 105 -4.86 -17.39 -8.51
C LYS B 105 -3.67 -16.69 -9.16
N HIS B 106 -3.95 -15.58 -9.83
CA HIS B 106 -2.93 -14.80 -10.50
C HIS B 106 -2.05 -14.10 -9.47
N ALA B 107 -2.71 -13.50 -8.48
CA ALA B 107 -2.00 -12.77 -7.43
C ALA B 107 -1.08 -13.68 -6.64
N VAL B 108 -1.58 -14.85 -6.25
CA VAL B 108 -0.79 -15.81 -5.49
C VAL B 108 0.46 -16.23 -6.27
N SER B 109 0.26 -16.57 -7.54
CA SER B 109 1.34 -17.01 -8.41
C SER B 109 2.41 -15.91 -8.56
N GLU B 110 1.96 -14.68 -8.74
CA GLU B 110 2.88 -13.55 -8.89
C GLU B 110 3.69 -13.38 -7.61
N GLY B 111 3.02 -13.54 -6.48
CA GLY B 111 3.67 -13.41 -5.19
C GLY B 111 4.73 -14.47 -4.97
N THR B 112 4.39 -15.71 -5.29
CA THR B 112 5.32 -16.83 -5.12
C THR B 112 6.60 -16.61 -5.94
N LYS B 113 6.45 -15.94 -7.08
CA LYS B 113 7.59 -15.68 -7.94
C LYS B 113 8.43 -14.54 -7.36
N ALA B 114 7.75 -13.51 -6.88
CA ALA B 114 8.42 -12.35 -6.31
C ALA B 114 9.23 -12.73 -5.07
N VAL B 115 8.65 -13.56 -4.20
CA VAL B 115 9.31 -14.00 -2.98
C VAL B 115 10.64 -14.66 -3.32
N THR B 116 10.63 -15.49 -4.36
CA THR B 116 11.83 -16.19 -4.79
C THR B 116 12.80 -15.22 -5.48
N LYS B 117 12.24 -14.26 -6.24
CA LYS B 117 13.04 -13.27 -6.94
C LYS B 117 13.82 -12.39 -5.95
N TYR B 118 13.21 -12.13 -4.80
CA TYR B 118 13.84 -11.31 -3.77
C TYR B 118 15.09 -11.97 -3.23
N THR B 119 15.03 -13.28 -3.04
CA THR B 119 16.17 -14.03 -2.53
C THR B 119 17.27 -14.10 -3.58
N SER B 120 16.89 -14.07 -4.85
CA SER B 120 17.84 -14.14 -5.94
C SER B 120 18.23 -12.74 -6.43
N SER B 121 18.35 -11.80 -5.50
CA SER B 121 18.72 -10.43 -5.84
C SER B 121 20.19 -10.37 -6.23
N LYS B 122 20.48 -9.61 -7.28
CA LYS B 122 21.86 -9.46 -7.75
C LYS B 122 22.58 -8.37 -6.96
N SER A 1 36.90 5.50 -2.17
CA SER A 1 36.86 4.79 -0.87
C SER A 1 37.20 3.36 -1.08
N GLY A 2 36.86 2.54 -0.05
CA GLY A 2 37.00 1.13 -0.11
C GLY A 2 35.69 0.61 -0.61
N ARG A 3 35.65 -0.67 -1.04
CA ARG A 3 34.44 -1.25 -1.54
C ARG A 3 34.60 -2.74 -1.59
N GLY A 4 33.48 -3.46 -1.83
CA GLY A 4 33.51 -4.90 -1.90
C GLY A 4 33.07 -5.57 -0.62
N LYS A 5 32.17 -4.95 0.19
CA LYS A 5 31.67 -5.61 1.36
C LYS A 5 30.35 -6.19 0.97
N GLY A 6 30.05 -7.43 1.41
CA GLY A 6 28.85 -8.14 1.04
C GLY A 6 27.65 -7.37 1.46
N GLY A 7 27.74 -6.73 2.65
CA GLY A 7 26.65 -5.95 3.16
C GLY A 7 27.01 -5.59 4.56
N LYS A 8 25.97 -5.28 5.38
CA LYS A 8 26.07 -4.92 6.78
C LYS A 8 27.05 -3.79 7.02
N VAL A 9 26.74 -2.56 6.55
CA VAL A 9 27.57 -1.44 6.86
C VAL A 9 26.84 -0.69 7.95
N LYS A 10 27.55 -0.21 8.97
CA LYS A 10 26.88 0.47 10.03
C LYS A 10 27.30 1.88 9.96
N GLY A 11 26.36 2.82 10.20
CA GLY A 11 26.63 4.23 10.16
C GLY A 11 26.44 4.73 8.76
N LYS A 12 27.11 5.83 8.40
CA LYS A 12 27.03 6.34 7.06
C LYS A 12 28.25 5.83 6.37
N ALA A 13 28.07 5.20 5.18
CA ALA A 13 29.16 4.68 4.41
C ALA A 13 29.78 5.78 3.60
N LYS A 14 31.10 5.64 3.33
CA LYS A 14 31.90 6.57 2.59
C LYS A 14 31.51 6.68 1.14
N SER A 15 31.23 5.54 0.46
CA SER A 15 30.90 5.55 -0.93
C SER A 15 29.41 5.59 -1.13
N ARG A 16 29.00 5.45 -2.40
CA ARG A 16 27.63 5.46 -2.81
C ARG A 16 27.13 4.06 -2.83
N SER A 17 25.82 3.91 -2.57
CA SER A 17 25.16 2.64 -2.63
C SER A 17 24.57 2.56 -4.00
N ASN A 18 23.98 1.40 -4.35
CA ASN A 18 23.35 1.28 -5.63
C ASN A 18 21.87 1.42 -5.45
N ARG A 19 21.27 2.42 -6.15
CA ARG A 19 19.88 2.78 -6.03
C ARG A 19 18.99 1.62 -6.40
N ALA A 20 19.39 0.80 -7.39
CA ALA A 20 18.61 -0.30 -7.89
C ALA A 20 18.34 -1.29 -6.79
N GLY A 21 19.33 -1.50 -5.89
CA GLY A 21 19.18 -2.45 -4.81
C GLY A 21 17.98 -2.06 -3.99
N LEU A 22 16.92 -2.86 -4.12
CA LEU A 22 15.68 -2.60 -3.40
C LEU A 22 15.05 -3.92 -2.96
N GLN A 23 15.17 -4.23 -1.68
CA GLN A 23 14.62 -5.46 -1.13
C GLN A 23 13.20 -5.23 -0.65
N PHE A 24 12.44 -6.31 -0.52
CA PHE A 24 11.05 -6.25 -0.07
C PHE A 24 10.98 -5.67 1.35
N PRO A 25 9.95 -4.85 1.63
CA PRO A 25 9.78 -4.22 2.95
C PRO A 25 9.26 -5.19 4.01
N VAL A 26 9.87 -6.37 4.09
CA VAL A 26 9.49 -7.39 5.05
C VAL A 26 9.57 -6.85 6.47
N GLY A 27 10.71 -6.26 6.81
CA GLY A 27 10.91 -5.72 8.15
C GLY A 27 9.88 -4.66 8.50
N ARG A 28 9.59 -3.78 7.55
CA ARG A 28 8.62 -2.70 7.77
C ARG A 28 7.23 -3.27 8.00
N ILE A 29 6.82 -4.18 7.13
CA ILE A 29 5.49 -4.80 7.23
C ILE A 29 5.36 -5.60 8.53
N HIS A 30 6.41 -6.33 8.88
CA HIS A 30 6.41 -7.13 10.11
C HIS A 30 6.17 -6.25 11.33
N ARG A 31 6.88 -5.12 11.39
CA ARG A 31 6.75 -4.19 12.51
C ARG A 31 5.33 -3.62 12.57
N LEU A 32 4.79 -3.28 11.40
CA LEU A 32 3.44 -2.73 11.30
C LEU A 32 2.39 -3.73 11.78
N LEU A 33 2.51 -4.98 11.32
CA LEU A 33 1.56 -6.02 11.68
C LEU A 33 1.57 -6.29 13.18
N ARG A 34 2.75 -6.33 13.77
CA ARG A 34 2.87 -6.58 15.20
C ARG A 34 2.41 -5.38 16.01
N LYS A 35 2.73 -4.19 15.51
CA LYS A 35 2.35 -2.95 16.19
C LYS A 35 0.84 -2.76 16.19
N GLY A 36 0.19 -3.24 15.14
CA GLY A 36 -1.25 -3.12 15.03
C GLY A 36 -1.99 -4.24 15.74
N ASN A 37 -1.23 -5.06 16.46
CA ASN A 37 -1.78 -6.19 17.21
C ASN A 37 -2.45 -7.21 16.29
N TYR A 38 -2.01 -7.26 15.04
CA TYR A 38 -2.58 -8.18 14.08
C TYR A 38 -2.07 -9.59 14.32
N ALA A 39 -0.78 -9.68 14.64
CA ALA A 39 -0.16 -10.97 14.91
C ALA A 39 1.03 -10.77 15.83
N GLU A 40 1.34 -11.76 16.66
CA GLU A 40 2.45 -11.66 17.59
C GLU A 40 3.78 -11.77 16.83
N ARG A 41 3.77 -12.51 15.73
CA ARG A 41 4.97 -12.69 14.91
C ARG A 41 4.61 -13.33 13.58
N VAL A 42 5.18 -12.84 12.50
CA VAL A 42 4.92 -13.37 11.18
C VAL A 42 6.20 -13.92 10.57
N GLY A 43 6.06 -14.78 9.57
CA GLY A 43 7.21 -15.36 8.91
C GLY A 43 7.72 -14.47 7.78
N ALA A 44 7.91 -15.08 6.61
CA ALA A 44 8.39 -14.34 5.45
C ALA A 44 7.43 -14.45 4.28
N GLY A 45 6.67 -15.54 4.23
CA GLY A 45 5.73 -15.77 3.15
C GLY A 45 4.71 -14.66 3.01
N ALA A 46 4.02 -14.35 4.10
CA ALA A 46 2.99 -13.30 4.08
C ALA A 46 3.56 -11.92 3.74
N PRO A 47 4.62 -11.43 4.45
CA PRO A 47 5.21 -10.12 4.16
C PRO A 47 5.63 -9.94 2.70
N VAL A 48 6.28 -10.95 2.13
CA VAL A 48 6.71 -10.88 0.74
C VAL A 48 5.51 -10.87 -0.20
N TYR A 49 4.52 -11.68 0.10
CA TYR A 49 3.31 -11.76 -0.70
C TYR A 49 2.57 -10.42 -0.68
N LEU A 50 2.53 -9.81 0.51
CA LEU A 50 1.87 -8.52 0.70
C LEU A 50 2.50 -7.45 -0.16
N ALA A 51 3.82 -7.51 -0.32
CA ALA A 51 4.53 -6.53 -1.13
C ALA A 51 4.09 -6.62 -2.59
N ALA A 52 3.91 -7.85 -3.07
CA ALA A 52 3.48 -8.07 -4.44
C ALA A 52 2.06 -7.54 -4.66
N VAL A 53 1.21 -7.75 -3.66
CA VAL A 53 -0.17 -7.29 -3.73
C VAL A 53 -0.23 -5.76 -3.75
N MET A 54 0.52 -5.13 -2.85
CA MET A 54 0.56 -3.67 -2.77
C MET A 54 1.04 -3.07 -4.09
N GLU A 55 2.09 -3.67 -4.64
CA GLU A 55 2.64 -3.20 -5.91
C GLU A 55 1.63 -3.37 -7.04
N TYR A 56 0.88 -4.47 -7.00
CA TYR A 56 -0.12 -4.75 -8.01
C TYR A 56 -1.29 -3.77 -7.92
N LEU A 57 -1.77 -3.54 -6.71
CA LEU A 57 -2.89 -2.64 -6.48
C LEU A 57 -2.60 -1.24 -6.99
N ALA A 58 -1.36 -0.78 -6.77
CA ALA A 58 -0.94 0.55 -7.20
C ALA A 58 -0.88 0.64 -8.72
N ALA A 59 -0.68 -0.49 -9.38
CA ALA A 59 -0.60 -0.53 -10.84
C ALA A 59 -1.98 -0.72 -11.46
N GLU A 60 -2.80 -1.54 -10.82
CA GLU A 60 -4.15 -1.81 -11.31
C GLU A 60 -5.05 -0.58 -11.18
N VAL A 61 -4.86 0.18 -10.10
CA VAL A 61 -5.67 1.37 -9.87
C VAL A 61 -5.46 2.40 -10.98
N LEU A 62 -4.28 2.36 -11.60
CA LEU A 62 -3.96 3.28 -12.68
C LEU A 62 -4.77 2.97 -13.92
N GLU A 63 -5.02 1.69 -14.16
CA GLU A 63 -5.80 1.27 -15.32
C GLU A 63 -7.24 1.77 -15.19
N LEU A 64 -7.77 1.64 -13.98
CA LEU A 64 -9.13 2.07 -13.70
C LEU A 64 -9.24 3.59 -13.76
N ALA A 65 -8.27 4.26 -13.17
CA ALA A 65 -8.24 5.72 -13.16
C ALA A 65 -8.09 6.27 -14.57
N GLY A 66 -7.20 5.64 -15.35
CA GLY A 66 -6.97 6.08 -16.72
C GLY A 66 -8.20 5.94 -17.58
N ASN A 67 -8.97 4.88 -17.34
CA ASN A 67 -10.19 4.62 -18.11
C ASN A 67 -11.19 5.73 -17.88
N ALA A 68 -11.32 6.16 -16.63
CA ALA A 68 -12.25 7.23 -16.28
C ALA A 68 -11.83 8.55 -16.90
N ALA A 69 -10.53 8.84 -16.85
CA ALA A 69 -9.99 10.07 -17.40
C ALA A 69 -10.17 10.12 -18.92
N ARG A 70 -9.84 9.00 -19.57
CA ARG A 70 -9.97 8.90 -21.03
C ARG A 70 -11.43 9.05 -21.45
N ASP A 71 -12.33 8.43 -20.71
CA ASP A 71 -13.75 8.50 -21.01
C ASP A 71 -14.29 9.92 -20.84
N ASN A 72 -13.72 10.64 -19.89
CA ASN A 72 -14.11 12.01 -19.60
C ASN A 72 -13.42 12.99 -20.54
N LYS A 73 -12.63 12.45 -21.48
CA LYS A 73 -11.89 13.24 -22.47
C LYS A 73 -10.89 14.16 -21.77
N LYS A 74 -10.27 13.66 -20.71
CA LYS A 74 -9.30 14.44 -19.95
C LYS A 74 -7.94 13.75 -19.94
N THR A 75 -6.88 14.56 -20.02
CA THR A 75 -5.52 14.04 -20.00
C THR A 75 -4.97 14.13 -18.59
N ARG A 76 -5.60 14.95 -17.78
CA ARG A 76 -5.22 15.14 -16.39
C ARG A 76 -6.18 14.43 -15.47
N ILE A 77 -5.66 13.50 -14.68
CA ILE A 77 -6.49 12.76 -13.73
C ILE A 77 -6.92 13.68 -12.60
N ILE A 78 -8.22 13.97 -12.57
CA ILE A 78 -8.80 14.84 -11.54
C ILE A 78 -9.38 13.97 -10.42
N PRO A 79 -9.26 14.42 -9.15
CA PRO A 79 -9.79 13.66 -8.00
C PRO A 79 -11.25 13.23 -8.16
N ARG A 80 -12.02 13.99 -8.93
CA ARG A 80 -13.42 13.67 -9.16
C ARG A 80 -13.56 12.44 -10.05
N HIS A 81 -12.53 12.18 -10.86
CA HIS A 81 -12.55 11.03 -11.77
C HIS A 81 -12.20 9.75 -11.02
N LEU A 82 -11.64 9.90 -9.83
CA LEU A 82 -11.27 8.75 -9.01
C LEU A 82 -12.50 8.02 -8.53
N GLN A 83 -13.59 8.76 -8.39
CA GLN A 83 -14.86 8.20 -7.96
C GLN A 83 -15.36 7.20 -8.99
N LEU A 84 -15.20 7.56 -10.26
CA LEU A 84 -15.65 6.72 -11.37
C LEU A 84 -14.66 5.59 -11.65
N ALA A 85 -13.69 5.43 -10.77
CA ALA A 85 -12.68 4.38 -10.94
C ALA A 85 -12.94 3.25 -9.95
N ILE A 86 -13.34 3.60 -8.73
CA ILE A 86 -13.60 2.61 -7.69
C ILE A 86 -15.09 2.28 -7.58
N ARG A 87 -15.92 3.31 -7.66
CA ARG A 87 -17.38 3.11 -7.52
C ARG A 87 -18.00 2.69 -8.84
N ASN A 88 -17.17 2.41 -9.84
CA ASN A 88 -17.68 1.99 -11.13
C ASN A 88 -17.76 0.47 -11.21
N ASP A 89 -17.17 -0.20 -10.24
CA ASP A 89 -17.18 -1.65 -10.19
C ASP A 89 -18.05 -2.15 -9.05
N GLU A 90 -18.89 -3.12 -9.35
CA GLU A 90 -19.81 -3.68 -8.37
C GLU A 90 -19.06 -4.44 -7.27
N GLU A 91 -18.03 -5.18 -7.66
CA GLU A 91 -17.24 -5.96 -6.70
C GLU A 91 -16.48 -5.04 -5.75
N LEU A 92 -15.70 -4.12 -6.30
CA LEU A 92 -14.91 -3.18 -5.50
C LEU A 92 -15.80 -2.36 -4.57
N ASN A 93 -17.01 -2.06 -5.02
CA ASN A 93 -17.96 -1.28 -4.23
C ASN A 93 -18.38 -2.01 -2.96
N LYS A 94 -18.44 -3.34 -3.04
CA LYS A 94 -18.83 -4.17 -1.90
C LYS A 94 -17.63 -4.57 -1.06
N LEU A 95 -16.60 -5.07 -1.74
CA LEU A 95 -15.38 -5.53 -1.09
C LEU A 95 -14.70 -4.41 -0.31
N LEU A 96 -14.51 -3.27 -0.97
CA LEU A 96 -13.86 -2.14 -0.33
C LEU A 96 -14.90 -1.15 0.19
N SER A 97 -15.77 -1.64 1.06
CA SER A 97 -16.82 -0.82 1.64
C SER A 97 -16.30 0.03 2.79
N GLY A 98 -17.22 0.82 3.37
CA GLY A 98 -16.93 1.70 4.46
C GLY A 98 -18.22 2.39 4.76
N VAL A 99 -18.18 3.40 5.67
CA VAL A 99 -19.33 4.16 6.01
C VAL A 99 -19.02 5.58 5.62
N THR A 100 -19.85 6.19 4.74
CA THR A 100 -19.58 7.56 4.32
C THR A 100 -19.86 8.47 5.47
N ILE A 101 -18.80 9.13 5.97
CA ILE A 101 -18.94 10.10 7.01
C ILE A 101 -18.29 11.34 6.51
N ALA A 102 -19.08 12.44 6.45
CA ALA A 102 -18.54 13.70 6.01
C ALA A 102 -19.25 14.75 6.78
N GLN A 103 -18.57 15.89 6.98
CA GLN A 103 -19.15 16.99 7.69
C GLN A 103 -19.94 17.80 6.71
N GLY A 104 -21.11 18.29 7.18
CA GLY A 104 -21.99 19.04 6.34
C GLY A 104 -23.02 18.08 5.85
N GLY A 105 -24.02 18.61 5.13
CA GLY A 105 -25.09 17.82 4.61
C GLY A 105 -26.24 17.96 5.55
N VAL A 106 -27.40 17.40 5.15
CA VAL A 106 -28.55 17.47 5.98
C VAL A 106 -28.78 16.09 6.48
N LEU A 107 -29.53 15.95 7.59
CA LEU A 107 -29.80 14.64 8.13
C LEU A 107 -31.15 14.22 7.65
N PRO A 108 -31.29 12.95 7.35
CA PRO A 108 -32.57 12.40 7.00
C PRO A 108 -33.18 11.92 8.26
N ASN A 109 -34.50 11.70 8.28
CA ASN A 109 -35.08 11.15 9.47
C ASN A 109 -35.65 9.84 9.05
N ILE A 110 -35.50 8.83 9.93
CA ILE A 110 -35.99 7.49 9.81
C ILE A 110 -37.51 7.55 9.79
N GLN A 111 -38.09 8.42 10.64
CA GLN A 111 -39.53 8.56 10.81
C GLN A 111 -40.16 9.07 9.56
N ALA A 112 -41.45 8.69 9.37
CA ALA A 112 -42.29 9.02 8.24
C ALA A 112 -42.77 10.43 8.34
N VAL A 113 -43.26 10.97 7.21
CA VAL A 113 -43.70 12.35 7.16
C VAL A 113 -44.82 12.62 8.10
N LEU A 114 -44.57 13.57 9.00
CA LEU A 114 -45.48 14.05 10.00
C LEU A 114 -45.67 15.50 9.68
N LEU A 115 -45.96 16.30 10.73
CA LEU A 115 -46.12 17.74 10.67
C LEU A 115 -44.73 18.33 10.61
N PRO A 116 -44.55 19.46 9.99
CA PRO A 116 -43.21 19.98 9.90
C PRO A 116 -42.62 20.28 11.25
N LYS A 117 -41.63 19.47 11.64
CA LYS A 117 -40.88 19.54 12.87
C LYS A 117 -40.00 18.33 12.83
N LYS A 118 -38.86 18.33 13.55
CA LYS A 118 -38.10 17.12 13.54
C LYS A 118 -38.44 16.43 14.82
N THR A 119 -38.73 15.12 14.74
CA THR A 119 -39.06 14.37 15.90
C THR A 119 -37.98 13.38 15.99
N GLU A 120 -37.77 12.83 17.18
CA GLU A 120 -36.90 11.70 17.30
C GLU A 120 -37.41 10.80 18.37
N LYS A 121 -36.72 9.65 18.49
CA LYS A 121 -37.06 8.57 19.36
C LYS A 121 -36.36 8.78 20.68
N LYS A 122 -36.89 8.12 21.73
CA LYS A 122 -36.32 8.20 23.05
C LYS A 122 -35.40 7.03 23.21
N ALA A 123 -34.38 7.19 24.07
CA ALA A 123 -33.44 6.14 24.34
C ALA A 123 -33.94 5.46 25.61
N PRO B 1 43.54 52.36 14.83
CA PRO B 1 43.37 53.81 14.58
C PRO B 1 41.95 53.91 14.07
N PRO B 2 41.48 54.97 13.44
CA PRO B 2 40.09 55.03 13.04
C PRO B 2 39.60 54.05 12.01
N LYS B 3 40.50 53.34 11.29
CA LYS B 3 40.10 52.41 10.28
C LYS B 3 39.64 51.14 10.93
N THR B 4 38.53 50.58 10.43
CA THR B 4 38.01 49.35 10.96
C THR B 4 38.02 48.34 9.86
N SER B 5 38.81 47.27 10.02
CA SER B 5 38.84 46.30 8.98
C SER B 5 38.38 45.02 9.58
N GLY B 6 38.21 43.99 8.73
CA GLY B 6 37.79 42.69 9.17
C GLY B 6 36.31 42.55 9.00
N LYS B 7 35.71 41.60 9.74
CA LYS B 7 34.29 41.38 9.71
C LYS B 7 33.71 42.21 10.82
N ALA B 8 32.61 42.95 10.55
CA ALA B 8 32.00 43.85 11.50
C ALA B 8 31.47 43.14 12.70
N ALA B 9 30.73 42.02 12.51
CA ALA B 9 30.16 41.30 13.61
C ALA B 9 29.75 39.95 13.10
N LYS B 10 29.13 39.16 14.00
CA LYS B 10 28.60 37.88 13.64
C LYS B 10 27.12 38.02 13.74
N LYS B 11 26.37 37.00 13.26
CA LYS B 11 24.93 36.97 13.24
C LYS B 11 24.40 37.14 14.63
N ALA B 12 23.76 38.31 14.90
CA ALA B 12 23.19 38.63 16.16
C ALA B 12 22.31 39.81 15.95
N GLY B 13 21.26 39.96 16.78
CA GLY B 13 20.38 41.09 16.62
C GLY B 13 19.03 40.68 17.12
N LYS B 14 18.04 41.62 17.00
CA LYS B 14 16.68 41.39 17.41
C LYS B 14 16.02 40.33 16.56
N ALA B 15 15.97 40.52 15.23
CA ALA B 15 15.36 39.51 14.39
C ALA B 15 16.05 39.53 13.08
N GLN B 16 16.51 38.35 12.63
CA GLN B 16 17.15 38.30 11.34
C GLN B 16 16.65 37.05 10.68
N LYS B 17 15.85 37.18 9.60
CA LYS B 17 15.37 35.99 8.94
C LYS B 17 16.45 35.44 8.05
N ASN B 18 16.61 34.10 8.09
CA ASN B 18 17.57 33.49 7.22
C ASN B 18 16.78 32.88 6.11
N ILE B 19 17.45 32.11 5.22
CA ILE B 19 16.78 31.47 4.12
C ILE B 19 16.79 30.00 4.38
N THR B 20 15.59 29.41 4.57
CA THR B 20 15.50 27.99 4.75
C THR B 20 14.79 27.48 3.54
N LYS B 21 14.93 26.17 3.28
CA LYS B 21 14.22 25.55 2.20
C LYS B 21 13.13 24.82 2.92
N THR B 22 11.93 24.74 2.31
CA THR B 22 10.85 24.08 2.99
C THR B 22 10.35 23.03 2.05
N ASP B 23 10.00 21.86 2.59
CA ASP B 23 9.46 20.75 1.85
C ASP B 23 7.96 20.89 1.85
N LYS B 24 7.30 20.43 0.77
CA LYS B 24 5.86 20.48 0.60
C LYS B 24 5.13 19.59 1.57
N LYS B 25 5.59 18.32 1.74
CA LYS B 25 4.99 17.34 2.60
C LYS B 25 5.21 17.72 4.03
N LYS B 26 4.17 17.55 4.86
CA LYS B 26 4.28 17.81 6.26
C LYS B 26 3.86 16.57 6.98
N LYS B 27 4.82 15.91 7.65
CA LYS B 27 4.62 14.74 8.46
C LYS B 27 5.67 14.85 9.52
N ARG B 28 5.74 13.88 10.47
CA ARG B 28 6.68 14.02 11.56
C ARG B 28 7.87 13.08 11.38
N LYS B 29 9.03 13.64 10.96
CA LYS B 29 10.35 13.02 10.80
C LYS B 29 10.36 11.77 9.95
N ARG B 30 9.37 11.60 9.05
CA ARG B 30 9.32 10.44 8.21
C ARG B 30 8.46 10.78 7.04
N LYS B 31 8.76 10.12 5.89
CA LYS B 31 7.94 10.29 4.73
C LYS B 31 7.63 8.92 4.22
N GLU B 32 6.32 8.58 4.17
CA GLU B 32 5.86 7.35 3.58
C GLU B 32 4.90 7.78 2.51
N SER B 33 5.20 7.46 1.24
CA SER B 33 4.24 7.77 0.20
C SER B 33 4.28 6.71 -0.89
N TYR B 34 3.12 6.16 -1.22
CA TYR B 34 3.02 5.15 -2.26
C TYR B 34 2.81 5.82 -3.61
N ALA B 35 2.52 7.12 -3.58
CA ALA B 35 2.29 7.90 -4.79
C ALA B 35 3.54 7.92 -5.67
N ILE B 36 4.70 7.79 -5.04
CA ILE B 36 5.97 7.79 -5.75
C ILE B 36 6.05 6.58 -6.69
N TYR B 37 5.70 5.41 -6.16
CA TYR B 37 5.72 4.18 -6.95
C TYR B 37 4.70 4.27 -8.08
N ILE B 38 3.51 4.78 -7.75
CA ILE B 38 2.44 4.95 -8.72
C ILE B 38 2.91 5.82 -9.89
N TYR B 39 3.58 6.92 -9.56
CA TYR B 39 4.09 7.85 -10.56
C TYR B 39 5.09 7.15 -11.49
N LYS B 40 5.95 6.33 -10.90
CA LYS B 40 6.95 5.60 -11.67
C LYS B 40 6.29 4.61 -12.61
N VAL B 41 5.26 3.92 -12.12
CA VAL B 41 4.54 2.95 -12.93
C VAL B 41 3.82 3.66 -14.08
N LEU B 42 3.28 4.84 -13.78
CA LEU B 42 2.58 5.63 -14.78
C LEU B 42 3.48 5.93 -15.98
N LYS B 43 4.72 6.31 -15.70
CA LYS B 43 5.67 6.65 -16.76
C LYS B 43 6.06 5.43 -17.60
N GLN B 44 5.82 4.23 -17.08
CA GLN B 44 6.19 3.02 -17.79
C GLN B 44 5.00 2.43 -18.55
N VAL B 45 3.82 2.47 -17.95
CA VAL B 45 2.63 1.91 -18.57
C VAL B 45 1.86 2.94 -19.41
N HIS B 46 1.62 4.11 -18.85
CA HIS B 46 0.87 5.15 -19.56
C HIS B 46 1.68 6.45 -19.69
N PRO B 47 2.55 6.53 -20.69
CA PRO B 47 3.40 7.71 -20.92
C PRO B 47 2.60 8.92 -21.42
N ASP B 48 3.12 10.10 -21.13
CA ASP B 48 2.50 11.37 -21.53
C ASP B 48 1.14 11.57 -20.90
N THR B 49 1.04 11.31 -19.61
CA THR B 49 -0.21 11.48 -18.90
C THR B 49 -0.06 12.54 -17.81
N GLY B 50 -1.16 13.19 -17.46
CA GLY B 50 -1.11 14.21 -16.43
C GLY B 50 -1.94 13.83 -15.23
N ILE B 51 -1.51 14.24 -14.06
CA ILE B 51 -2.23 13.93 -12.83
C ILE B 51 -2.20 15.12 -11.88
N SER B 52 -3.24 15.28 -11.10
CA SER B 52 -3.32 16.38 -10.15
C SER B 52 -2.78 15.94 -8.79
N SER B 53 -2.25 16.89 -8.03
CA SER B 53 -1.71 16.60 -6.71
C SER B 53 -2.82 16.13 -5.76
N LYS B 54 -4.01 16.68 -5.97
CA LYS B 54 -5.16 16.33 -5.14
C LYS B 54 -5.58 14.88 -5.39
N ALA B 55 -5.39 14.41 -6.60
CA ALA B 55 -5.73 13.03 -6.95
C ALA B 55 -4.70 12.08 -6.36
N MET B 56 -3.43 12.48 -6.44
CA MET B 56 -2.33 11.67 -5.92
C MET B 56 -2.48 11.46 -4.42
N SER B 57 -2.88 12.51 -3.72
CA SER B 57 -3.06 12.45 -2.27
C SER B 57 -4.15 11.45 -1.89
N ILE B 58 -5.26 11.47 -2.62
CA ILE B 58 -6.36 10.56 -2.34
C ILE B 58 -5.97 9.12 -2.67
N MET B 59 -5.31 8.95 -3.82
CA MET B 59 -4.88 7.63 -4.27
C MET B 59 -3.87 7.02 -3.29
N ASN B 60 -2.95 7.85 -2.82
CA ASN B 60 -1.93 7.42 -1.86
C ASN B 60 -2.58 6.84 -0.61
N SER B 61 -3.51 7.60 -0.03
CA SER B 61 -4.21 7.18 1.18
C SER B 61 -5.10 5.97 0.91
N PHE B 62 -5.66 5.90 -0.30
CA PHE B 62 -6.53 4.78 -0.67
C PHE B 62 -5.77 3.46 -0.63
N VAL B 63 -4.62 3.42 -1.27
CA VAL B 63 -3.79 2.21 -1.29
C VAL B 63 -3.33 1.86 0.12
N ASN B 64 -3.01 2.90 0.89
CA ASN B 64 -2.54 2.72 2.26
C ASN B 64 -3.67 2.17 3.15
N ASP B 65 -4.91 2.46 2.78
CA ASP B 65 -6.07 1.99 3.53
C ASP B 65 -6.25 0.49 3.35
N ILE B 66 -6.03 0.02 2.12
CA ILE B 66 -6.16 -1.39 1.80
C ILE B 66 -5.15 -2.23 2.58
N PHE B 67 -4.00 -1.64 2.87
CA PHE B 67 -2.94 -2.33 3.61
C PHE B 67 -3.46 -2.81 4.97
N GLU B 68 -4.21 -1.95 5.63
CA GLU B 68 -4.77 -2.28 6.94
C GLU B 68 -5.90 -3.30 6.81
N ARG B 69 -6.61 -3.23 5.69
CA ARG B 69 -7.72 -4.14 5.44
C ARG B 69 -7.23 -5.58 5.35
N ILE B 70 -6.17 -5.80 4.60
CA ILE B 70 -5.59 -7.13 4.44
C ILE B 70 -5.08 -7.66 5.78
N ALA B 71 -4.48 -6.75 6.55
CA ALA B 71 -3.95 -7.11 7.86
C ALA B 71 -5.05 -7.63 8.79
N ALA B 72 -6.19 -6.97 8.76
CA ALA B 72 -7.33 -7.36 9.59
C ALA B 72 -7.83 -8.75 9.21
N GLU B 73 -8.01 -8.97 7.91
CA GLU B 73 -8.49 -10.27 7.42
C GLU B 73 -7.46 -11.36 7.68
N ALA B 74 -6.18 -11.01 7.57
CA ALA B 74 -5.11 -11.97 7.81
C ALA B 74 -5.14 -12.42 9.27
N SER B 75 -5.21 -11.45 10.17
CA SER B 75 -5.29 -11.73 11.60
C SER B 75 -6.52 -12.57 11.91
N ARG B 76 -7.62 -12.25 11.23
CA ARG B 76 -8.88 -12.95 11.40
C ARG B 76 -8.74 -14.43 11.04
N LEU B 77 -8.08 -14.70 9.92
CA LEU B 77 -7.85 -16.08 9.47
C LEU B 77 -6.95 -16.83 10.44
N ALA B 78 -5.93 -16.14 10.93
CA ALA B 78 -4.99 -16.73 11.88
C ALA B 78 -5.73 -17.13 13.16
N HIS B 79 -6.67 -16.28 13.58
CA HIS B 79 -7.46 -16.55 14.78
C HIS B 79 -8.31 -17.78 14.60
N TYR B 80 -8.85 -17.97 13.38
CA TYR B 80 -9.67 -19.15 13.10
C TYR B 80 -8.82 -20.41 13.17
N ASN B 81 -7.59 -20.30 12.68
CA ASN B 81 -6.66 -21.42 12.68
C ASN B 81 -6.03 -21.59 14.06
N LYS B 82 -6.33 -20.65 14.95
CA LYS B 82 -5.80 -20.65 16.31
C LYS B 82 -4.28 -20.51 16.27
N ARG B 83 -3.82 -19.72 15.31
CA ARG B 83 -2.40 -19.47 15.12
C ARG B 83 -2.10 -18.00 15.38
N SER B 84 -0.83 -17.69 15.53
CA SER B 84 -0.42 -16.31 15.77
C SER B 84 0.63 -15.91 14.74
N THR B 85 0.73 -16.69 13.67
CA THR B 85 1.67 -16.45 12.60
C THR B 85 1.02 -16.71 11.25
N ILE B 86 0.81 -15.64 10.48
CA ILE B 86 0.18 -15.74 9.17
C ILE B 86 1.12 -16.37 8.16
N THR B 87 0.68 -17.46 7.54
CA THR B 87 1.47 -18.16 6.53
C THR B 87 1.20 -17.61 5.14
N SER B 88 1.90 -18.15 4.15
CA SER B 88 1.76 -17.74 2.77
C SER B 88 0.38 -18.12 2.23
N ARG B 89 -0.15 -19.24 2.69
CA ARG B 89 -1.46 -19.71 2.24
C ARG B 89 -2.58 -18.92 2.91
N GLU B 90 -2.42 -18.64 4.20
CA GLU B 90 -3.43 -17.89 4.95
C GLU B 90 -3.61 -16.49 4.39
N ILE B 91 -2.51 -15.86 4.00
CA ILE B 91 -2.56 -14.50 3.45
C ILE B 91 -3.20 -14.49 2.06
N GLN B 92 -3.02 -15.58 1.31
CA GLN B 92 -3.59 -15.68 -0.03
C GLN B 92 -5.12 -15.67 0.02
N THR B 93 -5.67 -16.44 0.95
CA THR B 93 -7.11 -16.55 1.12
C THR B 93 -7.73 -15.18 1.38
N ALA B 94 -7.07 -14.39 2.21
CA ALA B 94 -7.54 -13.05 2.54
C ALA B 94 -7.65 -12.18 1.30
N VAL B 95 -6.59 -12.18 0.50
CA VAL B 95 -6.55 -11.39 -0.72
C VAL B 95 -7.59 -11.87 -1.72
N ARG B 96 -7.78 -13.18 -1.80
CA ARG B 96 -8.74 -13.78 -2.72
C ARG B 96 -10.18 -13.40 -2.37
N LEU B 97 -10.39 -12.97 -1.13
CA LEU B 97 -11.73 -12.58 -0.68
C LEU B 97 -11.84 -11.07 -0.52
N LEU B 98 -10.74 -10.37 -0.77
CA LEU B 98 -10.72 -8.92 -0.65
C LEU B 98 -10.70 -8.25 -2.02
N LEU B 99 -10.06 -8.89 -2.98
CA LEU B 99 -9.97 -8.34 -4.32
C LEU B 99 -10.96 -9.01 -5.26
N PRO B 100 -11.45 -8.27 -6.27
CA PRO B 100 -12.39 -8.79 -7.27
C PRO B 100 -11.84 -10.02 -7.99
N GLY B 101 -12.72 -10.77 -8.61
CA GLY B 101 -12.32 -11.99 -9.32
C GLY B 101 -11.10 -11.81 -10.21
N GLU B 102 -11.14 -10.80 -11.06
CA GLU B 102 -10.05 -10.52 -11.98
C GLU B 102 -8.76 -10.20 -11.23
N LEU B 103 -8.84 -9.23 -10.32
CA LEU B 103 -7.68 -8.80 -9.54
C LEU B 103 -7.09 -9.94 -8.72
N ALA B 104 -7.95 -10.74 -8.09
CA ALA B 104 -7.50 -11.85 -7.27
C ALA B 104 -6.66 -12.85 -8.08
N LYS B 105 -7.02 -13.03 -9.34
CA LYS B 105 -6.29 -13.94 -10.22
C LYS B 105 -4.87 -13.44 -10.48
N HIS B 106 -4.73 -12.15 -10.71
CA HIS B 106 -3.44 -11.56 -10.99
C HIS B 106 -2.64 -11.39 -9.70
N ALA B 107 -3.35 -11.09 -8.62
CA ALA B 107 -2.72 -10.89 -7.32
C ALA B 107 -1.93 -12.12 -6.89
N VAL B 108 -2.54 -13.30 -7.02
CA VAL B 108 -1.89 -14.54 -6.66
C VAL B 108 -0.72 -14.81 -7.61
N SER B 109 -0.94 -14.53 -8.89
CA SER B 109 0.07 -14.75 -9.92
C SER B 109 1.35 -13.98 -9.61
N GLU B 110 1.22 -12.66 -9.41
CA GLU B 110 2.38 -11.81 -9.12
C GLU B 110 2.90 -12.07 -7.71
N GLY B 111 2.01 -12.59 -6.86
CA GLY B 111 2.37 -12.88 -5.49
C GLY B 111 3.39 -13.99 -5.38
N THR B 112 3.11 -15.12 -6.03
CA THR B 112 4.01 -16.27 -6.01
C THR B 112 5.36 -15.91 -6.61
N LYS B 113 5.34 -15.04 -7.62
CA LYS B 113 6.57 -14.61 -8.30
C LYS B 113 7.51 -13.95 -7.31
N ALA B 114 6.96 -13.04 -6.50
CA ALA B 114 7.75 -12.31 -5.52
C ALA B 114 8.34 -13.26 -4.48
N VAL B 115 7.53 -14.18 -3.98
CA VAL B 115 7.98 -15.13 -2.96
C VAL B 115 9.06 -16.05 -3.52
N THR B 116 8.94 -16.41 -4.78
CA THR B 116 9.91 -17.29 -5.43
C THR B 116 11.22 -16.55 -5.70
N LYS B 117 11.10 -15.26 -6.02
CA LYS B 117 12.29 -14.45 -6.31
C LYS B 117 12.99 -14.02 -5.01
N TYR B 118 12.29 -14.14 -3.90
CA TYR B 118 12.85 -13.77 -2.60
C TYR B 118 13.94 -14.75 -2.18
N THR B 119 13.82 -15.99 -2.64
CA THR B 119 14.79 -17.02 -2.30
C THR B 119 15.93 -17.08 -3.32
N SER B 120 15.65 -16.64 -4.54
CA SER B 120 16.64 -16.65 -5.60
C SER B 120 17.51 -15.40 -5.56
N SER B 121 17.10 -14.40 -4.79
CA SER B 121 17.84 -13.17 -4.67
C SER B 121 18.28 -12.95 -3.22
N LYS B 122 19.45 -12.35 -3.04
CA LYS B 122 19.98 -12.09 -1.71
C LYS B 122 19.37 -10.81 -1.12
N SER A 1 37.14 -1.50 -5.10
CA SER A 1 38.27 -2.45 -4.98
C SER A 1 38.27 -3.38 -6.13
N GLY A 2 39.14 -4.41 -6.04
CA GLY A 2 39.20 -5.43 -7.02
C GLY A 2 38.32 -6.54 -6.56
N ARG A 3 38.35 -7.67 -7.28
CA ARG A 3 37.56 -8.79 -6.85
C ARG A 3 38.54 -9.88 -6.63
N GLY A 4 38.36 -10.66 -5.55
CA GLY A 4 39.26 -11.74 -5.30
C GLY A 4 38.45 -12.88 -4.77
N LYS A 5 38.60 -14.05 -5.41
CA LYS A 5 37.86 -15.20 -4.98
C LYS A 5 38.85 -16.10 -4.32
N GLY A 6 38.45 -16.74 -3.21
CA GLY A 6 39.37 -17.62 -2.58
C GLY A 6 38.71 -18.95 -2.53
N GLY A 7 39.52 -20.03 -2.66
CA GLY A 7 39.00 -21.37 -2.64
C GLY A 7 38.78 -21.81 -4.05
N LYS A 8 38.11 -22.97 -4.22
CA LYS A 8 37.81 -23.51 -5.53
C LYS A 8 36.63 -22.75 -6.07
N VAL A 9 36.68 -22.42 -7.38
CA VAL A 9 35.61 -21.70 -7.98
C VAL A 9 35.01 -22.52 -9.10
N LYS A 10 33.69 -22.74 -9.05
CA LYS A 10 33.05 -23.44 -10.14
C LYS A 10 31.91 -22.58 -10.58
N GLY A 11 32.04 -22.00 -11.79
CA GLY A 11 31.06 -21.09 -12.32
C GLY A 11 31.55 -19.72 -11.98
N LYS A 12 31.03 -18.68 -12.68
CA LYS A 12 31.49 -17.38 -12.32
C LYS A 12 30.32 -16.43 -12.30
N ALA A 13 29.96 -15.95 -11.10
CA ALA A 13 28.93 -14.96 -11.01
C ALA A 13 29.44 -13.94 -10.06
N LYS A 14 29.48 -12.66 -10.50
CA LYS A 14 29.95 -11.66 -9.59
C LYS A 14 28.95 -10.57 -9.50
N SER A 15 28.76 -10.07 -8.28
CA SER A 15 27.90 -8.96 -8.03
C SER A 15 28.76 -7.75 -7.99
N ARG A 16 28.22 -6.64 -7.45
CA ARG A 16 28.97 -5.45 -7.22
C ARG A 16 29.37 -5.53 -5.77
N SER A 17 30.32 -4.66 -5.36
CA SER A 17 30.73 -4.54 -3.98
C SER A 17 29.56 -4.02 -3.18
N ASN A 18 29.01 -2.85 -3.60
CA ASN A 18 27.87 -2.21 -3.02
C ASN A 18 26.62 -2.81 -3.58
N ARG A 19 25.63 -3.16 -2.72
CA ARG A 19 24.45 -3.71 -3.30
C ARG A 19 23.26 -2.98 -2.80
N ALA A 20 22.48 -2.47 -3.76
CA ALA A 20 21.28 -1.74 -3.47
C ALA A 20 20.18 -2.64 -3.84
N GLY A 21 19.02 -2.41 -3.19
CA GLY A 21 17.79 -3.11 -3.39
C GLY A 21 16.83 -2.28 -2.63
N LEU A 22 15.52 -2.58 -2.73
CA LEU A 22 14.57 -1.78 -1.96
C LEU A 22 14.22 -2.47 -0.65
N GLN A 23 14.00 -1.69 0.39
CA GLN A 23 13.65 -2.23 1.69
C GLN A 23 12.14 -2.13 1.91
N PHE A 24 11.50 -3.28 2.01
CA PHE A 24 10.06 -3.32 2.23
C PHE A 24 9.70 -2.79 3.61
N PRO A 25 8.47 -2.24 3.76
CA PRO A 25 7.99 -1.68 5.03
C PRO A 25 7.59 -2.78 6.02
N VAL A 26 8.49 -3.71 6.28
CA VAL A 26 8.24 -4.81 7.20
C VAL A 26 7.94 -4.27 8.60
N GLY A 27 8.73 -3.28 9.01
CA GLY A 27 8.53 -2.67 10.31
C GLY A 27 7.18 -2.00 10.41
N ARG A 28 6.74 -1.40 9.31
CA ARG A 28 5.45 -0.73 9.26
C ARG A 28 4.34 -1.76 9.47
N ILE A 29 4.49 -2.90 8.81
CA ILE A 29 3.54 -4.00 8.92
C ILE A 29 3.47 -4.48 10.37
N HIS A 30 4.64 -4.66 10.97
CA HIS A 30 4.74 -5.12 12.37
C HIS A 30 4.00 -4.18 13.31
N ARG A 31 4.19 -2.88 13.10
CA ARG A 31 3.54 -1.87 13.93
C ARG A 31 2.03 -1.96 13.83
N LEU A 32 1.53 -2.03 12.60
CA LEU A 32 0.09 -2.11 12.35
C LEU A 32 -0.50 -3.41 12.91
N LEU A 33 0.27 -4.50 12.78
CA LEU A 33 -0.19 -5.80 13.26
C LEU A 33 -0.41 -5.77 14.77
N ARG A 34 0.51 -5.16 15.50
CA ARG A 34 0.40 -5.05 16.95
C ARG A 34 -0.72 -4.12 17.35
N LYS A 35 -0.80 -2.96 16.70
CA LYS A 35 -1.82 -1.97 16.99
C LYS A 35 -3.23 -2.51 16.74
N GLY A 36 -3.40 -3.22 15.64
CA GLY A 36 -4.71 -3.77 15.31
C GLY A 36 -5.00 -5.09 16.00
N ASN A 37 -4.07 -5.54 16.84
CA ASN A 37 -4.21 -6.80 17.57
C ASN A 37 -4.34 -7.96 16.59
N TYR A 38 -3.70 -7.81 15.43
CA TYR A 38 -3.76 -8.83 14.39
C TYR A 38 -2.70 -9.90 14.61
N ALA A 39 -1.48 -9.46 14.87
CA ALA A 39 -0.37 -10.37 15.08
C ALA A 39 0.80 -9.64 15.72
N GLU A 40 1.99 -10.24 15.65
CA GLU A 40 3.18 -9.63 16.22
C GLU A 40 4.20 -9.34 15.13
N ARG A 41 4.48 -10.34 14.31
CA ARG A 41 5.45 -10.20 13.24
C ARG A 41 4.96 -10.88 11.96
N VAL A 42 5.64 -10.61 10.85
CA VAL A 42 5.29 -11.20 9.58
C VAL A 42 6.46 -12.04 9.05
N GLY A 43 6.15 -13.00 8.19
CA GLY A 43 7.19 -13.85 7.63
C GLY A 43 7.91 -13.20 6.46
N ALA A 44 9.05 -13.78 6.10
CA ALA A 44 9.85 -13.27 4.99
C ALA A 44 9.24 -13.67 3.65
N GLY A 45 9.27 -12.76 2.69
CA GLY A 45 8.70 -13.05 1.39
C GLY A 45 7.30 -12.50 1.25
N ALA A 46 6.59 -12.46 2.39
CA ALA A 46 5.22 -11.95 2.42
C ALA A 46 5.10 -10.51 1.88
N PRO A 47 6.01 -9.57 2.25
CA PRO A 47 5.95 -8.19 1.75
C PRO A 47 5.97 -8.10 0.22
N VAL A 48 6.63 -9.04 -0.42
CA VAL A 48 6.71 -9.06 -1.88
C VAL A 48 5.38 -9.55 -2.47
N TYR A 49 4.72 -10.45 -1.75
CA TYR A 49 3.44 -10.99 -2.18
C TYR A 49 2.33 -9.99 -1.92
N LEU A 50 2.38 -9.35 -0.75
CA LEU A 50 1.38 -8.36 -0.36
C LEU A 50 1.30 -7.23 -1.37
N ALA A 51 2.46 -6.83 -1.90
CA ALA A 51 2.53 -5.75 -2.88
C ALA A 51 1.74 -6.12 -4.12
N ALA A 52 1.96 -7.33 -4.63
CA ALA A 52 1.28 -7.82 -5.83
C ALA A 52 -0.24 -7.79 -5.65
N VAL A 53 -0.69 -8.06 -4.42
CA VAL A 53 -2.11 -8.05 -4.11
C VAL A 53 -2.68 -6.64 -4.23
N MET A 54 -1.99 -5.68 -3.64
CA MET A 54 -2.43 -4.29 -3.68
C MET A 54 -2.38 -3.76 -5.11
N GLU A 55 -1.41 -4.24 -5.89
CA GLU A 55 -1.27 -3.82 -7.27
C GLU A 55 -2.50 -4.20 -8.08
N TYR A 56 -3.08 -5.35 -7.78
CA TYR A 56 -4.26 -5.84 -8.47
C TYR A 56 -5.39 -4.83 -8.39
N LEU A 57 -5.61 -4.27 -7.21
CA LEU A 57 -6.66 -3.28 -7.01
C LEU A 57 -6.30 -1.96 -7.67
N ALA A 58 -5.04 -1.55 -7.51
CA ALA A 58 -4.57 -0.30 -8.08
C ALA A 58 -4.62 -0.31 -9.61
N ALA A 59 -4.31 -1.46 -10.19
CA ALA A 59 -4.30 -1.62 -11.65
C ALA A 59 -5.63 -1.22 -12.28
N GLU A 60 -6.73 -1.68 -11.70
CA GLU A 60 -8.04 -1.36 -12.22
C GLU A 60 -8.38 0.11 -12.01
N VAL A 61 -8.10 0.62 -10.81
CA VAL A 61 -8.38 2.02 -10.50
C VAL A 61 -7.59 2.94 -11.41
N LEU A 62 -6.30 2.67 -11.55
CA LEU A 62 -5.42 3.48 -12.37
C LEU A 62 -5.81 3.40 -13.85
N GLU A 63 -6.24 2.21 -14.29
CA GLU A 63 -6.65 2.04 -15.68
C GLU A 63 -7.88 2.88 -15.98
N LEU A 64 -8.84 2.85 -15.05
CA LEU A 64 -10.07 3.62 -15.21
C LEU A 64 -9.77 5.11 -15.16
N ALA A 65 -8.95 5.51 -14.18
CA ALA A 65 -8.58 6.91 -14.02
C ALA A 65 -7.85 7.42 -15.25
N GLY A 66 -6.96 6.60 -15.79
CA GLY A 66 -6.21 6.98 -16.98
C GLY A 66 -7.12 7.19 -18.17
N ASN A 67 -8.16 6.38 -18.26
CA ASN A 67 -9.12 6.50 -19.35
C ASN A 67 -10.04 7.69 -19.11
N ALA A 68 -10.35 7.95 -17.85
CA ALA A 68 -11.20 9.08 -17.49
C ALA A 68 -10.48 10.38 -17.78
N ALA A 69 -9.18 10.38 -17.53
CA ALA A 69 -8.35 11.53 -17.79
C ALA A 69 -8.26 11.79 -19.29
N ARG A 70 -8.20 10.71 -20.06
CA ARG A 70 -8.14 10.80 -21.51
C ARG A 70 -9.43 11.41 -22.05
N ASP A 71 -10.55 11.01 -21.47
CA ASP A 71 -11.85 11.52 -21.89
C ASP A 71 -11.99 13.00 -21.55
N ASN A 72 -11.12 13.49 -20.70
CA ASN A 72 -11.13 14.89 -20.30
C ASN A 72 -10.00 15.63 -20.99
N LYS A 73 -9.34 14.93 -21.91
CA LYS A 73 -8.22 15.47 -22.69
C LYS A 73 -7.13 16.01 -21.77
N LYS A 74 -6.80 15.23 -20.74
CA LYS A 74 -5.76 15.62 -19.79
C LYS A 74 -4.47 14.89 -20.07
N THR A 75 -3.36 15.49 -19.64
CA THR A 75 -2.05 14.89 -19.83
C THR A 75 -1.56 14.25 -18.53
N ARG A 76 -2.14 14.67 -17.41
CA ARG A 76 -1.79 14.14 -16.10
C ARG A 76 -3.05 13.84 -15.30
N ILE A 77 -3.16 12.60 -14.82
CA ILE A 77 -4.31 12.17 -14.03
C ILE A 77 -4.37 12.89 -12.69
N ILE A 78 -5.54 13.43 -12.36
CA ILE A 78 -5.74 14.15 -11.12
C ILE A 78 -6.62 13.33 -10.16
N PRO A 79 -6.62 13.66 -8.85
CA PRO A 79 -7.39 12.95 -7.83
C PRO A 79 -8.88 12.77 -8.19
N ARG A 80 -9.43 13.74 -8.92
CA ARG A 80 -10.84 13.69 -9.30
C ARG A 80 -11.15 12.42 -10.10
N HIS A 81 -10.26 12.07 -11.01
CA HIS A 81 -10.44 10.90 -11.86
C HIS A 81 -10.45 9.63 -11.03
N LEU A 82 -9.65 9.61 -9.96
CA LEU A 82 -9.58 8.45 -9.08
C LEU A 82 -10.91 8.28 -8.36
N GLN A 83 -11.40 9.37 -7.77
CA GLN A 83 -12.66 9.36 -7.04
C GLN A 83 -13.82 8.98 -7.94
N LEU A 84 -13.85 9.57 -9.14
CA LEU A 84 -14.91 9.30 -10.10
C LEU A 84 -14.97 7.81 -10.44
N ALA A 85 -13.82 7.23 -10.73
CA ALA A 85 -13.74 5.82 -11.09
C ALA A 85 -14.22 4.91 -9.96
N ILE A 86 -13.82 5.23 -8.73
CA ILE A 86 -14.19 4.45 -7.56
C ILE A 86 -15.66 4.62 -7.19
N ARG A 87 -16.13 5.86 -7.17
CA ARG A 87 -17.51 6.16 -6.81
C ARG A 87 -18.49 5.70 -7.88
N ASN A 88 -18.01 5.51 -9.10
CA ASN A 88 -18.85 5.05 -10.19
C ASN A 88 -18.82 3.52 -10.28
N ASP A 89 -18.20 2.90 -9.30
CA ASP A 89 -18.09 1.44 -9.27
C ASP A 89 -18.68 0.89 -7.99
N GLU A 90 -19.08 -0.37 -8.03
CA GLU A 90 -19.65 -1.03 -6.86
C GLU A 90 -18.65 -2.08 -6.34
N GLU A 91 -18.04 -2.80 -7.28
CA GLU A 91 -17.08 -3.84 -6.95
C GLU A 91 -15.84 -3.25 -6.32
N LEU A 92 -15.23 -2.30 -7.00
CA LEU A 92 -14.03 -1.63 -6.50
C LEU A 92 -14.35 -0.86 -5.23
N ASN A 93 -15.58 -0.38 -5.15
CA ASN A 93 -16.03 0.38 -4.00
C ASN A 93 -16.02 -0.50 -2.75
N LYS A 94 -16.41 -1.75 -2.93
CA LYS A 94 -16.44 -2.72 -1.82
C LYS A 94 -15.03 -3.19 -1.48
N LEU A 95 -14.25 -3.46 -2.52
CA LEU A 95 -12.89 -3.96 -2.35
C LEU A 95 -11.97 -2.90 -1.75
N LEU A 96 -12.29 -1.63 -1.94
CA LEU A 96 -11.48 -0.55 -1.40
C LEU A 96 -12.02 -0.06 -0.07
N SER A 97 -12.87 -0.87 0.56
CA SER A 97 -13.46 -0.50 1.83
C SER A 97 -13.31 -1.64 2.84
N GLY A 98 -13.05 -1.19 4.10
CA GLY A 98 -12.55 -1.98 5.20
C GLY A 98 -13.58 -2.58 6.10
N VAL A 99 -13.17 -2.71 7.38
CA VAL A 99 -13.86 -3.35 8.48
C VAL A 99 -15.18 -2.71 8.80
N THR A 100 -15.23 -1.37 9.01
CA THR A 100 -16.53 -0.85 9.32
C THR A 100 -17.15 -0.28 8.11
N ILE A 101 -18.45 -0.57 7.96
CA ILE A 101 -19.25 -0.11 6.88
C ILE A 101 -20.31 0.70 7.56
N ALA A 102 -20.63 1.90 7.03
CA ALA A 102 -21.66 2.73 7.60
C ALA A 102 -23.00 2.16 7.24
N GLN A 103 -23.97 2.29 8.17
CA GLN A 103 -25.27 1.75 7.95
C GLN A 103 -26.15 2.88 7.48
N GLY A 104 -27.16 2.55 6.66
CA GLY A 104 -28.08 3.52 6.14
C GLY A 104 -28.91 2.81 5.12
N GLY A 105 -29.77 3.57 4.41
CA GLY A 105 -30.60 2.98 3.40
C GLY A 105 -32.00 2.90 3.92
N VAL A 106 -32.97 3.08 3.00
CA VAL A 106 -34.38 3.02 3.29
C VAL A 106 -34.85 1.64 3.66
N LEU A 107 -34.42 0.58 2.92
CA LEU A 107 -34.85 -0.77 3.19
C LEU A 107 -34.01 -1.38 4.29
N PRO A 108 -34.64 -2.18 5.11
CA PRO A 108 -33.98 -2.83 6.22
C PRO A 108 -32.92 -3.84 5.85
N ASN A 109 -32.87 -4.29 4.57
CA ASN A 109 -31.89 -5.26 4.16
C ASN A 109 -31.55 -5.08 2.70
N ILE A 110 -30.55 -5.86 2.21
CA ILE A 110 -30.01 -5.86 0.86
C ILE A 110 -30.96 -6.35 -0.22
N GLN A 111 -31.77 -7.41 0.02
CA GLN A 111 -32.64 -7.91 -1.02
C GLN A 111 -34.04 -7.42 -0.78
N ALA A 112 -34.98 -7.79 -1.67
CA ALA A 112 -36.34 -7.34 -1.53
C ALA A 112 -36.93 -7.91 -0.28
N VAL A 113 -37.41 -7.00 0.59
CA VAL A 113 -37.97 -7.40 1.84
C VAL A 113 -39.40 -6.99 1.77
N LEU A 114 -40.27 -7.61 2.61
CA LEU A 114 -41.65 -7.21 2.67
C LEU A 114 -41.71 -6.16 3.74
N LEU A 115 -42.41 -5.04 3.48
CA LEU A 115 -42.48 -4.01 4.46
C LEU A 115 -43.78 -4.16 5.20
N PRO A 116 -43.76 -3.88 6.48
CA PRO A 116 -44.96 -4.04 7.26
C PRO A 116 -45.99 -3.00 6.99
N LYS A 117 -47.28 -3.37 7.15
CA LYS A 117 -48.33 -2.43 6.92
C LYS A 117 -48.84 -2.10 8.28
N LYS A 118 -49.31 -0.84 8.46
CA LYS A 118 -49.85 -0.47 9.74
C LYS A 118 -51.21 0.13 9.47
N THR A 119 -52.28 -0.49 9.98
CA THR A 119 -53.59 0.06 9.77
C THR A 119 -54.12 0.53 11.09
N GLU A 120 -54.28 1.86 11.24
CA GLU A 120 -54.80 2.45 12.44
C GLU A 120 -56.05 3.18 12.06
N LYS A 121 -57.19 2.86 12.72
CA LYS A 121 -58.43 3.55 12.46
C LYS A 121 -58.36 4.99 12.91
N LYS A 122 -57.92 5.24 14.18
CA LYS A 122 -57.77 6.55 14.77
C LYS A 122 -59.07 6.92 15.41
N ALA A 123 -59.04 7.93 16.30
CA ALA A 123 -60.24 8.33 16.98
C ALA A 123 -60.69 9.68 16.41
N PRO B 1 26.94 43.90 4.75
CA PRO B 1 26.64 43.01 5.91
C PRO B 1 27.96 42.42 6.32
N PRO B 2 28.01 41.52 7.29
CA PRO B 2 29.26 40.95 7.76
C PRO B 2 29.85 39.87 6.92
N LYS B 3 31.08 39.45 7.32
CA LYS B 3 31.98 38.48 6.73
C LYS B 3 31.40 37.10 6.86
N THR B 4 31.70 36.23 5.88
CA THR B 4 31.22 34.87 5.91
C THR B 4 31.87 34.16 7.04
N SER B 5 31.05 33.69 8.00
CA SER B 5 31.49 32.98 9.14
C SER B 5 31.39 31.54 8.79
N GLY B 6 31.95 30.66 9.65
CA GLY B 6 31.95 29.24 9.44
C GLY B 6 30.54 28.72 9.38
N LYS B 7 29.65 29.26 10.25
CA LYS B 7 28.28 28.81 10.27
C LYS B 7 27.40 29.94 10.68
N ALA B 8 26.13 29.91 10.22
CA ALA B 8 25.17 30.92 10.57
C ALA B 8 24.73 30.69 11.98
N ALA B 9 24.38 31.78 12.67
CA ALA B 9 23.92 31.66 14.03
C ALA B 9 22.44 31.68 13.98
N LYS B 10 21.79 30.90 14.86
CA LYS B 10 20.35 30.74 14.90
C LYS B 10 19.73 32.10 15.14
N LYS B 11 18.95 32.56 14.13
CA LYS B 11 18.30 33.85 14.06
C LYS B 11 19.28 34.99 14.24
N ALA B 12 20.29 35.10 13.33
CA ALA B 12 21.22 36.20 13.43
C ALA B 12 20.56 37.45 12.91
N GLY B 13 20.81 38.58 13.60
CA GLY B 13 20.20 39.84 13.26
C GLY B 13 18.92 39.95 14.03
N LYS B 14 18.08 40.93 13.66
CA LYS B 14 16.79 41.09 14.27
C LYS B 14 15.81 40.38 13.39
N ALA B 15 14.77 39.79 14.01
CA ALA B 15 13.81 39.04 13.24
C ALA B 15 12.63 39.93 13.01
N GLN B 16 12.10 39.91 11.78
CA GLN B 16 10.95 40.69 11.47
C GLN B 16 10.23 39.90 10.42
N LYS B 17 9.24 39.08 10.82
CA LYS B 17 8.53 38.31 9.84
C LYS B 17 7.11 38.14 10.30
N ASN B 18 6.20 38.00 9.33
CA ASN B 18 4.82 37.76 9.60
C ASN B 18 4.62 36.29 9.30
N ILE B 19 3.82 35.59 10.12
CA ILE B 19 3.54 34.22 9.83
C ILE B 19 2.05 34.16 9.69
N THR B 20 1.54 33.46 8.68
CA THR B 20 0.12 33.42 8.49
C THR B 20 -0.30 32.03 8.81
N LYS B 21 -1.48 31.88 9.44
CA LYS B 21 -1.95 30.58 9.84
C LYS B 21 -2.28 29.77 8.63
N THR B 22 -1.58 28.64 8.47
CA THR B 22 -1.90 27.76 7.39
C THR B 22 -2.09 26.44 8.03
N ASP B 23 -2.85 25.55 7.36
CA ASP B 23 -3.01 24.21 7.86
C ASP B 23 -1.96 23.40 7.16
N LYS B 24 -1.95 22.08 7.45
CA LYS B 24 -1.02 21.12 6.93
C LYS B 24 -1.55 20.60 5.64
N LYS B 25 -0.64 20.46 4.64
CA LYS B 25 -0.93 20.04 3.30
C LYS B 25 -1.38 18.60 3.21
N LYS B 26 -0.71 17.66 3.93
CA LYS B 26 -1.07 16.27 3.84
C LYS B 26 -1.86 15.84 5.04
N LYS B 27 -2.05 14.50 5.15
CA LYS B 27 -2.82 13.82 6.15
C LYS B 27 -2.17 13.89 7.51
N ARG B 28 -3.01 14.17 8.53
CA ARG B 28 -2.69 14.33 9.93
C ARG B 28 -2.22 13.05 10.60
N LYS B 29 -2.83 11.89 10.26
CA LYS B 29 -2.49 10.61 10.85
C LYS B 29 -1.21 10.11 10.23
N ARG B 30 -0.40 9.34 11.00
CA ARG B 30 0.86 8.87 10.48
C ARG B 30 0.62 7.78 9.50
N LYS B 31 0.46 8.15 8.23
CA LYS B 31 0.37 7.19 7.18
C LYS B 31 1.56 7.49 6.36
N GLU B 32 2.19 6.45 5.78
CA GLU B 32 3.36 6.67 4.98
C GLU B 32 2.98 6.48 3.55
N SER B 33 3.42 5.41 2.84
CA SER B 33 3.20 5.71 1.44
C SER B 33 3.51 4.51 0.56
N TYR B 34 2.63 4.24 -0.39
CA TYR B 34 2.80 3.14 -1.32
C TYR B 34 2.82 3.68 -2.75
N ALA B 35 3.07 4.98 -2.87
CA ALA B 35 3.11 5.66 -4.16
C ALA B 35 4.21 5.11 -5.06
N ILE B 36 5.27 4.60 -4.44
CA ILE B 36 6.38 4.03 -5.19
C ILE B 36 5.94 2.84 -6.04
N TYR B 37 4.89 2.15 -5.59
CA TYR B 37 4.36 1.01 -6.33
C TYR B 37 3.32 1.48 -7.32
N ILE B 38 2.44 2.38 -6.88
CA ILE B 38 1.38 2.94 -7.72
C ILE B 38 1.95 3.53 -9.01
N TYR B 39 3.05 4.25 -8.88
CA TYR B 39 3.70 4.88 -10.02
C TYR B 39 4.12 3.83 -11.07
N LYS B 40 4.55 2.68 -10.60
CA LYS B 40 4.98 1.61 -11.49
C LYS B 40 3.78 0.94 -12.16
N VAL B 41 2.70 0.81 -11.40
CA VAL B 41 1.48 0.20 -11.92
C VAL B 41 0.84 1.10 -12.98
N LEU B 42 0.89 2.41 -12.72
CA LEU B 42 0.32 3.40 -13.63
C LEU B 42 0.96 3.29 -15.01
N LYS B 43 2.29 3.16 -15.04
CA LYS B 43 3.01 3.06 -16.29
C LYS B 43 2.86 1.68 -16.94
N GLN B 44 2.13 0.79 -16.28
CA GLN B 44 1.89 -0.53 -16.83
C GLN B 44 0.55 -0.57 -17.54
N VAL B 45 -0.44 0.10 -16.96
CA VAL B 45 -1.78 0.15 -17.53
C VAL B 45 -1.91 1.32 -18.51
N HIS B 46 -1.19 2.40 -18.25
CA HIS B 46 -1.21 3.58 -19.11
C HIS B 46 0.17 4.23 -19.18
N PRO B 47 1.13 3.60 -19.89
CA PRO B 47 2.49 4.13 -20.01
C PRO B 47 2.55 5.42 -20.81
N ASP B 48 1.56 5.61 -21.68
CA ASP B 48 1.49 6.79 -22.53
C ASP B 48 0.92 7.98 -21.77
N THR B 49 0.39 7.74 -20.58
CA THR B 49 -0.20 8.80 -19.77
C THR B 49 0.60 9.03 -18.49
N GLY B 50 0.38 10.17 -17.85
CA GLY B 50 1.07 10.48 -16.63
C GLY B 50 0.10 10.74 -15.49
N ILE B 51 0.61 10.80 -14.27
CA ILE B 51 -0.23 11.02 -13.11
C ILE B 51 0.34 12.11 -12.22
N SER B 52 -0.53 12.82 -11.51
CA SER B 52 -0.11 13.88 -10.61
C SER B 52 0.29 13.29 -9.27
N SER B 53 1.29 13.88 -8.62
CA SER B 53 1.76 13.40 -7.33
C SER B 53 0.65 13.47 -6.28
N LYS B 54 -0.16 14.52 -6.35
CA LYS B 54 -1.27 14.70 -5.41
C LYS B 54 -2.26 13.54 -5.51
N ALA B 55 -2.42 13.00 -6.70
CA ALA B 55 -3.33 11.89 -6.93
C ALA B 55 -2.89 10.66 -6.16
N MET B 56 -1.62 10.31 -6.30
CA MET B 56 -1.05 9.15 -5.61
C MET B 56 -1.05 9.36 -4.10
N SER B 57 -0.98 10.61 -3.68
CA SER B 57 -0.96 10.95 -2.26
C SER B 57 -2.35 10.80 -1.64
N ILE B 58 -3.39 10.98 -2.45
CA ILE B 58 -4.76 10.88 -1.95
C ILE B 58 -5.25 9.43 -1.98
N MET B 59 -4.92 8.70 -3.02
CA MET B 59 -5.35 7.30 -3.13
C MET B 59 -4.51 6.42 -2.21
N ASN B 60 -3.46 7.00 -1.64
CA ASN B 60 -2.57 6.29 -0.72
C ASN B 60 -3.36 5.70 0.44
N SER B 61 -4.33 6.47 0.92
CA SER B 61 -5.17 6.05 2.04
C SER B 61 -6.00 4.81 1.69
N PHE B 62 -6.45 4.72 0.44
CA PHE B 62 -7.24 3.58 -0.01
C PHE B 62 -6.38 2.33 -0.08
N VAL B 63 -5.15 2.48 -0.56
CA VAL B 63 -4.22 1.38 -0.67
C VAL B 63 -3.84 0.88 0.73
N ASN B 64 -3.64 1.83 1.64
CA ASN B 64 -3.28 1.51 3.01
C ASN B 64 -4.38 0.70 3.70
N ASP B 65 -5.61 0.95 3.31
CA ASP B 65 -6.76 0.28 3.92
C ASP B 65 -6.86 -1.17 3.46
N ILE B 66 -6.26 -1.50 2.32
CA ILE B 66 -6.28 -2.85 1.80
C ILE B 66 -5.58 -3.81 2.77
N PHE B 67 -4.55 -3.30 3.44
CA PHE B 67 -3.80 -4.08 4.41
C PHE B 67 -4.72 -4.55 5.53
N GLU B 68 -5.57 -3.64 5.99
CA GLU B 68 -6.52 -3.92 7.06
C GLU B 68 -7.45 -5.08 6.71
N ARG B 69 -7.96 -5.06 5.48
CA ARG B 69 -8.88 -6.09 5.01
C ARG B 69 -8.25 -7.47 5.04
N ILE B 70 -6.98 -7.56 4.65
CA ILE B 70 -6.28 -8.84 4.64
C ILE B 70 -5.85 -9.24 6.05
N ALA B 71 -5.41 -8.25 6.84
CA ALA B 71 -4.96 -8.50 8.20
C ALA B 71 -6.08 -9.04 9.07
N ALA B 72 -7.31 -8.64 8.78
CA ALA B 72 -8.46 -9.08 9.56
C ALA B 72 -8.59 -10.61 9.53
N GLU B 73 -8.59 -11.18 8.33
CA GLU B 73 -8.69 -12.62 8.17
C GLU B 73 -7.40 -13.31 8.58
N ALA B 74 -6.28 -12.63 8.35
CA ALA B 74 -4.98 -13.17 8.72
C ALA B 74 -4.92 -13.41 10.23
N SER B 75 -5.42 -12.43 10.99
CA SER B 75 -5.45 -12.53 12.44
C SER B 75 -6.37 -13.66 12.87
N ARG B 76 -7.49 -13.78 12.17
CA ARG B 76 -8.47 -14.83 12.45
C ARG B 76 -7.84 -16.21 12.27
N LEU B 77 -7.08 -16.38 11.19
CA LEU B 77 -6.41 -17.65 10.91
C LEU B 77 -5.28 -17.88 11.91
N ALA B 78 -4.60 -16.79 12.28
CA ALA B 78 -3.51 -16.85 13.24
C ALA B 78 -4.02 -17.38 14.58
N HIS B 79 -5.28 -17.05 14.87
CA HIS B 79 -5.92 -17.49 16.11
C HIS B 79 -6.12 -19.01 16.09
N TYR B 80 -6.47 -19.54 14.93
CA TYR B 80 -6.70 -20.97 14.77
C TYR B 80 -5.39 -21.74 14.89
N ASN B 81 -4.34 -21.19 14.28
CA ASN B 81 -3.02 -21.82 14.31
C ASN B 81 -2.27 -21.49 15.59
N LYS B 82 -2.79 -20.52 16.34
CA LYS B 82 -2.17 -20.06 17.58
C LYS B 82 -0.77 -19.52 17.31
N ARG B 83 -0.67 -18.68 16.29
CA ARG B 83 0.61 -18.11 15.90
C ARG B 83 0.59 -16.58 15.95
N SER B 84 1.75 -16.00 16.19
CA SER B 84 1.88 -14.55 16.26
C SER B 84 2.55 -14.02 14.99
N THR B 85 3.14 -14.92 14.22
CA THR B 85 3.81 -14.55 12.98
C THR B 85 3.01 -15.05 11.78
N ILE B 86 2.51 -14.13 10.99
CA ILE B 86 1.72 -14.47 9.81
C ILE B 86 2.63 -14.89 8.66
N THR B 87 2.44 -16.11 8.19
CA THR B 87 3.25 -16.61 7.08
C THR B 87 2.63 -16.22 5.75
N SER B 88 3.44 -16.19 4.71
CA SER B 88 2.98 -15.84 3.37
C SER B 88 1.88 -16.80 2.90
N ARG B 89 1.89 -18.02 3.43
CA ARG B 89 0.91 -19.02 3.06
C ARG B 89 -0.46 -18.71 3.66
N GLU B 90 -0.48 -18.31 4.92
CA GLU B 90 -1.73 -17.98 5.60
C GLU B 90 -2.37 -16.75 4.96
N ILE B 91 -1.53 -15.84 4.46
CA ILE B 91 -2.00 -14.64 3.80
C ILE B 91 -2.69 -14.97 2.48
N GLN B 92 -2.17 -15.97 1.79
CA GLN B 92 -2.70 -16.39 0.49
C GLN B 92 -4.19 -16.71 0.58
N THR B 93 -4.58 -17.46 1.61
CA THR B 93 -5.97 -17.82 1.78
C THR B 93 -6.85 -16.60 2.06
N ALA B 94 -6.31 -15.66 2.84
CA ALA B 94 -7.04 -14.44 3.17
C ALA B 94 -7.30 -13.60 1.92
N VAL B 95 -6.30 -13.55 1.05
CA VAL B 95 -6.42 -12.78 -0.20
C VAL B 95 -7.47 -13.42 -1.11
N ARG B 96 -7.47 -14.74 -1.17
CA ARG B 96 -8.41 -15.47 -2.02
C ARG B 96 -9.84 -15.33 -1.49
N LEU B 97 -9.97 -14.98 -0.22
CA LEU B 97 -11.28 -14.80 0.39
C LEU B 97 -11.84 -13.43 -0.01
N LEU B 98 -10.95 -12.48 -0.26
CA LEU B 98 -11.35 -11.14 -0.66
C LEU B 98 -11.55 -11.08 -2.17
N LEU B 99 -10.67 -11.76 -2.89
CA LEU B 99 -10.73 -11.80 -4.35
C LEU B 99 -11.05 -13.21 -4.83
N PRO B 100 -12.34 -13.52 -5.02
CA PRO B 100 -12.78 -14.83 -5.45
C PRO B 100 -12.86 -14.95 -6.97
N GLY B 101 -12.31 -13.96 -7.67
CA GLY B 101 -12.31 -13.97 -9.12
C GLY B 101 -11.28 -14.92 -9.70
N GLU B 102 -11.51 -15.37 -10.93
CA GLU B 102 -10.59 -16.28 -11.60
C GLU B 102 -9.24 -15.62 -11.83
N LEU B 103 -9.25 -14.50 -12.54
CA LEU B 103 -8.01 -13.79 -12.83
C LEU B 103 -7.36 -13.27 -11.55
N ALA B 104 -8.16 -13.06 -10.51
CA ALA B 104 -7.64 -12.59 -9.24
C ALA B 104 -6.69 -13.61 -8.64
N LYS B 105 -6.95 -14.87 -8.92
CA LYS B 105 -6.12 -15.96 -8.42
C LYS B 105 -4.96 -16.24 -9.37
N HIS B 106 -4.76 -15.36 -10.35
CA HIS B 106 -3.69 -15.53 -11.32
C HIS B 106 -2.80 -14.29 -11.38
N ALA B 107 -3.41 -13.13 -11.60
CA ALA B 107 -2.68 -11.88 -11.70
C ALA B 107 -1.88 -11.58 -10.44
N VAL B 108 -2.46 -11.91 -9.29
CA VAL B 108 -1.79 -11.68 -8.01
C VAL B 108 -0.58 -12.62 -7.88
N SER B 109 -0.77 -13.87 -8.26
CA SER B 109 0.29 -14.87 -8.21
C SER B 109 1.42 -14.52 -9.17
N GLU B 110 1.06 -13.84 -10.27
CA GLU B 110 2.04 -13.44 -11.26
C GLU B 110 2.81 -12.25 -10.72
N GLY B 111 2.10 -11.42 -9.97
CA GLY B 111 2.70 -10.24 -9.38
C GLY B 111 3.72 -10.61 -8.32
N THR B 112 3.49 -11.73 -7.63
CA THR B 112 4.42 -12.19 -6.59
C THR B 112 5.82 -12.32 -7.18
N LYS B 113 5.88 -12.83 -8.41
CA LYS B 113 7.13 -13.02 -9.10
C LYS B 113 7.60 -11.70 -9.71
N ALA B 114 6.68 -10.77 -9.90
CA ALA B 114 7.01 -9.48 -10.49
C ALA B 114 7.68 -8.56 -9.49
N VAL B 115 7.07 -8.44 -8.31
CA VAL B 115 7.61 -7.58 -7.26
C VAL B 115 8.96 -8.09 -6.80
N THR B 116 9.16 -9.41 -6.87
CA THR B 116 10.43 -10.02 -6.49
C THR B 116 11.54 -9.48 -7.38
N LYS B 117 11.19 -9.20 -8.63
CA LYS B 117 12.13 -8.67 -9.60
C LYS B 117 12.29 -7.17 -9.42
N TYR B 118 11.52 -6.58 -8.49
CA TYR B 118 11.60 -5.14 -8.27
C TYR B 118 12.59 -4.81 -7.16
N THR B 119 12.79 -5.77 -6.26
CA THR B 119 13.72 -5.59 -5.16
C THR B 119 15.11 -6.03 -5.55
N SER B 120 15.21 -6.71 -6.70
CA SER B 120 16.47 -7.23 -7.20
C SER B 120 17.11 -8.15 -6.15
N SER B 121 16.43 -9.23 -5.86
CA SER B 121 16.90 -10.21 -4.88
C SER B 121 18.05 -11.03 -5.46
N LYS B 122 18.72 -11.78 -4.59
CA LYS B 122 19.85 -12.60 -5.00
C LYS B 122 19.36 -13.92 -5.61
N SER A 1 49.44 -1.92 -15.59
CA SER A 1 48.27 -2.67 -16.09
C SER A 1 47.58 -1.94 -17.19
N GLY A 2 46.33 -2.32 -17.43
CA GLY A 2 45.57 -1.65 -18.43
C GLY A 2 44.49 -0.93 -17.70
N ARG A 3 43.89 0.08 -18.36
CA ARG A 3 42.82 0.86 -17.77
C ARG A 3 41.66 -0.06 -17.51
N GLY A 4 41.39 -0.96 -18.49
CA GLY A 4 40.31 -1.89 -18.40
C GLY A 4 39.10 -1.25 -19.01
N LYS A 5 38.07 -2.08 -19.25
CA LYS A 5 36.82 -1.61 -19.79
C LYS A 5 35.89 -1.50 -18.62
N GLY A 6 34.82 -0.69 -18.77
CA GLY A 6 33.87 -0.48 -17.72
C GLY A 6 33.23 -1.79 -17.36
N GLY A 7 32.93 -2.62 -18.37
CA GLY A 7 32.31 -3.87 -18.08
C GLY A 7 33.21 -4.91 -18.64
N LYS A 8 32.86 -6.18 -18.39
CA LYS A 8 33.61 -7.28 -18.92
C LYS A 8 32.79 -7.86 -20.03
N VAL A 9 33.45 -8.59 -20.97
CA VAL A 9 32.85 -9.18 -22.15
C VAL A 9 31.83 -10.26 -21.87
N LYS A 10 32.13 -11.26 -21.02
CA LYS A 10 31.19 -12.31 -20.73
C LYS A 10 30.67 -12.01 -19.36
N GLY A 11 29.41 -12.34 -19.11
CA GLY A 11 28.83 -12.08 -17.83
C GLY A 11 27.36 -12.24 -17.96
N LYS A 12 26.61 -11.89 -16.90
CA LYS A 12 25.19 -11.98 -16.89
C LYS A 12 24.67 -10.62 -17.22
N ALA A 13 23.51 -10.57 -17.90
CA ALA A 13 22.97 -9.28 -18.21
C ALA A 13 21.65 -9.19 -17.52
N LYS A 14 21.31 -7.98 -17.03
CA LYS A 14 20.05 -7.61 -16.42
C LYS A 14 19.58 -8.59 -15.40
N SER A 15 20.45 -9.07 -14.49
CA SER A 15 20.00 -10.01 -13.51
C SER A 15 19.72 -9.23 -12.26
N ARG A 16 18.50 -9.37 -11.71
CA ARG A 16 18.15 -8.62 -10.55
C ARG A 16 17.80 -9.60 -9.50
N SER A 17 18.23 -9.32 -8.24
CA SER A 17 17.87 -10.06 -7.06
C SER A 17 16.44 -9.81 -6.69
N ASN A 18 16.15 -8.56 -6.27
CA ASN A 18 14.84 -8.22 -5.82
C ASN A 18 14.09 -7.49 -6.88
N ARG A 19 12.80 -7.23 -6.54
CA ARG A 19 11.78 -6.61 -7.34
C ARG A 19 12.16 -5.20 -7.65
N ALA A 20 11.99 -4.83 -8.94
CA ALA A 20 12.21 -3.50 -9.42
C ALA A 20 10.94 -2.76 -9.17
N GLY A 21 11.03 -1.42 -9.05
CA GLY A 21 9.87 -0.67 -8.69
C GLY A 21 10.16 -0.22 -7.31
N LEU A 22 9.15 -0.18 -6.42
CA LEU A 22 9.50 0.24 -5.07
C LEU A 22 9.48 -0.94 -4.11
N GLN A 23 9.76 -0.67 -2.84
CA GLN A 23 9.78 -1.73 -1.84
C GLN A 23 8.75 -1.45 -0.75
N PHE A 24 8.38 -2.49 -0.03
CA PHE A 24 7.39 -2.39 1.04
C PHE A 24 8.02 -1.83 2.31
N PRO A 25 7.26 -1.04 3.08
CA PRO A 25 7.72 -0.43 4.32
C PRO A 25 7.68 -1.42 5.51
N VAL A 26 8.77 -2.17 5.66
CA VAL A 26 8.88 -3.15 6.75
C VAL A 26 8.67 -2.49 8.11
N GLY A 27 9.21 -1.29 8.26
CA GLY A 27 9.08 -0.56 9.51
C GLY A 27 7.64 -0.31 9.87
N ARG A 28 6.88 0.26 8.93
CA ARG A 28 5.47 0.56 9.15
C ARG A 28 4.69 -0.72 9.45
N ILE A 29 5.03 -1.78 8.73
CA ILE A 29 4.36 -3.06 8.91
C ILE A 29 4.59 -3.61 10.32
N HIS A 30 5.84 -3.73 10.73
CA HIS A 30 6.16 -4.26 12.06
C HIS A 30 5.61 -3.37 13.16
N ARG A 31 5.69 -2.06 12.96
CA ARG A 31 5.19 -1.10 13.93
C ARG A 31 3.72 -1.34 14.22
N LEU A 32 2.92 -1.47 13.17
CA LEU A 32 1.49 -1.69 13.30
C LEU A 32 1.18 -3.09 13.80
N LEU A 33 1.96 -4.08 13.35
CA LEU A 33 1.75 -5.47 13.77
C LEU A 33 1.82 -5.61 15.29
N ARG A 34 2.87 -5.05 15.88
CA ARG A 34 3.07 -5.12 17.33
C ARG A 34 2.09 -4.20 18.05
N LYS A 35 1.82 -3.06 17.45
CA LYS A 35 0.92 -2.06 18.02
C LYS A 35 -0.49 -2.63 18.20
N GLY A 36 -0.97 -3.37 17.21
CA GLY A 36 -2.30 -3.94 17.26
C GLY A 36 -2.31 -5.40 17.69
N ASN A 37 -1.13 -5.94 18.00
CA ASN A 37 -0.99 -7.33 18.43
C ASN A 37 -1.62 -8.28 17.41
N TYR A 38 -1.23 -8.13 16.15
CA TYR A 38 -1.78 -8.94 15.07
C TYR A 38 -1.40 -10.40 15.22
N ALA A 39 -0.11 -10.70 15.06
CA ALA A 39 0.37 -12.08 15.19
C ALA A 39 1.72 -12.08 15.92
N GLU A 40 2.08 -13.24 16.46
CA GLU A 40 3.33 -13.37 17.19
C GLU A 40 4.52 -13.24 16.25
N ARG A 41 4.56 -14.09 15.23
CA ARG A 41 5.64 -14.07 14.26
C ARG A 41 5.10 -14.12 12.85
N VAL A 42 5.66 -13.28 11.98
CA VAL A 42 5.26 -13.21 10.60
C VAL A 42 6.44 -13.52 9.69
N GLY A 43 6.23 -14.41 8.72
CA GLY A 43 7.30 -14.77 7.81
C GLY A 43 7.72 -13.60 6.95
N ALA A 44 8.99 -13.57 6.57
CA ALA A 44 9.53 -12.48 5.75
C ALA A 44 8.86 -12.44 4.38
N GLY A 45 8.38 -13.59 3.92
CA GLY A 45 7.72 -13.65 2.62
C GLY A 45 6.26 -13.24 2.68
N ALA A 46 5.73 -13.07 3.89
CA ALA A 46 4.33 -12.69 4.06
C ALA A 46 4.06 -11.26 3.57
N PRO A 47 4.80 -10.24 4.06
CA PRO A 47 4.59 -8.86 3.64
C PRO A 47 4.82 -8.68 2.14
N VAL A 48 5.65 -9.55 1.57
CA VAL A 48 5.96 -9.50 0.14
C VAL A 48 4.71 -9.81 -0.68
N TYR A 49 3.93 -10.78 -0.20
CA TYR A 49 2.70 -11.16 -0.86
C TYR A 49 1.72 -10.01 -0.81
N LEU A 50 1.58 -9.40 0.37
CA LEU A 50 0.68 -8.28 0.56
C LEU A 50 1.08 -7.10 -0.34
N ALA A 51 2.38 -6.85 -0.40
CA ALA A 51 2.91 -5.76 -1.21
C ALA A 51 2.60 -5.98 -2.68
N ALA A 52 2.78 -7.21 -3.15
CA ALA A 52 2.50 -7.57 -4.53
C ALA A 52 1.03 -7.28 -4.87
N VAL A 53 0.14 -7.67 -3.98
CA VAL A 53 -1.28 -7.43 -4.17
C VAL A 53 -1.56 -5.93 -4.20
N MET A 54 -0.91 -5.21 -3.29
CA MET A 54 -1.05 -3.76 -3.21
C MET A 54 -0.64 -3.10 -4.52
N GLU A 55 0.47 -3.57 -5.07
CA GLU A 55 0.98 -3.05 -6.34
C GLU A 55 -0.02 -3.34 -7.47
N TYR A 56 -0.55 -4.56 -7.48
CA TYR A 56 -1.52 -4.97 -8.50
C TYR A 56 -2.77 -4.10 -8.43
N LEU A 57 -3.22 -3.82 -7.20
CA LEU A 57 -4.40 -2.99 -6.99
C LEU A 57 -4.20 -1.60 -7.57
N ALA A 58 -3.04 -1.02 -7.29
CA ALA A 58 -2.70 0.31 -7.78
C ALA A 58 -2.69 0.34 -9.30
N ALA A 59 -2.17 -0.73 -9.91
CA ALA A 59 -2.09 -0.82 -11.36
C ALA A 59 -3.48 -0.88 -11.98
N GLU A 60 -4.39 -1.60 -11.32
CA GLU A 60 -5.76 -1.74 -11.80
C GLU A 60 -6.49 -0.39 -11.74
N VAL A 61 -6.36 0.29 -10.60
CA VAL A 61 -6.99 1.59 -10.42
C VAL A 61 -6.44 2.60 -11.42
N LEU A 62 -5.15 2.47 -11.73
CA LEU A 62 -4.48 3.35 -12.68
C LEU A 62 -5.15 3.27 -14.04
N GLU A 63 -5.52 2.07 -14.47
CA GLU A 63 -6.17 1.90 -15.75
C GLU A 63 -7.58 2.49 -15.72
N LEU A 64 -8.30 2.20 -14.64
CA LEU A 64 -9.66 2.69 -14.47
C LEU A 64 -9.70 4.22 -14.49
N ALA A 65 -8.79 4.84 -13.76
CA ALA A 65 -8.73 6.30 -13.69
C ALA A 65 -8.14 6.89 -14.98
N GLY A 66 -7.09 6.26 -15.47
CA GLY A 66 -6.43 6.72 -16.68
C GLY A 66 -7.35 6.73 -17.88
N ASN A 67 -8.23 5.73 -17.96
CA ASN A 67 -9.18 5.64 -19.07
C ASN A 67 -10.08 6.85 -19.09
N ALA A 68 -10.55 7.25 -17.90
CA ALA A 68 -11.40 8.41 -17.77
C ALA A 68 -10.63 9.69 -18.05
N ALA A 69 -9.35 9.70 -17.68
CA ALA A 69 -8.49 10.86 -17.90
C ALA A 69 -8.29 11.10 -19.39
N ARG A 70 -7.97 10.04 -20.13
CA ARG A 70 -7.77 10.15 -21.57
C ARG A 70 -9.08 10.55 -22.26
N ASP A 71 -10.18 10.00 -21.75
CA ASP A 71 -11.51 10.26 -22.28
C ASP A 71 -11.94 11.71 -22.01
N ASN A 72 -11.37 12.29 -20.96
CA ASN A 72 -11.68 13.66 -20.59
C ASN A 72 -10.70 14.63 -21.22
N LYS A 73 -9.71 14.07 -21.92
CA LYS A 73 -8.67 14.86 -22.60
C LYS A 73 -7.90 15.70 -21.59
N LYS A 74 -7.79 15.20 -20.36
CA LYS A 74 -7.09 15.91 -19.31
C LYS A 74 -5.66 15.39 -19.19
N THR A 75 -4.73 16.30 -19.06
CA THR A 75 -3.33 15.94 -18.93
C THR A 75 -3.01 15.52 -17.50
N ARG A 76 -3.64 16.17 -16.54
CA ARG A 76 -3.43 15.85 -15.14
C ARG A 76 -4.66 15.20 -14.54
N ILE A 77 -4.50 13.98 -14.06
CA ILE A 77 -5.58 13.24 -13.44
C ILE A 77 -6.04 13.96 -12.18
N ILE A 78 -7.33 14.31 -12.14
CA ILE A 78 -7.88 15.02 -10.99
C ILE A 78 -8.53 14.04 -10.01
N PRO A 79 -8.69 14.45 -8.74
CA PRO A 79 -9.29 13.60 -7.69
C PRO A 79 -10.65 13.02 -8.09
N ARG A 80 -11.39 13.74 -8.93
CA ARG A 80 -12.69 13.29 -9.39
C ARG A 80 -12.57 12.01 -10.21
N HIS A 81 -11.46 11.87 -10.93
CA HIS A 81 -11.22 10.69 -11.74
C HIS A 81 -10.99 9.48 -10.85
N LEU A 82 -10.38 9.72 -9.70
CA LEU A 82 -10.12 8.65 -8.74
C LEU A 82 -11.43 8.11 -8.21
N GLN A 83 -12.38 9.01 -7.98
CA GLN A 83 -13.70 8.64 -7.48
C GLN A 83 -14.40 7.71 -8.46
N LEU A 84 -14.33 8.07 -9.74
CA LEU A 84 -14.95 7.29 -10.79
C LEU A 84 -14.26 5.93 -10.93
N ALA A 85 -12.97 5.89 -10.66
CA ALA A 85 -12.21 4.65 -10.73
C ALA A 85 -12.67 3.67 -9.67
N ILE A 86 -12.96 4.19 -8.48
CA ILE A 86 -13.44 3.37 -7.37
C ILE A 86 -14.86 2.88 -7.65
N ARG A 87 -15.64 3.73 -8.29
CA ARG A 87 -17.02 3.42 -8.64
C ARG A 87 -17.09 2.68 -9.97
N ASN A 88 -16.47 1.52 -10.02
CA ASN A 88 -16.45 0.70 -11.23
C ASN A 88 -16.89 -0.72 -10.92
N ASP A 89 -16.25 -1.33 -9.92
CA ASP A 89 -16.60 -2.68 -9.50
C ASP A 89 -17.32 -2.63 -8.17
N GLU A 90 -18.35 -3.45 -8.02
CA GLU A 90 -19.13 -3.48 -6.79
C GLU A 90 -18.68 -4.58 -5.84
N GLU A 91 -18.34 -5.74 -6.41
CA GLU A 91 -17.93 -6.90 -5.61
C GLU A 91 -16.74 -6.57 -4.70
N LEU A 92 -15.65 -6.09 -5.27
CA LEU A 92 -14.45 -5.76 -4.51
C LEU A 92 -14.75 -4.72 -3.44
N ASN A 93 -15.49 -3.68 -3.82
CA ASN A 93 -15.82 -2.61 -2.89
C ASN A 93 -16.64 -3.12 -1.71
N LYS A 94 -17.63 -3.96 -2.00
CA LYS A 94 -18.48 -4.51 -0.95
C LYS A 94 -17.72 -5.51 -0.08
N LEU A 95 -16.78 -6.24 -0.68
CA LEU A 95 -15.99 -7.21 0.06
C LEU A 95 -15.04 -6.52 1.02
N LEU A 96 -14.43 -5.42 0.57
CA LEU A 96 -13.52 -4.66 1.41
C LEU A 96 -14.26 -3.99 2.55
N SER A 97 -15.51 -3.60 2.29
CA SER A 97 -16.34 -2.94 3.28
C SER A 97 -16.97 -3.96 4.23
N GLY A 98 -18.31 -3.93 4.28
CA GLY A 98 -19.05 -4.74 5.20
C GLY A 98 -19.24 -3.92 6.45
N VAL A 99 -20.16 -4.36 7.34
CA VAL A 99 -20.43 -3.66 8.56
C VAL A 99 -19.22 -3.67 9.46
N THR A 100 -18.72 -4.86 9.84
CA THR A 100 -17.51 -4.99 10.61
C THR A 100 -16.87 -6.21 10.02
N ILE A 101 -15.55 -6.36 10.17
CA ILE A 101 -14.79 -7.45 9.61
C ILE A 101 -15.31 -8.77 10.15
N ALA A 102 -15.67 -8.85 11.45
CA ALA A 102 -16.17 -10.09 12.00
C ALA A 102 -17.50 -10.47 11.40
N GLN A 103 -18.44 -9.49 11.39
CA GLN A 103 -19.80 -9.47 10.92
C GLN A 103 -20.68 -10.51 11.56
N GLY A 104 -21.38 -10.08 12.64
CA GLY A 104 -22.35 -10.90 13.28
C GLY A 104 -23.67 -10.39 12.80
N GLY A 105 -24.77 -10.71 13.51
CA GLY A 105 -26.02 -10.13 13.09
C GLY A 105 -26.03 -8.72 13.55
N VAL A 106 -25.98 -7.77 12.59
CA VAL A 106 -25.95 -6.39 12.93
C VAL A 106 -26.94 -5.75 11.99
N LEU A 107 -27.77 -4.82 12.50
CA LEU A 107 -28.72 -4.12 11.65
C LEU A 107 -28.24 -2.69 11.45
N PRO A 108 -27.92 -2.24 10.25
CA PRO A 108 -27.47 -0.88 10.14
C PRO A 108 -28.61 0.07 10.27
N ASN A 109 -28.52 1.02 11.21
CA ASN A 109 -29.52 2.03 11.32
C ASN A 109 -28.85 3.20 11.96
N ILE A 110 -29.14 4.42 11.44
CA ILE A 110 -28.55 5.67 11.89
C ILE A 110 -29.02 6.07 13.27
N GLN A 111 -30.36 6.13 13.51
CA GLN A 111 -30.87 6.50 14.80
C GLN A 111 -31.26 5.22 15.48
N ALA A 112 -31.18 5.14 16.81
CA ALA A 112 -31.55 3.89 17.43
C ALA A 112 -33.01 3.66 17.24
N VAL A 113 -33.34 2.65 16.41
CA VAL A 113 -34.71 2.31 16.17
C VAL A 113 -34.73 0.85 15.84
N LEU A 114 -35.91 0.20 15.95
CA LEU A 114 -36.00 -1.20 15.60
C LEU A 114 -36.41 -1.23 14.16
N LEU A 115 -35.62 -1.94 13.31
CA LEU A 115 -35.89 -2.09 11.90
C LEU A 115 -37.04 -3.04 11.59
N PRO A 116 -37.24 -4.20 12.22
CA PRO A 116 -38.43 -4.95 11.94
C PRO A 116 -39.55 -4.34 12.71
N LYS A 117 -40.81 -4.60 12.28
CA LYS A 117 -41.98 -4.10 12.94
C LYS A 117 -42.37 -5.07 14.02
N LYS A 118 -42.72 -4.52 15.21
CA LYS A 118 -43.14 -5.26 16.39
C LYS A 118 -44.48 -5.93 16.22
N THR A 119 -45.52 -5.18 15.79
CA THR A 119 -46.81 -5.77 15.61
C THR A 119 -47.06 -5.67 14.16
N GLU A 120 -47.67 -6.71 13.55
CA GLU A 120 -47.92 -6.66 12.15
C GLU A 120 -49.31 -6.25 11.81
N LYS A 121 -49.41 -5.97 10.50
CA LYS A 121 -50.56 -5.58 9.74
C LYS A 121 -50.88 -6.84 8.97
N LYS A 122 -51.85 -6.75 8.02
CA LYS A 122 -52.21 -7.83 7.12
C LYS A 122 -52.66 -9.07 7.87
N ALA A 123 -53.27 -8.91 9.06
CA ALA A 123 -53.67 -10.07 9.81
C ALA A 123 -55.20 -10.21 9.75
N PRO B 1 23.93 51.67 7.88
CA PRO B 1 23.11 50.71 7.08
C PRO B 1 22.82 49.49 7.95
N PRO B 2 22.11 48.46 7.50
CA PRO B 2 21.52 47.42 8.34
C PRO B 2 22.31 46.58 9.30
N LYS B 3 23.66 46.44 9.22
CA LYS B 3 24.46 45.61 10.10
C LYS B 3 24.64 44.30 9.39
N THR B 4 23.56 43.49 9.37
CA THR B 4 23.62 42.23 8.68
C THR B 4 23.81 42.52 7.23
N SER B 5 25.05 42.28 6.75
CA SER B 5 25.46 42.44 5.38
C SER B 5 25.01 41.29 4.52
N GLY B 6 25.15 40.06 5.05
CA GLY B 6 24.89 38.88 4.31
C GLY B 6 26.23 38.44 3.82
N LYS B 7 26.33 37.18 3.41
CA LYS B 7 27.56 36.71 2.88
C LYS B 7 27.13 36.14 1.56
N ALA B 8 27.93 36.33 0.49
CA ALA B 8 27.52 35.80 -0.79
C ALA B 8 27.48 34.30 -0.68
N ALA B 9 26.24 33.77 -0.67
CA ALA B 9 25.92 32.38 -0.59
C ALA B 9 24.43 32.36 -0.47
N LYS B 10 23.79 31.23 -0.82
CA LYS B 10 22.37 31.19 -0.63
C LYS B 10 21.99 29.78 -0.39
N LYS B 11 21.40 29.50 0.80
CA LYS B 11 20.96 28.16 1.11
C LYS B 11 19.84 27.84 0.17
N ALA B 12 20.03 26.81 -0.67
CA ALA B 12 19.06 26.49 -1.67
C ALA B 12 19.33 25.12 -2.17
N GLY B 13 18.42 24.63 -3.03
CA GLY B 13 18.55 23.32 -3.60
C GLY B 13 17.57 22.45 -2.91
N LYS B 14 16.43 22.21 -3.58
CA LYS B 14 15.41 21.35 -3.08
C LYS B 14 15.33 20.22 -4.05
N ALA B 15 15.27 18.96 -3.54
CA ALA B 15 15.15 17.77 -4.36
C ALA B 15 13.84 17.74 -5.08
N GLN B 16 12.72 18.04 -4.37
CA GLN B 16 11.41 18.06 -4.94
C GLN B 16 11.05 19.49 -5.23
N LYS B 17 9.92 19.66 -5.95
CA LYS B 17 9.34 20.94 -6.29
C LYS B 17 8.45 21.35 -5.14
N ASN B 18 8.32 22.68 -4.91
CA ASN B 18 7.59 23.22 -3.79
C ASN B 18 6.18 22.68 -3.73
N ILE B 19 5.46 22.56 -4.88
CA ILE B 19 4.08 22.11 -4.83
C ILE B 19 3.97 20.62 -4.98
N THR B 20 4.82 19.88 -4.26
CA THR B 20 4.73 18.46 -4.24
C THR B 20 5.00 18.05 -2.82
N LYS B 21 3.99 17.40 -2.21
CA LYS B 21 4.03 16.85 -0.88
C LYS B 21 2.73 16.17 -0.66
N THR B 22 2.70 15.12 0.18
CA THR B 22 1.44 14.50 0.42
C THR B 22 1.03 14.85 1.80
N ASP B 23 -0.31 14.97 2.01
CA ASP B 23 -0.87 15.28 3.30
C ASP B 23 -0.70 14.12 4.25
N LYS B 24 -1.34 12.97 3.89
CA LYS B 24 -1.42 11.70 4.58
C LYS B 24 -2.21 11.75 5.85
N LYS B 25 -2.73 10.55 6.21
CA LYS B 25 -3.57 10.20 7.34
C LYS B 25 -2.89 10.29 8.69
N LYS B 26 -1.60 9.89 8.82
CA LYS B 26 -0.94 9.89 10.09
C LYS B 26 0.00 11.06 10.13
N LYS B 27 0.31 11.55 11.37
CA LYS B 27 1.15 12.70 11.62
C LYS B 27 2.63 12.47 11.34
N ARG B 28 3.17 11.26 11.66
CA ARG B 28 4.57 10.96 11.42
C ARG B 28 4.71 10.60 9.97
N LYS B 29 5.72 11.20 9.29
CA LYS B 29 6.01 10.88 7.91
C LYS B 29 7.05 9.80 8.01
N ARG B 30 6.86 8.73 7.22
CA ARG B 30 7.70 7.58 7.14
C ARG B 30 7.71 7.21 5.67
N LYS B 31 8.22 6.01 5.33
CA LYS B 31 8.42 5.48 4.00
C LYS B 31 7.16 5.43 3.16
N GLU B 32 5.94 5.38 3.78
CA GLU B 32 4.65 5.31 3.10
C GLU B 32 4.65 6.23 1.93
N SER B 33 4.73 5.61 0.74
CA SER B 33 4.84 6.36 -0.49
C SER B 33 5.03 5.42 -1.68
N TYR B 34 4.15 5.55 -2.67
CA TYR B 34 4.23 4.73 -3.86
C TYR B 34 4.03 5.57 -5.11
N ALA B 35 4.25 6.88 -4.95
CA ALA B 35 4.09 7.83 -6.04
C ALA B 35 4.97 7.46 -7.24
N ILE B 36 6.22 7.10 -6.98
CA ILE B 36 7.15 6.74 -8.05
C ILE B 36 6.66 5.49 -8.78
N TYR B 37 6.17 4.52 -8.01
CA TYR B 37 5.68 3.27 -8.58
C TYR B 37 4.44 3.54 -9.42
N ILE B 38 3.55 4.37 -8.89
CA ILE B 38 2.32 4.73 -9.59
C ILE B 38 2.63 5.41 -10.91
N TYR B 39 3.55 6.37 -10.89
CA TYR B 39 3.94 7.10 -12.10
C TYR B 39 4.59 6.17 -13.11
N LYS B 40 5.32 5.17 -12.61
CA LYS B 40 5.99 4.21 -13.47
C LYS B 40 4.97 3.37 -14.24
N VAL B 41 4.02 2.80 -13.51
CA VAL B 41 2.99 1.96 -14.12
C VAL B 41 2.03 2.80 -14.96
N LEU B 42 1.82 4.05 -14.55
CA LEU B 42 0.93 4.95 -15.26
C LEU B 42 1.33 5.08 -16.73
N LYS B 43 2.62 5.33 -16.97
CA LYS B 43 3.11 5.49 -18.33
C LYS B 43 3.12 4.16 -19.10
N GLN B 44 2.98 3.07 -18.38
CA GLN B 44 2.96 1.75 -19.01
C GLN B 44 1.57 1.44 -19.54
N VAL B 45 0.55 1.90 -18.84
CA VAL B 45 -0.82 1.66 -19.24
C VAL B 45 -1.39 2.85 -20.02
N HIS B 46 -1.12 4.05 -19.54
CA HIS B 46 -1.61 5.26 -20.19
C HIS B 46 -0.47 6.26 -20.41
N PRO B 47 0.25 6.13 -21.54
CA PRO B 47 1.37 7.01 -21.86
C PRO B 47 0.92 8.46 -22.06
N ASP B 48 1.82 9.39 -21.80
CA ASP B 48 1.55 10.84 -21.95
C ASP B 48 0.45 11.28 -20.99
N THR B 49 0.60 10.93 -19.73
CA THR B 49 -0.37 11.29 -18.70
C THR B 49 0.33 11.73 -17.41
N GLY B 50 -0.26 12.70 -16.73
CA GLY B 50 0.31 13.18 -15.49
C GLY B 50 -0.72 13.18 -14.38
N ILE B 51 -0.28 13.31 -13.14
CA ILE B 51 -1.19 13.32 -12.00
C ILE B 51 -1.10 14.63 -11.25
N SER B 52 -2.22 15.09 -10.71
CA SER B 52 -2.25 16.34 -9.96
C SER B 52 -1.74 16.12 -8.54
N SER B 53 -1.34 17.19 -7.87
CA SER B 53 -0.83 17.13 -6.51
C SER B 53 -1.84 16.49 -5.56
N LYS B 54 -3.09 16.92 -5.66
CA LYS B 54 -4.14 16.40 -4.81
C LYS B 54 -4.41 14.93 -5.09
N ALA B 55 -4.59 14.59 -6.37
CA ALA B 55 -4.85 13.22 -6.76
C ALA B 55 -3.72 12.29 -6.35
N MET B 56 -2.48 12.74 -6.54
CA MET B 56 -1.32 11.95 -6.17
C MET B 56 -1.31 11.62 -4.68
N SER B 57 -1.68 12.60 -3.87
CA SER B 57 -1.73 12.44 -2.42
C SER B 57 -2.90 11.55 -2.01
N ILE B 58 -4.09 11.85 -2.51
CA ILE B 58 -5.28 11.07 -2.17
C ILE B 58 -5.14 9.62 -2.62
N MET B 59 -4.56 9.40 -3.80
CA MET B 59 -4.37 8.07 -4.33
C MET B 59 -3.42 7.26 -3.43
N ASN B 60 -2.36 7.91 -2.98
CA ASN B 60 -1.37 7.26 -2.11
C ASN B 60 -2.02 6.81 -0.80
N SER B 61 -2.92 7.64 -0.28
CA SER B 61 -3.62 7.33 0.96
C SER B 61 -4.65 6.22 0.71
N PHE B 62 -5.29 6.27 -0.44
CA PHE B 62 -6.32 5.29 -0.81
C PHE B 62 -5.73 3.89 -0.88
N VAL B 63 -4.61 3.74 -1.59
CA VAL B 63 -3.97 2.43 -1.73
C VAL B 63 -3.44 1.93 -0.38
N ASN B 64 -3.07 2.87 0.50
CA ASN B 64 -2.55 2.50 1.82
C ASN B 64 -3.66 1.93 2.68
N ASP B 65 -4.86 2.51 2.56
CA ASP B 65 -6.02 2.06 3.32
C ASP B 65 -6.34 0.61 3.01
N ILE B 66 -6.39 0.28 1.72
CA ILE B 66 -6.70 -1.07 1.29
C ILE B 66 -5.66 -2.05 1.81
N PHE B 67 -4.39 -1.67 1.71
CA PHE B 67 -3.28 -2.50 2.18
C PHE B 67 -3.47 -2.87 3.64
N GLU B 68 -3.73 -1.86 4.46
CA GLU B 68 -3.95 -2.06 5.89
C GLU B 68 -5.17 -2.93 6.14
N ARG B 69 -6.21 -2.70 5.34
CA ARG B 69 -7.45 -3.47 5.44
C ARG B 69 -7.20 -4.96 5.16
N ILE B 70 -6.35 -5.23 4.18
CA ILE B 70 -6.01 -6.60 3.81
C ILE B 70 -5.14 -7.26 4.89
N ALA B 71 -4.30 -6.46 5.53
CA ALA B 71 -3.41 -6.94 6.57
C ALA B 71 -4.19 -7.45 7.78
N ALA B 72 -5.30 -6.79 8.07
CA ALA B 72 -6.14 -7.16 9.20
C ALA B 72 -6.76 -8.55 9.01
N GLU B 73 -7.05 -8.89 7.76
CA GLU B 73 -7.66 -10.18 7.44
C GLU B 73 -6.63 -11.30 7.51
N ALA B 74 -5.37 -10.96 7.21
CA ALA B 74 -4.28 -11.93 7.22
C ALA B 74 -4.14 -12.61 8.59
N SER B 75 -4.07 -11.79 9.63
CA SER B 75 -3.93 -12.30 10.99
C SER B 75 -5.21 -12.96 11.47
N ARG B 76 -6.35 -12.42 11.03
CA ARG B 76 -7.65 -12.96 11.41
C ARG B 76 -7.78 -14.43 10.99
N LEU B 77 -7.41 -14.70 9.75
CA LEU B 77 -7.49 -16.06 9.21
C LEU B 77 -6.50 -16.97 9.90
N ALA B 78 -5.31 -16.44 10.21
CA ALA B 78 -4.27 -17.22 10.87
C ALA B 78 -4.74 -17.66 12.26
N HIS B 79 -5.36 -16.76 12.99
CA HIS B 79 -5.86 -17.06 14.34
C HIS B 79 -6.98 -18.09 14.27
N TYR B 80 -7.80 -18.01 13.23
CA TYR B 80 -8.91 -18.94 13.06
C TYR B 80 -8.40 -20.34 12.75
N ASN B 81 -7.16 -20.42 12.27
CA ASN B 81 -6.55 -21.70 11.94
C ASN B 81 -5.60 -22.14 13.06
N LYS B 82 -5.68 -21.46 14.20
CA LYS B 82 -4.84 -21.76 15.36
C LYS B 82 -3.36 -21.67 15.00
N ARG B 83 -3.02 -20.64 14.24
CA ARG B 83 -1.64 -20.44 13.81
C ARG B 83 -1.18 -19.03 14.16
N SER B 84 -0.12 -18.94 14.95
CA SER B 84 0.43 -17.66 15.35
C SER B 84 1.50 -17.19 14.37
N THR B 85 1.53 -17.83 13.22
CA THR B 85 2.49 -17.52 12.18
C THR B 85 1.78 -17.29 10.85
N ILE B 86 1.80 -16.07 10.35
CA ILE B 86 1.15 -15.75 9.10
C ILE B 86 2.05 -16.13 7.93
N THR B 87 1.65 -17.16 7.21
CA THR B 87 2.40 -17.63 6.06
C THR B 87 1.63 -17.35 4.76
N SER B 88 2.19 -17.77 3.64
CA SER B 88 1.56 -17.56 2.34
C SER B 88 0.20 -18.26 2.28
N ARG B 89 0.12 -19.46 2.87
CA ARG B 89 -1.10 -20.24 2.89
C ARG B 89 -2.28 -19.46 3.48
N GLU B 90 -2.02 -18.75 4.57
CA GLU B 90 -3.06 -17.99 5.25
C GLU B 90 -3.45 -16.73 4.46
N ILE B 91 -2.46 -16.12 3.80
CA ILE B 91 -2.72 -14.91 3.03
C ILE B 91 -3.48 -15.22 1.75
N GLN B 92 -3.15 -16.35 1.12
CA GLN B 92 -3.78 -16.77 -0.12
C GLN B 92 -5.28 -16.98 0.07
N THR B 93 -5.67 -17.40 1.28
CA THR B 93 -7.08 -17.62 1.59
C THR B 93 -7.85 -16.30 1.55
N ALA B 94 -7.22 -15.23 2.02
CA ALA B 94 -7.86 -13.91 2.03
C ALA B 94 -8.10 -13.42 0.62
N VAL B 95 -7.23 -13.83 -0.30
CA VAL B 95 -7.35 -13.44 -1.70
C VAL B 95 -8.61 -14.06 -2.31
N ARG B 96 -9.04 -15.16 -1.74
CA ARG B 96 -10.23 -15.86 -2.21
C ARG B 96 -11.44 -15.45 -1.38
N LEU B 97 -11.28 -14.40 -0.59
CA LEU B 97 -12.34 -13.90 0.27
C LEU B 97 -12.63 -12.43 -0.01
N LEU B 98 -11.58 -11.61 0.01
CA LEU B 98 -11.74 -10.17 -0.20
C LEU B 98 -11.41 -9.75 -1.64
N LEU B 99 -11.30 -10.72 -2.52
CA LEU B 99 -11.00 -10.42 -3.92
C LEU B 99 -11.81 -11.33 -4.85
N PRO B 100 -12.50 -10.75 -5.84
CA PRO B 100 -13.28 -11.52 -6.81
C PRO B 100 -12.39 -12.45 -7.61
N GLY B 101 -12.95 -13.56 -8.08
CA GLY B 101 -12.19 -14.54 -8.84
C GLY B 101 -11.42 -13.95 -10.00
N GLU B 102 -12.00 -12.95 -10.66
CA GLU B 102 -11.36 -12.30 -11.80
C GLU B 102 -10.07 -11.59 -11.40
N LEU B 103 -10.01 -11.10 -10.18
CA LEU B 103 -8.82 -10.41 -9.69
C LEU B 103 -7.94 -11.36 -8.89
N ALA B 104 -8.57 -12.30 -8.19
CA ALA B 104 -7.86 -13.28 -7.38
C ALA B 104 -6.94 -14.15 -8.22
N LYS B 105 -7.35 -14.45 -9.45
CA LYS B 105 -6.57 -15.27 -10.35
C LYS B 105 -5.28 -14.56 -10.76
N HIS B 106 -5.19 -13.27 -10.45
CA HIS B 106 -3.98 -12.49 -10.78
C HIS B 106 -3.21 -12.19 -9.50
N ALA B 107 -3.94 -11.87 -8.44
CA ALA B 107 -3.33 -11.55 -7.16
C ALA B 107 -2.48 -12.69 -6.63
N VAL B 108 -2.97 -13.92 -6.75
CA VAL B 108 -2.23 -15.08 -6.29
C VAL B 108 -0.94 -15.25 -7.10
N SER B 109 -1.02 -14.94 -8.38
CA SER B 109 0.12 -15.04 -9.26
C SER B 109 1.17 -14.00 -8.91
N GLU B 110 0.74 -12.74 -8.79
CA GLU B 110 1.66 -11.65 -8.47
C GLU B 110 2.29 -11.85 -7.09
N GLY B 111 1.48 -12.31 -6.14
CA GLY B 111 1.97 -12.54 -4.80
C GLY B 111 3.08 -13.56 -4.76
N THR B 112 2.79 -14.76 -5.24
CA THR B 112 3.76 -15.85 -5.26
C THR B 112 4.99 -15.47 -6.09
N LYS B 113 4.77 -14.70 -7.14
CA LYS B 113 5.84 -14.25 -8.03
C LYS B 113 6.89 -13.45 -7.26
N ALA B 114 6.43 -12.45 -6.52
CA ALA B 114 7.32 -11.60 -5.75
C ALA B 114 7.94 -12.37 -4.58
N VAL B 115 7.12 -13.17 -3.90
CA VAL B 115 7.59 -13.95 -2.76
C VAL B 115 8.75 -14.86 -3.16
N THR B 116 8.67 -15.42 -4.35
CA THR B 116 9.70 -16.32 -4.86
C THR B 116 11.04 -15.61 -5.01
N LYS B 117 11.00 -14.35 -5.43
CA LYS B 117 12.21 -13.56 -5.61
C LYS B 117 12.82 -13.19 -4.26
N TYR B 118 11.95 -12.90 -3.29
CA TYR B 118 12.41 -12.51 -1.95
C TYR B 118 12.94 -13.71 -1.17
N THR B 119 12.44 -14.90 -1.49
CA THR B 119 12.88 -16.10 -0.80
C THR B 119 14.17 -16.65 -1.40
N SER B 120 14.22 -16.70 -2.73
CA SER B 120 15.41 -17.21 -3.42
C SER B 120 16.55 -16.20 -3.30
N SER B 121 16.18 -14.91 -3.26
CA SER B 121 17.14 -13.81 -3.13
C SER B 121 17.97 -13.63 -4.40
N LYS B 122 18.93 -14.52 -4.62
CA LYS B 122 19.80 -14.45 -5.78
C LYS B 122 19.84 -15.79 -6.51
N SER A 1 37.84 -3.47 0.47
CA SER A 1 38.56 -4.60 1.11
C SER A 1 37.65 -5.78 1.08
N GLY A 2 38.02 -6.87 1.78
CA GLY A 2 37.25 -8.10 1.75
C GLY A 2 35.85 -7.87 2.24
N ARG A 3 35.67 -7.03 3.27
CA ARG A 3 34.38 -6.79 3.89
C ARG A 3 33.42 -6.27 2.87
N GLY A 4 33.91 -5.40 1.96
CA GLY A 4 33.07 -4.86 0.93
C GLY A 4 33.83 -3.75 0.27
N LYS A 5 33.09 -2.92 -0.52
CA LYS A 5 33.71 -1.81 -1.18
C LYS A 5 33.49 -0.62 -0.30
N GLY A 6 34.23 -0.61 0.84
CA GLY A 6 34.20 0.46 1.80
C GLY A 6 33.13 0.22 2.82
N GLY A 7 32.24 -0.75 2.54
CA GLY A 7 31.11 -1.14 3.32
C GLY A 7 30.33 -2.04 2.42
N LYS A 8 29.20 -2.57 2.90
CA LYS A 8 28.40 -3.41 2.07
C LYS A 8 27.18 -2.62 1.74
N VAL A 9 26.57 -2.89 0.57
CA VAL A 9 25.38 -2.21 0.15
C VAL A 9 24.24 -3.19 0.16
N LYS A 10 23.17 -2.87 0.92
CA LYS A 10 22.00 -3.71 0.96
C LYS A 10 21.07 -3.19 -0.10
N GLY A 11 20.68 -4.08 -1.04
CA GLY A 11 19.84 -3.73 -2.12
C GLY A 11 20.68 -3.26 -3.25
N LYS A 12 20.03 -2.84 -4.35
CA LYS A 12 20.80 -2.33 -5.42
C LYS A 12 20.03 -1.21 -6.03
N ALA A 13 20.13 0.01 -5.48
CA ALA A 13 19.42 1.13 -6.06
C ALA A 13 20.12 2.41 -5.74
N LYS A 14 20.18 3.31 -6.74
CA LYS A 14 20.68 4.68 -6.67
C LYS A 14 21.96 4.82 -5.88
N SER A 15 22.88 3.84 -6.03
CA SER A 15 24.14 3.76 -5.33
C SER A 15 24.00 4.07 -3.88
N ARG A 16 22.98 3.51 -3.19
CA ARG A 16 22.78 3.74 -1.79
C ARG A 16 21.71 2.80 -1.33
N SER A 17 21.79 2.28 -0.10
CA SER A 17 20.75 1.39 0.34
C SER A 17 19.56 2.23 0.65
N ASN A 18 18.46 1.99 -0.08
CA ASN A 18 17.29 2.76 0.17
C ASN A 18 16.15 1.81 0.20
N ARG A 19 14.91 2.34 0.35
CA ARG A 19 13.71 1.56 0.46
C ARG A 19 13.31 1.09 -0.92
N ALA A 20 13.00 -0.21 -1.05
CA ALA A 20 12.57 -0.74 -2.31
C ALA A 20 11.26 -1.41 -2.04
N GLY A 21 10.39 -1.57 -3.06
CA GLY A 21 9.12 -2.19 -2.83
C GLY A 21 8.23 -1.23 -2.11
N LEU A 22 7.96 -1.50 -0.80
CA LEU A 22 7.18 -0.70 0.11
C LEU A 22 7.96 0.55 0.53
N GLN A 23 7.27 1.48 1.18
CA GLN A 23 7.91 2.71 1.64
C GLN A 23 8.22 2.64 3.12
N PHE A 24 7.84 1.54 3.75
CA PHE A 24 8.06 1.36 5.17
C PHE A 24 8.84 0.07 5.43
N PRO A 25 9.70 0.06 6.46
CA PRO A 25 10.49 -1.11 6.83
C PRO A 25 9.63 -2.27 7.32
N VAL A 26 10.04 -3.49 7.00
CA VAL A 26 9.31 -4.69 7.39
C VAL A 26 9.06 -4.74 8.90
N GLY A 27 10.13 -4.54 9.67
CA GLY A 27 10.01 -4.57 11.12
C GLY A 27 9.03 -3.55 11.65
N ARG A 28 9.06 -2.35 11.07
CA ARG A 28 8.17 -1.28 11.47
C ARG A 28 6.72 -1.67 11.22
N ILE A 29 6.45 -2.22 10.04
CA ILE A 29 5.11 -2.64 9.66
C ILE A 29 4.59 -3.73 10.61
N HIS A 30 5.43 -4.73 10.86
CA HIS A 30 5.06 -5.84 11.73
C HIS A 30 4.74 -5.34 13.13
N ARG A 31 5.49 -4.35 13.60
CA ARG A 31 5.28 -3.78 14.91
C ARG A 31 3.94 -3.05 14.98
N LEU A 32 3.60 -2.37 13.89
CA LEU A 32 2.35 -1.63 13.80
C LEU A 32 1.15 -2.57 13.78
N LEU A 33 1.27 -3.66 13.03
CA LEU A 33 0.20 -4.64 12.92
C LEU A 33 -0.05 -5.33 14.25
N ARG A 34 1.02 -5.60 14.98
CA ARG A 34 0.91 -6.27 16.29
C ARG A 34 0.11 -5.42 17.27
N LYS A 35 0.19 -4.10 17.11
CA LYS A 35 -0.53 -3.17 17.97
C LYS A 35 -2.04 -3.33 17.79
N GLY A 36 -2.44 -3.62 16.56
CA GLY A 36 -3.85 -3.78 16.26
C GLY A 36 -4.37 -5.16 16.61
N ASN A 37 -3.59 -5.91 17.37
CA ASN A 37 -3.96 -7.27 17.79
C ASN A 37 -4.11 -8.18 16.58
N TYR A 38 -3.37 -7.87 15.50
CA TYR A 38 -3.42 -8.68 14.29
C TYR A 38 -2.82 -10.05 14.54
N ALA A 39 -1.52 -10.08 14.77
CA ALA A 39 -0.81 -11.33 15.01
C ALA A 39 0.46 -11.06 15.80
N GLU A 40 1.06 -12.13 16.32
CA GLU A 40 2.29 -12.00 17.10
C GLU A 40 3.49 -12.00 16.18
N ARG A 41 3.48 -12.88 15.19
CA ARG A 41 4.58 -12.98 14.25
C ARG A 41 4.07 -13.01 12.81
N VAL A 42 4.81 -12.38 11.92
CA VAL A 42 4.44 -12.33 10.51
C VAL A 42 5.59 -12.85 9.66
N GLY A 43 5.28 -13.64 8.65
CA GLY A 43 6.30 -14.19 7.77
C GLY A 43 7.07 -13.10 7.04
N ALA A 44 8.35 -13.36 6.80
CA ALA A 44 9.21 -12.40 6.11
C ALA A 44 8.78 -12.20 4.66
N GLY A 45 8.17 -13.23 4.09
CA GLY A 45 7.72 -13.14 2.72
C GLY A 45 6.31 -12.60 2.59
N ALA A 46 5.73 -12.19 3.71
CA ALA A 46 4.37 -11.65 3.70
C ALA A 46 4.32 -10.25 3.07
N PRO A 47 5.17 -9.29 3.51
CA PRO A 47 5.17 -7.94 2.93
C PRO A 47 5.47 -7.96 1.44
N VAL A 48 6.31 -8.91 1.03
CA VAL A 48 6.68 -9.06 -0.37
C VAL A 48 5.46 -9.47 -1.19
N TYR A 49 4.69 -10.40 -0.64
CA TYR A 49 3.48 -10.90 -1.28
C TYR A 49 2.46 -9.77 -1.41
N LEU A 50 2.28 -9.02 -0.33
CA LEU A 50 1.32 -7.93 -0.29
C LEU A 50 1.72 -6.80 -1.25
N ALA A 51 3.02 -6.54 -1.34
CA ALA A 51 3.53 -5.49 -2.22
C ALA A 51 3.18 -5.78 -3.69
N ALA A 52 3.23 -7.06 -4.05
CA ALA A 52 2.93 -7.47 -5.41
C ALA A 52 1.45 -7.28 -5.71
N VAL A 53 0.60 -7.70 -4.78
CA VAL A 53 -0.84 -7.58 -4.93
C VAL A 53 -1.25 -6.12 -5.03
N MET A 54 -0.64 -5.27 -4.20
CA MET A 54 -0.95 -3.85 -4.20
C MET A 54 -0.56 -3.21 -5.53
N GLU A 55 0.52 -3.71 -6.13
CA GLU A 55 1.00 -3.19 -7.40
C GLU A 55 0.09 -3.65 -8.54
N TYR A 56 -0.49 -4.83 -8.37
CA TYR A 56 -1.40 -5.38 -9.36
C TYR A 56 -2.72 -4.62 -9.34
N LEU A 57 -3.21 -4.36 -8.14
CA LEU A 57 -4.46 -3.62 -7.96
C LEU A 57 -4.33 -2.20 -8.48
N ALA A 58 -3.15 -1.62 -8.32
CA ALA A 58 -2.87 -0.26 -8.78
C ALA A 58 -3.13 -0.12 -10.27
N ALA A 59 -2.71 -1.12 -11.03
CA ALA A 59 -2.88 -1.12 -12.48
C ALA A 59 -4.35 -1.03 -12.85
N GLU A 60 -5.18 -1.77 -12.14
CA GLU A 60 -6.62 -1.78 -12.40
C GLU A 60 -7.22 -0.40 -12.11
N VAL A 61 -6.86 0.17 -10.97
CA VAL A 61 -7.37 1.48 -10.58
C VAL A 61 -6.91 2.55 -11.56
N LEU A 62 -5.64 2.50 -11.93
CA LEU A 62 -5.08 3.46 -12.87
C LEU A 62 -5.73 3.33 -14.25
N GLU A 63 -6.11 2.11 -14.59
CA GLU A 63 -6.78 1.84 -15.87
C GLU A 63 -8.13 2.55 -15.90
N LEU A 64 -8.90 2.36 -14.83
CA LEU A 64 -10.21 2.97 -14.72
C LEU A 64 -10.10 4.49 -14.70
N ALA A 65 -9.15 4.98 -13.91
CA ALA A 65 -8.91 6.42 -13.78
C ALA A 65 -8.48 7.03 -15.10
N GLY A 66 -7.54 6.37 -15.78
CA GLY A 66 -7.05 6.86 -17.05
C GLY A 66 -8.14 6.94 -18.09
N ASN A 67 -9.00 5.93 -18.11
CA ASN A 67 -10.11 5.87 -19.04
C ASN A 67 -11.11 6.99 -18.76
N ALA A 68 -11.32 7.27 -17.48
CA ALA A 68 -12.25 8.32 -17.07
C ALA A 68 -11.73 9.69 -17.51
N ALA A 69 -10.44 9.92 -17.30
CA ALA A 69 -9.82 11.18 -17.70
C ALA A 69 -9.84 11.32 -19.22
N ARG A 70 -9.58 10.21 -19.90
CA ARG A 70 -9.57 10.18 -21.36
C ARG A 70 -10.97 10.45 -21.90
N ASP A 71 -11.98 9.94 -21.22
CA ASP A 71 -13.36 10.11 -21.63
C ASP A 71 -13.78 11.57 -21.51
N ASN A 72 -13.18 12.26 -20.56
CA ASN A 72 -13.47 13.67 -20.34
C ASN A 72 -12.50 14.55 -21.13
N LYS A 73 -11.69 13.90 -21.96
CA LYS A 73 -10.71 14.58 -22.81
C LYS A 73 -9.75 15.42 -21.99
N LYS A 74 -9.31 14.88 -20.86
CA LYS A 74 -8.39 15.59 -19.98
C LYS A 74 -6.98 15.04 -20.16
N THR A 75 -6.00 15.92 -20.07
CA THR A 75 -4.60 15.54 -20.21
C THR A 75 -4.06 14.96 -18.91
N ARG A 76 -4.47 15.56 -17.80
CA ARG A 76 -4.03 15.13 -16.48
C ARG A 76 -5.20 14.61 -15.67
N ILE A 77 -5.05 13.43 -15.10
CA ILE A 77 -6.11 12.84 -14.28
C ILE A 77 -6.27 13.61 -12.98
N ILE A 78 -7.48 14.08 -12.71
CA ILE A 78 -7.76 14.83 -11.49
C ILE A 78 -8.16 13.89 -10.36
N PRO A 79 -7.91 14.31 -9.10
CA PRO A 79 -8.24 13.50 -7.92
C PRO A 79 -9.72 13.09 -7.87
N ARG A 80 -10.58 13.95 -8.42
CA ARG A 80 -12.01 13.68 -8.44
C ARG A 80 -12.32 12.41 -9.23
N HIS A 81 -11.58 12.20 -10.32
CA HIS A 81 -11.76 11.03 -11.17
C HIS A 81 -11.43 9.77 -10.39
N LEU A 82 -10.36 9.84 -9.61
CA LEU A 82 -9.94 8.71 -8.79
C LEU A 82 -11.01 8.35 -7.79
N GLN A 83 -11.50 9.36 -7.07
CA GLN A 83 -12.52 9.17 -6.05
C GLN A 83 -13.79 8.58 -6.66
N LEU A 84 -14.22 9.13 -7.78
CA LEU A 84 -15.43 8.66 -8.45
C LEU A 84 -15.29 7.21 -8.93
N ALA A 85 -14.20 6.93 -9.64
CA ALA A 85 -13.96 5.58 -10.17
C ALA A 85 -13.81 4.54 -9.06
N ILE A 86 -13.07 4.90 -8.02
CA ILE A 86 -12.83 3.98 -6.90
C ILE A 86 -14.11 3.70 -6.11
N ARG A 87 -14.90 4.73 -5.85
CA ARG A 87 -16.12 4.58 -5.07
C ARG A 87 -17.23 3.91 -5.90
N ASN A 88 -17.15 4.04 -7.21
CA ASN A 88 -18.18 3.45 -8.08
C ASN A 88 -17.83 2.02 -8.46
N ASP A 89 -16.69 1.53 -7.99
CA ASP A 89 -16.28 0.17 -8.29
C ASP A 89 -16.66 -0.76 -7.14
N GLU A 90 -17.52 -1.72 -7.41
CA GLU A 90 -17.99 -2.65 -6.41
C GLU A 90 -16.89 -3.63 -5.99
N GLU A 91 -15.99 -3.95 -6.92
CA GLU A 91 -14.91 -4.88 -6.64
C GLU A 91 -13.90 -4.27 -5.68
N LEU A 92 -13.51 -3.03 -5.96
CA LEU A 92 -12.55 -2.31 -5.11
C LEU A 92 -13.15 -2.04 -3.73
N ASN A 93 -14.47 -1.89 -3.69
CA ASN A 93 -15.16 -1.62 -2.43
C ASN A 93 -15.14 -2.83 -1.51
N LYS A 94 -15.00 -4.02 -2.10
CA LYS A 94 -14.96 -5.26 -1.33
C LYS A 94 -13.71 -5.31 -0.45
N LEU A 95 -12.61 -4.76 -0.96
CA LEU A 95 -11.35 -4.74 -0.24
C LEU A 95 -11.45 -3.89 1.01
N LEU A 96 -12.30 -2.89 0.97
CA LEU A 96 -12.50 -2.00 2.11
C LEU A 96 -13.76 -2.39 2.88
N SER A 97 -14.26 -3.58 2.58
CA SER A 97 -15.46 -4.09 3.23
C SER A 97 -15.11 -5.29 4.10
N GLY A 98 -16.05 -5.71 4.96
CA GLY A 98 -15.71 -6.72 5.91
C GLY A 98 -16.44 -7.98 5.63
N VAL A 99 -16.96 -8.56 6.73
CA VAL A 99 -17.67 -9.80 6.68
C VAL A 99 -18.96 -9.52 5.95
N THR A 100 -19.06 -10.16 4.76
CA THR A 100 -20.18 -10.02 3.87
C THR A 100 -21.11 -11.14 4.17
N ILE A 101 -22.38 -10.98 3.73
CA ILE A 101 -23.45 -11.94 3.93
C ILE A 101 -23.08 -13.27 3.32
N ALA A 102 -22.37 -13.26 2.17
CA ALA A 102 -21.96 -14.42 1.43
C ALA A 102 -21.03 -15.33 2.21
N GLN A 103 -20.08 -14.75 2.98
CA GLN A 103 -19.10 -15.52 3.70
C GLN A 103 -19.54 -15.81 5.10
N GLY A 104 -18.83 -16.75 5.75
CA GLY A 104 -19.09 -17.08 7.11
C GLY A 104 -18.03 -16.38 7.90
N GLY A 105 -18.31 -16.08 9.18
CA GLY A 105 -17.31 -15.39 9.94
C GLY A 105 -17.92 -14.90 11.20
N VAL A 106 -17.14 -14.09 11.93
CA VAL A 106 -17.52 -13.52 13.18
C VAL A 106 -17.89 -12.11 12.87
N LEU A 107 -19.01 -11.62 13.45
CA LEU A 107 -19.45 -10.27 13.24
C LEU A 107 -18.99 -9.48 14.42
N PRO A 108 -18.70 -8.21 14.19
CA PRO A 108 -18.39 -7.28 15.25
C PRO A 108 -19.68 -6.83 15.87
N ASN A 109 -19.67 -6.33 17.13
CA ASN A 109 -20.88 -5.93 17.78
C ASN A 109 -21.47 -4.75 17.07
N ILE A 110 -22.68 -4.96 16.50
CA ILE A 110 -23.34 -3.90 15.81
C ILE A 110 -24.59 -3.71 16.60
N GLN A 111 -25.02 -2.45 16.75
CA GLN A 111 -26.19 -2.03 17.48
C GLN A 111 -27.40 -2.22 16.62
N ALA A 112 -28.49 -2.73 17.21
CA ALA A 112 -29.69 -2.97 16.46
C ALA A 112 -30.85 -2.82 17.39
N VAL A 113 -32.03 -2.63 16.79
CA VAL A 113 -33.26 -2.54 17.53
C VAL A 113 -33.85 -3.91 17.42
N LEU A 114 -34.36 -4.47 18.54
CA LEU A 114 -34.92 -5.79 18.51
C LEU A 114 -36.41 -5.65 18.48
N LEU A 115 -37.09 -6.66 17.88
CA LEU A 115 -38.52 -6.69 17.77
C LEU A 115 -38.97 -7.54 18.94
N PRO A 116 -39.88 -7.09 19.81
CA PRO A 116 -40.29 -7.90 20.92
C PRO A 116 -40.99 -9.13 20.46
N LYS A 117 -40.46 -10.31 20.82
CA LYS A 117 -41.07 -11.52 20.39
C LYS A 117 -41.36 -12.32 21.61
N LYS A 118 -42.50 -13.05 21.62
CA LYS A 118 -42.84 -13.85 22.77
C LYS A 118 -41.87 -14.98 22.82
N THR A 119 -41.10 -15.05 23.92
CA THR A 119 -40.14 -16.10 24.09
C THR A 119 -40.73 -17.05 25.08
N GLU A 120 -39.88 -17.88 25.72
CA GLU A 120 -40.29 -18.79 26.75
C GLU A 120 -40.70 -18.03 27.99
N LYS A 121 -39.89 -17.05 28.44
CA LYS A 121 -40.23 -16.34 29.64
C LYS A 121 -40.39 -14.90 29.28
N LYS A 122 -41.30 -14.18 29.95
CA LYS A 122 -41.54 -12.80 29.67
C LYS A 122 -40.44 -11.96 30.24
N ALA A 123 -39.95 -10.98 29.44
CA ALA A 123 -38.92 -10.08 29.88
C ALA A 123 -39.63 -8.83 30.41
N PRO B 1 23.36 40.27 4.89
CA PRO B 1 24.37 41.29 4.49
C PRO B 1 25.37 41.32 5.60
N PRO B 2 26.64 41.21 5.31
CA PRO B 2 27.69 41.09 6.30
C PRO B 2 27.69 42.16 7.34
N LYS B 3 27.48 41.77 8.61
CA LYS B 3 27.50 42.57 9.81
C LYS B 3 27.17 41.63 10.92
N THR B 4 25.99 40.99 10.82
CA THR B 4 25.55 39.96 11.71
C THR B 4 25.57 38.70 10.92
N SER B 5 26.39 37.71 11.34
CA SER B 5 26.47 36.47 10.62
C SER B 5 26.96 35.45 11.61
N GLY B 6 27.10 34.19 11.16
CA GLY B 6 27.54 33.16 12.05
C GLY B 6 26.90 31.88 11.62
N LYS B 7 26.58 31.02 12.61
CA LYS B 7 25.96 29.77 12.31
C LYS B 7 24.47 29.95 12.37
N ALA B 8 23.78 29.45 11.34
CA ALA B 8 22.36 29.59 11.32
C ALA B 8 21.82 28.21 11.33
N ALA B 9 20.56 28.08 11.77
CA ALA B 9 19.83 26.84 11.75
C ALA B 9 19.22 26.72 10.39
N LYS B 10 18.87 25.49 9.96
CA LYS B 10 18.32 25.32 8.65
C LYS B 10 16.98 25.97 8.55
N LYS B 11 16.85 26.90 7.59
CA LYS B 11 15.60 27.52 7.32
C LYS B 11 15.41 27.36 5.86
N ALA B 12 14.30 26.72 5.44
CA ALA B 12 14.08 26.49 4.06
C ALA B 12 12.96 27.35 3.62
N GLY B 13 12.85 27.48 2.29
CA GLY B 13 11.79 28.19 1.65
C GLY B 13 11.46 27.31 0.49
N LYS B 14 10.26 27.46 -0.11
CA LYS B 14 9.91 26.61 -1.22
C LYS B 14 10.87 26.84 -2.33
N ALA B 15 11.73 25.83 -2.57
CA ALA B 15 12.75 25.95 -3.57
C ALA B 15 13.29 24.58 -3.79
N GLN B 16 14.44 24.44 -4.48
CA GLN B 16 14.99 23.16 -4.79
C GLN B 16 15.23 22.36 -3.53
N LYS B 17 15.68 23.01 -2.43
CA LYS B 17 15.98 22.35 -1.19
C LYS B 17 14.76 21.69 -0.58
N ASN B 18 13.61 22.40 -0.45
CA ASN B 18 12.41 21.83 0.11
C ASN B 18 11.19 22.37 -0.55
N ILE B 19 10.08 21.66 -0.32
CA ILE B 19 8.76 22.00 -0.79
C ILE B 19 8.04 22.39 0.47
N THR B 20 7.00 23.27 0.36
CA THR B 20 6.29 23.82 1.49
C THR B 20 5.85 22.75 2.44
N LYS B 21 6.62 22.64 3.55
CA LYS B 21 6.46 21.73 4.67
C LYS B 21 7.74 21.79 5.43
N THR B 22 7.71 21.45 6.73
CA THR B 22 8.91 21.37 7.50
C THR B 22 9.40 19.97 7.38
N ASP B 23 10.66 19.71 7.81
CA ASP B 23 11.25 18.41 7.69
C ASP B 23 10.73 17.57 8.80
N LYS B 24 10.92 16.24 8.70
CA LYS B 24 10.35 15.38 9.68
C LYS B 24 11.44 14.63 10.38
N LYS B 25 11.12 13.38 10.78
CA LYS B 25 11.95 12.46 11.54
C LYS B 25 13.21 12.06 10.84
N LYS B 26 13.17 11.91 9.48
CA LYS B 26 14.28 11.50 8.65
C LYS B 26 15.13 12.71 8.35
N LYS B 27 16.26 12.48 7.64
CA LYS B 27 17.19 13.50 7.20
C LYS B 27 16.54 14.12 6.00
N ARG B 28 17.04 15.30 5.54
CA ARG B 28 16.35 15.94 4.45
C ARG B 28 16.40 15.09 3.22
N LYS B 29 15.19 14.58 2.92
CA LYS B 29 14.69 13.79 1.85
C LYS B 29 13.24 13.99 2.12
N ARG B 30 12.30 13.47 1.32
CA ARG B 30 10.96 13.66 1.78
C ARG B 30 10.40 12.35 2.20
N LYS B 31 9.23 12.39 2.88
CA LYS B 31 8.58 11.26 3.50
C LYS B 31 8.03 10.28 2.53
N GLU B 32 7.62 9.13 3.10
CA GLU B 32 7.15 7.93 2.48
C GLU B 32 6.02 8.22 1.53
N SER B 33 6.24 7.86 0.26
CA SER B 33 5.32 8.17 -0.82
C SER B 33 5.26 7.03 -1.82
N TYR B 34 4.08 6.44 -1.98
CA TYR B 34 3.89 5.34 -2.91
C TYR B 34 3.66 5.84 -4.33
N ALA B 35 3.66 7.16 -4.49
CA ALA B 35 3.44 7.79 -5.79
C ALA B 35 4.48 7.34 -6.83
N ILE B 36 5.65 6.95 -6.34
CA ILE B 36 6.73 6.50 -7.21
C ILE B 36 6.33 5.26 -8.02
N TYR B 37 5.82 4.25 -7.33
CA TYR B 37 5.42 3.02 -7.98
C TYR B 37 4.16 3.23 -8.84
N ILE B 38 3.26 4.08 -8.36
CA ILE B 38 2.02 4.36 -9.08
C ILE B 38 2.32 4.99 -10.44
N TYR B 39 3.25 5.95 -10.44
CA TYR B 39 3.64 6.64 -11.67
C TYR B 39 4.20 5.65 -12.70
N LYS B 40 4.99 4.70 -12.23
CA LYS B 40 5.60 3.70 -13.10
C LYS B 40 4.54 2.79 -13.71
N VAL B 41 3.60 2.33 -12.89
CA VAL B 41 2.54 1.45 -13.35
C VAL B 41 1.63 2.19 -14.34
N LEU B 42 1.37 3.46 -14.06
CA LEU B 42 0.53 4.28 -14.91
C LEU B 42 1.10 4.37 -16.33
N LYS B 43 2.42 4.47 -16.43
CA LYS B 43 3.09 4.58 -17.72
C LYS B 43 2.99 3.28 -18.52
N GLN B 44 2.60 2.20 -17.85
CA GLN B 44 2.44 0.90 -18.50
C GLN B 44 1.01 0.69 -18.95
N VAL B 45 0.08 1.30 -18.22
CA VAL B 45 -1.34 1.17 -18.54
C VAL B 45 -1.83 2.28 -19.46
N HIS B 46 -1.52 3.53 -19.10
CA HIS B 46 -1.94 4.67 -19.90
C HIS B 46 -0.76 5.62 -20.13
N PRO B 47 0.03 5.37 -21.17
CA PRO B 47 1.20 6.20 -21.48
C PRO B 47 0.85 7.54 -22.13
N ASP B 48 -0.40 7.69 -22.55
CA ASP B 48 -0.84 8.93 -23.20
C ASP B 48 -1.68 9.80 -22.25
N THR B 49 -1.66 9.46 -20.98
CA THR B 49 -2.41 10.21 -19.98
C THR B 49 -1.50 10.65 -18.84
N GLY B 50 -1.50 11.94 -18.55
CA GLY B 50 -0.67 12.47 -17.49
C GLY B 50 -1.38 12.42 -16.15
N ILE B 51 -0.61 12.50 -15.08
CA ILE B 51 -1.17 12.46 -13.74
C ILE B 51 -0.85 13.75 -12.98
N SER B 52 -1.69 14.07 -12.01
CA SER B 52 -1.48 15.24 -11.19
C SER B 52 -0.81 14.84 -9.89
N SER B 53 0.15 15.66 -9.45
CA SER B 53 0.87 15.38 -8.21
C SER B 53 -0.09 15.39 -7.02
N LYS B 54 -1.19 16.11 -7.15
CA LYS B 54 -2.19 16.21 -6.09
C LYS B 54 -3.08 14.96 -6.09
N ALA B 55 -3.16 14.32 -7.24
CA ALA B 55 -3.98 13.12 -7.37
C ALA B 55 -3.28 11.91 -6.77
N MET B 56 -1.97 11.85 -6.96
CA MET B 56 -1.18 10.73 -6.45
C MET B 56 -1.24 10.69 -4.93
N SER B 57 -1.44 11.84 -4.31
CA SER B 57 -1.53 11.93 -2.86
C SER B 57 -2.76 11.18 -2.34
N ILE B 58 -3.83 11.19 -3.15
CA ILE B 58 -5.06 10.52 -2.77
C ILE B 58 -4.90 9.01 -2.85
N MET B 59 -4.24 8.53 -3.89
CA MET B 59 -4.01 7.10 -4.07
C MET B 59 -2.97 6.60 -3.07
N ASN B 60 -2.06 7.48 -2.69
CA ASN B 60 -1.01 7.14 -1.73
C ASN B 60 -1.61 6.66 -0.41
N SER B 61 -2.57 7.43 0.11
CA SER B 61 -3.23 7.08 1.36
C SER B 61 -4.30 6.00 1.14
N PHE B 62 -4.67 5.79 -0.12
CA PHE B 62 -5.69 4.81 -0.48
C PHE B 62 -5.14 3.38 -0.37
N VAL B 63 -4.05 3.12 -1.08
CA VAL B 63 -3.43 1.79 -1.06
C VAL B 63 -2.89 1.46 0.33
N ASN B 64 -2.58 2.51 1.09
CA ASN B 64 -2.07 2.37 2.43
C ASN B 64 -3.08 1.64 3.32
N ASP B 65 -4.36 1.83 3.02
CA ASP B 65 -5.43 1.19 3.78
C ASP B 65 -5.60 -0.26 3.37
N ILE B 66 -5.45 -0.51 2.07
CA ILE B 66 -5.60 -1.86 1.50
C ILE B 66 -4.65 -2.85 2.18
N PHE B 67 -3.41 -2.41 2.39
CA PHE B 67 -2.40 -3.24 3.03
C PHE B 67 -2.90 -3.75 4.37
N GLU B 68 -3.36 -2.82 5.20
CA GLU B 68 -3.86 -3.17 6.53
C GLU B 68 -5.17 -3.96 6.45
N ARG B 69 -5.94 -3.73 5.39
CA ARG B 69 -7.20 -4.44 5.20
C ARG B 69 -6.93 -5.93 4.95
N ILE B 70 -6.03 -6.22 4.02
CA ILE B 70 -5.68 -7.59 3.69
C ILE B 70 -5.05 -8.27 4.91
N ALA B 71 -4.19 -7.54 5.59
CA ALA B 71 -3.52 -8.05 6.78
C ALA B 71 -4.53 -8.38 7.87
N ALA B 72 -5.61 -7.60 7.91
CA ALA B 72 -6.67 -7.80 8.90
C ALA B 72 -7.43 -9.10 8.60
N GLU B 73 -7.71 -9.34 7.33
CA GLU B 73 -8.41 -10.55 6.93
C GLU B 73 -7.50 -11.76 7.12
N ALA B 74 -6.22 -11.58 6.82
CA ALA B 74 -5.23 -12.64 7.00
C ALA B 74 -5.17 -13.02 8.48
N SER B 75 -5.15 -11.99 9.33
CA SER B 75 -5.14 -12.18 10.77
C SER B 75 -6.40 -12.90 11.21
N ARG B 76 -7.54 -12.49 10.65
CA ARG B 76 -8.82 -13.10 10.95
C ARG B 76 -8.80 -14.59 10.66
N LEU B 77 -8.27 -14.95 9.50
CA LEU B 77 -8.16 -16.35 9.10
C LEU B 77 -7.16 -17.09 9.98
N ALA B 78 -6.06 -16.41 10.31
CA ALA B 78 -5.03 -16.99 11.17
C ALA B 78 -5.62 -17.38 12.51
N HIS B 79 -6.41 -16.48 13.08
CA HIS B 79 -7.05 -16.73 14.38
C HIS B 79 -8.07 -17.87 14.24
N TYR B 80 -8.70 -17.97 13.07
CA TYR B 80 -9.67 -19.02 12.81
C TYR B 80 -8.98 -20.37 12.76
N ASN B 81 -7.75 -20.35 12.29
CA ASN B 81 -6.94 -21.56 12.18
C ASN B 81 -6.11 -21.77 13.43
N LYS B 82 -6.38 -20.96 14.46
CA LYS B 82 -5.67 -21.03 15.74
C LYS B 82 -4.17 -20.82 15.55
N ARG B 83 -3.81 -19.82 14.76
CA ARG B 83 -2.42 -19.50 14.50
C ARG B 83 -2.10 -18.08 14.92
N SER B 84 -0.93 -17.90 15.51
CA SER B 84 -0.50 -16.58 15.96
C SER B 84 0.53 -16.01 14.99
N THR B 85 0.86 -16.79 13.98
CA THR B 85 1.83 -16.40 12.96
C THR B 85 1.17 -16.36 11.58
N ILE B 86 1.34 -15.25 10.88
CA ILE B 86 0.76 -15.09 9.56
C ILE B 86 1.62 -15.79 8.50
N THR B 87 1.07 -16.82 7.89
CA THR B 87 1.77 -17.55 6.86
C THR B 87 1.33 -17.08 5.48
N SER B 88 2.05 -17.48 4.46
CA SER B 88 1.72 -17.09 3.10
C SER B 88 0.37 -17.69 2.68
N ARG B 89 0.06 -18.85 3.25
CA ARG B 89 -1.19 -19.54 2.94
C ARG B 89 -2.39 -18.74 3.44
N GLU B 90 -2.26 -18.14 4.62
CA GLU B 90 -3.33 -17.33 5.20
C GLU B 90 -3.69 -16.19 4.27
N ILE B 91 -2.66 -15.52 3.74
CA ILE B 91 -2.86 -14.39 2.84
C ILE B 91 -3.45 -14.86 1.52
N GLN B 92 -2.92 -15.96 0.99
CA GLN B 92 -3.40 -16.52 -0.28
C GLN B 92 -4.90 -16.82 -0.21
N THR B 93 -5.33 -17.33 0.94
CA THR B 93 -6.74 -17.65 1.13
C THR B 93 -7.58 -16.37 1.17
N ALA B 94 -7.08 -15.35 1.86
CA ALA B 94 -7.78 -14.07 1.98
C ALA B 94 -7.96 -13.42 0.62
N VAL B 95 -6.93 -13.52 -0.22
CA VAL B 95 -6.97 -12.95 -1.56
C VAL B 95 -8.12 -13.53 -2.37
N ARG B 96 -8.33 -14.83 -2.26
CA ARG B 96 -9.39 -15.51 -2.99
C ARG B 96 -10.77 -15.25 -2.37
N LEU B 97 -10.78 -14.64 -1.20
CA LEU B 97 -12.04 -14.34 -0.52
C LEU B 97 -12.50 -12.92 -0.84
N LEU B 98 -11.54 -12.02 -1.01
CA LEU B 98 -11.85 -10.63 -1.31
C LEU B 98 -11.92 -10.37 -2.81
N LEU B 99 -10.93 -10.90 -3.54
CA LEU B 99 -10.88 -10.70 -4.99
C LEU B 99 -11.51 -11.88 -5.73
N PRO B 100 -12.09 -11.62 -6.92
CA PRO B 100 -12.70 -12.65 -7.74
C PRO B 100 -11.66 -13.60 -8.32
N GLY B 101 -12.12 -14.73 -8.85
CA GLY B 101 -11.22 -15.74 -9.41
C GLY B 101 -10.19 -15.17 -10.37
N GLU B 102 -10.63 -14.35 -11.32
CA GLU B 102 -9.74 -13.75 -12.32
C GLU B 102 -8.60 -12.97 -11.67
N LEU B 103 -8.95 -12.06 -10.77
CA LEU B 103 -7.95 -11.23 -10.10
C LEU B 103 -7.12 -12.05 -9.12
N ALA B 104 -7.77 -12.93 -8.37
CA ALA B 104 -7.09 -13.77 -7.39
C ALA B 104 -6.02 -14.63 -8.04
N LYS B 105 -6.34 -15.20 -9.20
CA LYS B 105 -5.42 -16.06 -9.94
C LYS B 105 -4.12 -15.33 -10.24
N HIS B 106 -4.22 -14.06 -10.59
CA HIS B 106 -3.04 -13.27 -10.91
C HIS B 106 -2.37 -12.76 -9.64
N ALA B 107 -3.17 -12.32 -8.69
CA ALA B 107 -2.64 -11.79 -7.42
C ALA B 107 -1.78 -12.81 -6.70
N VAL B 108 -2.27 -14.04 -6.58
CA VAL B 108 -1.54 -15.11 -5.92
C VAL B 108 -0.26 -15.44 -6.68
N SER B 109 -0.35 -15.44 -8.00
CA SER B 109 0.79 -15.74 -8.85
C SER B 109 1.86 -14.66 -8.71
N GLU B 110 1.47 -13.40 -8.91
CA GLU B 110 2.41 -12.28 -8.81
C GLU B 110 3.03 -12.20 -7.43
N GLY B 111 2.22 -12.43 -6.41
CA GLY B 111 2.72 -12.38 -5.04
C GLY B 111 3.82 -13.38 -4.81
N THR B 112 3.63 -14.59 -5.35
CA THR B 112 4.61 -15.65 -5.22
C THR B 112 5.84 -15.36 -6.08
N LYS B 113 5.63 -14.73 -7.23
CA LYS B 113 6.72 -14.39 -8.14
C LYS B 113 7.66 -13.37 -7.49
N ALA B 114 7.07 -12.37 -6.86
CA ALA B 114 7.83 -11.31 -6.19
C ALA B 114 8.73 -11.87 -5.10
N VAL B 115 8.26 -12.90 -4.41
CA VAL B 115 9.03 -13.53 -3.34
C VAL B 115 10.36 -14.05 -3.87
N THR B 116 10.34 -14.60 -5.08
CA THR B 116 11.56 -15.13 -5.70
C THR B 116 12.48 -14.01 -6.16
N LYS B 117 11.90 -12.87 -6.49
CA LYS B 117 12.66 -11.72 -6.97
C LYS B 117 13.38 -11.03 -5.81
N TYR B 118 12.90 -11.28 -4.59
CA TYR B 118 13.51 -10.68 -3.41
C TYR B 118 14.59 -11.58 -2.86
N THR B 119 14.79 -12.73 -3.49
CA THR B 119 15.82 -13.66 -3.08
C THR B 119 16.86 -13.83 -4.17
N SER B 120 16.79 -12.98 -5.18
CA SER B 120 17.73 -13.03 -6.29
C SER B 120 19.09 -12.51 -5.86
N SER B 121 20.14 -13.25 -6.20
CA SER B 121 21.49 -12.89 -5.84
C SER B 121 21.98 -11.69 -6.66
N LYS B 122 22.40 -10.64 -5.96
CA LYS B 122 22.89 -9.43 -6.62
C LYS B 122 24.12 -8.90 -5.92
N SER A 1 32.49 -47.78 -11.38
CA SER A 1 33.89 -48.16 -11.12
C SER A 1 34.78 -46.97 -11.26
N GLY A 2 34.20 -45.78 -11.48
CA GLY A 2 35.00 -44.59 -11.63
C GLY A 2 34.13 -43.44 -12.02
N ARG A 3 34.70 -42.21 -11.93
CA ARG A 3 34.14 -40.92 -12.27
C ARG A 3 33.11 -40.46 -11.28
N GLY A 4 32.42 -41.42 -10.63
CA GLY A 4 31.35 -41.08 -9.73
C GLY A 4 30.09 -41.13 -10.53
N LYS A 5 28.95 -41.00 -9.83
CA LYS A 5 27.67 -40.99 -10.46
C LYS A 5 27.04 -39.71 -10.06
N GLY A 6 26.56 -38.93 -11.05
CA GLY A 6 25.90 -37.69 -10.79
C GLY A 6 24.44 -37.95 -10.64
N GLY A 7 23.69 -36.91 -10.22
CA GLY A 7 22.26 -36.99 -10.06
C GLY A 7 21.96 -37.25 -8.63
N LYS A 8 22.89 -37.95 -7.95
CA LYS A 8 22.75 -38.23 -6.55
C LYS A 8 24.03 -37.85 -5.90
N VAL A 9 23.96 -36.93 -4.91
CA VAL A 9 25.16 -36.61 -4.19
C VAL A 9 25.00 -37.15 -2.81
N LYS A 10 26.06 -37.79 -2.30
CA LYS A 10 26.05 -38.27 -0.95
C LYS A 10 27.02 -37.36 -0.27
N GLY A 11 26.74 -36.96 0.97
CA GLY A 11 27.67 -36.07 1.58
C GLY A 11 27.04 -35.41 2.77
N LYS A 12 27.65 -34.30 3.20
CA LYS A 12 27.20 -33.52 4.31
C LYS A 12 26.35 -32.41 3.78
N ALA A 13 25.59 -31.74 4.69
CA ALA A 13 24.69 -30.69 4.28
C ALA A 13 25.47 -29.56 3.67
N LYS A 14 25.12 -29.27 2.40
CA LYS A 14 25.70 -28.24 1.62
C LYS A 14 24.53 -27.60 0.96
N SER A 15 24.74 -26.44 0.30
CA SER A 15 23.65 -25.81 -0.38
C SER A 15 23.80 -26.16 -1.82
N ARG A 16 22.65 -26.41 -2.51
CA ARG A 16 22.62 -26.69 -3.92
C ARG A 16 22.94 -25.46 -4.72
N SER A 17 22.33 -24.30 -4.37
CA SER A 17 22.57 -23.09 -5.10
C SER A 17 23.85 -22.46 -4.68
N ASN A 18 24.57 -21.90 -5.69
CA ASN A 18 25.80 -21.17 -5.51
C ASN A 18 25.61 -19.79 -4.95
N ARG A 19 24.48 -19.11 -5.26
CA ARG A 19 24.29 -17.78 -4.79
C ARG A 19 23.12 -17.83 -3.86
N ALA A 20 23.11 -16.90 -2.89
CA ALA A 20 22.02 -16.72 -1.97
C ALA A 20 21.12 -15.73 -2.62
N GLY A 21 19.89 -15.60 -2.06
CA GLY A 21 18.94 -14.64 -2.55
C GLY A 21 19.10 -13.41 -1.72
N LEU A 22 18.09 -12.52 -1.75
CA LEU A 22 18.18 -11.31 -0.94
C LEU A 22 17.40 -11.49 0.36
N GLN A 23 17.42 -10.46 1.19
CA GLN A 23 16.72 -10.49 2.47
C GLN A 23 15.36 -9.82 2.37
N PHE A 24 14.36 -10.41 3.00
CA PHE A 24 13.01 -9.86 3.00
C PHE A 24 12.86 -8.81 4.10
N PRO A 25 12.25 -7.67 3.78
CA PRO A 25 12.02 -6.58 4.74
C PRO A 25 11.01 -6.95 5.83
N VAL A 26 11.42 -6.87 7.09
CA VAL A 26 10.55 -7.21 8.21
C VAL A 26 10.37 -6.01 9.15
N GLY A 27 10.15 -4.84 8.57
CA GLY A 27 9.97 -3.65 9.39
C GLY A 27 8.72 -2.87 9.05
N ARG A 28 8.61 -2.43 7.80
CA ARG A 28 7.47 -1.64 7.32
C ARG A 28 6.14 -2.33 7.64
N ILE A 29 5.97 -3.55 7.14
CA ILE A 29 4.75 -4.30 7.36
C ILE A 29 4.67 -4.77 8.83
N HIS A 30 5.82 -5.02 9.42
CA HIS A 30 5.90 -5.47 10.81
C HIS A 30 5.25 -4.43 11.74
N ARG A 31 5.65 -3.18 11.56
CA ARG A 31 5.13 -2.08 12.35
C ARG A 31 3.64 -1.87 12.08
N LEU A 32 3.26 -2.00 10.82
CA LEU A 32 1.87 -1.82 10.41
C LEU A 32 0.95 -2.83 11.09
N LEU A 33 1.35 -4.10 11.04
CA LEU A 33 0.57 -5.17 11.64
C LEU A 33 0.47 -5.01 13.16
N ARG A 34 1.55 -4.57 13.77
CA ARG A 34 1.59 -4.38 15.22
C ARG A 34 0.78 -3.16 15.65
N LYS A 35 0.86 -2.08 14.89
CA LYS A 35 0.12 -0.86 15.21
C LYS A 35 -1.38 -1.09 15.06
N GLY A 36 -1.74 -1.91 14.09
CA GLY A 36 -3.14 -2.22 13.87
C GLY A 36 -3.63 -3.29 14.82
N ASN A 37 -2.69 -3.83 15.61
CA ASN A 37 -2.99 -4.88 16.59
C ASN A 37 -3.50 -6.13 15.90
N TYR A 38 -2.95 -6.42 14.72
CA TYR A 38 -3.36 -7.58 13.96
C TYR A 38 -2.44 -8.77 14.21
N ALA A 39 -1.15 -8.52 14.16
CA ALA A 39 -0.16 -9.57 14.38
C ALA A 39 1.05 -9.02 15.09
N GLU A 40 1.78 -9.88 15.78
CA GLU A 40 2.98 -9.47 16.50
C GLU A 40 4.22 -9.64 15.64
N ARG A 41 4.22 -10.66 14.78
CA ARG A 41 5.36 -10.91 13.91
C ARG A 41 4.89 -11.13 12.47
N VAL A 42 5.83 -11.05 11.53
CA VAL A 42 5.51 -11.23 10.12
C VAL A 42 6.52 -12.17 9.47
N GLY A 43 6.03 -13.07 8.63
CA GLY A 43 6.91 -14.03 7.97
C GLY A 43 7.57 -13.42 6.75
N ALA A 44 8.82 -13.84 6.50
CA ALA A 44 9.58 -13.37 5.37
C ALA A 44 8.91 -13.73 4.05
N GLY A 45 8.53 -12.70 3.29
CA GLY A 45 7.89 -12.92 2.01
C GLY A 45 6.53 -12.26 1.91
N ALA A 46 5.84 -12.16 3.05
CA ALA A 46 4.51 -11.56 3.11
C ALA A 46 4.45 -10.14 2.52
N PRO A 47 5.39 -9.23 2.89
CA PRO A 47 5.40 -7.85 2.37
C PRO A 47 5.45 -7.79 0.84
N VAL A 48 6.35 -8.56 0.24
CA VAL A 48 6.51 -8.58 -1.21
C VAL A 48 5.26 -9.16 -1.87
N TYR A 49 4.71 -10.20 -1.25
CA TYR A 49 3.50 -10.84 -1.76
C TYR A 49 2.35 -9.84 -1.73
N LEU A 50 2.19 -9.18 -0.60
CA LEU A 50 1.13 -8.18 -0.41
C LEU A 50 1.30 -7.03 -1.41
N ALA A 51 2.54 -6.61 -1.58
CA ALA A 51 2.88 -5.53 -2.49
C ALA A 51 2.36 -5.81 -3.90
N ALA A 52 2.56 -7.03 -4.35
CA ALA A 52 2.12 -7.43 -5.68
C ALA A 52 0.59 -7.50 -5.77
N VAL A 53 -0.04 -8.05 -4.74
CA VAL A 53 -1.49 -8.19 -4.70
C VAL A 53 -2.19 -6.83 -4.63
N MET A 54 -1.74 -5.97 -3.73
CA MET A 54 -2.34 -4.65 -3.58
C MET A 54 -2.04 -3.79 -4.80
N GLU A 55 -0.95 -4.10 -5.48
CA GLU A 55 -0.56 -3.39 -6.70
C GLU A 55 -1.53 -3.76 -7.82
N TYR A 56 -1.93 -5.03 -7.83
CA TYR A 56 -2.85 -5.55 -8.83
C TYR A 56 -4.18 -4.80 -8.77
N LEU A 57 -4.67 -4.60 -7.54
CA LEU A 57 -5.93 -3.91 -7.33
C LEU A 57 -5.80 -2.43 -7.68
N ALA A 58 -4.64 -1.85 -7.37
CA ALA A 58 -4.40 -0.44 -7.66
C ALA A 58 -4.41 -0.20 -9.17
N ALA A 59 -3.84 -1.14 -9.92
CA ALA A 59 -3.79 -1.05 -11.37
C ALA A 59 -5.19 -1.01 -11.97
N GLU A 60 -6.09 -1.80 -11.40
CA GLU A 60 -7.48 -1.85 -11.88
C GLU A 60 -8.13 -0.48 -11.76
N VAL A 61 -7.81 0.23 -10.67
CA VAL A 61 -8.34 1.56 -10.43
C VAL A 61 -7.66 2.58 -11.35
N LEU A 62 -6.35 2.41 -11.51
CA LEU A 62 -5.55 3.29 -12.36
C LEU A 62 -6.04 3.28 -13.80
N GLU A 63 -6.42 2.11 -14.28
CA GLU A 63 -6.93 1.99 -15.64
C GLU A 63 -8.19 2.82 -15.83
N LEU A 64 -9.08 2.75 -14.84
CA LEU A 64 -10.34 3.50 -14.89
C LEU A 64 -10.10 4.99 -14.70
N ALA A 65 -9.28 5.33 -13.72
CA ALA A 65 -8.96 6.73 -13.42
C ALA A 65 -8.24 7.39 -14.60
N GLY A 66 -7.27 6.67 -15.17
CA GLY A 66 -6.54 7.20 -16.30
C GLY A 66 -7.42 7.43 -17.51
N ASN A 67 -8.39 6.54 -17.71
CA ASN A 67 -9.31 6.66 -18.83
C ASN A 67 -10.13 7.94 -18.71
N ALA A 68 -10.54 8.26 -17.48
CA ALA A 68 -11.31 9.47 -17.21
C ALA A 68 -10.46 10.70 -17.49
N ALA A 69 -9.17 10.61 -17.17
CA ALA A 69 -8.24 11.70 -17.41
C ALA A 69 -8.03 11.89 -18.90
N ARG A 70 -7.94 10.77 -19.62
CA ARG A 70 -7.75 10.79 -21.08
C ARG A 70 -8.93 11.47 -21.75
N ASP A 71 -10.13 11.12 -21.30
CA ASP A 71 -11.37 11.67 -21.84
C ASP A 71 -11.47 13.16 -21.55
N ASN A 72 -10.93 13.58 -20.41
CA ASN A 72 -10.95 14.98 -20.00
C ASN A 72 -9.76 15.74 -20.56
N LYS A 73 -8.91 15.03 -21.32
CA LYS A 73 -7.71 15.62 -21.92
C LYS A 73 -6.78 16.15 -20.84
N LYS A 74 -6.65 15.40 -19.76
CA LYS A 74 -5.81 15.80 -18.64
C LYS A 74 -4.54 14.96 -18.61
N THR A 75 -3.44 15.59 -18.25
CA THR A 75 -2.16 14.90 -18.15
C THR A 75 -1.91 14.45 -16.71
N ARG A 76 -2.77 14.90 -15.82
CA ARG A 76 -2.67 14.57 -14.40
C ARG A 76 -4.04 14.18 -13.85
N ILE A 77 -4.15 12.96 -13.34
CA ILE A 77 -5.40 12.49 -12.77
C ILE A 77 -5.75 13.31 -11.54
N ILE A 78 -6.92 13.93 -11.56
CA ILE A 78 -7.37 14.76 -10.46
C ILE A 78 -8.30 13.97 -9.54
N PRO A 79 -8.54 14.45 -8.30
CA PRO A 79 -9.40 13.77 -7.34
C PRO A 79 -10.80 13.47 -7.88
N ARG A 80 -11.27 14.30 -8.80
CA ARG A 80 -12.59 14.11 -9.41
C ARG A 80 -12.63 12.82 -10.22
N HIS A 81 -11.50 12.43 -10.79
CA HIS A 81 -11.41 11.23 -11.59
C HIS A 81 -11.47 10.00 -10.69
N LEU A 82 -10.93 10.16 -9.48
CA LEU A 82 -10.93 9.07 -8.51
C LEU A 82 -12.37 8.74 -8.11
N GLN A 83 -13.16 9.79 -7.94
CA GLN A 83 -14.55 9.64 -7.57
C GLN A 83 -15.31 8.91 -8.66
N LEU A 84 -14.96 9.21 -9.90
CA LEU A 84 -15.59 8.59 -11.06
C LEU A 84 -15.26 7.11 -11.11
N ALA A 85 -13.99 6.78 -10.93
CA ALA A 85 -13.53 5.40 -10.96
C ALA A 85 -14.17 4.56 -9.85
N ILE A 86 -14.16 5.10 -8.64
CA ILE A 86 -14.73 4.40 -7.49
C ILE A 86 -16.25 4.22 -7.63
N ARG A 87 -16.91 5.19 -8.25
CA ARG A 87 -18.36 5.12 -8.43
C ARG A 87 -18.73 4.40 -9.72
N ASN A 88 -17.73 4.05 -10.52
CA ASN A 88 -17.96 3.37 -11.79
C ASN A 88 -18.12 1.87 -11.58
N ASP A 89 -17.09 1.26 -11.02
CA ASP A 89 -17.11 -0.18 -10.77
C ASP A 89 -17.56 -0.47 -9.35
N GLU A 90 -18.55 -1.33 -9.20
CA GLU A 90 -19.07 -1.68 -7.90
C GLU A 90 -18.27 -2.81 -7.27
N GLU A 91 -17.98 -3.83 -8.07
CA GLU A 91 -17.22 -4.98 -7.57
C GLU A 91 -15.85 -4.56 -7.07
N LEU A 92 -15.13 -3.79 -7.90
CA LEU A 92 -13.79 -3.31 -7.53
C LEU A 92 -13.84 -2.48 -6.26
N ASN A 93 -14.85 -1.64 -6.14
CA ASN A 93 -15.01 -0.78 -4.96
C ASN A 93 -15.19 -1.63 -3.71
N LYS A 94 -15.92 -2.72 -3.84
CA LYS A 94 -16.18 -3.62 -2.73
C LYS A 94 -14.97 -4.51 -2.43
N LEU A 95 -13.94 -4.40 -3.26
CA LEU A 95 -12.73 -5.20 -3.08
C LEU A 95 -11.63 -4.36 -2.45
N LEU A 96 -11.93 -3.08 -2.26
CA LEU A 96 -10.97 -2.15 -1.67
C LEU A 96 -11.40 -1.77 -0.26
N SER A 97 -12.63 -1.28 -0.15
CA SER A 97 -13.17 -0.87 1.13
C SER A 97 -13.84 -2.03 1.85
N GLY A 98 -14.55 -1.72 2.93
CA GLY A 98 -15.42 -2.69 3.53
C GLY A 98 -16.75 -2.05 3.30
N VAL A 99 -17.82 -2.85 3.06
CA VAL A 99 -19.11 -2.27 2.80
C VAL A 99 -19.54 -1.48 4.00
N THR A 100 -19.25 -1.98 5.21
CA THR A 100 -19.50 -1.32 6.46
C THR A 100 -18.29 -1.61 7.28
N ILE A 101 -18.33 -1.27 8.59
CA ILE A 101 -17.23 -1.58 9.47
C ILE A 101 -17.71 -2.70 10.35
N ALA A 102 -17.23 -3.95 10.12
CA ALA A 102 -17.61 -5.10 10.89
C ALA A 102 -16.83 -6.25 10.37
N GLN A 103 -16.63 -7.27 11.22
CA GLN A 103 -15.97 -8.46 10.77
C GLN A 103 -17.09 -9.45 10.76
N GLY A 104 -17.12 -10.38 9.78
CA GLY A 104 -18.24 -11.29 9.78
C GLY A 104 -18.22 -12.12 8.55
N GLY A 105 -19.40 -12.73 8.26
CA GLY A 105 -19.59 -13.61 7.15
C GLY A 105 -20.23 -12.84 6.04
N VAL A 106 -21.58 -12.97 5.94
CA VAL A 106 -22.35 -12.36 4.90
C VAL A 106 -22.42 -10.88 5.07
N LEU A 107 -22.44 -10.16 3.93
CA LEU A 107 -22.42 -8.73 3.84
C LEU A 107 -23.78 -8.14 4.11
N PRO A 108 -23.81 -6.97 4.71
CA PRO A 108 -25.04 -6.28 4.91
C PRO A 108 -25.75 -5.90 3.63
N ASN A 109 -25.04 -5.82 2.47
CA ASN A 109 -25.73 -5.60 1.24
C ASN A 109 -25.90 -6.97 0.63
N ILE A 110 -27.09 -7.26 0.05
CA ILE A 110 -27.36 -8.58 -0.45
C ILE A 110 -27.22 -8.60 -1.96
N GLN A 111 -26.02 -9.05 -2.42
CA GLN A 111 -25.66 -9.26 -3.81
C GLN A 111 -26.27 -10.51 -4.41
N ALA A 112 -26.26 -11.66 -3.68
CA ALA A 112 -26.76 -12.90 -4.21
C ALA A 112 -27.51 -13.59 -3.11
N VAL A 113 -27.96 -14.84 -3.37
CA VAL A 113 -28.72 -15.62 -2.43
C VAL A 113 -27.82 -16.05 -1.29
N LEU A 114 -28.27 -15.80 -0.04
CA LEU A 114 -27.50 -16.10 1.13
C LEU A 114 -27.88 -17.47 1.57
N LEU A 115 -26.88 -18.33 1.83
CA LEU A 115 -27.16 -19.63 2.36
C LEU A 115 -26.55 -19.59 3.73
N PRO A 116 -27.14 -20.28 4.66
CA PRO A 116 -26.56 -20.43 5.99
C PRO A 116 -25.49 -21.50 5.98
N LYS A 117 -24.51 -21.39 6.91
CA LYS A 117 -23.31 -22.18 7.04
C LYS A 117 -23.56 -23.65 6.80
N LYS A 118 -23.05 -24.14 5.64
CA LYS A 118 -23.10 -25.49 5.13
C LYS A 118 -24.48 -26.06 5.00
N THR A 119 -25.55 -25.25 4.97
CA THR A 119 -26.85 -25.83 4.83
C THR A 119 -26.98 -26.33 3.43
N GLU A 120 -26.89 -27.67 3.26
CA GLU A 120 -26.94 -28.19 1.92
C GLU A 120 -27.70 -29.50 1.88
N LYS A 121 -28.56 -29.63 0.84
CA LYS A 121 -29.27 -30.83 0.44
C LYS A 121 -29.90 -31.62 1.55
N LYS A 122 -30.54 -30.97 2.54
CA LYS A 122 -31.16 -31.76 3.58
C LYS A 122 -32.64 -31.59 3.43
N ALA A 123 -33.42 -32.58 3.90
CA ALA A 123 -34.85 -32.49 3.79
C ALA A 123 -35.42 -32.16 5.17
N PRO B 1 14.51 45.00 16.21
CA PRO B 1 15.95 45.01 16.60
C PRO B 1 16.69 44.82 15.32
N PRO B 2 17.99 45.02 15.31
CA PRO B 2 18.80 44.76 14.16
C PRO B 2 19.07 43.28 14.04
N LYS B 3 19.53 42.82 12.86
CA LYS B 3 19.78 41.43 12.54
C LYS B 3 20.89 40.83 13.37
N THR B 4 22.02 41.55 13.55
CA THR B 4 23.15 41.00 14.27
C THR B 4 22.94 41.19 15.73
N SER B 5 23.28 40.14 16.51
CA SER B 5 23.22 40.04 17.96
C SER B 5 24.23 40.93 18.64
N GLY B 6 25.53 40.54 18.57
CA GLY B 6 26.56 41.28 19.24
C GLY B 6 27.81 40.44 19.24
N LYS B 7 28.80 40.87 20.05
CA LYS B 7 30.07 40.20 20.13
C LYS B 7 29.98 39.12 21.16
N ALA B 8 30.59 37.95 20.84
CA ALA B 8 30.62 36.83 21.73
C ALA B 8 31.88 36.10 21.41
N ALA B 9 32.30 35.18 22.28
CA ALA B 9 33.47 34.40 22.01
C ALA B 9 32.96 33.05 21.67
N LYS B 10 33.65 32.34 20.77
CA LYS B 10 33.19 31.03 20.46
C LYS B 10 34.28 30.07 20.82
N LYS B 11 33.94 28.77 20.92
CA LYS B 11 34.84 27.67 21.19
C LYS B 11 35.72 27.92 22.39
N ALA B 12 35.17 28.40 23.50
CA ALA B 12 36.04 28.62 24.63
C ALA B 12 35.56 27.84 25.82
N GLY B 13 36.51 27.16 26.49
CA GLY B 13 36.19 26.37 27.65
C GLY B 13 36.05 24.95 27.21
N LYS B 14 36.08 24.03 28.19
CA LYS B 14 35.91 22.64 27.90
C LYS B 14 34.53 22.32 28.35
N ALA B 15 33.87 21.37 27.67
CA ALA B 15 32.57 20.96 28.11
C ALA B 15 32.72 19.49 28.29
N GLN B 16 31.93 18.90 29.20
CA GLN B 16 31.99 17.48 29.36
C GLN B 16 30.82 16.91 28.62
N LYS B 17 31.01 15.73 28.00
CA LYS B 17 29.91 15.08 27.34
C LYS B 17 29.74 13.72 27.92
N ASN B 18 28.60 13.50 28.59
CA ASN B 18 28.35 12.21 29.15
C ASN B 18 27.23 11.67 28.33
N ILE B 19 27.14 10.34 28.15
CA ILE B 19 26.09 9.81 27.33
C ILE B 19 25.07 9.11 28.19
N THR B 20 23.87 9.70 28.30
CA THR B 20 22.83 9.07 29.03
C THR B 20 21.74 8.82 28.06
N LYS B 21 20.98 7.72 28.26
CA LYS B 21 19.90 7.46 27.35
C LYS B 21 18.80 8.44 27.60
N THR B 22 18.46 9.20 26.53
CA THR B 22 17.38 10.14 26.60
C THR B 22 16.79 10.23 25.25
N ASP B 23 15.50 10.58 25.19
CA ASP B 23 14.89 10.72 23.90
C ASP B 23 14.06 11.95 23.93
N LYS B 24 14.27 12.82 22.93
CA LYS B 24 13.41 13.96 22.79
C LYS B 24 13.22 14.14 21.31
N LYS B 25 12.17 13.49 20.74
CA LYS B 25 11.92 13.56 19.32
C LYS B 25 10.44 13.71 19.12
N LYS B 26 10.05 14.19 17.92
CA LYS B 26 8.66 14.32 17.57
C LYS B 26 8.34 13.13 16.72
N LYS B 27 7.06 12.72 16.70
CA LYS B 27 6.65 11.57 15.94
C LYS B 27 5.98 12.05 14.69
N ARG B 28 5.78 11.12 13.74
CA ARG B 28 5.12 11.45 12.51
C ARG B 28 3.78 10.80 12.57
N LYS B 29 2.87 11.19 11.65
CA LYS B 29 1.53 10.65 11.55
C LYS B 29 1.55 9.41 10.70
N ARG B 30 0.58 8.50 10.93
CA ARG B 30 0.56 7.29 10.16
C ARG B 30 0.12 7.64 8.77
N LYS B 31 1.10 7.73 7.85
CA LYS B 31 0.83 7.92 6.47
C LYS B 31 1.88 7.11 5.81
N GLU B 32 1.46 6.07 5.08
CA GLU B 32 2.39 5.21 4.40
C GLU B 32 2.57 5.74 3.02
N SER B 33 3.70 5.43 2.36
CA SER B 33 3.82 6.12 1.08
C SER B 33 3.93 5.12 -0.07
N TYR B 34 2.79 4.78 -0.66
CA TYR B 34 2.76 3.82 -1.76
C TYR B 34 2.57 4.52 -3.10
N ALA B 35 2.41 5.84 -3.06
CA ALA B 35 2.22 6.63 -4.29
C ALA B 35 3.42 6.49 -5.23
N ILE B 36 4.56 6.12 -4.67
CA ILE B 36 5.77 5.92 -5.46
C ILE B 36 5.59 4.74 -6.41
N TYR B 37 4.93 3.70 -5.92
CA TYR B 37 4.67 2.50 -6.72
C TYR B 37 3.58 2.78 -7.74
N ILE B 38 2.52 3.46 -7.28
CA ILE B 38 1.38 3.80 -8.11
C ILE B 38 1.81 4.50 -9.41
N TYR B 39 2.74 5.44 -9.29
CA TYR B 39 3.22 6.19 -10.45
C TYR B 39 3.80 5.25 -11.51
N LYS B 40 4.55 4.26 -11.06
CA LYS B 40 5.17 3.30 -11.97
C LYS B 40 4.11 2.41 -12.63
N VAL B 41 3.15 1.97 -11.83
CA VAL B 41 2.08 1.11 -12.32
C VAL B 41 1.19 1.84 -13.33
N LEU B 42 0.90 3.11 -13.04
CA LEU B 42 0.06 3.91 -13.91
C LEU B 42 0.71 4.06 -15.28
N LYS B 43 2.02 4.26 -15.30
CA LYS B 43 2.76 4.42 -16.56
C LYS B 43 2.63 3.18 -17.43
N GLN B 44 2.43 2.02 -16.79
CA GLN B 44 2.28 0.76 -17.51
C GLN B 44 0.94 0.72 -18.23
N VAL B 45 -0.06 1.36 -17.64
CA VAL B 45 -1.41 1.39 -18.21
C VAL B 45 -1.57 2.60 -19.13
N HIS B 46 -1.24 3.76 -18.60
CA HIS B 46 -1.35 5.01 -19.36
C HIS B 46 0.01 5.71 -19.37
N PRO B 47 0.82 5.47 -20.42
CA PRO B 47 2.15 6.07 -20.54
C PRO B 47 2.12 7.60 -20.64
N ASP B 48 1.01 8.13 -21.15
CA ASP B 48 0.86 9.58 -21.31
C ASP B 48 -0.10 10.15 -20.28
N THR B 49 -0.01 9.67 -19.05
CA THR B 49 -0.87 10.16 -17.98
C THR B 49 -0.15 10.07 -16.63
N GLY B 50 -0.38 11.09 -15.80
CA GLY B 50 0.21 11.13 -14.48
C GLY B 50 -0.85 11.38 -13.43
N ILE B 51 -0.44 11.60 -12.18
CA ILE B 51 -1.39 11.83 -11.10
C ILE B 51 -1.09 13.17 -10.42
N SER B 52 -2.13 13.84 -9.95
CA SER B 52 -1.95 15.11 -9.27
C SER B 52 -1.49 14.86 -7.83
N SER B 53 -0.79 15.82 -7.26
CA SER B 53 -0.28 15.72 -5.91
C SER B 53 -1.41 15.47 -4.90
N LYS B 54 -2.56 16.07 -5.15
CA LYS B 54 -3.71 15.91 -4.27
C LYS B 54 -4.34 14.53 -4.41
N ALA B 55 -4.49 14.06 -5.66
CA ALA B 55 -5.10 12.76 -5.92
C ALA B 55 -4.21 11.62 -5.44
N MET B 56 -2.90 11.80 -5.51
CA MET B 56 -1.95 10.78 -5.09
C MET B 56 -2.15 10.40 -3.63
N SER B 57 -2.33 11.41 -2.77
CA SER B 57 -2.54 11.16 -1.34
C SER B 57 -3.86 10.43 -1.10
N ILE B 58 -4.88 10.78 -1.87
CA ILE B 58 -6.19 10.15 -1.74
C ILE B 58 -6.12 8.70 -2.20
N MET B 59 -5.48 8.48 -3.35
CA MET B 59 -5.33 7.15 -3.89
C MET B 59 -4.47 6.29 -2.98
N ASN B 60 -3.44 6.91 -2.40
CA ASN B 60 -2.54 6.23 -1.47
C ASN B 60 -3.33 5.69 -0.28
N SER B 61 -4.33 6.44 0.14
CA SER B 61 -5.17 6.04 1.27
C SER B 61 -5.99 4.81 0.90
N PHE B 62 -6.36 4.70 -0.37
CA PHE B 62 -7.12 3.55 -0.85
C PHE B 62 -6.23 2.31 -0.87
N VAL B 63 -5.02 2.48 -1.38
CA VAL B 63 -4.05 1.39 -1.46
C VAL B 63 -3.68 0.92 -0.06
N ASN B 64 -3.48 1.87 0.84
CA ASN B 64 -3.13 1.56 2.23
C ASN B 64 -4.30 0.85 2.92
N ASP B 65 -5.51 1.18 2.48
CA ASP B 65 -6.72 0.59 3.03
C ASP B 65 -6.83 -0.87 2.62
N ILE B 66 -6.24 -1.21 1.47
CA ILE B 66 -6.25 -2.58 0.99
C ILE B 66 -5.53 -3.49 1.99
N PHE B 67 -4.38 -3.02 2.46
CA PHE B 67 -3.58 -3.76 3.43
C PHE B 67 -4.40 -3.94 4.70
N GLU B 68 -5.04 -2.86 5.11
CA GLU B 68 -5.87 -2.86 6.31
C GLU B 68 -6.99 -3.90 6.21
N ARG B 69 -7.62 -3.95 5.05
CA ARG B 69 -8.70 -4.89 4.80
C ARG B 69 -8.22 -6.34 4.96
N ILE B 70 -7.08 -6.63 4.34
CA ILE B 70 -6.50 -7.97 4.40
C ILE B 70 -6.00 -8.29 5.81
N ALA B 71 -5.35 -7.31 6.43
CA ALA B 71 -4.81 -7.47 7.77
C ALA B 71 -5.90 -7.83 8.78
N ALA B 72 -7.08 -7.23 8.60
CA ALA B 72 -8.20 -7.51 9.48
C ALA B 72 -8.59 -8.98 9.41
N GLU B 73 -8.74 -9.48 8.19
CA GLU B 73 -9.10 -10.89 7.97
C GLU B 73 -7.95 -11.80 8.38
N ALA B 74 -6.73 -11.32 8.20
CA ALA B 74 -5.53 -12.07 8.55
C ALA B 74 -5.53 -12.40 10.03
N SER B 75 -5.78 -11.39 10.86
CA SER B 75 -5.81 -11.58 12.31
C SER B 75 -6.92 -12.57 12.69
N ARG B 76 -8.02 -12.55 11.94
CA ARG B 76 -9.14 -13.44 12.19
C ARG B 76 -8.75 -14.88 11.87
N LEU B 77 -8.12 -15.08 10.72
CA LEU B 77 -7.69 -16.41 10.30
C LEU B 77 -6.57 -16.92 11.20
N ALA B 78 -5.66 -16.03 11.57
CA ALA B 78 -4.55 -16.39 12.44
C ALA B 78 -5.03 -16.69 13.86
N HIS B 79 -6.21 -16.18 14.19
CA HIS B 79 -6.79 -16.40 15.51
C HIS B 79 -7.25 -17.85 15.63
N TYR B 80 -7.85 -18.37 14.57
CA TYR B 80 -8.31 -19.75 14.55
C TYR B 80 -7.13 -20.70 14.45
N ASN B 81 -6.08 -20.25 13.77
CA ASN B 81 -4.87 -21.05 13.59
C ASN B 81 -3.97 -20.93 14.81
N LYS B 82 -4.27 -19.96 15.67
CA LYS B 82 -3.49 -19.71 16.88
C LYS B 82 -2.04 -19.37 16.54
N ARG B 83 -1.88 -18.34 15.72
CA ARG B 83 -0.56 -17.90 15.30
C ARG B 83 -0.46 -16.38 15.39
N SER B 84 0.66 -15.88 15.87
CA SER B 84 0.88 -14.45 16.00
C SER B 84 1.79 -13.95 14.89
N THR B 85 2.05 -14.81 13.92
CA THR B 85 2.91 -14.49 12.79
C THR B 85 2.21 -14.79 11.47
N ILE B 86 2.18 -13.82 10.57
CA ILE B 86 1.56 -14.02 9.27
C ILE B 86 2.61 -14.31 8.22
N THR B 87 2.62 -15.54 7.72
CA THR B 87 3.57 -15.96 6.71
C THR B 87 3.01 -15.73 5.30
N SER B 88 3.87 -15.84 4.31
CA SER B 88 3.48 -15.64 2.92
C SER B 88 2.51 -16.73 2.45
N ARG B 89 2.55 -17.88 3.11
CA ARG B 89 1.67 -19.00 2.75
C ARG B 89 0.26 -18.78 3.30
N GLU B 90 0.16 -18.15 4.45
CA GLU B 90 -1.13 -17.91 5.10
C GLU B 90 -1.93 -16.82 4.39
N ILE B 91 -1.25 -15.77 3.96
CA ILE B 91 -1.89 -14.65 3.28
C ILE B 91 -2.50 -15.08 1.94
N GLN B 92 -1.97 -16.14 1.36
CA GLN B 92 -2.47 -16.65 0.07
C GLN B 92 -3.94 -17.04 0.19
N THR B 93 -4.29 -17.67 1.30
CA THR B 93 -5.65 -18.10 1.54
C THR B 93 -6.59 -16.92 1.71
N ALA B 94 -6.09 -15.87 2.37
CA ALA B 94 -6.88 -14.67 2.61
C ALA B 94 -7.26 -13.98 1.30
N VAL B 95 -6.31 -13.93 0.37
CA VAL B 95 -6.53 -13.29 -0.92
C VAL B 95 -7.65 -13.99 -1.69
N ARG B 96 -7.66 -15.32 -1.63
CA ARG B 96 -8.66 -16.11 -2.33
C ARG B 96 -10.04 -15.97 -1.73
N LEU B 97 -10.13 -15.43 -0.52
CA LEU B 97 -11.41 -15.25 0.15
C LEU B 97 -11.88 -13.80 0.09
N LEU B 98 -10.97 -12.91 -0.27
CA LEU B 98 -11.30 -11.49 -0.36
C LEU B 98 -11.42 -11.03 -1.80
N LEU B 99 -10.91 -11.84 -2.72
CA LEU B 99 -10.98 -11.50 -4.14
C LEU B 99 -11.73 -12.58 -4.93
N PRO B 100 -12.22 -12.24 -6.13
CA PRO B 100 -12.95 -13.18 -6.98
C PRO B 100 -12.06 -14.32 -7.50
N GLY B 101 -12.47 -14.96 -8.58
CA GLY B 101 -11.71 -16.06 -9.12
C GLY B 101 -10.50 -15.63 -9.93
N GLU B 102 -10.76 -15.20 -11.16
CA GLU B 102 -9.71 -14.76 -12.10
C GLU B 102 -8.74 -13.76 -11.47
N LEU B 103 -9.29 -12.76 -10.79
CA LEU B 103 -8.49 -11.71 -10.16
C LEU B 103 -7.56 -12.28 -9.09
N ALA B 104 -8.11 -13.04 -8.15
CA ALA B 104 -7.30 -13.63 -7.09
C ALA B 104 -6.26 -14.59 -7.65
N LYS B 105 -6.68 -15.38 -8.63
CA LYS B 105 -5.80 -16.36 -9.27
C LYS B 105 -4.55 -15.67 -9.82
N HIS B 106 -4.74 -14.53 -10.46
CA HIS B 106 -3.62 -13.79 -11.03
C HIS B 106 -2.83 -13.07 -9.94
N ALA B 107 -3.54 -12.53 -8.95
CA ALA B 107 -2.89 -11.83 -7.85
C ALA B 107 -1.98 -12.77 -7.06
N VAL B 108 -2.50 -13.94 -6.73
CA VAL B 108 -1.72 -14.95 -5.99
C VAL B 108 -0.51 -15.36 -6.82
N SER B 109 -0.71 -15.54 -8.11
CA SER B 109 0.36 -15.94 -9.01
C SER B 109 1.47 -14.89 -9.03
N GLU B 110 1.09 -13.63 -9.20
CA GLU B 110 2.07 -12.55 -9.24
C GLU B 110 2.78 -12.41 -7.90
N GLY B 111 2.02 -12.54 -6.82
CA GLY B 111 2.59 -12.45 -5.49
C GLY B 111 3.63 -13.53 -5.23
N THR B 112 3.33 -14.74 -5.70
CA THR B 112 4.24 -15.86 -5.53
C THR B 112 5.43 -15.77 -6.50
N LYS B 113 5.33 -14.84 -7.44
CA LYS B 113 6.40 -14.61 -8.41
C LYS B 113 7.29 -13.47 -7.96
N ALA B 114 6.65 -12.41 -7.46
CA ALA B 114 7.35 -11.21 -6.99
C ALA B 114 8.39 -11.56 -5.94
N VAL B 115 8.01 -12.40 -4.99
CA VAL B 115 8.93 -12.82 -3.93
C VAL B 115 10.18 -13.47 -4.51
N THR B 116 10.01 -14.17 -5.62
CA THR B 116 11.12 -14.84 -6.29
C THR B 116 11.94 -13.84 -7.10
N LYS B 117 11.26 -12.83 -7.65
CA LYS B 117 11.92 -11.80 -8.44
C LYS B 117 12.80 -10.93 -7.53
N TYR B 118 12.23 -10.54 -6.40
CA TYR B 118 12.92 -9.70 -5.42
C TYR B 118 14.21 -10.36 -4.94
N THR B 119 14.13 -11.64 -4.60
CA THR B 119 15.29 -12.37 -4.10
C THR B 119 16.21 -12.82 -5.23
N SER B 120 15.73 -12.68 -6.47
CA SER B 120 16.50 -13.09 -7.64
C SER B 120 16.83 -14.58 -7.59
N SER B 121 15.93 -15.35 -6.97
CA SER B 121 16.12 -16.79 -6.82
C SER B 121 15.82 -17.51 -8.13
N LYS B 122 16.79 -17.51 -9.02
CA LYS B 122 16.64 -18.15 -10.33
C LYS B 122 17.11 -19.59 -10.28
N SER A 1 54.26 9.58 -11.11
CA SER A 1 54.82 8.21 -11.17
C SER A 1 54.16 7.34 -10.16
N GLY A 2 54.82 6.22 -9.86
CA GLY A 2 54.39 5.31 -8.85
C GLY A 2 55.10 5.72 -7.59
N ARG A 3 54.73 5.09 -6.47
CA ARG A 3 55.30 5.39 -5.18
C ARG A 3 56.76 5.04 -5.21
N GLY A 4 57.11 3.94 -5.90
CA GLY A 4 58.49 3.55 -5.96
C GLY A 4 58.64 2.48 -6.99
N LYS A 5 59.88 1.98 -7.15
CA LYS A 5 60.16 0.97 -8.12
C LYS A 5 60.37 -0.32 -7.39
N GLY A 6 60.30 -1.44 -8.13
CA GLY A 6 60.48 -2.75 -7.57
C GLY A 6 59.14 -3.31 -7.26
N GLY A 7 59.12 -4.56 -6.78
CA GLY A 7 57.85 -5.14 -6.45
C GLY A 7 58.04 -5.91 -5.20
N LYS A 8 57.40 -5.43 -4.11
CA LYS A 8 57.45 -6.12 -2.85
C LYS A 8 56.05 -6.59 -2.62
N VAL A 9 55.84 -7.37 -1.53
CA VAL A 9 54.51 -7.85 -1.25
C VAL A 9 53.70 -6.65 -0.87
N LYS A 10 52.80 -6.24 -1.80
CA LYS A 10 51.93 -5.13 -1.58
C LYS A 10 50.61 -5.71 -1.22
N GLY A 11 49.79 -4.92 -0.50
CA GLY A 11 48.48 -5.37 -0.12
C GLY A 11 47.53 -4.96 -1.18
N LYS A 12 46.26 -5.34 -0.99
CA LYS A 12 45.23 -5.02 -1.91
C LYS A 12 44.05 -4.59 -1.09
N ALA A 13 42.89 -4.32 -1.74
CA ALA A 13 41.70 -3.91 -1.06
C ALA A 13 41.10 -5.08 -0.32
N LYS A 14 40.72 -4.82 0.95
CA LYS A 14 40.17 -5.79 1.85
C LYS A 14 38.78 -6.23 1.45
N SER A 15 37.83 -5.29 1.25
CA SER A 15 36.50 -5.72 0.92
C SER A 15 36.46 -6.27 -0.47
N ARG A 16 35.88 -7.46 -0.61
CA ARG A 16 35.78 -8.06 -1.91
C ARG A 16 34.42 -8.66 -2.02
N SER A 17 33.62 -8.16 -2.97
CA SER A 17 32.33 -8.75 -3.19
C SER A 17 32.09 -8.80 -4.65
N ASN A 18 31.45 -9.90 -5.10
CA ASN A 18 31.20 -10.00 -6.51
C ASN A 18 30.19 -8.99 -6.96
N ARG A 19 29.22 -8.61 -6.08
CA ARG A 19 28.19 -7.69 -6.49
C ARG A 19 27.71 -6.92 -5.29
N ALA A 20 26.97 -5.83 -5.57
CA ALA A 20 26.34 -5.06 -4.54
C ALA A 20 24.96 -4.84 -5.05
N GLY A 21 23.95 -4.83 -4.16
CA GLY A 21 22.63 -4.62 -4.65
C GLY A 21 21.70 -4.50 -3.50
N LEU A 22 20.51 -3.92 -3.78
CA LEU A 22 19.48 -3.74 -2.77
C LEU A 22 18.22 -4.52 -3.15
N GLN A 23 17.64 -5.20 -2.18
CA GLN A 23 16.43 -5.98 -2.40
C GLN A 23 15.20 -5.19 -1.98
N PHE A 24 14.04 -5.85 -1.97
CA PHE A 24 12.79 -5.22 -1.59
C PHE A 24 12.80 -4.90 -0.09
N PRO A 25 12.57 -3.62 0.28
CA PRO A 25 12.53 -3.20 1.68
C PRO A 25 11.36 -3.83 2.43
N VAL A 26 11.63 -4.93 3.13
CA VAL A 26 10.60 -5.63 3.89
C VAL A 26 10.14 -4.79 5.07
N GLY A 27 11.06 -4.01 5.63
CA GLY A 27 10.73 -3.16 6.78
C GLY A 27 9.60 -2.20 6.48
N ARG A 28 9.51 -1.77 5.22
CA ARG A 28 8.47 -0.84 4.79
C ARG A 28 7.08 -1.42 5.03
N ILE A 29 6.95 -2.73 4.90
CA ILE A 29 5.68 -3.41 5.11
C ILE A 29 5.63 -4.01 6.52
N HIS A 30 6.77 -4.46 7.00
CA HIS A 30 6.89 -5.07 8.34
C HIS A 30 6.43 -4.09 9.42
N ARG A 31 6.88 -2.85 9.31
CA ARG A 31 6.53 -1.82 10.29
C ARG A 31 5.15 -1.25 10.00
N LEU A 32 4.54 -1.70 8.91
CA LEU A 32 3.21 -1.23 8.52
C LEU A 32 2.16 -2.22 8.99
N LEU A 33 2.39 -3.50 8.74
CA LEU A 33 1.45 -4.54 9.15
C LEU A 33 1.42 -4.67 10.66
N ARG A 34 2.57 -4.50 11.29
CA ARG A 34 2.66 -4.60 12.74
C ARG A 34 2.37 -3.25 13.40
N LYS A 35 1.79 -2.33 12.63
CA LYS A 35 1.46 -1.01 13.15
C LYS A 35 0.02 -0.98 13.65
N GLY A 36 -0.80 -1.87 13.10
CA GLY A 36 -2.20 -1.92 13.49
C GLY A 36 -2.45 -2.84 14.67
N ASN A 37 -1.39 -3.47 15.17
CA ASN A 37 -1.49 -4.37 16.32
C ASN A 37 -2.47 -5.51 16.05
N TYR A 38 -2.40 -6.05 14.84
CA TYR A 38 -3.30 -7.14 14.45
C TYR A 38 -2.86 -8.45 15.11
N ALA A 39 -1.58 -8.75 15.02
CA ALA A 39 -1.02 -9.97 15.59
C ALA A 39 0.34 -9.70 16.19
N GLU A 40 1.04 -10.75 16.58
CA GLU A 40 2.36 -10.62 17.18
C GLU A 40 3.45 -10.59 16.12
N ARG A 41 3.51 -11.62 15.29
CA ARG A 41 4.53 -11.68 14.24
C ARG A 41 3.91 -12.07 12.90
N VAL A 42 4.73 -12.03 11.86
CA VAL A 42 4.30 -12.38 10.51
C VAL A 42 5.29 -13.36 9.89
N GLY A 43 4.81 -14.18 8.97
CA GLY A 43 5.69 -15.15 8.31
C GLY A 43 6.58 -14.49 7.28
N ALA A 44 7.69 -15.15 6.96
CA ALA A 44 8.64 -14.63 5.98
C ALA A 44 8.06 -14.71 4.57
N GLY A 45 8.38 -13.72 3.74
CA GLY A 45 7.89 -13.70 2.38
C GLY A 45 6.53 -13.03 2.27
N ALA A 46 5.78 -13.05 3.38
CA ALA A 46 4.44 -12.46 3.42
C ALA A 46 4.45 -10.97 3.07
N PRO A 47 5.35 -10.13 3.65
CA PRO A 47 5.40 -8.70 3.34
C PRO A 47 5.59 -8.43 1.84
N VAL A 48 6.40 -9.26 1.21
CA VAL A 48 6.68 -9.12 -0.21
C VAL A 48 5.43 -9.48 -1.03
N TYR A 49 4.76 -10.54 -0.60
CA TYR A 49 3.55 -11.02 -1.24
C TYR A 49 2.42 -10.00 -1.11
N LEU A 50 2.21 -9.52 0.10
CA LEU A 50 1.16 -8.55 0.39
C LEU A 50 1.33 -7.27 -0.44
N ALA A 51 2.58 -6.83 -0.58
CA ALA A 51 2.88 -5.63 -1.34
C ALA A 51 2.50 -5.81 -2.81
N ALA A 52 2.84 -6.97 -3.36
CA ALA A 52 2.53 -7.27 -4.76
C ALA A 52 1.03 -7.28 -5.01
N VAL A 53 0.28 -7.76 -4.02
CA VAL A 53 -1.17 -7.83 -4.13
C VAL A 53 -1.77 -6.42 -4.24
N MET A 54 -1.42 -5.55 -3.31
CA MET A 54 -1.95 -4.18 -3.31
C MET A 54 -1.37 -3.37 -4.48
N GLU A 55 -0.16 -3.72 -4.91
CA GLU A 55 0.48 -3.04 -6.03
C GLU A 55 -0.22 -3.39 -7.34
N TYR A 56 -0.62 -4.65 -7.45
CA TYR A 56 -1.30 -5.14 -8.64
C TYR A 56 -2.67 -4.48 -8.80
N LEU A 57 -3.41 -4.38 -7.69
CA LEU A 57 -4.74 -3.78 -7.70
C LEU A 57 -4.71 -2.33 -8.17
N ALA A 58 -3.55 -1.69 -8.04
CA ALA A 58 -3.39 -0.30 -8.45
C ALA A 58 -3.52 -0.18 -9.96
N ALA A 59 -3.19 -1.25 -10.68
CA ALA A 59 -3.26 -1.27 -12.14
C ALA A 59 -4.67 -0.97 -12.63
N GLU A 60 -5.66 -1.56 -11.96
CA GLU A 60 -7.06 -1.36 -12.33
C GLU A 60 -7.45 0.10 -12.16
N VAL A 61 -7.10 0.66 -11.01
CA VAL A 61 -7.42 2.06 -10.72
C VAL A 61 -6.70 3.00 -11.69
N LEU A 62 -5.41 2.76 -11.88
CA LEU A 62 -4.60 3.59 -12.77
C LEU A 62 -5.09 3.53 -14.21
N GLU A 63 -5.59 2.37 -14.62
CA GLU A 63 -6.10 2.20 -15.97
C GLU A 63 -7.40 2.98 -16.16
N LEU A 64 -8.30 2.84 -15.19
CA LEU A 64 -9.58 3.52 -15.24
C LEU A 64 -9.41 5.03 -15.09
N ALA A 65 -8.52 5.43 -14.19
CA ALA A 65 -8.24 6.84 -13.95
C ALA A 65 -7.49 7.45 -15.13
N GLY A 66 -6.55 6.67 -15.68
CA GLY A 66 -5.77 7.13 -16.80
C GLY A 66 -6.64 7.42 -18.01
N ASN A 67 -7.59 6.54 -18.28
CA ASN A 67 -8.50 6.71 -19.41
C ASN A 67 -9.35 7.96 -19.18
N ALA A 68 -9.71 8.20 -17.92
CA ALA A 68 -10.52 9.36 -17.56
C ALA A 68 -9.72 10.65 -17.81
N ALA A 69 -8.45 10.62 -17.43
CA ALA A 69 -7.57 11.77 -17.62
C ALA A 69 -7.35 12.01 -19.12
N ARG A 70 -7.27 10.91 -19.87
CA ARG A 70 -7.09 10.99 -21.32
C ARG A 70 -8.31 11.63 -21.97
N ASP A 71 -9.48 11.30 -21.43
CA ASP A 71 -10.74 11.84 -21.94
C ASP A 71 -10.82 13.34 -21.70
N ASN A 72 -10.40 13.75 -20.52
CA ASN A 72 -10.42 15.15 -20.14
C ASN A 72 -9.23 15.91 -20.73
N LYS A 73 -8.25 15.15 -21.23
CA LYS A 73 -7.05 15.74 -21.83
C LYS A 73 -6.25 16.53 -20.80
N LYS A 74 -6.21 16.01 -19.58
CA LYS A 74 -5.50 16.67 -18.49
C LYS A 74 -4.17 15.99 -18.20
N THR A 75 -3.23 16.76 -17.69
CA THR A 75 -1.91 16.26 -17.33
C THR A 75 -1.98 15.47 -16.03
N ARG A 76 -2.85 15.92 -15.13
CA ARG A 76 -3.02 15.28 -13.84
C ARG A 76 -4.45 14.76 -13.69
N ILE A 77 -4.59 13.53 -13.21
CA ILE A 77 -5.89 12.93 -12.99
C ILE A 77 -6.72 13.77 -12.02
N ILE A 78 -7.98 14.01 -12.39
CA ILE A 78 -8.87 14.79 -11.55
C ILE A 78 -9.34 13.99 -10.35
N PRO A 79 -9.14 14.53 -9.13
CA PRO A 79 -9.54 13.87 -7.88
C PRO A 79 -11.02 13.49 -7.87
N ARG A 80 -11.84 14.38 -8.40
CA ARG A 80 -13.29 14.14 -8.45
C ARG A 80 -13.61 12.93 -9.32
N HIS A 81 -12.85 12.76 -10.40
CA HIS A 81 -13.04 11.64 -11.32
C HIS A 81 -12.76 10.32 -10.61
N LEU A 82 -11.76 10.33 -9.74
CA LEU A 82 -11.39 9.13 -8.99
C LEU A 82 -12.56 8.68 -8.12
N GLN A 83 -13.18 9.64 -7.44
CA GLN A 83 -14.31 9.36 -6.57
C GLN A 83 -15.47 8.78 -7.37
N LEU A 84 -15.75 9.38 -8.52
CA LEU A 84 -16.83 8.93 -9.39
C LEU A 84 -16.58 7.51 -9.90
N ALA A 85 -15.37 7.27 -10.36
CA ALA A 85 -14.99 5.97 -10.90
C ALA A 85 -15.14 4.86 -9.87
N ILE A 86 -14.55 5.05 -8.69
CA ILE A 86 -14.62 4.04 -7.63
C ILE A 86 -16.05 3.82 -7.14
N ARG A 87 -16.81 4.91 -7.02
CA ARG A 87 -18.18 4.84 -6.55
C ARG A 87 -19.09 4.15 -7.56
N ASN A 88 -18.81 4.33 -8.84
CA ASN A 88 -19.62 3.74 -9.91
C ASN A 88 -19.15 2.33 -10.27
N ASP A 89 -18.04 1.90 -9.69
CA ASP A 89 -17.51 0.57 -9.99
C ASP A 89 -17.82 -0.41 -8.88
N GLU A 90 -18.42 -1.54 -9.25
CA GLU A 90 -18.78 -2.58 -8.29
C GLU A 90 -17.57 -3.47 -7.99
N GLU A 91 -16.80 -3.78 -9.03
CA GLU A 91 -15.62 -4.63 -8.89
C GLU A 91 -14.61 -4.02 -7.92
N LEU A 92 -14.38 -2.72 -8.07
CA LEU A 92 -13.44 -2.01 -7.20
C LEU A 92 -13.96 -2.01 -5.76
N ASN A 93 -15.27 -1.93 -5.61
CA ASN A 93 -15.90 -1.94 -4.29
C ASN A 93 -15.78 -3.30 -3.63
N LYS A 94 -15.59 -4.33 -4.45
CA LYS A 94 -15.45 -5.69 -3.96
C LYS A 94 -14.07 -5.91 -3.34
N LEU A 95 -13.16 -4.98 -3.63
CA LEU A 95 -11.80 -5.06 -3.11
C LEU A 95 -11.74 -4.45 -1.71
N LEU A 96 -12.85 -3.90 -1.26
CA LEU A 96 -12.93 -3.28 0.06
C LEU A 96 -13.26 -4.31 1.13
N SER A 97 -13.65 -5.52 0.62
CA SER A 97 -14.07 -6.75 1.25
C SER A 97 -15.28 -6.60 2.11
N GLY A 98 -15.61 -7.73 2.79
CA GLY A 98 -16.59 -7.78 3.83
C GLY A 98 -17.99 -8.02 3.36
N VAL A 99 -18.88 -7.94 4.35
CA VAL A 99 -20.29 -8.13 4.21
C VAL A 99 -20.90 -6.76 4.33
N THR A 100 -22.19 -6.61 3.95
CA THR A 100 -22.88 -5.35 4.04
C THR A 100 -23.17 -5.02 5.47
N ILE A 101 -23.20 -3.70 5.75
CA ILE A 101 -23.44 -3.19 7.06
C ILE A 101 -24.82 -2.62 6.99
N ALA A 102 -25.67 -2.91 8.01
CA ALA A 102 -26.99 -2.38 8.03
C ALA A 102 -26.98 -1.31 9.07
N GLN A 103 -27.72 -0.21 8.85
CA GLN A 103 -27.69 0.83 9.85
C GLN A 103 -29.10 1.22 10.16
N GLY A 104 -29.48 1.14 11.45
CA GLY A 104 -30.78 1.58 11.87
C GLY A 104 -31.82 0.72 11.20
N GLY A 105 -32.50 1.30 10.19
CA GLY A 105 -33.51 0.60 9.48
C GLY A 105 -34.84 0.99 10.06
N VAL A 106 -35.92 0.45 9.46
CA VAL A 106 -37.28 0.69 9.88
C VAL A 106 -37.58 0.08 11.23
N LEU A 107 -37.26 -1.22 11.44
CA LEU A 107 -37.55 -1.89 12.68
C LEU A 107 -36.36 -1.78 13.58
N PRO A 108 -36.60 -1.66 14.87
CA PRO A 108 -35.52 -1.58 15.84
C PRO A 108 -34.59 -2.76 15.90
N ASN A 109 -35.12 -3.99 15.99
CA ASN A 109 -34.30 -5.16 15.95
C ASN A 109 -34.93 -6.05 14.92
N ILE A 110 -34.15 -6.48 13.91
CA ILE A 110 -34.76 -7.33 12.94
C ILE A 110 -34.13 -8.68 13.04
N GLN A 111 -34.99 -9.68 13.32
CA GLN A 111 -34.64 -11.05 13.49
C GLN A 111 -34.95 -11.68 12.16
N ALA A 112 -34.24 -12.75 11.76
CA ALA A 112 -34.59 -13.33 10.50
C ALA A 112 -35.78 -14.20 10.73
N VAL A 113 -36.93 -13.79 10.15
CA VAL A 113 -38.16 -14.53 10.29
C VAL A 113 -38.76 -14.54 8.91
N LEU A 114 -39.28 -15.71 8.46
CA LEU A 114 -39.86 -15.91 7.15
C LEU A 114 -41.11 -15.09 6.91
N LEU A 115 -42.08 -15.05 7.87
CA LEU A 115 -43.34 -14.35 7.76
C LEU A 115 -43.19 -12.98 8.38
N PRO A 116 -44.17 -12.10 8.29
CA PRO A 116 -44.05 -10.80 8.92
C PRO A 116 -44.20 -10.74 10.43
N LYS A 117 -43.51 -9.75 11.03
CA LYS A 117 -43.43 -9.51 12.45
C LYS A 117 -44.82 -9.32 13.00
N LYS A 118 -45.75 -8.67 12.27
CA LYS A 118 -47.10 -8.52 12.73
C LYS A 118 -47.81 -9.86 12.87
N THR A 119 -47.60 -10.82 11.92
CA THR A 119 -48.20 -12.12 11.97
C THR A 119 -47.62 -12.99 13.05
N GLU A 120 -46.29 -13.26 13.06
CA GLU A 120 -45.74 -14.06 14.11
C GLU A 120 -45.14 -13.13 15.09
N LYS A 121 -45.41 -13.34 16.39
CA LYS A 121 -44.91 -12.41 17.35
C LYS A 121 -43.86 -13.10 18.15
N LYS A 122 -43.05 -12.30 18.86
CA LYS A 122 -42.01 -12.76 19.74
C LYS A 122 -42.68 -13.17 21.03
N ALA A 123 -42.31 -14.35 21.56
CA ALA A 123 -42.95 -14.81 22.76
C ALA A 123 -41.87 -15.32 23.70
N PRO B 1 16.40 37.63 3.07
CA PRO B 1 16.65 38.77 2.16
C PRO B 1 16.86 39.92 3.10
N PRO B 2 18.05 40.45 3.15
CA PRO B 2 18.35 41.60 3.96
C PRO B 2 18.08 42.85 3.17
N LYS B 3 17.90 43.99 3.86
CA LYS B 3 17.70 45.33 3.31
C LYS B 3 16.70 45.31 2.19
N THR B 4 15.44 44.92 2.46
CA THR B 4 14.52 44.90 1.37
C THR B 4 13.58 46.05 1.51
N SER B 5 13.07 46.49 0.36
CA SER B 5 12.13 47.54 0.23
C SER B 5 11.31 47.08 -0.91
N GLY B 6 10.60 48.02 -1.59
CA GLY B 6 9.76 47.65 -2.70
C GLY B 6 8.29 47.82 -2.40
N LYS B 7 7.93 48.52 -1.29
CA LYS B 7 6.55 48.70 -0.90
C LYS B 7 5.78 49.31 -2.03
N ALA B 8 6.31 50.37 -2.67
CA ALA B 8 5.65 51.03 -3.77
C ALA B 8 5.52 50.13 -4.98
N ALA B 9 6.62 49.44 -5.34
CA ALA B 9 6.71 48.56 -6.49
C ALA B 9 5.71 47.46 -6.37
N LYS B 10 5.49 46.93 -5.14
CA LYS B 10 4.55 45.85 -4.98
C LYS B 10 3.20 46.34 -5.38
N LYS B 11 2.69 45.86 -6.55
CA LYS B 11 1.40 46.19 -7.08
C LYS B 11 0.33 45.56 -6.24
N ALA B 12 0.49 44.26 -5.89
CA ALA B 12 -0.41 43.53 -5.05
C ALA B 12 0.07 43.69 -3.64
N GLY B 13 -0.83 43.33 -2.70
CA GLY B 13 -0.57 43.37 -1.29
C GLY B 13 -1.62 42.50 -0.66
N LYS B 14 -1.71 42.54 0.69
CA LYS B 14 -2.69 41.81 1.47
C LYS B 14 -2.67 40.35 1.13
N ALA B 15 -1.50 39.76 0.86
CA ALA B 15 -1.47 38.37 0.52
C ALA B 15 -0.22 37.78 1.07
N GLN B 16 -0.22 36.43 1.21
CA GLN B 16 0.90 35.66 1.68
C GLN B 16 1.74 35.39 0.47
N LYS B 17 3.07 35.64 0.56
CA LYS B 17 3.91 35.43 -0.59
C LYS B 17 4.38 34.02 -0.59
N ASN B 18 4.38 33.41 -1.79
CA ASN B 18 4.89 32.09 -1.89
C ASN B 18 6.09 32.22 -2.75
N ILE B 19 7.03 31.26 -2.62
CA ILE B 19 8.24 31.31 -3.40
C ILE B 19 8.22 30.11 -4.31
N THR B 20 8.29 30.35 -5.65
CA THR B 20 8.16 29.37 -6.70
C THR B 20 9.13 28.22 -6.53
N LYS B 21 10.38 28.52 -6.11
CA LYS B 21 11.43 27.55 -5.91
C LYS B 21 11.13 26.55 -4.83
N THR B 22 10.66 27.02 -3.63
CA THR B 22 10.44 26.11 -2.55
C THR B 22 8.98 25.84 -2.41
N ASP B 23 8.66 24.67 -1.86
CA ASP B 23 7.32 24.26 -1.58
C ASP B 23 7.25 24.33 -0.08
N LYS B 24 6.05 24.67 0.46
CA LYS B 24 5.73 24.76 1.87
C LYS B 24 5.62 23.39 2.53
N LYS B 25 5.04 22.41 1.80
CA LYS B 25 4.76 21.03 2.17
C LYS B 25 6.01 20.21 2.05
N LYS B 26 6.14 19.16 2.90
CA LYS B 26 7.30 18.30 2.90
C LYS B 26 7.26 17.38 1.70
N LYS B 27 7.75 17.92 0.56
CA LYS B 27 7.87 17.28 -0.74
C LYS B 27 9.00 16.27 -0.85
N ARG B 28 10.23 16.60 -0.36
CA ARG B 28 11.40 15.77 -0.52
C ARG B 28 11.31 14.41 0.11
N LYS B 29 10.84 14.28 1.36
CA LYS B 29 10.77 12.96 1.90
C LYS B 29 9.32 12.62 1.97
N ARG B 30 8.92 11.42 1.52
CA ARG B 30 7.54 11.08 1.65
C ARG B 30 7.40 9.61 1.99
N LYS B 31 7.68 9.24 3.26
CA LYS B 31 7.67 7.88 3.76
C LYS B 31 6.28 7.30 3.66
N GLU B 32 5.28 8.10 4.08
CA GLU B 32 3.88 7.82 4.21
C GLU B 32 3.29 7.47 2.88
N SER B 33 3.81 8.10 1.82
CA SER B 33 3.24 8.06 0.48
C SER B 33 3.53 6.72 -0.18
N TYR B 34 2.52 6.20 -0.88
CA TYR B 34 2.66 4.93 -1.57
C TYR B 34 2.91 5.16 -3.05
N ALA B 35 3.30 6.39 -3.39
CA ALA B 35 3.57 6.77 -4.77
C ALA B 35 4.70 5.93 -5.36
N ILE B 36 5.53 5.38 -4.48
CA ILE B 36 6.65 4.53 -4.89
C ILE B 36 6.14 3.29 -5.64
N TYR B 37 4.92 2.88 -5.33
CA TYR B 37 4.31 1.72 -5.97
C TYR B 37 3.57 2.16 -7.23
N ILE B 38 2.81 3.26 -7.09
CA ILE B 38 2.02 3.80 -8.19
C ILE B 38 2.86 4.09 -9.42
N TYR B 39 4.01 4.74 -9.23
CA TYR B 39 4.89 5.10 -10.34
C TYR B 39 5.33 3.88 -11.16
N LYS B 40 5.37 2.71 -10.52
CA LYS B 40 5.78 1.49 -11.19
C LYS B 40 4.73 1.03 -12.20
N VAL B 41 3.47 1.08 -11.80
CA VAL B 41 2.39 0.63 -12.66
C VAL B 41 1.87 1.76 -13.56
N LEU B 42 2.07 3.00 -13.13
CA LEU B 42 1.62 4.17 -13.88
C LEU B 42 2.08 4.12 -15.34
N LYS B 43 3.39 4.02 -15.53
CA LYS B 43 3.96 3.98 -16.87
C LYS B 43 3.76 2.62 -17.55
N GLN B 44 3.15 1.69 -16.84
CA GLN B 44 2.91 0.37 -17.39
C GLN B 44 1.54 0.29 -18.05
N VAL B 45 0.59 1.08 -17.54
CA VAL B 45 -0.76 1.07 -18.10
C VAL B 45 -1.06 2.36 -18.87
N HIS B 46 -0.72 3.51 -18.30
CA HIS B 46 -0.97 4.79 -18.95
C HIS B 46 0.23 5.72 -18.81
N PRO B 47 1.20 5.61 -19.73
CA PRO B 47 2.42 6.43 -19.71
C PRO B 47 2.17 7.88 -20.14
N ASP B 48 0.93 8.19 -20.52
CA ASP B 48 0.57 9.54 -20.96
C ASP B 48 -0.29 10.26 -19.92
N THR B 49 -0.15 9.87 -18.66
CA THR B 49 -0.95 10.49 -17.61
C THR B 49 -0.11 10.78 -16.37
N GLY B 50 -0.69 11.53 -15.44
CA GLY B 50 -0.03 11.87 -14.21
C GLY B 50 -1.02 12.05 -13.09
N ILE B 51 -0.55 12.00 -11.85
CA ILE B 51 -1.44 12.14 -10.70
C ILE B 51 -1.32 13.54 -10.12
N SER B 52 -2.44 14.07 -9.65
CA SER B 52 -2.47 15.40 -9.04
C SER B 52 -2.13 15.28 -7.56
N SER B 53 -1.93 16.43 -6.91
CA SER B 53 -1.60 16.45 -5.49
C SER B 53 -2.74 15.91 -4.65
N LYS B 54 -3.97 16.24 -5.03
CA LYS B 54 -5.15 15.80 -4.29
C LYS B 54 -5.50 14.34 -4.60
N ALA B 55 -5.43 13.98 -5.89
CA ALA B 55 -5.74 12.62 -6.31
C ALA B 55 -4.80 11.60 -5.69
N MET B 56 -3.54 12.00 -5.51
CA MET B 56 -2.53 11.14 -4.92
C MET B 56 -2.95 10.67 -3.53
N SER B 57 -3.55 11.58 -2.77
CA SER B 57 -4.01 11.29 -1.42
C SER B 57 -5.12 10.24 -1.46
N ILE B 58 -6.01 10.37 -2.42
CA ILE B 58 -7.12 9.43 -2.58
C ILE B 58 -6.58 8.03 -2.90
N MET B 59 -5.59 8.00 -3.78
CA MET B 59 -4.97 6.74 -4.18
C MET B 59 -4.28 6.08 -2.99
N ASN B 60 -3.57 6.89 -2.19
CA ASN B 60 -2.86 6.37 -1.03
C ASN B 60 -3.81 5.71 -0.04
N SER B 61 -4.91 6.39 0.27
CA SER B 61 -5.89 5.85 1.20
C SER B 61 -6.55 4.60 0.66
N PHE B 62 -6.98 4.63 -0.60
CA PHE B 62 -7.66 3.50 -1.23
C PHE B 62 -6.82 2.23 -1.19
N VAL B 63 -5.55 2.33 -1.56
CA VAL B 63 -4.66 1.18 -1.58
C VAL B 63 -4.39 0.65 -0.17
N ASN B 64 -4.17 1.56 0.78
CA ASN B 64 -3.91 1.16 2.16
C ASN B 64 -5.15 0.54 2.80
N ASP B 65 -6.32 1.04 2.43
CA ASP B 65 -7.59 0.55 2.95
C ASP B 65 -7.75 -0.95 2.66
N ILE B 66 -7.47 -1.33 1.41
CA ILE B 66 -7.56 -2.72 0.99
C ILE B 66 -6.61 -3.59 1.81
N PHE B 67 -5.38 -3.11 1.97
CA PHE B 67 -4.35 -3.82 2.74
C PHE B 67 -4.83 -4.08 4.16
N GLU B 68 -5.28 -3.03 4.81
CA GLU B 68 -5.78 -3.12 6.20
C GLU B 68 -6.92 -4.12 6.31
N ARG B 69 -7.83 -4.09 5.35
CA ARG B 69 -8.98 -5.00 5.35
C ARG B 69 -8.51 -6.45 5.28
N ILE B 70 -7.50 -6.71 4.46
CA ILE B 70 -6.97 -8.06 4.31
C ILE B 70 -6.28 -8.51 5.60
N ALA B 71 -5.58 -7.58 6.25
CA ALA B 71 -4.86 -7.89 7.48
C ALA B 71 -5.80 -8.38 8.57
N ALA B 72 -7.02 -7.86 8.58
CA ALA B 72 -8.02 -8.24 9.57
C ALA B 72 -8.41 -9.71 9.42
N GLU B 73 -8.68 -10.13 8.19
CA GLU B 73 -9.06 -11.51 7.92
C GLU B 73 -7.87 -12.44 8.02
N ALA B 74 -6.70 -11.95 7.63
CA ALA B 74 -5.48 -12.74 7.66
C ALA B 74 -5.16 -13.20 9.09
N SER B 75 -5.21 -12.26 10.03
CA SER B 75 -4.95 -12.58 11.42
C SER B 75 -6.09 -13.40 12.02
N ARG B 76 -7.30 -13.12 11.54
CA ARG B 76 -8.50 -13.81 12.00
C ARG B 76 -8.39 -15.32 11.74
N LEU B 77 -7.93 -15.68 10.54
CA LEU B 77 -7.79 -17.08 10.16
C LEU B 77 -6.77 -17.77 11.07
N ALA B 78 -5.72 -17.04 11.42
CA ALA B 78 -4.67 -17.57 12.27
C ALA B 78 -5.19 -17.83 13.69
N HIS B 79 -6.20 -17.07 14.09
CA HIS B 79 -6.79 -17.21 15.42
C HIS B 79 -7.48 -18.56 15.56
N TYR B 80 -7.98 -19.09 14.46
CA TYR B 80 -8.65 -20.38 14.47
C TYR B 80 -7.63 -21.51 14.50
N ASN B 81 -6.39 -21.16 14.18
CA ASN B 81 -5.29 -22.12 14.18
C ASN B 81 -4.43 -21.92 15.43
N LYS B 82 -4.92 -21.06 16.32
CA LYS B 82 -4.24 -20.75 17.58
C LYS B 82 -2.85 -20.19 17.32
N ARG B 83 -2.73 -19.34 16.32
CA ARG B 83 -1.46 -18.74 15.96
C ARG B 83 -1.50 -17.23 16.14
N SER B 84 -0.52 -16.70 16.84
CA SER B 84 -0.43 -15.27 17.04
C SER B 84 0.46 -14.66 15.96
N THR B 85 0.94 -15.54 15.10
CA THR B 85 1.79 -15.16 13.99
C THR B 85 1.04 -15.39 12.68
N ILE B 86 0.98 -14.36 11.84
CA ILE B 86 0.28 -14.46 10.57
C ILE B 86 1.11 -15.23 9.55
N THR B 87 0.82 -16.53 9.43
CA THR B 87 1.52 -17.38 8.49
C THR B 87 1.19 -16.99 7.05
N SER B 88 2.21 -16.97 6.20
CA SER B 88 2.04 -16.60 4.78
C SER B 88 0.98 -17.45 4.10
N ARG B 89 0.96 -18.73 4.42
CA ARG B 89 0.00 -19.67 3.83
C ARG B 89 -1.43 -19.26 4.12
N GLU B 90 -1.68 -18.84 5.36
CA GLU B 90 -3.02 -18.42 5.78
C GLU B 90 -3.40 -17.09 5.16
N ILE B 91 -2.40 -16.22 4.97
CA ILE B 91 -2.63 -14.91 4.36
C ILE B 91 -3.15 -15.07 2.94
N GLN B 92 -2.55 -16.01 2.20
CA GLN B 92 -2.95 -16.26 0.82
C GLN B 92 -4.40 -16.71 0.75
N THR B 93 -4.84 -17.43 1.79
CA THR B 93 -6.22 -17.89 1.85
C THR B 93 -7.16 -16.72 2.06
N ALA B 94 -6.75 -15.80 2.94
CA ALA B 94 -7.54 -14.61 3.26
C ALA B 94 -7.76 -13.75 2.02
N VAL B 95 -6.69 -13.58 1.25
CA VAL B 95 -6.75 -12.79 0.02
C VAL B 95 -7.79 -13.36 -0.93
N ARG B 96 -7.82 -14.69 -1.05
CA ARG B 96 -8.75 -15.37 -1.94
C ARG B 96 -10.17 -15.38 -1.38
N LEU B 97 -10.32 -14.99 -0.13
CA LEU B 97 -11.64 -14.94 0.50
C LEU B 97 -12.19 -13.52 0.51
N LEU B 98 -11.36 -12.58 0.09
CA LEU B 98 -11.77 -11.18 0.06
C LEU B 98 -11.81 -10.64 -1.35
N LEU B 99 -10.75 -10.90 -2.11
CA LEU B 99 -10.69 -10.41 -3.49
C LEU B 99 -11.36 -11.39 -4.43
N PRO B 100 -12.02 -10.88 -5.49
CA PRO B 100 -12.70 -11.72 -6.49
C PRO B 100 -11.78 -12.78 -7.08
N GLY B 101 -12.37 -13.86 -7.58
CA GLY B 101 -11.60 -14.96 -8.14
C GLY B 101 -10.62 -14.52 -9.22
N GLU B 102 -11.09 -13.69 -10.15
CA GLU B 102 -10.23 -13.22 -11.24
C GLU B 102 -9.07 -12.39 -10.72
N LEU B 103 -9.35 -11.54 -9.74
CA LEU B 103 -8.32 -10.69 -9.16
C LEU B 103 -7.33 -11.52 -8.36
N ALA B 104 -7.85 -12.52 -7.64
CA ALA B 104 -7.02 -13.40 -6.82
C ALA B 104 -6.02 -14.18 -7.68
N LYS B 105 -6.48 -14.69 -8.82
CA LYS B 105 -5.63 -15.45 -9.73
C LYS B 105 -4.37 -14.67 -10.10
N HIS B 106 -4.55 -13.40 -10.40
CA HIS B 106 -3.43 -12.55 -10.75
C HIS B 106 -2.65 -12.13 -9.52
N ALA B 107 -3.36 -11.79 -8.45
CA ALA B 107 -2.74 -11.35 -7.20
C ALA B 107 -1.78 -12.40 -6.66
N VAL B 108 -2.25 -13.64 -6.55
CA VAL B 108 -1.42 -14.73 -6.05
C VAL B 108 -0.21 -14.95 -6.95
N SER B 109 -0.44 -14.86 -8.26
CA SER B 109 0.63 -15.04 -9.23
C SER B 109 1.69 -13.96 -9.10
N GLU B 110 1.27 -12.70 -9.09
CA GLU B 110 2.20 -11.58 -8.97
C GLU B 110 2.92 -11.62 -7.63
N GLY B 111 2.18 -11.94 -6.59
CA GLY B 111 2.76 -12.03 -5.26
C GLY B 111 3.86 -13.05 -5.18
N THR B 112 3.61 -14.23 -5.74
CA THR B 112 4.59 -15.29 -5.74
C THR B 112 5.83 -14.90 -6.56
N LYS B 113 5.60 -14.14 -7.63
CA LYS B 113 6.69 -13.69 -8.49
C LYS B 113 7.59 -12.73 -7.75
N ALA B 114 6.98 -11.82 -7.00
CA ALA B 114 7.73 -10.84 -6.22
C ALA B 114 8.57 -11.54 -5.16
N VAL B 115 7.95 -12.50 -4.47
CA VAL B 115 8.63 -13.26 -3.44
C VAL B 115 9.82 -14.01 -4.03
N THR B 116 9.63 -14.51 -5.25
CA THR B 116 10.67 -15.26 -5.94
C THR B 116 11.89 -14.37 -6.23
N LYS B 117 11.64 -13.15 -6.67
CA LYS B 117 12.72 -12.22 -6.98
C LYS B 117 13.44 -11.79 -5.72
N TYR B 118 12.70 -11.65 -4.63
CA TYR B 118 13.28 -11.24 -3.36
C TYR B 118 14.15 -12.36 -2.77
N THR B 119 13.74 -13.61 -3.00
CA THR B 119 14.47 -14.74 -2.47
C THR B 119 15.54 -15.23 -3.46
N SER B 120 15.87 -14.38 -4.42
CA SER B 120 16.88 -14.72 -5.41
C SER B 120 18.28 -14.52 -4.84
N SER B 121 19.16 -15.49 -5.09
CA SER B 121 20.53 -15.42 -4.61
C SER B 121 21.40 -14.72 -5.64
N LYS B 122 20.77 -14.05 -6.60
CA LYS B 122 21.49 -13.34 -7.64
C LYS B 122 21.93 -11.97 -7.14
N SER A 1 47.56 -27.26 9.01
CA SER A 1 47.02 -26.19 8.14
C SER A 1 46.71 -24.98 8.95
N GLY A 2 45.66 -24.23 8.55
CA GLY A 2 45.27 -23.06 9.27
C GLY A 2 45.61 -21.78 8.55
N ARG A 3 46.48 -21.83 7.51
CA ARG A 3 46.83 -20.64 6.77
C ARG A 3 45.59 -20.19 6.05
N GLY A 4 44.81 -21.16 5.54
CA GLY A 4 43.58 -20.86 4.87
C GLY A 4 43.18 -22.08 4.11
N LYS A 5 42.37 -22.96 4.73
CA LYS A 5 41.99 -24.14 4.00
C LYS A 5 41.03 -23.76 2.90
N GLY A 6 41.40 -24.10 1.65
CA GLY A 6 40.55 -23.88 0.50
C GLY A 6 40.51 -22.43 0.10
N GLY A 7 41.35 -21.57 0.70
CA GLY A 7 41.30 -20.18 0.33
C GLY A 7 42.60 -19.56 0.72
N LYS A 8 42.92 -18.39 0.13
CA LYS A 8 44.18 -17.77 0.45
C LYS A 8 44.22 -17.47 1.92
N VAL A 9 43.12 -16.96 2.50
CA VAL A 9 43.07 -16.70 3.91
C VAL A 9 41.63 -16.59 4.29
N LYS A 10 41.33 -16.67 5.60
CA LYS A 10 39.97 -16.53 6.06
C LYS A 10 39.74 -15.11 6.46
N GLY A 11 38.45 -14.74 6.40
CA GLY A 11 37.93 -13.46 6.72
C GLY A 11 36.47 -13.67 6.91
N LYS A 12 35.72 -12.56 7.01
CA LYS A 12 34.29 -12.58 7.17
C LYS A 12 33.65 -12.45 5.82
N ALA A 13 32.41 -12.94 5.70
CA ALA A 13 31.68 -12.85 4.46
C ALA A 13 31.21 -11.45 4.26
N LYS A 14 31.19 -11.04 2.97
CA LYS A 14 30.74 -9.73 2.63
C LYS A 14 29.42 -9.95 1.95
N SER A 15 28.65 -8.87 1.77
CA SER A 15 27.40 -8.89 1.06
C SER A 15 27.72 -8.63 -0.37
N ARG A 16 26.67 -8.61 -1.21
CA ARG A 16 26.73 -8.33 -2.61
C ARG A 16 26.69 -6.84 -2.80
N SER A 17 27.23 -6.38 -3.96
CA SER A 17 27.41 -4.99 -4.30
C SER A 17 26.18 -4.17 -4.01
N ASN A 18 26.34 -3.19 -3.11
CA ASN A 18 25.36 -2.23 -2.69
C ASN A 18 24.14 -2.87 -2.10
N ARG A 19 24.18 -4.12 -1.58
CA ARG A 19 22.89 -4.60 -1.12
C ARG A 19 22.99 -5.18 0.26
N ALA A 20 22.23 -4.59 1.22
CA ALA A 20 22.18 -5.16 2.53
C ALA A 20 20.75 -5.51 2.67
N GLY A 21 20.44 -6.79 2.42
CA GLY A 21 19.08 -7.21 2.33
C GLY A 21 18.68 -6.88 0.92
N LEU A 22 17.43 -7.19 0.59
CA LEU A 22 16.91 -6.87 -0.74
C LEU A 22 16.02 -5.63 -0.67
N GLN A 23 15.69 -5.08 -1.83
CA GLN A 23 14.83 -3.89 -1.88
C GLN A 23 13.37 -4.29 -1.76
N PHE A 24 12.98 -4.66 -0.55
CA PHE A 24 11.60 -5.06 -0.28
C PHE A 24 11.09 -4.35 0.98
N PRO A 25 9.80 -3.95 0.97
CA PRO A 25 9.18 -3.26 2.10
C PRO A 25 8.83 -4.19 3.26
N VAL A 26 9.84 -4.91 3.75
CA VAL A 26 9.65 -5.84 4.84
C VAL A 26 9.23 -5.12 6.12
N GLY A 27 9.98 -4.07 6.46
CA GLY A 27 9.70 -3.30 7.66
C GLY A 27 8.32 -2.68 7.67
N ARG A 28 7.86 -2.22 6.50
CA ARG A 28 6.54 -1.60 6.38
C ARG A 28 5.45 -2.56 6.84
N ILE A 29 5.39 -3.73 6.20
CA ILE A 29 4.38 -4.73 6.52
C ILE A 29 4.58 -5.24 7.95
N HIS A 30 5.84 -5.41 8.34
CA HIS A 30 6.18 -5.90 9.68
C HIS A 30 5.60 -4.98 10.75
N ARG A 31 5.69 -3.67 10.52
CA ARG A 31 5.18 -2.69 11.47
C ARG A 31 3.66 -2.59 11.40
N LEU A 32 3.12 -2.51 10.20
CA LEU A 32 1.68 -2.39 9.99
C LEU A 32 0.89 -3.48 10.71
N LEU A 33 1.30 -4.73 10.52
CA LEU A 33 0.60 -5.86 11.13
C LEU A 33 0.78 -5.90 12.65
N ARG A 34 1.97 -5.53 13.11
CA ARG A 34 2.28 -5.55 14.53
C ARG A 34 1.58 -4.40 15.27
N LYS A 35 1.66 -3.20 14.70
CA LYS A 35 1.04 -2.02 15.31
C LYS A 35 -0.48 -2.14 15.24
N GLY A 36 -0.96 -2.87 14.24
CA GLY A 36 -2.38 -3.07 14.09
C GLY A 36 -2.91 -4.08 15.09
N ASN A 37 -1.98 -4.73 15.80
CA ASN A 37 -2.31 -5.73 16.80
C ASN A 37 -3.03 -6.93 16.18
N TYR A 38 -2.74 -7.17 14.91
CA TYR A 38 -3.35 -8.28 14.19
C TYR A 38 -2.62 -9.58 14.49
N ALA A 39 -1.30 -9.49 14.59
CA ALA A 39 -0.47 -10.64 14.90
C ALA A 39 0.76 -10.21 15.67
N GLU A 40 1.23 -11.08 16.55
CA GLU A 40 2.39 -10.78 17.36
C GLU A 40 3.68 -11.06 16.58
N ARG A 41 3.63 -12.06 15.71
CA ARG A 41 4.79 -12.42 14.91
C ARG A 41 4.41 -12.48 13.43
N VAL A 42 5.31 -12.00 12.59
CA VAL A 42 5.06 -11.98 11.15
C VAL A 42 6.16 -12.72 10.40
N GLY A 43 5.77 -13.51 9.41
CA GLY A 43 6.74 -14.27 8.63
C GLY A 43 7.54 -13.39 7.67
N ALA A 44 8.63 -13.93 7.16
CA ALA A 44 9.48 -13.19 6.24
C ALA A 44 8.90 -13.16 4.82
N GLY A 45 8.10 -14.17 4.51
CA GLY A 45 7.48 -14.25 3.19
C GLY A 45 6.19 -13.45 3.10
N ALA A 46 5.65 -13.08 4.26
CA ALA A 46 4.41 -12.32 4.32
C ALA A 46 4.51 -10.99 3.56
N PRO A 47 5.55 -10.14 3.83
CA PRO A 47 5.70 -8.85 3.14
C PRO A 47 5.89 -9.03 1.64
N VAL A 48 6.54 -10.13 1.26
CA VAL A 48 6.79 -10.42 -0.14
C VAL A 48 5.49 -10.68 -0.88
N TYR A 49 4.65 -11.53 -0.29
CA TYR A 49 3.37 -11.88 -0.89
C TYR A 49 2.42 -10.67 -0.86
N LEU A 50 2.42 -9.94 0.25
CA LEU A 50 1.55 -8.77 0.38
C LEU A 50 1.93 -7.67 -0.60
N ALA A 51 3.24 -7.49 -0.80
CA ALA A 51 3.72 -6.47 -1.73
C ALA A 51 3.20 -6.74 -3.14
N ALA A 52 3.23 -8.00 -3.54
CA ALA A 52 2.76 -8.40 -4.86
C ALA A 52 1.28 -8.09 -5.01
N VAL A 53 0.51 -8.41 -3.97
CA VAL A 53 -0.93 -8.18 -3.97
C VAL A 53 -1.23 -6.69 -4.09
N MET A 54 -0.59 -5.89 -3.24
CA MET A 54 -0.78 -4.45 -3.23
C MET A 54 -0.40 -3.83 -4.57
N GLU A 55 0.75 -4.24 -5.11
CA GLU A 55 1.21 -3.72 -6.40
C GLU A 55 0.28 -4.13 -7.53
N TYR A 56 -0.32 -5.31 -7.41
CA TYR A 56 -1.25 -5.80 -8.42
C TYR A 56 -2.57 -5.04 -8.34
N LEU A 57 -3.05 -4.82 -7.12
CA LEU A 57 -4.31 -4.12 -6.91
C LEU A 57 -4.19 -2.67 -7.37
N ALA A 58 -2.99 -2.11 -7.24
CA ALA A 58 -2.73 -0.73 -7.63
C ALA A 58 -2.90 -0.55 -9.13
N ALA A 59 -2.62 -1.61 -9.88
CA ALA A 59 -2.73 -1.58 -11.34
C ALA A 59 -4.15 -1.22 -11.78
N GLU A 60 -5.14 -1.68 -11.01
CA GLU A 60 -6.54 -1.43 -11.32
C GLU A 60 -6.86 0.07 -11.30
N VAL A 61 -6.63 0.72 -10.16
CA VAL A 61 -6.91 2.14 -10.03
C VAL A 61 -6.01 2.97 -10.94
N LEU A 62 -4.82 2.47 -11.21
CA LEU A 62 -3.85 3.16 -12.05
C LEU A 62 -4.32 3.23 -13.50
N GLU A 63 -4.54 2.07 -14.10
CA GLU A 63 -4.97 1.99 -15.49
C GLU A 63 -6.34 2.63 -15.68
N LEU A 64 -7.22 2.42 -14.73
CA LEU A 64 -8.57 2.97 -14.80
C LEU A 64 -8.54 4.50 -14.77
N ALA A 65 -7.72 5.06 -13.89
CA ALA A 65 -7.62 6.52 -13.77
C ALA A 65 -7.17 7.14 -15.08
N GLY A 66 -6.14 6.56 -15.69
CA GLY A 66 -5.63 7.05 -16.96
C GLY A 66 -6.68 6.94 -18.06
N ASN A 67 -7.41 5.85 -18.06
CA ASN A 67 -8.46 5.62 -19.06
C ASN A 67 -9.58 6.63 -18.88
N ALA A 68 -9.96 6.87 -17.63
CA ALA A 68 -11.02 7.83 -17.32
C ALA A 68 -10.61 9.22 -17.77
N ALA A 69 -9.35 9.55 -17.55
CA ALA A 69 -8.82 10.86 -17.93
C ALA A 69 -8.82 10.99 -19.45
N ARG A 70 -8.49 9.90 -20.15
CA ARG A 70 -8.49 9.90 -21.60
C ARG A 70 -9.89 10.13 -22.14
N ASP A 71 -10.86 9.44 -21.53
CA ASP A 71 -12.26 9.57 -21.93
C ASP A 71 -12.77 10.97 -21.61
N ASN A 72 -12.28 11.52 -20.51
CA ASN A 72 -12.68 12.86 -20.08
C ASN A 72 -11.98 13.93 -20.89
N LYS A 73 -10.92 13.53 -21.61
CA LYS A 73 -10.13 14.44 -22.43
C LYS A 73 -9.43 15.46 -21.55
N LYS A 74 -8.89 14.96 -20.44
CA LYS A 74 -8.16 15.79 -19.49
C LYS A 74 -6.78 15.21 -19.27
N THR A 75 -5.84 16.05 -18.89
CA THR A 75 -4.47 15.61 -18.69
C THR A 75 -4.16 15.38 -17.22
N ARG A 76 -4.50 16.33 -16.37
CA ARG A 76 -4.23 16.24 -14.94
C ARG A 76 -5.37 15.55 -14.21
N ILE A 77 -5.11 14.34 -13.74
CA ILE A 77 -6.10 13.58 -12.99
C ILE A 77 -6.34 14.21 -11.64
N ILE A 78 -7.55 14.69 -11.43
CA ILE A 78 -7.92 15.34 -10.17
C ILE A 78 -8.78 14.41 -9.33
N PRO A 79 -8.91 14.68 -8.01
CA PRO A 79 -9.72 13.87 -7.10
C PRO A 79 -11.12 13.56 -7.64
N ARG A 80 -11.72 14.54 -8.31
CA ARG A 80 -13.06 14.37 -8.88
C ARG A 80 -13.11 13.20 -9.85
N HIS A 81 -12.05 13.03 -10.64
CA HIS A 81 -11.99 11.94 -11.61
C HIS A 81 -12.01 10.60 -10.90
N LEU A 82 -11.25 10.51 -9.80
CA LEU A 82 -11.18 9.30 -9.02
C LEU A 82 -12.55 8.97 -8.43
N GLN A 83 -13.16 9.96 -7.79
CA GLN A 83 -14.46 9.79 -7.17
C GLN A 83 -15.51 9.34 -8.19
N LEU A 84 -15.54 9.98 -9.34
CA LEU A 84 -16.49 9.64 -10.39
C LEU A 84 -16.32 8.19 -10.85
N ALA A 85 -15.07 7.75 -10.94
CA ALA A 85 -14.77 6.39 -11.38
C ALA A 85 -15.17 5.37 -10.31
N ILE A 86 -14.76 5.62 -9.07
CA ILE A 86 -15.07 4.72 -7.96
C ILE A 86 -16.58 4.58 -7.72
N ARG A 87 -17.30 5.68 -7.86
CA ARG A 87 -18.75 5.66 -7.63
C ARG A 87 -19.51 5.09 -8.83
N ASN A 88 -18.80 4.80 -9.90
CA ASN A 88 -19.43 4.23 -11.10
C ASN A 88 -19.05 2.76 -11.24
N ASP A 89 -17.76 2.48 -11.13
CA ASP A 89 -17.27 1.11 -11.23
C ASP A 89 -17.45 0.39 -9.90
N GLU A 90 -18.48 -0.42 -9.83
CA GLU A 90 -18.81 -1.16 -8.61
C GLU A 90 -17.72 -2.17 -8.25
N GLU A 91 -17.05 -2.70 -9.27
CA GLU A 91 -15.99 -3.66 -9.06
C GLU A 91 -14.84 -3.01 -8.28
N LEU A 92 -14.42 -1.85 -8.77
CA LEU A 92 -13.35 -1.09 -8.13
C LEU A 92 -13.79 -0.62 -6.74
N ASN A 93 -15.05 -0.24 -6.63
CA ASN A 93 -15.60 0.24 -5.36
C ASN A 93 -15.50 -0.85 -4.30
N LYS A 94 -15.91 -2.07 -4.66
CA LYS A 94 -15.86 -3.19 -3.73
C LYS A 94 -14.40 -3.54 -3.39
N LEU A 95 -13.52 -3.39 -4.36
CA LEU A 95 -12.11 -3.68 -4.17
C LEU A 95 -11.49 -2.76 -3.13
N LEU A 96 -11.78 -1.47 -3.25
CA LEU A 96 -11.25 -0.48 -2.32
C LEU A 96 -12.01 -0.49 -0.99
N SER A 97 -13.33 -0.49 -1.07
CA SER A 97 -14.17 -0.48 0.12
C SER A 97 -15.28 -1.52 0.01
N GLY A 98 -16.30 -1.10 -0.76
CA GLY A 98 -17.52 -1.81 -0.90
C GLY A 98 -18.54 -1.09 -0.06
N VAL A 99 -19.64 -1.79 0.27
CA VAL A 99 -20.75 -1.26 1.02
C VAL A 99 -20.33 -0.80 2.40
N THR A 100 -19.58 -1.61 3.19
CA THR A 100 -19.25 -1.13 4.50
C THR A 100 -17.77 -0.96 4.58
N ILE A 101 -17.31 -0.49 5.77
CA ILE A 101 -15.91 -0.35 6.06
C ILE A 101 -15.62 -1.35 7.14
N ALA A 102 -14.50 -2.10 6.97
CA ALA A 102 -14.09 -3.19 7.84
C ALA A 102 -13.74 -2.78 9.25
N GLN A 103 -12.90 -1.73 9.45
CA GLN A 103 -12.55 -1.38 10.80
C GLN A 103 -13.27 -0.10 11.16
N GLY A 104 -13.21 0.26 12.46
CA GLY A 104 -13.83 1.48 12.93
C GLY A 104 -14.77 1.22 14.07
N GLY A 105 -15.58 0.13 14.04
CA GLY A 105 -16.48 -0.14 15.12
C GLY A 105 -17.84 0.36 14.76
N VAL A 106 -18.86 -0.17 15.46
CA VAL A 106 -20.21 0.22 15.26
C VAL A 106 -20.52 1.12 16.42
N LEU A 107 -21.35 2.17 16.22
CA LEU A 107 -21.63 3.04 17.35
C LEU A 107 -23.15 3.05 17.56
N PRO A 108 -23.63 2.53 18.69
CA PRO A 108 -25.03 2.27 18.91
C PRO A 108 -25.99 3.43 18.83
N ASN A 109 -25.51 4.67 19.02
CA ASN A 109 -26.30 5.86 18.87
C ASN A 109 -26.67 6.10 17.42
N ILE A 110 -25.63 6.15 16.52
CA ILE A 110 -25.75 6.36 15.09
C ILE A 110 -26.18 5.14 14.30
N GLN A 111 -25.63 3.93 14.55
CA GLN A 111 -26.01 2.84 13.69
C GLN A 111 -26.73 1.81 14.52
N ALA A 112 -27.35 0.81 13.86
CA ALA A 112 -28.00 -0.25 14.57
C ALA A 112 -26.99 -1.34 14.70
N VAL A 113 -27.02 -2.03 15.85
CA VAL A 113 -26.07 -3.08 16.10
C VAL A 113 -26.82 -4.37 15.98
N LEU A 114 -26.09 -5.49 15.74
CA LEU A 114 -26.71 -6.78 15.59
C LEU A 114 -27.43 -7.06 16.88
N LEU A 115 -28.78 -7.00 16.84
CA LEU A 115 -29.54 -7.21 18.05
C LEU A 115 -30.76 -7.99 17.63
N PRO A 116 -30.94 -9.24 18.08
CA PRO A 116 -32.08 -10.06 17.72
C PRO A 116 -33.38 -9.36 18.03
N LYS A 117 -34.18 -9.09 16.99
CA LYS A 117 -35.43 -8.40 17.14
C LYS A 117 -36.35 -9.04 16.16
N LYS A 118 -37.66 -9.00 16.47
CA LYS A 118 -38.64 -9.51 15.56
C LYS A 118 -39.26 -8.30 14.92
N THR A 119 -40.09 -8.51 13.87
CA THR A 119 -40.70 -7.41 13.17
C THR A 119 -41.54 -6.63 14.13
N GLU A 120 -41.04 -5.44 14.51
CA GLU A 120 -41.75 -4.54 15.36
C GLU A 120 -42.16 -3.44 14.45
N LYS A 121 -43.38 -2.90 14.60
CA LYS A 121 -43.74 -1.83 13.70
C LYS A 121 -44.35 -0.71 14.49
N LYS A 122 -43.67 0.47 14.50
CA LYS A 122 -44.12 1.71 15.10
C LYS A 122 -44.56 1.55 16.53
N ALA A 123 -43.83 0.71 17.31
CA ALA A 123 -44.09 0.43 18.70
C ALA A 123 -45.51 -0.10 18.93
N PRO B 1 24.30 35.59 25.29
CA PRO B 1 25.77 35.40 25.18
C PRO B 1 26.06 36.15 23.92
N PRO B 2 27.27 36.13 23.42
CA PRO B 2 27.57 36.71 22.14
C PRO B 2 27.20 35.76 21.02
N LYS B 3 27.26 36.21 19.75
CA LYS B 3 26.82 35.42 18.61
C LYS B 3 27.89 35.06 17.61
N THR B 4 29.10 35.67 17.61
CA THR B 4 30.10 35.53 16.55
C THR B 4 30.29 34.12 16.08
N SER B 5 29.96 33.93 14.78
CA SER B 5 29.99 32.76 13.94
C SER B 5 28.68 32.07 14.09
N GLY B 6 27.76 32.32 13.13
CA GLY B 6 26.46 31.75 13.23
C GLY B 6 25.81 31.79 11.89
N LYS B 7 24.89 30.84 11.66
CA LYS B 7 24.22 30.78 10.40
C LYS B 7 22.79 30.60 10.73
N ALA B 8 21.89 31.20 9.90
CA ALA B 8 20.47 31.04 10.03
C ALA B 8 20.07 29.84 9.25
N ALA B 9 18.92 29.25 9.62
CA ALA B 9 18.41 28.09 8.94
C ALA B 9 17.21 28.55 8.17
N LYS B 10 16.71 27.68 7.26
CA LYS B 10 15.57 28.02 6.46
C LYS B 10 14.31 27.71 7.21
N LYS B 11 13.27 28.50 6.91
CA LYS B 11 11.94 28.40 7.45
C LYS B 11 11.19 27.60 6.42
N ALA B 12 10.17 26.83 6.84
CA ALA B 12 9.42 26.04 5.89
C ALA B 12 8.43 26.92 5.20
N GLY B 13 8.26 26.65 3.90
CA GLY B 13 7.32 27.40 3.13
C GLY B 13 6.28 26.43 2.72
N LYS B 14 5.15 26.96 2.18
CA LYS B 14 4.04 26.17 1.69
C LYS B 14 4.42 25.40 0.46
N ALA B 15 4.99 26.04 -0.57
CA ALA B 15 5.43 25.29 -1.71
C ALA B 15 6.91 25.37 -1.68
N GLN B 16 7.60 24.22 -1.79
CA GLN B 16 9.04 24.30 -1.73
C GLN B 16 9.65 23.10 -2.42
N LYS B 17 10.79 23.35 -3.09
CA LYS B 17 11.57 22.39 -3.82
C LYS B 17 12.23 21.37 -2.90
N ASN B 18 12.72 21.81 -1.73
CA ASN B 18 13.43 21.03 -0.73
C ASN B 18 12.47 20.36 0.21
N ILE B 19 13.04 19.42 1.02
CA ILE B 19 12.35 18.59 1.99
C ILE B 19 11.88 19.46 3.12
N THR B 20 10.67 19.15 3.64
CA THR B 20 10.09 19.92 4.70
C THR B 20 10.36 19.26 6.00
N LYS B 21 9.59 19.67 7.04
CA LYS B 21 9.66 19.11 8.36
C LYS B 21 9.16 17.69 8.36
N THR B 22 7.99 17.42 7.74
CA THR B 22 7.53 16.06 7.74
C THR B 22 7.42 15.58 6.33
N ASP B 23 7.67 14.29 6.14
CA ASP B 23 7.58 13.69 4.83
C ASP B 23 6.25 13.03 4.79
N LYS B 24 6.17 11.85 5.43
CA LYS B 24 4.96 11.09 5.54
C LYS B 24 4.37 11.43 6.87
N LYS B 25 3.73 10.41 7.50
CA LYS B 25 3.03 10.47 8.77
C LYS B 25 4.02 10.38 9.90
N LYS B 26 3.61 10.81 11.11
CA LYS B 26 4.42 10.82 12.31
C LYS B 26 4.82 9.41 12.67
N LYS B 27 3.93 8.43 12.39
CA LYS B 27 4.11 7.03 12.68
C LYS B 27 5.38 6.54 12.04
N ARG B 28 6.30 5.94 12.83
CA ARG B 28 7.58 5.48 12.32
C ARG B 28 7.33 4.52 11.20
N LYS B 29 7.62 4.98 9.96
CA LYS B 29 7.45 4.18 8.78
C LYS B 29 8.59 4.51 7.86
N ARG B 30 9.03 3.56 7.01
CA ARG B 30 10.03 3.90 6.04
C ARG B 30 9.56 3.47 4.68
N LYS B 31 9.00 4.43 3.87
CA LYS B 31 8.41 4.36 2.54
C LYS B 31 7.27 3.38 2.36
N GLU B 32 6.17 3.48 3.16
CA GLU B 32 5.09 2.52 3.09
C GLU B 32 4.42 2.54 1.74
N SER B 33 4.28 3.77 1.44
CA SER B 33 3.86 4.80 0.48
C SER B 33 4.01 4.28 -0.94
N TYR B 34 3.06 4.60 -1.79
CA TYR B 34 3.09 4.18 -3.19
C TYR B 34 3.02 5.38 -4.12
N ALA B 35 3.27 6.56 -3.56
CA ALA B 35 3.23 7.81 -4.33
C ALA B 35 4.22 7.80 -5.49
N ILE B 36 5.37 7.19 -5.28
CA ILE B 36 6.40 7.12 -6.32
C ILE B 36 6.03 6.05 -7.34
N TYR B 37 5.45 4.97 -6.84
CA TYR B 37 5.01 3.87 -7.68
C TYR B 37 3.90 4.30 -8.62
N ILE B 38 2.87 4.94 -8.07
CA ILE B 38 1.73 5.40 -8.85
C ILE B 38 2.17 6.36 -9.96
N TYR B 39 3.02 7.31 -9.60
CA TYR B 39 3.52 8.30 -10.56
C TYR B 39 4.17 7.62 -11.76
N LYS B 40 4.97 6.60 -11.50
CA LYS B 40 5.66 5.88 -12.56
C LYS B 40 4.71 5.01 -13.38
N VAL B 41 3.87 4.23 -12.71
CA VAL B 41 2.93 3.34 -13.40
C VAL B 41 1.98 4.13 -14.29
N LEU B 42 1.47 5.25 -13.78
CA LEU B 42 0.54 6.08 -14.54
C LEU B 42 1.19 6.57 -15.83
N LYS B 43 2.42 7.04 -15.73
CA LYS B 43 3.13 7.55 -16.90
C LYS B 43 3.77 6.41 -17.69
N GLN B 44 3.52 5.18 -17.28
CA GLN B 44 4.05 4.02 -17.97
C GLN B 44 2.97 3.44 -18.87
N VAL B 45 1.76 3.32 -18.32
CA VAL B 45 0.63 2.81 -19.09
C VAL B 45 0.01 3.92 -19.92
N HIS B 46 0.01 5.13 -19.36
CA HIS B 46 -0.54 6.30 -20.03
C HIS B 46 0.44 7.47 -19.92
N PRO B 47 1.52 7.44 -20.72
CA PRO B 47 2.56 8.48 -20.72
C PRO B 47 2.09 9.78 -21.37
N ASP B 48 0.85 10.14 -21.13
CA ASP B 48 0.26 11.36 -21.68
C ASP B 48 -0.47 12.14 -20.61
N THR B 49 -0.89 11.44 -19.56
CA THR B 49 -1.63 12.06 -18.48
C THR B 49 -0.76 12.35 -17.27
N GLY B 50 -1.29 13.16 -16.36
CA GLY B 50 -0.60 13.52 -15.15
C GLY B 50 -1.48 13.35 -13.94
N ILE B 51 -0.95 13.55 -12.75
CA ILE B 51 -1.71 13.40 -11.53
C ILE B 51 -1.56 14.63 -10.63
N SER B 52 -2.61 14.97 -9.92
CA SER B 52 -2.57 16.11 -9.02
C SER B 52 -2.00 15.70 -7.66
N SER B 53 -1.81 16.67 -6.78
CA SER B 53 -1.25 16.38 -5.46
C SER B 53 -2.23 15.60 -4.58
N LYS B 54 -3.46 16.07 -4.52
CA LYS B 54 -4.48 15.42 -3.70
C LYS B 54 -4.85 14.05 -4.25
N ALA B 55 -4.98 13.94 -5.57
CA ALA B 55 -5.33 12.67 -6.20
C ALA B 55 -4.29 11.61 -5.85
N MET B 56 -3.02 12.02 -5.88
CA MET B 56 -1.91 11.13 -5.56
C MET B 56 -2.04 10.61 -4.13
N SER B 57 -2.35 11.52 -3.22
CA SER B 57 -2.50 11.18 -1.82
C SER B 57 -3.67 10.21 -1.60
N ILE B 58 -4.75 10.40 -2.35
CA ILE B 58 -5.91 9.53 -2.24
C ILE B 58 -5.56 8.11 -2.68
N MET B 59 -4.95 8.00 -3.85
CA MET B 59 -4.57 6.70 -4.39
C MET B 59 -3.51 6.04 -3.52
N ASN B 60 -2.58 6.84 -3.01
CA ASN B 60 -1.51 6.35 -2.16
C ASN B 60 -2.09 5.62 -0.95
N SER B 61 -3.00 6.30 -0.27
CA SER B 61 -3.64 5.75 0.92
C SER B 61 -4.49 4.51 0.58
N PHE B 62 -5.04 4.47 -0.63
CA PHE B 62 -5.86 3.34 -1.05
C PHE B 62 -5.03 2.07 -1.19
N VAL B 63 -3.78 2.23 -1.60
CA VAL B 63 -2.88 1.09 -1.77
C VAL B 63 -2.11 0.84 -0.46
N ASN B 64 -2.29 1.73 0.50
CA ASN B 64 -1.60 1.60 1.78
C ASN B 64 -2.51 0.97 2.84
N ASP B 65 -3.63 1.62 3.11
CA ASP B 65 -4.57 1.15 4.14
C ASP B 65 -5.46 0.02 3.64
N ILE B 66 -5.10 -0.57 2.51
CA ILE B 66 -5.89 -1.67 1.96
C ILE B 66 -5.55 -2.98 2.67
N PHE B 67 -4.46 -2.97 3.44
CA PHE B 67 -4.02 -4.15 4.18
C PHE B 67 -4.95 -4.42 5.36
N GLU B 68 -5.62 -3.37 5.81
CA GLU B 68 -6.53 -3.47 6.95
C GLU B 68 -7.58 -4.56 6.76
N ARG B 69 -8.16 -4.62 5.57
CA ARG B 69 -9.19 -5.62 5.27
C ARG B 69 -8.60 -7.03 5.27
N ILE B 70 -7.41 -7.16 4.69
CA ILE B 70 -6.73 -8.46 4.61
C ILE B 70 -6.27 -8.92 5.99
N ALA B 71 -5.61 -8.03 6.72
CA ALA B 71 -5.09 -8.33 8.05
C ALA B 71 -6.22 -8.70 9.01
N ALA B 72 -7.37 -8.07 8.83
CA ALA B 72 -8.53 -8.34 9.69
C ALA B 72 -8.91 -9.82 9.63
N GLU B 73 -8.97 -10.35 8.41
CA GLU B 73 -9.32 -11.75 8.22
C GLU B 73 -8.15 -12.66 8.61
N ALA B 74 -6.94 -12.20 8.33
CA ALA B 74 -5.74 -12.95 8.67
C ALA B 74 -5.67 -13.19 10.17
N SER B 75 -5.92 -12.13 10.94
CA SER B 75 -5.92 -12.21 12.40
C SER B 75 -6.94 -13.25 12.86
N ARG B 76 -8.09 -13.28 12.20
CA ARG B 76 -9.14 -14.23 12.54
C ARG B 76 -8.66 -15.65 12.29
N LEU B 77 -8.03 -15.86 11.14
CA LEU B 77 -7.50 -17.17 10.78
C LEU B 77 -6.42 -17.60 11.77
N ALA B 78 -5.69 -16.61 12.28
CA ALA B 78 -4.64 -16.86 13.25
C ALA B 78 -5.22 -17.41 14.54
N HIS B 79 -6.38 -16.89 14.93
CA HIS B 79 -7.07 -17.33 16.14
C HIS B 79 -7.54 -18.77 15.97
N TYR B 80 -7.99 -19.10 14.76
CA TYR B 80 -8.45 -20.45 14.47
C TYR B 80 -7.28 -21.41 14.51
N ASN B 81 -6.15 -20.96 13.96
CA ASN B 81 -4.93 -21.76 13.92
C ASN B 81 -4.22 -21.76 15.27
N LYS B 82 -4.69 -20.92 16.18
CA LYS B 82 -4.12 -20.80 17.53
C LYS B 82 -2.65 -20.38 17.45
N ARG B 83 -2.35 -19.41 16.60
CA ARG B 83 -0.99 -18.94 16.43
C ARG B 83 -0.97 -17.42 16.25
N SER B 84 0.07 -16.80 16.77
CA SER B 84 0.22 -15.34 16.65
C SER B 84 1.20 -15.00 15.53
N THR B 85 1.61 -16.01 14.79
CA THR B 85 2.55 -15.85 13.70
C THR B 85 1.87 -16.07 12.35
N ILE B 86 1.78 -15.01 11.56
CA ILE B 86 1.15 -15.09 10.26
C ILE B 86 2.19 -15.00 9.14
N THR B 87 2.19 -15.99 8.26
CA THR B 87 3.11 -16.01 7.15
C THR B 87 2.34 -15.85 5.85
N SER B 88 3.04 -16.02 4.72
CA SER B 88 2.41 -15.88 3.41
C SER B 88 1.31 -16.92 3.22
N ARG B 89 1.49 -18.10 3.81
CA ARG B 89 0.54 -19.20 3.70
C ARG B 89 -0.81 -18.83 4.30
N GLU B 90 -0.82 -18.22 5.47
CA GLU B 90 -2.06 -17.82 6.12
C GLU B 90 -2.76 -16.72 5.35
N ILE B 91 -1.97 -15.80 4.81
CA ILE B 91 -2.51 -14.68 4.04
C ILE B 91 -3.15 -15.16 2.74
N GLN B 92 -2.60 -16.22 2.17
CA GLN B 92 -3.12 -16.77 0.92
C GLN B 92 -4.58 -17.14 1.05
N THR B 93 -4.94 -17.80 2.14
CA THR B 93 -6.31 -18.21 2.39
C THR B 93 -7.23 -16.99 2.50
N ALA B 94 -6.76 -15.96 3.20
CA ALA B 94 -7.54 -14.74 3.39
C ALA B 94 -7.84 -14.06 2.05
N VAL B 95 -6.83 -13.97 1.19
CA VAL B 95 -6.99 -13.35 -0.12
C VAL B 95 -8.08 -14.05 -0.94
N ARG B 96 -8.09 -15.38 -0.88
CA ARG B 96 -9.07 -16.18 -1.64
C ARG B 96 -10.47 -16.00 -1.07
N LEU B 97 -10.56 -15.48 0.14
CA LEU B 97 -11.84 -15.28 0.79
C LEU B 97 -12.24 -13.80 0.73
N LEU B 98 -11.42 -13.00 0.07
CA LEU B 98 -11.67 -11.57 -0.05
C LEU B 98 -11.85 -11.17 -1.51
N LEU B 99 -10.99 -11.68 -2.37
CA LEU B 99 -11.05 -11.35 -3.79
C LEU B 99 -11.72 -12.46 -4.58
N PRO B 100 -12.43 -12.10 -5.67
CA PRO B 100 -13.10 -13.08 -6.53
C PRO B 100 -12.11 -14.03 -7.21
N GLY B 101 -12.64 -15.06 -7.86
CA GLY B 101 -11.81 -16.06 -8.51
C GLY B 101 -10.75 -15.48 -9.44
N GLU B 102 -11.18 -14.66 -10.39
CA GLU B 102 -10.25 -14.06 -11.37
C GLU B 102 -9.13 -13.28 -10.68
N LEU B 103 -9.46 -12.52 -9.65
CA LEU B 103 -8.47 -11.73 -8.94
C LEU B 103 -7.55 -12.62 -8.10
N ALA B 104 -8.14 -13.60 -7.43
CA ALA B 104 -7.39 -14.52 -6.60
C ALA B 104 -6.38 -15.32 -7.44
N LYS B 105 -6.83 -15.80 -8.59
CA LYS B 105 -5.98 -16.56 -9.49
C LYS B 105 -4.75 -15.75 -9.90
N HIS B 106 -4.96 -14.47 -10.14
CA HIS B 106 -3.88 -13.58 -10.53
C HIS B 106 -2.99 -13.27 -9.33
N ALA B 107 -3.63 -13.01 -8.19
CA ALA B 107 -2.91 -12.69 -6.96
C ALA B 107 -1.93 -13.80 -6.59
N VAL B 108 -2.39 -15.05 -6.64
CA VAL B 108 -1.54 -16.19 -6.33
C VAL B 108 -0.34 -16.25 -7.26
N SER B 109 -0.61 -16.03 -8.54
CA SER B 109 0.42 -16.07 -9.55
C SER B 109 1.45 -14.96 -9.35
N GLU B 110 0.97 -13.72 -9.19
CA GLU B 110 1.87 -12.58 -9.00
C GLU B 110 2.64 -12.72 -7.68
N GLY B 111 1.96 -13.26 -6.67
CA GLY B 111 2.59 -13.44 -5.37
C GLY B 111 3.73 -14.42 -5.43
N THR B 112 3.50 -15.57 -6.05
CA THR B 112 4.52 -16.59 -6.18
C THR B 112 5.72 -16.07 -6.96
N LYS B 113 5.47 -15.18 -7.92
CA LYS B 113 6.53 -14.59 -8.72
C LYS B 113 7.48 -13.79 -7.82
N ALA B 114 6.90 -13.01 -6.93
CA ALA B 114 7.67 -12.19 -5.99
C ALA B 114 8.41 -13.10 -5.01
N VAL B 115 7.73 -14.13 -4.52
CA VAL B 115 8.33 -15.07 -3.58
C VAL B 115 9.56 -15.74 -4.20
N THR B 116 9.44 -16.10 -5.48
CA THR B 116 10.52 -16.73 -6.21
C THR B 116 11.69 -15.77 -6.38
N LYS B 117 11.37 -14.49 -6.61
CA LYS B 117 12.39 -13.47 -6.78
C LYS B 117 13.12 -13.24 -5.47
N TYR B 118 12.41 -13.41 -4.36
CA TYR B 118 12.99 -13.22 -3.04
C TYR B 118 13.90 -14.38 -2.66
N THR B 119 13.75 -15.51 -3.35
CA THR B 119 14.55 -16.68 -3.07
C THR B 119 15.97 -16.52 -3.63
N SER B 120 16.84 -15.94 -2.79
CA SER B 120 18.24 -15.71 -3.16
C SER B 120 18.36 -14.82 -4.39
N SER B 121 18.05 -13.54 -4.22
CA SER B 121 18.12 -12.59 -5.31
C SER B 121 19.46 -11.84 -5.29
N LYS B 122 19.91 -11.42 -6.45
CA LYS B 122 21.17 -10.70 -6.56
C LYS B 122 20.91 -9.22 -6.88
N SER A 1 42.83 -22.50 -2.88
CA SER A 1 44.08 -23.04 -2.31
C SER A 1 45.28 -22.37 -2.89
N GLY A 2 46.33 -23.17 -3.15
CA GLY A 2 47.59 -22.73 -3.69
C GLY A 2 47.49 -22.24 -5.11
N ARG A 3 46.78 -22.97 -5.99
CA ARG A 3 46.65 -22.58 -7.37
C ARG A 3 45.61 -21.51 -7.48
N GLY A 4 45.88 -20.52 -8.35
CA GLY A 4 44.92 -19.48 -8.50
C GLY A 4 44.48 -19.54 -9.91
N LYS A 5 43.39 -18.83 -10.23
CA LYS A 5 42.89 -18.78 -11.58
C LYS A 5 43.22 -17.43 -12.11
N GLY A 6 44.26 -17.35 -12.98
CA GLY A 6 44.66 -16.09 -13.55
C GLY A 6 44.02 -15.95 -14.89
N GLY A 7 44.22 -14.75 -15.49
CA GLY A 7 43.66 -14.43 -16.77
C GLY A 7 42.33 -13.79 -16.56
N LYS A 8 41.53 -13.73 -17.64
CA LYS A 8 40.21 -13.19 -17.55
C LYS A 8 39.31 -14.38 -17.62
N VAL A 9 38.09 -14.27 -17.05
CA VAL A 9 37.16 -15.36 -17.08
C VAL A 9 36.13 -15.03 -18.11
N LYS A 10 35.39 -16.07 -18.54
CA LYS A 10 34.33 -15.93 -19.52
C LYS A 10 33.05 -15.72 -18.77
N GLY A 11 32.08 -15.07 -19.41
CA GLY A 11 30.84 -14.86 -18.72
C GLY A 11 30.64 -13.40 -18.63
N LYS A 12 29.59 -12.99 -17.91
CA LYS A 12 29.30 -11.60 -17.76
C LYS A 12 29.72 -11.22 -16.39
N ALA A 13 30.22 -9.99 -16.22
CA ALA A 13 30.61 -9.51 -14.93
C ALA A 13 30.30 -8.05 -14.93
N LYS A 14 29.95 -7.50 -13.75
CA LYS A 14 29.69 -6.09 -13.69
C LYS A 14 30.57 -5.57 -12.60
N SER A 15 31.40 -4.55 -12.92
CA SER A 15 32.27 -3.88 -11.97
C SER A 15 31.47 -3.06 -11.01
N ARG A 16 31.03 -1.88 -11.49
CA ARG A 16 30.15 -1.06 -10.73
C ARG A 16 29.01 -0.86 -11.67
N SER A 17 27.77 -1.05 -11.16
CA SER A 17 26.60 -0.92 -12.00
C SER A 17 25.42 -0.74 -11.08
N ASN A 18 24.22 -0.92 -11.63
CA ASN A 18 22.95 -0.80 -10.99
C ASN A 18 22.63 -2.14 -10.42
N ARG A 19 22.17 -2.16 -9.15
CA ARG A 19 21.80 -3.40 -8.55
C ARG A 19 20.38 -3.24 -8.13
N ALA A 20 19.50 -4.17 -8.54
CA ALA A 20 18.12 -4.17 -8.13
C ALA A 20 18.08 -4.73 -6.75
N GLY A 21 17.01 -4.43 -6.01
CA GLY A 21 16.94 -4.93 -4.67
C GLY A 21 15.59 -4.62 -4.12
N LEU A 22 15.41 -4.92 -2.81
CA LEU A 22 14.16 -4.58 -2.15
C LEU A 22 14.26 -3.20 -1.51
N GLN A 23 13.45 -2.27 -2.02
CA GLN A 23 13.44 -0.90 -1.52
C GLN A 23 12.50 -0.74 -0.33
N PHE A 24 11.88 -1.84 0.08
CA PHE A 24 10.96 -1.81 1.20
C PHE A 24 11.68 -2.16 2.51
N PRO A 25 11.48 -1.34 3.56
CA PRO A 25 12.10 -1.55 4.86
C PRO A 25 11.46 -2.71 5.62
N VAL A 26 12.05 -3.89 5.50
CA VAL A 26 11.55 -5.11 6.14
C VAL A 26 11.36 -4.92 7.64
N GLY A 27 12.43 -4.46 8.31
CA GLY A 27 12.38 -4.25 9.74
C GLY A 27 11.31 -3.29 10.18
N ARG A 28 11.20 -2.17 9.50
CA ARG A 28 10.21 -1.15 9.84
C ARG A 28 8.79 -1.69 9.69
N ILE A 29 8.50 -2.28 8.52
CA ILE A 29 7.16 -2.82 8.25
C ILE A 29 6.83 -3.95 9.22
N HIS A 30 7.83 -4.79 9.51
CA HIS A 30 7.65 -5.92 10.41
C HIS A 30 7.20 -5.45 11.80
N ARG A 31 7.85 -4.40 12.30
CA ARG A 31 7.51 -3.84 13.60
C ARG A 31 6.18 -3.13 13.56
N LEU A 32 5.93 -2.37 12.48
CA LEU A 32 4.68 -1.64 12.34
C LEU A 32 3.48 -2.59 12.31
N LEU A 33 3.64 -3.70 11.59
CA LEU A 33 2.58 -4.69 11.49
C LEU A 33 2.40 -5.42 12.82
N ARG A 34 3.51 -5.61 13.53
CA ARG A 34 3.49 -6.29 14.82
C ARG A 34 2.74 -5.44 15.85
N LYS A 35 2.85 -4.13 15.72
CA LYS A 35 2.18 -3.21 16.63
C LYS A 35 0.75 -2.96 16.18
N GLY A 36 0.34 -3.60 15.10
CA GLY A 36 -0.99 -3.44 14.58
C GLY A 36 -2.02 -4.23 15.36
N ASN A 37 -1.55 -5.10 16.26
CA ASN A 37 -2.43 -5.93 17.08
C ASN A 37 -3.24 -6.88 16.21
N TYR A 38 -2.59 -7.39 15.17
CA TYR A 38 -3.24 -8.30 14.24
C TYR A 38 -2.87 -9.75 14.54
N ALA A 39 -1.60 -10.00 14.77
CA ALA A 39 -1.12 -11.33 15.06
C ALA A 39 0.14 -11.29 15.91
N GLU A 40 0.42 -12.40 16.59
CA GLU A 40 1.60 -12.49 17.44
C GLU A 40 2.87 -12.55 16.59
N ARG A 41 2.72 -13.07 15.39
CA ARG A 41 3.83 -13.19 14.46
C ARG A 41 3.29 -13.42 13.05
N VAL A 42 4.00 -12.90 12.07
CA VAL A 42 3.59 -13.04 10.67
C VAL A 42 4.73 -13.68 9.87
N GLY A 43 4.37 -14.57 8.94
CA GLY A 43 5.36 -15.24 8.11
C GLY A 43 6.27 -14.27 7.37
N ALA A 44 7.54 -14.62 7.29
CA ALA A 44 8.53 -13.78 6.62
C ALA A 44 8.25 -13.69 5.13
N GLY A 45 8.33 -12.47 4.59
CA GLY A 45 8.10 -12.27 3.18
C GLY A 45 6.73 -11.71 2.89
N ALA A 46 5.88 -11.65 3.92
CA ALA A 46 4.52 -11.14 3.79
C ALA A 46 4.47 -9.74 3.16
N PRO A 47 5.26 -8.75 3.65
CA PRO A 47 5.26 -7.40 3.08
C PRO A 47 5.57 -7.39 1.58
N VAL A 48 6.53 -8.21 1.20
CA VAL A 48 6.94 -8.32 -0.20
C VAL A 48 5.81 -8.93 -1.03
N TYR A 49 5.21 -9.98 -0.49
CA TYR A 49 4.10 -10.68 -1.14
C TYR A 49 2.92 -9.74 -1.35
N LEU A 50 2.54 -9.04 -0.29
CA LEU A 50 1.41 -8.13 -0.33
C LEU A 50 1.66 -6.96 -1.28
N ALA A 51 2.92 -6.53 -1.36
CA ALA A 51 3.29 -5.42 -2.24
C ALA A 51 2.93 -5.73 -3.69
N ALA A 52 3.35 -6.91 -4.16
CA ALA A 52 3.09 -7.33 -5.53
C ALA A 52 1.59 -7.51 -5.78
N VAL A 53 0.85 -7.83 -4.71
CA VAL A 53 -0.59 -8.05 -4.80
C VAL A 53 -1.34 -6.73 -4.88
N MET A 54 -1.07 -5.83 -3.93
CA MET A 54 -1.76 -4.53 -3.88
C MET A 54 -1.41 -3.67 -5.10
N GLU A 55 -0.20 -3.86 -5.64
CA GLU A 55 0.22 -3.11 -6.81
C GLU A 55 -0.58 -3.53 -8.03
N TYR A 56 -1.07 -4.75 -8.02
CA TYR A 56 -1.85 -5.29 -9.14
C TYR A 56 -3.28 -4.76 -9.08
N LEU A 57 -3.82 -4.62 -7.87
CA LEU A 57 -5.17 -4.13 -7.69
C LEU A 57 -5.27 -2.66 -8.10
N ALA A 58 -4.22 -1.90 -7.78
CA ALA A 58 -4.17 -0.48 -8.10
C ALA A 58 -4.19 -0.24 -9.60
N ALA A 59 -3.76 -1.24 -10.37
CA ALA A 59 -3.71 -1.14 -11.82
C ALA A 59 -5.12 -0.97 -12.40
N GLU A 60 -6.09 -1.65 -11.79
CA GLU A 60 -7.48 -1.57 -12.24
C GLU A 60 -8.02 -0.16 -12.05
N VAL A 61 -7.72 0.42 -10.87
CA VAL A 61 -8.16 1.77 -10.54
C VAL A 61 -7.56 2.77 -11.51
N LEU A 62 -6.28 2.61 -11.79
CA LEU A 62 -5.57 3.51 -12.69
C LEU A 62 -6.12 3.41 -14.12
N GLU A 63 -6.48 2.21 -14.55
CA GLU A 63 -7.03 2.02 -15.88
C GLU A 63 -8.35 2.76 -16.03
N LEU A 64 -9.19 2.65 -15.01
CA LEU A 64 -10.50 3.30 -15.02
C LEU A 64 -10.34 4.82 -15.05
N ALA A 65 -9.55 5.34 -14.12
CA ALA A 65 -9.31 6.78 -14.02
C ALA A 65 -8.71 7.32 -15.31
N GLY A 66 -7.75 6.60 -15.86
CA GLY A 66 -7.11 7.01 -17.09
C GLY A 66 -8.08 7.01 -18.26
N ASN A 67 -9.01 6.07 -18.25
CA ASN A 67 -10.01 5.96 -19.31
C ASN A 67 -11.00 7.11 -19.22
N ALA A 68 -11.30 7.53 -18.00
CA ALA A 68 -12.22 8.63 -17.77
C ALA A 68 -11.55 9.95 -18.16
N ALA A 69 -10.27 10.05 -17.85
CA ALA A 69 -9.49 11.24 -18.17
C ALA A 69 -9.43 11.46 -19.68
N ARG A 70 -9.38 10.38 -20.43
CA ARG A 70 -9.33 10.45 -21.89
C ARG A 70 -10.62 11.04 -22.45
N ASP A 71 -11.73 10.68 -21.84
CA ASP A 71 -13.05 11.16 -22.25
C ASP A 71 -13.18 12.64 -21.94
N ASN A 72 -12.68 13.05 -20.79
CA ASN A 72 -12.73 14.45 -20.36
C ASN A 72 -11.62 15.25 -21.04
N LYS A 73 -10.78 14.56 -21.80
CA LYS A 73 -9.66 15.18 -22.50
C LYS A 73 -8.72 15.84 -21.50
N LYS A 74 -8.41 15.11 -20.43
CA LYS A 74 -7.53 15.60 -19.39
C LYS A 74 -6.13 15.03 -19.55
N THR A 75 -5.13 15.86 -19.36
CA THR A 75 -3.74 15.44 -19.47
C THR A 75 -3.34 14.61 -18.25
N ARG A 76 -3.89 14.97 -17.10
CA ARG A 76 -3.60 14.27 -15.85
C ARG A 76 -4.89 13.96 -15.12
N ILE A 77 -4.93 12.81 -14.46
CA ILE A 77 -6.12 12.40 -13.72
C ILE A 77 -6.33 13.28 -12.49
N ILE A 78 -7.57 13.69 -12.27
CA ILE A 78 -7.90 14.54 -11.13
C ILE A 78 -8.61 13.72 -10.05
N PRO A 79 -8.62 14.21 -8.79
CA PRO A 79 -9.25 13.50 -7.65
C PRO A 79 -10.66 12.99 -7.95
N ARG A 80 -11.42 13.75 -8.73
CA ARG A 80 -12.78 13.36 -9.08
C ARG A 80 -12.81 12.02 -9.82
N HIS A 81 -11.76 11.75 -10.59
CA HIS A 81 -11.66 10.52 -11.36
C HIS A 81 -11.54 9.32 -10.43
N LEU A 82 -10.96 9.53 -9.26
CA LEU A 82 -10.79 8.46 -8.27
C LEU A 82 -12.15 8.01 -7.76
N GLN A 83 -13.04 8.96 -7.54
CA GLN A 83 -14.37 8.65 -7.07
C GLN A 83 -15.20 8.05 -8.19
N LEU A 84 -14.85 8.38 -9.42
CA LEU A 84 -15.57 7.87 -10.59
C LEU A 84 -14.99 6.53 -11.01
N ALA A 85 -14.04 6.02 -10.23
CA ALA A 85 -13.42 4.74 -10.51
C ALA A 85 -13.63 3.77 -9.36
N ILE A 86 -13.17 4.17 -8.18
CA ILE A 86 -13.29 3.35 -6.98
C ILE A 86 -14.73 3.34 -6.47
N ARG A 87 -15.30 4.53 -6.34
CA ARG A 87 -16.66 4.67 -5.83
C ARG A 87 -17.70 4.41 -6.92
N ASN A 88 -17.24 3.95 -8.08
CA ASN A 88 -18.15 3.65 -9.18
C ASN A 88 -18.25 2.15 -9.37
N ASP A 89 -17.59 1.41 -8.48
CA ASP A 89 -17.60 -0.04 -8.55
C ASP A 89 -18.39 -0.61 -7.39
N GLU A 90 -19.44 -1.35 -7.69
CA GLU A 90 -20.28 -1.95 -6.67
C GLU A 90 -19.63 -3.19 -6.07
N GLU A 91 -18.87 -3.91 -6.88
CA GLU A 91 -18.22 -5.12 -6.43
C GLU A 91 -17.06 -4.79 -5.50
N LEU A 92 -16.29 -3.79 -5.88
CA LEU A 92 -15.15 -3.35 -5.07
C LEU A 92 -15.64 -2.85 -3.71
N ASN A 93 -16.83 -2.25 -3.71
CA ASN A 93 -17.44 -1.73 -2.49
C ASN A 93 -17.76 -2.89 -1.54
N LYS A 94 -18.08 -4.04 -2.12
CA LYS A 94 -18.41 -5.23 -1.33
C LYS A 94 -17.13 -5.85 -0.77
N LEU A 95 -16.12 -5.98 -1.63
CA LEU A 95 -14.84 -6.55 -1.24
C LEU A 95 -14.15 -5.67 -0.18
N LEU A 96 -14.10 -4.37 -0.46
CA LEU A 96 -13.49 -3.42 0.44
C LEU A 96 -14.57 -2.68 1.24
N SER A 97 -15.38 -3.45 1.95
CA SER A 97 -16.47 -2.87 2.74
C SER A 97 -15.95 -2.31 4.06
N GLY A 98 -16.88 -1.96 4.98
CA GLY A 98 -16.51 -1.34 6.22
C GLY A 98 -15.71 -2.27 7.07
N VAL A 99 -14.56 -1.77 7.55
CA VAL A 99 -13.68 -2.55 8.35
C VAL A 99 -13.84 -2.04 9.75
N THR A 100 -14.03 -2.96 10.72
CA THR A 100 -14.10 -2.55 12.09
C THR A 100 -13.13 -3.43 12.83
N ILE A 101 -11.95 -2.88 13.24
CA ILE A 101 -10.91 -3.64 13.91
C ILE A 101 -11.28 -4.06 15.32
N ALA A 102 -11.84 -3.15 16.16
CA ALA A 102 -12.18 -3.54 17.50
C ALA A 102 -13.65 -3.76 17.53
N GLN A 103 -14.08 -4.84 18.21
CA GLN A 103 -15.44 -5.33 18.33
C GLN A 103 -15.83 -6.10 17.13
N GLY A 104 -17.07 -6.64 17.23
CA GLY A 104 -17.64 -7.50 16.26
C GLY A 104 -17.40 -8.88 16.77
N GLY A 105 -18.15 -9.85 16.26
CA GLY A 105 -17.90 -11.20 16.65
C GLY A 105 -17.28 -11.80 15.43
N VAL A 106 -16.31 -12.71 15.60
CA VAL A 106 -15.74 -13.25 14.41
C VAL A 106 -16.73 -14.27 13.94
N LEU A 107 -17.54 -13.84 12.95
CA LEU A 107 -18.58 -14.61 12.32
C LEU A 107 -18.27 -14.47 10.85
N PRO A 108 -18.48 -15.48 10.03
CA PRO A 108 -18.15 -15.33 8.63
C PRO A 108 -18.89 -14.34 7.77
N ASN A 109 -20.20 -14.10 7.98
CA ASN A 109 -20.91 -13.17 7.15
C ASN A 109 -21.02 -11.88 7.91
N ILE A 110 -21.09 -10.73 7.19
CA ILE A 110 -21.11 -9.50 7.94
C ILE A 110 -22.54 -9.18 8.25
N GLN A 111 -22.90 -9.29 9.53
CA GLN A 111 -24.23 -9.00 9.96
C GLN A 111 -24.11 -7.76 10.77
N ALA A 112 -25.17 -6.94 10.81
CA ALA A 112 -25.10 -5.76 11.61
C ALA A 112 -26.12 -5.93 12.68
N VAL A 113 -25.81 -5.44 13.89
CA VAL A 113 -26.76 -5.49 14.97
C VAL A 113 -27.10 -4.06 15.23
N LEU A 114 -28.40 -3.73 15.44
CA LEU A 114 -28.90 -2.38 15.65
C LEU A 114 -28.40 -1.75 16.93
N LEU A 115 -28.45 -2.46 18.08
CA LEU A 115 -28.02 -1.87 19.33
C LEU A 115 -26.61 -2.28 19.59
N PRO A 116 -25.84 -1.41 20.20
CA PRO A 116 -24.48 -1.76 20.54
C PRO A 116 -24.43 -2.69 21.72
N LYS A 117 -23.54 -3.71 21.67
CA LYS A 117 -23.39 -4.66 22.75
C LYS A 117 -22.70 -4.03 23.94
N LYS A 118 -21.53 -3.40 23.73
CA LYS A 118 -20.85 -2.79 24.83
C LYS A 118 -20.93 -1.32 24.58
N THR A 119 -21.24 -0.53 25.63
CA THR A 119 -21.25 0.89 25.49
C THR A 119 -21.03 1.50 26.83
N GLU A 120 -20.38 2.66 26.82
CA GLU A 120 -20.23 3.38 28.05
C GLU A 120 -21.08 4.59 27.96
N LYS A 121 -21.10 5.34 29.07
CA LYS A 121 -21.93 6.49 29.32
C LYS A 121 -21.83 7.48 28.19
N LYS A 122 -20.61 7.78 27.70
CA LYS A 122 -20.46 8.66 26.56
C LYS A 122 -20.89 8.02 25.25
N ALA A 123 -20.33 6.84 24.87
CA ALA A 123 -20.68 6.18 23.65
C ALA A 123 -19.89 4.87 23.56
N PRO B 1 32.89 39.25 31.83
CA PRO B 1 32.83 39.02 30.36
C PRO B 1 32.36 37.61 30.18
N PRO B 2 31.64 37.34 29.12
CA PRO B 2 31.20 36.02 28.79
C PRO B 2 32.26 35.34 28.00
N LYS B 3 32.09 34.02 27.77
CA LYS B 3 32.97 33.18 27.00
C LYS B 3 32.56 33.32 25.56
N THR B 4 33.52 33.16 24.63
CA THR B 4 33.23 33.32 23.23
C THR B 4 32.17 32.34 22.82
N SER B 5 30.97 32.89 22.57
CA SER B 5 29.89 32.06 22.16
C SER B 5 29.42 32.69 20.91
N GLY B 6 28.62 31.94 20.13
CA GLY B 6 28.14 32.52 18.91
C GLY B 6 28.83 31.84 17.78
N LYS B 7 28.94 32.56 16.65
CA LYS B 7 29.58 32.10 15.44
C LYS B 7 31.04 32.42 15.50
N ALA B 8 31.83 31.50 14.89
CA ALA B 8 33.25 31.63 14.74
C ALA B 8 33.46 32.48 13.52
N ALA B 9 34.68 33.05 13.41
CA ALA B 9 35.11 33.87 12.31
C ALA B 9 35.29 33.09 11.04
N LYS B 10 36.03 31.96 11.08
CA LYS B 10 36.21 31.18 9.87
C LYS B 10 35.42 29.94 10.05
N LYS B 11 34.72 29.51 8.99
CA LYS B 11 33.96 28.29 9.06
C LYS B 11 34.35 27.46 7.88
N ALA B 12 34.81 26.22 8.14
CA ALA B 12 35.20 25.31 7.08
C ALA B 12 33.96 24.83 6.42
N GLY B 13 34.09 24.50 5.12
CA GLY B 13 32.95 24.09 4.36
C GLY B 13 32.60 25.24 3.48
N LYS B 14 31.96 24.93 2.34
CA LYS B 14 31.57 25.94 1.40
C LYS B 14 30.09 25.84 1.28
N ALA B 15 29.37 26.98 1.38
CA ALA B 15 27.94 26.91 1.19
C ALA B 15 27.60 27.61 -0.09
N GLN B 16 27.19 26.82 -1.11
CA GLN B 16 26.79 27.22 -2.43
C GLN B 16 25.42 27.84 -2.50
N LYS B 17 24.44 27.31 -1.74
CA LYS B 17 23.07 27.76 -1.79
C LYS B 17 22.84 28.75 -0.68
N ASN B 18 21.75 29.54 -0.83
CA ASN B 18 21.30 30.52 0.12
C ASN B 18 20.39 29.78 1.06
N ILE B 19 20.12 30.39 2.24
CA ILE B 19 19.29 29.83 3.25
C ILE B 19 17.85 30.11 2.91
N THR B 20 17.02 29.06 3.06
CA THR B 20 15.61 29.14 2.78
C THR B 20 14.93 29.13 4.11
N LYS B 21 13.62 29.47 4.13
CA LYS B 21 12.84 29.43 5.33
C LYS B 21 12.45 28.01 5.59
N THR B 22 12.48 27.63 6.87
CA THR B 22 12.11 26.29 7.23
C THR B 22 10.87 26.48 8.02
N ASP B 23 10.05 25.41 8.19
CA ASP B 23 8.83 25.55 8.92
C ASP B 23 9.02 25.15 10.36
N LYS B 24 7.89 24.76 10.99
CA LYS B 24 7.69 24.43 12.38
C LYS B 24 8.21 23.03 12.71
N LYS B 25 8.16 22.70 14.02
CA LYS B 25 8.71 21.56 14.73
C LYS B 25 8.30 20.22 14.16
N LYS B 26 7.13 20.15 13.47
CA LYS B 26 6.59 18.92 12.90
C LYS B 26 7.66 18.11 12.25
N LYS B 27 8.06 17.00 12.93
CA LYS B 27 9.05 16.10 12.43
C LYS B 27 8.37 15.21 11.44
N ARG B 28 9.08 14.82 10.38
CA ARG B 28 8.43 14.04 9.37
C ARG B 28 9.06 12.69 9.34
N LYS B 29 8.36 11.74 8.70
CA LYS B 29 8.85 10.40 8.48
C LYS B 29 9.43 10.42 7.11
N ARG B 30 10.36 9.50 6.81
CA ARG B 30 10.91 9.59 5.49
C ARG B 30 10.82 8.28 4.78
N LYS B 31 10.89 8.37 3.44
CA LYS B 31 10.91 7.34 2.41
C LYS B 31 9.72 6.41 2.42
N GLU B 32 8.58 6.78 3.06
CA GLU B 32 7.50 5.83 3.07
C GLU B 32 6.37 6.26 2.16
N SER B 33 6.43 6.02 0.82
CA SER B 33 5.20 6.33 0.09
C SER B 33 5.07 5.42 -1.14
N TYR B 34 3.83 5.19 -1.57
CA TYR B 34 3.58 4.34 -2.73
C TYR B 34 3.29 5.18 -3.97
N ALA B 35 3.39 6.49 -3.82
CA ALA B 35 3.12 7.43 -4.91
C ALA B 35 3.90 7.10 -6.19
N ILE B 36 5.22 6.93 -6.05
CA ILE B 36 6.06 6.62 -7.20
C ILE B 36 5.69 5.28 -7.84
N TYR B 37 5.21 4.35 -7.02
CA TYR B 37 4.82 3.04 -7.52
C TYR B 37 3.56 3.14 -8.35
N ILE B 38 2.62 3.96 -7.90
CA ILE B 38 1.37 4.19 -8.60
C ILE B 38 1.64 4.78 -9.98
N TYR B 39 2.55 5.75 -10.02
CA TYR B 39 2.93 6.40 -11.26
C TYR B 39 3.48 5.38 -12.25
N LYS B 40 4.33 4.49 -11.75
CA LYS B 40 4.94 3.44 -12.57
C LYS B 40 3.87 2.55 -13.19
N VAL B 41 2.90 2.15 -12.37
CA VAL B 41 1.83 1.28 -12.83
C VAL B 41 0.95 1.99 -13.87
N LEU B 42 0.62 3.25 -13.62
CA LEU B 42 -0.21 4.01 -14.54
C LEU B 42 0.44 4.13 -15.91
N LYS B 43 1.75 4.36 -15.94
CA LYS B 43 2.48 4.50 -17.19
C LYS B 43 2.49 3.20 -17.98
N GLN B 44 2.14 2.10 -17.32
CA GLN B 44 2.08 0.80 -17.98
C GLN B 44 0.73 0.60 -18.66
N VAL B 45 -0.30 1.20 -18.10
CA VAL B 45 -1.65 1.08 -18.64
C VAL B 45 -2.00 2.27 -19.53
N HIS B 46 -1.74 3.47 -19.03
CA HIS B 46 -2.03 4.70 -19.76
C HIS B 46 -0.78 5.58 -19.78
N PRO B 47 0.12 5.35 -20.74
CA PRO B 47 1.35 6.14 -20.86
C PRO B 47 1.06 7.59 -21.24
N ASP B 48 -0.09 7.81 -21.85
CA ASP B 48 -0.50 9.14 -22.30
C ASP B 48 -1.20 9.93 -21.21
N THR B 49 -1.36 9.33 -20.04
CA THR B 49 -2.05 10.00 -18.95
C THR B 49 -1.13 10.23 -17.76
N GLY B 50 -1.28 11.38 -17.12
CA GLY B 50 -0.46 11.70 -15.95
C GLY B 50 -1.28 11.74 -14.68
N ILE B 51 -0.64 12.12 -13.58
CA ILE B 51 -1.32 12.18 -12.29
C ILE B 51 -1.20 13.58 -11.67
N SER B 52 -2.28 14.06 -11.07
CA SER B 52 -2.28 15.37 -10.43
C SER B 52 -1.75 15.24 -9.01
N SER B 53 -1.38 16.36 -8.41
CA SER B 53 -0.84 16.36 -7.06
C SER B 53 -1.87 15.88 -6.04
N LYS B 54 -3.10 16.37 -6.16
CA LYS B 54 -4.16 16.01 -5.24
C LYS B 54 -4.54 14.53 -5.38
N ALA B 55 -4.67 14.05 -6.62
CA ALA B 55 -5.02 12.66 -6.86
C ALA B 55 -3.98 11.73 -6.26
N MET B 56 -2.72 12.09 -6.47
CA MET B 56 -1.59 11.31 -5.97
C MET B 56 -1.63 11.23 -4.45
N SER B 57 -1.95 12.35 -3.82
CA SER B 57 -2.02 12.41 -2.37
C SER B 57 -3.10 11.46 -1.84
N ILE B 58 -4.25 11.46 -2.50
CA ILE B 58 -5.35 10.60 -2.10
C ILE B 58 -5.05 9.13 -2.39
N MET B 59 -4.56 8.85 -3.60
CA MET B 59 -4.24 7.48 -3.99
C MET B 59 -3.19 6.86 -3.07
N ASN B 60 -2.18 7.64 -2.73
CA ASN B 60 -1.11 7.15 -1.84
C ASN B 60 -1.69 6.72 -0.49
N SER B 61 -2.59 7.53 0.05
CA SER B 61 -3.22 7.23 1.32
C SER B 61 -4.14 6.01 1.20
N PHE B 62 -4.80 5.91 0.05
CA PHE B 62 -5.69 4.80 -0.22
C PHE B 62 -4.93 3.47 -0.25
N VAL B 63 -3.84 3.45 -1.02
CA VAL B 63 -3.02 2.25 -1.13
C VAL B 63 -2.42 1.89 0.24
N ASN B 64 -2.09 2.91 1.01
CA ASN B 64 -1.52 2.72 2.34
C ASN B 64 -2.56 2.06 3.27
N ASP B 65 -3.84 2.35 3.01
CA ASP B 65 -4.93 1.80 3.80
C ASP B 65 -5.18 0.34 3.45
N ILE B 66 -5.00 0.01 2.18
CA ILE B 66 -5.21 -1.36 1.70
C ILE B 66 -4.35 -2.35 2.48
N PHE B 67 -3.11 -1.95 2.78
CA PHE B 67 -2.20 -2.81 3.53
C PHE B 67 -2.79 -3.20 4.88
N GLU B 68 -3.39 -2.23 5.55
CA GLU B 68 -4.02 -2.44 6.85
C GLU B 68 -5.24 -3.34 6.72
N ARG B 69 -5.93 -3.25 5.59
CA ARG B 69 -7.12 -4.05 5.34
C ARG B 69 -6.75 -5.53 5.16
N ILE B 70 -5.64 -5.76 4.46
CA ILE B 70 -5.18 -7.12 4.22
C ILE B 70 -4.88 -7.83 5.54
N ALA B 71 -4.18 -7.14 6.43
CA ALA B 71 -3.84 -7.69 7.74
C ALA B 71 -5.09 -8.02 8.54
N ALA B 72 -6.09 -7.17 8.42
CA ALA B 72 -7.35 -7.34 9.13
C ALA B 72 -8.03 -8.65 8.73
N GLU B 73 -8.10 -8.90 7.44
CA GLU B 73 -8.73 -10.11 6.93
C GLU B 73 -7.84 -11.33 7.17
N ALA B 74 -6.53 -11.13 7.10
CA ALA B 74 -5.57 -12.20 7.33
C ALA B 74 -5.75 -12.81 8.71
N SER B 75 -5.79 -11.95 9.72
CA SER B 75 -5.97 -12.40 11.10
C SER B 75 -7.33 -13.06 11.27
N ARG B 76 -8.34 -12.51 10.60
CA ARG B 76 -9.69 -13.04 10.66
C ARG B 76 -9.71 -14.47 10.13
N LEU B 77 -9.06 -14.70 9.00
CA LEU B 77 -8.99 -16.02 8.39
C LEU B 77 -8.19 -16.97 9.26
N ALA B 78 -7.11 -16.45 9.84
CA ALA B 78 -6.25 -17.25 10.71
C ALA B 78 -7.01 -17.68 11.96
N HIS B 79 -7.90 -16.80 12.44
CA HIS B 79 -8.71 -17.10 13.62
C HIS B 79 -9.59 -18.31 13.37
N TYR B 80 -10.08 -18.43 12.14
CA TYR B 80 -10.93 -19.56 11.75
C TYR B 80 -10.15 -20.85 11.80
N ASN B 81 -8.85 -20.75 11.54
CA ASN B 81 -7.97 -21.92 11.53
C ASN B 81 -7.30 -22.09 12.90
N LYS B 82 -7.82 -21.37 13.90
CA LYS B 82 -7.30 -21.45 15.27
C LYS B 82 -5.84 -21.05 15.34
N ARG B 83 -5.42 -20.12 14.50
CA ARG B 83 -4.05 -19.69 14.48
C ARG B 83 -3.94 -18.22 14.86
N SER B 84 -3.10 -17.93 15.85
CA SER B 84 -2.90 -16.55 16.31
C SER B 84 -1.73 -15.92 15.55
N THR B 85 -1.24 -16.66 14.58
CA THR B 85 -0.13 -16.22 13.75
C THR B 85 -0.53 -16.28 12.28
N ILE B 86 -0.11 -15.30 11.51
CA ILE B 86 -0.44 -15.26 10.09
C ILE B 86 0.65 -15.94 9.28
N THR B 87 0.39 -17.17 8.85
CA THR B 87 1.36 -17.92 8.07
C THR B 87 1.23 -17.56 6.60
N SER B 88 2.05 -18.20 5.77
CA SER B 88 2.05 -17.94 4.35
C SER B 88 0.73 -18.41 3.72
N ARG B 89 0.21 -19.55 4.18
CA ARG B 89 -1.04 -20.08 3.66
C ARG B 89 -2.22 -19.19 4.04
N GLU B 90 -2.20 -18.67 5.26
CA GLU B 90 -3.27 -17.81 5.74
C GLU B 90 -3.34 -16.52 4.95
N ILE B 91 -2.19 -15.91 4.69
CA ILE B 91 -2.15 -14.66 3.94
C ILE B 91 -2.50 -14.88 2.46
N GLN B 92 -2.14 -16.05 1.91
CA GLN B 92 -2.44 -16.36 0.52
C GLN B 92 -3.96 -16.46 0.33
N THR B 93 -4.64 -16.93 1.37
CA THR B 93 -6.08 -17.07 1.35
C THR B 93 -6.77 -15.70 1.35
N ALA B 94 -6.16 -14.73 2.02
CA ALA B 94 -6.72 -13.39 2.09
C ALA B 94 -6.83 -12.76 0.71
N VAL B 95 -5.80 -12.96 -0.09
CA VAL B 95 -5.76 -12.41 -1.45
C VAL B 95 -6.92 -12.96 -2.30
N ARG B 96 -7.29 -14.20 -2.05
CA ARG B 96 -8.36 -14.85 -2.79
C ARG B 96 -9.74 -14.42 -2.29
N LEU B 97 -9.78 -13.61 -1.24
CA LEU B 97 -11.05 -13.15 -0.69
C LEU B 97 -11.18 -11.63 -0.80
N LEU B 98 -10.05 -10.96 -0.93
CA LEU B 98 -10.04 -9.50 -1.04
C LEU B 98 -9.96 -9.09 -2.51
N LEU B 99 -9.40 -9.95 -3.34
CA LEU B 99 -9.26 -9.68 -4.75
C LEU B 99 -10.05 -10.70 -5.56
N PRO B 100 -10.55 -10.30 -6.74
CA PRO B 100 -11.30 -11.20 -7.62
C PRO B 100 -10.42 -12.34 -8.12
N GLY B 101 -11.03 -13.49 -8.38
CA GLY B 101 -10.30 -14.66 -8.84
C GLY B 101 -9.37 -14.39 -10.01
N GLU B 102 -9.83 -13.56 -10.94
CA GLU B 102 -9.03 -13.21 -12.12
C GLU B 102 -7.68 -12.62 -11.71
N LEU B 103 -7.72 -11.59 -10.87
CA LEU B 103 -6.51 -10.92 -10.42
C LEU B 103 -5.76 -11.75 -9.39
N ALA B 104 -6.49 -12.42 -8.51
CA ALA B 104 -5.88 -13.24 -7.45
C ALA B 104 -4.90 -14.26 -8.01
N LYS B 105 -5.30 -14.95 -9.08
CA LYS B 105 -4.46 -15.97 -9.70
C LYS B 105 -3.13 -15.39 -10.16
N HIS B 106 -3.12 -14.13 -10.56
CA HIS B 106 -1.89 -13.49 -11.01
C HIS B 106 -1.15 -12.88 -9.83
N ALA B 107 -1.91 -12.28 -8.92
CA ALA B 107 -1.35 -11.64 -7.72
C ALA B 107 -0.55 -12.62 -6.87
N VAL B 108 -1.11 -13.80 -6.63
CA VAL B 108 -0.44 -14.82 -5.84
C VAL B 108 0.86 -15.26 -6.51
N SER B 109 0.78 -15.49 -7.82
CA SER B 109 1.94 -15.92 -8.59
C SER B 109 3.04 -14.86 -8.58
N GLU B 110 2.70 -13.62 -8.90
CA GLU B 110 3.67 -12.54 -8.92
C GLU B 110 4.19 -12.25 -7.51
N GLY B 111 3.31 -12.35 -6.53
CA GLY B 111 3.70 -12.12 -5.15
C GLY B 111 4.75 -13.11 -4.69
N THR B 112 4.54 -14.37 -5.03
CA THR B 112 5.48 -15.42 -4.66
C THR B 112 6.83 -15.20 -5.35
N LYS B 113 6.79 -14.58 -6.53
CA LYS B 113 8.01 -14.33 -7.29
C LYS B 113 8.80 -13.22 -6.64
N ALA B 114 8.10 -12.17 -6.21
CA ALA B 114 8.74 -11.04 -5.56
C ALA B 114 9.41 -11.47 -4.27
N VAL B 115 8.73 -12.30 -3.49
CA VAL B 115 9.26 -12.81 -2.24
C VAL B 115 10.53 -13.61 -2.48
N THR B 116 10.51 -14.43 -3.53
CA THR B 116 11.64 -15.28 -3.87
C THR B 116 12.80 -14.46 -4.42
N LYS B 117 12.50 -13.50 -5.28
CA LYS B 117 13.53 -12.66 -5.88
C LYS B 117 14.13 -11.68 -4.88
N TYR B 118 13.30 -11.24 -3.93
CA TYR B 118 13.72 -10.29 -2.90
C TYR B 118 14.08 -8.96 -3.55
N THR B 119 13.18 -8.45 -4.38
CA THR B 119 13.41 -7.20 -5.07
C THR B 119 12.07 -6.53 -5.42
N SER B 120 12.10 -5.21 -5.57
CA SER B 120 10.92 -4.45 -5.91
C SER B 120 11.01 -3.96 -7.35
N SER B 121 11.86 -4.62 -8.13
CA SER B 121 12.07 -4.26 -9.53
C SER B 121 11.66 -5.42 -10.44
N LYS B 122 11.09 -5.08 -11.60
CA LYS B 122 10.66 -6.09 -12.56
C LYS B 122 11.21 -5.77 -13.95
N SER A 1 40.95 -3.69 0.57
CA SER A 1 40.17 -3.57 -0.68
C SER A 1 40.34 -4.77 -1.53
N GLY A 2 40.69 -4.53 -2.81
CA GLY A 2 40.86 -5.59 -3.74
C GLY A 2 39.58 -5.70 -4.51
N ARG A 3 39.63 -6.45 -5.62
CA ARG A 3 38.45 -6.62 -6.43
C ARG A 3 38.06 -8.05 -6.29
N GLY A 4 36.82 -8.38 -6.73
CA GLY A 4 36.33 -9.74 -6.78
C GLY A 4 35.53 -10.02 -5.54
N LYS A 5 35.99 -9.49 -4.38
CA LYS A 5 35.30 -9.70 -3.14
C LYS A 5 33.94 -9.08 -3.24
N GLY A 6 32.89 -9.94 -3.10
CA GLY A 6 31.54 -9.51 -3.28
C GLY A 6 30.92 -10.28 -4.42
N GLY A 7 31.71 -10.65 -5.45
CA GLY A 7 31.27 -11.45 -6.56
C GLY A 7 30.78 -10.61 -7.69
N LYS A 8 30.35 -9.37 -7.39
CA LYS A 8 29.91 -8.52 -8.46
C LYS A 8 30.51 -7.18 -8.21
N VAL A 9 30.92 -6.48 -9.31
CA VAL A 9 31.45 -5.16 -9.17
C VAL A 9 30.36 -4.22 -9.58
N LYS A 10 29.77 -3.52 -8.57
CA LYS A 10 28.71 -2.56 -8.72
C LYS A 10 29.16 -1.21 -9.23
N GLY A 11 30.16 -0.59 -8.56
CA GLY A 11 30.59 0.70 -8.98
C GLY A 11 30.21 1.64 -7.89
N LYS A 12 30.11 2.92 -8.28
CA LYS A 12 29.75 4.06 -7.47
C LYS A 12 28.95 4.93 -8.38
N ALA A 13 29.44 6.16 -8.67
CA ALA A 13 28.75 7.08 -9.55
C ALA A 13 28.63 6.44 -10.90
N LYS A 14 29.71 5.78 -11.36
CA LYS A 14 29.69 5.01 -12.57
C LYS A 14 29.34 3.62 -12.12
N SER A 15 28.47 2.91 -12.88
CA SER A 15 28.11 1.65 -12.33
C SER A 15 27.71 0.65 -13.38
N ARG A 16 27.57 -0.60 -12.89
CA ARG A 16 27.25 -1.80 -13.65
C ARG A 16 25.87 -1.79 -14.30
N SER A 17 24.77 -1.59 -13.53
CA SER A 17 23.43 -1.72 -14.05
C SER A 17 22.54 -1.50 -12.87
N ASN A 18 22.39 -2.63 -12.16
CA ASN A 18 21.72 -2.90 -10.91
C ASN A 18 20.29 -2.47 -10.80
N ARG A 19 19.34 -3.28 -11.34
CA ARG A 19 17.94 -2.96 -11.16
C ARG A 19 17.68 -3.05 -9.70
N ALA A 20 17.40 -1.89 -9.06
CA ALA A 20 17.16 -1.86 -7.65
C ALA A 20 15.92 -2.62 -7.34
N GLY A 21 15.97 -3.35 -6.22
CA GLY A 21 14.84 -4.08 -5.77
C GLY A 21 14.38 -3.27 -4.61
N LEU A 22 13.11 -3.42 -4.22
CA LEU A 22 12.68 -2.59 -3.11
C LEU A 22 12.79 -3.35 -1.79
N GLN A 23 13.07 -2.62 -0.72
CA GLN A 23 13.19 -3.23 0.59
C GLN A 23 12.00 -2.84 1.45
N PHE A 24 11.50 -3.79 2.22
CA PHE A 24 10.35 -3.56 3.08
C PHE A 24 10.78 -3.44 4.54
N PRO A 25 10.63 -2.24 5.12
CA PRO A 25 10.99 -1.99 6.52
C PRO A 25 9.96 -2.58 7.48
N VAL A 26 9.89 -3.91 7.51
CA VAL A 26 8.95 -4.62 8.36
C VAL A 26 9.09 -4.24 9.83
N GLY A 27 10.29 -3.83 10.24
CA GLY A 27 10.52 -3.45 11.62
C GLY A 27 9.65 -2.27 12.04
N ARG A 28 9.36 -1.39 11.11
CA ARG A 28 8.53 -0.23 11.39
C ARG A 28 7.05 -0.60 11.27
N ILE A 29 6.76 -1.46 10.29
CA ILE A 29 5.40 -1.91 10.05
C ILE A 29 4.89 -2.76 11.23
N HIS A 30 5.78 -3.57 11.78
CA HIS A 30 5.46 -4.44 12.92
C HIS A 30 4.90 -3.62 14.08
N ARG A 31 5.45 -2.42 14.25
CA ARG A 31 5.04 -1.51 15.32
C ARG A 31 3.58 -1.13 15.16
N LEU A 32 3.16 -0.90 13.92
CA LEU A 32 1.78 -0.52 13.65
C LEU A 32 0.87 -1.75 13.66
N LEU A 33 1.40 -2.87 13.21
CA LEU A 33 0.66 -4.12 13.16
C LEU A 33 0.24 -4.56 14.56
N ARG A 34 1.17 -4.50 15.49
CA ARG A 34 0.90 -4.90 16.87
C ARG A 34 0.02 -3.87 17.58
N LYS A 35 0.09 -2.62 17.14
CA LYS A 35 -0.72 -1.55 17.74
C LYS A 35 -2.21 -1.81 17.52
N GLY A 36 -2.56 -2.14 16.28
CA GLY A 36 -3.95 -2.42 15.94
C GLY A 36 -4.37 -3.81 16.37
N ASN A 37 -3.42 -4.54 16.97
CA ASN A 37 -3.67 -5.89 17.46
C ASN A 37 -4.08 -6.82 16.32
N TYR A 38 -3.43 -6.67 15.18
CA TYR A 38 -3.72 -7.51 14.03
C TYR A 38 -3.09 -8.89 14.21
N ALA A 39 -1.77 -8.93 14.23
CA ALA A 39 -1.04 -10.17 14.39
C ALA A 39 0.21 -9.95 15.23
N GLU A 40 0.92 -11.03 15.53
CA GLU A 40 2.14 -10.95 16.32
C GLU A 40 3.24 -10.31 15.49
N ARG A 41 3.42 -10.80 14.27
CA ARG A 41 4.42 -10.28 13.35
C ARG A 41 4.21 -10.87 11.96
N VAL A 42 4.99 -10.41 11.00
CA VAL A 42 4.89 -10.86 9.62
C VAL A 42 6.13 -11.66 9.22
N GLY A 43 5.95 -12.66 8.38
CA GLY A 43 7.06 -13.47 7.92
C GLY A 43 7.53 -13.07 6.54
N ALA A 44 8.70 -13.55 6.14
CA ALA A 44 9.26 -13.22 4.83
C ALA A 44 8.35 -13.74 3.71
N GLY A 45 8.26 -12.97 2.65
CA GLY A 45 7.43 -13.35 1.52
C GLY A 45 6.06 -12.71 1.56
N ALA A 46 5.50 -12.62 2.76
CA ALA A 46 4.17 -12.03 2.95
C ALA A 46 4.12 -10.57 2.49
N PRO A 47 5.05 -9.69 2.95
CA PRO A 47 5.06 -8.28 2.52
C PRO A 47 5.28 -8.14 1.02
N VAL A 48 5.99 -9.11 0.46
CA VAL A 48 6.27 -9.13 -0.98
C VAL A 48 5.00 -9.48 -1.75
N TYR A 49 4.30 -10.48 -1.24
CA TYR A 49 3.05 -10.92 -1.84
C TYR A 49 2.03 -9.78 -1.79
N LEU A 50 1.97 -9.12 -0.64
CA LEU A 50 1.06 -7.99 -0.44
C LEU A 50 1.39 -6.84 -1.39
N ALA A 51 2.69 -6.61 -1.59
CA ALA A 51 3.14 -5.54 -2.48
C ALA A 51 2.65 -5.79 -3.90
N ALA A 52 2.81 -7.02 -4.37
CA ALA A 52 2.37 -7.40 -5.71
C ALA A 52 0.87 -7.22 -5.83
N VAL A 53 0.15 -7.61 -4.79
CA VAL A 53 -1.30 -7.48 -4.76
C VAL A 53 -1.69 -6.01 -4.84
N MET A 54 -0.96 -5.16 -4.11
CA MET A 54 -1.22 -3.73 -4.12
C MET A 54 -1.04 -3.18 -5.53
N GLU A 55 0.03 -3.63 -6.21
CA GLU A 55 0.31 -3.20 -7.56
C GLU A 55 -0.82 -3.65 -8.50
N TYR A 56 -1.27 -4.89 -8.30
CA TYR A 56 -2.34 -5.46 -9.11
C TYR A 56 -3.63 -4.66 -8.91
N LEU A 57 -4.00 -4.44 -7.65
CA LEU A 57 -5.20 -3.69 -7.31
C LEU A 57 -5.15 -2.29 -7.91
N ALA A 58 -3.97 -1.67 -7.84
CA ALA A 58 -3.78 -0.34 -8.37
C ALA A 58 -3.98 -0.33 -9.87
N ALA A 59 -3.44 -1.35 -10.55
CA ALA A 59 -3.55 -1.46 -12.01
C ALA A 59 -5.02 -1.51 -12.44
N GLU A 60 -5.81 -2.28 -11.70
CA GLU A 60 -7.23 -2.43 -11.98
C GLU A 60 -7.96 -1.09 -12.00
N VAL A 61 -7.59 -0.21 -11.07
CA VAL A 61 -8.23 1.10 -10.98
C VAL A 61 -7.57 2.11 -11.91
N LEU A 62 -6.23 2.09 -11.96
CA LEU A 62 -5.47 3.01 -12.79
C LEU A 62 -5.82 2.87 -14.28
N GLU A 63 -6.14 1.65 -14.71
CA GLU A 63 -6.49 1.41 -16.09
C GLU A 63 -7.73 2.23 -16.47
N LEU A 64 -8.72 2.19 -15.60
CA LEU A 64 -9.97 2.92 -15.83
C LEU A 64 -9.76 4.42 -15.65
N ALA A 65 -9.04 4.79 -14.60
CA ALA A 65 -8.76 6.19 -14.31
C ALA A 65 -8.00 6.85 -15.45
N GLY A 66 -6.97 6.15 -15.95
CA GLY A 66 -6.18 6.68 -17.03
C GLY A 66 -7.00 6.87 -18.29
N ASN A 67 -7.81 5.87 -18.62
CA ASN A 67 -8.66 5.93 -19.80
C ASN A 67 -9.65 7.09 -19.70
N ALA A 68 -10.22 7.27 -18.51
CA ALA A 68 -11.18 8.35 -18.28
C ALA A 68 -10.51 9.71 -18.43
N ALA A 69 -9.29 9.82 -17.94
CA ALA A 69 -8.53 11.07 -18.04
C ALA A 69 -8.25 11.41 -19.49
N ARG A 70 -7.99 10.38 -20.30
CA ARG A 70 -7.72 10.57 -21.72
C ARG A 70 -8.95 11.07 -22.45
N ASP A 71 -10.11 10.55 -22.06
CA ASP A 71 -11.37 10.95 -22.67
C ASP A 71 -11.70 12.39 -22.30
N ASN A 72 -11.31 12.79 -21.10
CA ASN A 72 -11.55 14.14 -20.61
C ASN A 72 -10.48 15.10 -21.11
N LYS A 73 -9.50 14.55 -21.85
CA LYS A 73 -8.40 15.33 -22.42
C LYS A 73 -7.61 16.03 -21.32
N LYS A 74 -7.34 15.30 -20.25
CA LYS A 74 -6.59 15.84 -19.13
C LYS A 74 -5.23 15.17 -19.05
N THR A 75 -4.18 15.99 -18.98
CA THR A 75 -2.82 15.49 -18.91
C THR A 75 -2.52 14.87 -17.54
N ARG A 76 -3.37 15.16 -16.56
CA ARG A 76 -3.20 14.61 -15.22
C ARG A 76 -4.51 14.00 -14.76
N ILE A 77 -4.42 12.92 -13.99
CA ILE A 77 -5.59 12.23 -13.46
C ILE A 77 -6.43 13.17 -12.62
N ILE A 78 -7.73 13.17 -12.87
CA ILE A 78 -8.66 14.04 -12.15
C ILE A 78 -9.12 13.37 -10.85
N PRO A 79 -8.87 14.04 -9.70
CA PRO A 79 -9.26 13.54 -8.39
C PRO A 79 -10.75 13.19 -8.30
N ARG A 80 -11.58 14.00 -8.95
CA ARG A 80 -13.03 13.77 -8.96
C ARG A 80 -13.35 12.43 -9.62
N HIS A 81 -12.81 12.20 -10.80
CA HIS A 81 -13.04 10.95 -11.52
C HIS A 81 -12.48 9.77 -10.75
N LEU A 82 -11.36 10.00 -10.06
CA LEU A 82 -10.71 8.98 -9.26
C LEU A 82 -11.67 8.45 -8.20
N GLN A 83 -12.25 9.37 -7.44
CA GLN A 83 -13.19 9.01 -6.38
C GLN A 83 -14.43 8.33 -6.95
N LEU A 84 -14.92 8.84 -8.08
CA LEU A 84 -16.11 8.28 -8.72
C LEU A 84 -15.87 6.83 -9.14
N ALA A 85 -14.70 6.56 -9.70
CA ALA A 85 -14.35 5.22 -10.15
C ALA A 85 -14.30 4.24 -8.98
N ILE A 86 -13.72 4.69 -7.87
CA ILE A 86 -13.60 3.87 -6.67
C ILE A 86 -14.99 3.44 -6.16
N ARG A 87 -15.91 4.40 -6.14
CA ARG A 87 -17.26 4.15 -5.65
C ARG A 87 -18.12 3.42 -6.68
N ASN A 88 -17.64 3.37 -7.91
CA ASN A 88 -18.37 2.70 -8.99
C ASN A 88 -18.13 1.20 -9.01
N ASP A 89 -16.99 0.78 -8.47
CA ASP A 89 -16.67 -0.64 -8.42
C ASP A 89 -17.16 -1.25 -7.11
N GLU A 90 -17.55 -2.51 -7.16
CA GLU A 90 -18.06 -3.19 -5.97
C GLU A 90 -17.09 -4.26 -5.47
N GLU A 91 -16.26 -4.79 -6.37
CA GLU A 91 -15.31 -5.83 -6.00
C GLU A 91 -14.12 -5.23 -5.26
N LEU A 92 -13.47 -4.25 -5.87
CA LEU A 92 -12.30 -3.61 -5.29
C LEU A 92 -12.72 -2.77 -4.09
N ASN A 93 -13.98 -2.36 -4.08
CA ASN A 93 -14.53 -1.53 -3.00
C ASN A 93 -14.37 -2.21 -1.64
N LYS A 94 -14.46 -3.53 -1.63
CA LYS A 94 -14.33 -4.30 -0.39
C LYS A 94 -12.90 -4.30 0.13
N LEU A 95 -11.95 -3.99 -0.74
CA LEU A 95 -10.55 -3.97 -0.35
C LEU A 95 -10.05 -2.54 -0.17
N LEU A 96 -10.71 -1.60 -0.83
CA LEU A 96 -10.34 -0.19 -0.73
C LEU A 96 -10.96 0.45 0.50
N SER A 97 -11.96 -0.20 1.05
CA SER A 97 -12.65 0.30 2.24
C SER A 97 -12.66 -0.76 3.33
N GLY A 98 -13.15 -0.41 4.53
CA GLY A 98 -13.20 -1.36 5.60
C GLY A 98 -12.01 -1.11 6.47
N VAL A 99 -12.20 -0.31 7.53
CA VAL A 99 -11.15 -0.04 8.45
C VAL A 99 -11.52 -0.80 9.68
N THR A 100 -10.50 -1.36 10.38
CA THR A 100 -10.65 -2.18 11.57
C THR A 100 -11.24 -1.43 12.73
N ILE A 101 -10.69 -0.24 13.10
CA ILE A 101 -11.29 0.50 14.18
C ILE A 101 -12.58 1.05 13.67
N ALA A 102 -13.70 0.64 14.30
CA ALA A 102 -14.98 1.01 13.81
C ALA A 102 -15.93 1.00 14.96
N GLN A 103 -17.17 1.49 14.71
CA GLN A 103 -18.21 1.58 15.68
C GLN A 103 -19.07 0.36 15.55
N GLY A 104 -19.82 0.03 16.62
CA GLY A 104 -20.67 -1.13 16.69
C GLY A 104 -21.91 -0.92 15.87
N GLY A 105 -22.32 -2.03 15.23
CA GLY A 105 -23.46 -2.12 14.37
C GLY A 105 -23.23 -3.39 13.61
N VAL A 106 -24.23 -3.87 12.83
CA VAL A 106 -23.99 -5.11 12.13
C VAL A 106 -23.19 -4.78 10.90
N LEU A 107 -21.85 -4.86 11.06
CA LEU A 107 -20.86 -4.48 10.07
C LEU A 107 -21.04 -5.21 8.75
N PRO A 108 -21.34 -6.49 8.61
CA PRO A 108 -21.48 -6.99 7.26
C PRO A 108 -22.60 -6.44 6.41
N ASN A 109 -23.64 -5.82 7.00
CA ASN A 109 -24.67 -5.33 6.13
C ASN A 109 -25.10 -3.97 6.58
N ILE A 110 -25.60 -3.14 5.64
CA ILE A 110 -26.10 -1.82 5.94
C ILE A 110 -27.39 -1.90 6.73
N GLN A 111 -28.44 -2.60 6.23
CA GLN A 111 -29.66 -2.70 6.97
C GLN A 111 -29.79 -4.13 7.36
N ALA A 112 -30.38 -4.39 8.55
CA ALA A 112 -30.56 -5.75 8.96
C ALA A 112 -32.01 -5.93 9.27
N VAL A 113 -32.59 -7.08 8.85
CA VAL A 113 -33.97 -7.41 9.15
C VAL A 113 -34.11 -7.64 10.64
N LEU A 114 -33.33 -8.56 11.23
CA LEU A 114 -33.43 -8.75 12.64
C LEU A 114 -32.02 -8.61 13.12
N LEU A 115 -31.83 -8.12 14.36
CA LEU A 115 -30.51 -7.98 14.95
C LEU A 115 -30.05 -9.32 15.49
N PRO A 116 -28.77 -9.53 15.36
CA PRO A 116 -28.11 -10.74 15.82
C PRO A 116 -27.85 -10.70 17.30
N LYS A 117 -27.29 -11.80 17.85
CA LYS A 117 -26.95 -12.06 19.23
C LYS A 117 -28.12 -12.04 20.18
N LYS A 118 -29.01 -13.07 20.11
CA LYS A 118 -30.14 -13.32 20.97
C LYS A 118 -31.00 -12.11 21.20
N THR A 119 -31.67 -11.61 20.13
CA THR A 119 -32.55 -10.48 20.29
C THR A 119 -33.96 -10.94 20.12
N GLU A 120 -34.78 -10.79 21.20
CA GLU A 120 -36.18 -11.13 21.31
C GLU A 120 -37.09 -10.20 20.50
N LYS A 121 -36.87 -8.87 20.57
CA LYS A 121 -37.64 -7.86 19.89
C LYS A 121 -39.11 -7.92 20.24
N LYS A 122 -39.43 -8.37 21.46
CA LYS A 122 -40.80 -8.45 21.89
C LYS A 122 -40.98 -7.37 22.91
N ALA A 123 -42.24 -6.94 23.11
CA ALA A 123 -42.56 -5.94 24.09
C ALA A 123 -42.98 -6.71 25.36
N PRO B 1 12.49 20.90 29.36
CA PRO B 1 13.79 21.15 28.67
C PRO B 1 14.09 22.62 28.62
N PRO B 2 15.08 23.03 29.39
CA PRO B 2 15.56 24.40 29.43
C PRO B 2 16.48 24.94 28.35
N LYS B 3 17.17 24.12 27.52
CA LYS B 3 18.14 24.67 26.59
C LYS B 3 17.52 25.49 25.51
N THR B 4 18.14 26.64 25.26
CA THR B 4 17.71 27.52 24.24
C THR B 4 18.72 27.38 23.15
N SER B 5 18.25 27.18 21.89
CA SER B 5 19.06 27.06 20.70
C SER B 5 19.64 28.39 20.31
N GLY B 6 18.76 29.31 19.84
CA GLY B 6 19.18 30.58 19.36
C GLY B 6 18.10 31.07 18.45
N LYS B 7 18.47 31.92 17.46
CA LYS B 7 17.50 32.44 16.54
C LYS B 7 17.44 31.50 15.37
N ALA B 8 16.23 31.30 14.82
CA ALA B 8 16.08 30.45 13.68
C ALA B 8 15.85 31.38 12.55
N ALA B 9 16.38 31.03 11.37
CA ALA B 9 16.23 31.82 10.18
C ALA B 9 14.99 31.39 9.45
N LYS B 10 14.57 32.22 8.48
CA LYS B 10 13.37 32.04 7.70
C LYS B 10 13.34 30.66 7.07
N LYS B 11 12.35 29.85 7.51
CA LYS B 11 12.02 28.49 7.14
C LYS B 11 13.05 27.47 7.60
N ALA B 12 14.14 27.92 8.26
CA ALA B 12 15.20 27.07 8.77
C ALA B 12 16.23 26.88 7.72
N GLY B 13 17.34 26.19 8.09
CA GLY B 13 18.38 25.92 7.15
C GLY B 13 19.56 26.77 7.48
N LYS B 14 20.63 26.61 6.68
CA LYS B 14 21.83 27.36 6.84
C LYS B 14 21.79 28.44 5.80
N ALA B 15 22.39 29.61 6.08
CA ALA B 15 22.35 30.68 5.11
C ALA B 15 23.72 30.87 4.54
N GLN B 16 23.80 30.70 3.20
CA GLN B 16 24.96 30.82 2.36
C GLN B 16 24.50 30.37 1.01
N LYS B 17 25.36 30.39 -0.03
CA LYS B 17 24.95 29.91 -1.32
C LYS B 17 24.63 28.45 -1.18
N ASN B 18 23.32 28.14 -1.21
CA ASN B 18 22.88 26.79 -1.05
C ASN B 18 21.96 26.54 -2.19
N ILE B 19 21.46 25.29 -2.30
CA ILE B 19 20.53 24.94 -3.33
C ILE B 19 19.21 24.92 -2.64
N THR B 20 18.17 25.57 -3.22
CA THR B 20 16.88 25.65 -2.61
C THR B 20 16.02 24.60 -3.23
N LYS B 21 15.04 24.08 -2.47
CA LYS B 21 14.18 23.07 -2.97
C LYS B 21 12.86 23.71 -3.28
N THR B 22 12.04 23.06 -4.13
CA THR B 22 10.73 23.56 -4.44
C THR B 22 9.72 22.67 -3.77
N ASP B 23 9.05 23.17 -2.70
CA ASP B 23 8.14 22.40 -1.88
C ASP B 23 6.96 21.92 -2.68
N LYS B 24 6.52 22.72 -3.67
CA LYS B 24 5.37 22.45 -4.51
C LYS B 24 5.55 21.20 -5.33
N LYS B 25 6.79 20.95 -5.83
CA LYS B 25 7.03 19.86 -6.74
C LYS B 25 7.13 18.53 -6.04
N LYS B 26 6.57 17.49 -6.71
CA LYS B 26 6.57 16.13 -6.20
C LYS B 26 7.97 15.62 -6.20
N LYS B 27 8.44 15.26 -5.00
CA LYS B 27 9.75 14.70 -4.84
C LYS B 27 9.49 13.26 -4.59
N ARG B 28 10.47 12.39 -4.91
CA ARG B 28 10.28 11.00 -4.62
C ARG B 28 11.47 10.54 -3.85
N LYS B 29 11.25 10.14 -2.59
CA LYS B 29 12.33 9.62 -1.80
C LYS B 29 11.91 8.24 -1.45
N ARG B 30 12.74 7.50 -0.71
CA ARG B 30 12.37 6.15 -0.38
C ARG B 30 12.09 6.05 1.10
N LYS B 31 10.78 6.08 1.47
CA LYS B 31 10.25 5.94 2.81
C LYS B 31 8.76 5.79 2.66
N GLU B 32 8.05 5.91 3.81
CA GLU B 32 6.62 5.74 3.96
C GLU B 32 5.86 6.69 3.05
N SER B 33 5.21 6.07 2.02
CA SER B 33 4.46 6.43 0.82
C SER B 33 4.56 5.31 -0.22
N TYR B 34 3.56 5.23 -1.08
CA TYR B 34 3.53 4.23 -2.14
C TYR B 34 3.53 4.90 -3.50
N ALA B 35 4.02 6.14 -3.53
CA ALA B 35 4.08 6.94 -4.75
C ALA B 35 4.84 6.24 -5.87
N ILE B 36 5.94 5.59 -5.52
CA ILE B 36 6.77 4.89 -6.51
C ILE B 36 5.99 3.74 -7.15
N TYR B 37 5.16 3.08 -6.34
CA TYR B 37 4.35 1.96 -6.83
C TYR B 37 3.31 2.45 -7.83
N ILE B 38 2.54 3.45 -7.40
CA ILE B 38 1.49 4.02 -8.23
C ILE B 38 2.06 4.56 -9.55
N TYR B 39 3.16 5.30 -9.47
CA TYR B 39 3.79 5.88 -10.65
C TYR B 39 4.26 4.80 -11.61
N LYS B 40 4.68 3.66 -11.08
CA LYS B 40 5.15 2.54 -11.90
C LYS B 40 3.98 1.87 -12.58
N VAL B 41 2.96 1.53 -11.80
CA VAL B 41 1.78 0.84 -12.32
C VAL B 41 1.02 1.73 -13.31
N LEU B 42 0.96 3.02 -13.03
CA LEU B 42 0.26 3.97 -13.89
C LEU B 42 0.83 3.93 -15.31
N LYS B 43 2.15 3.99 -15.41
CA LYS B 43 2.82 3.98 -16.71
C LYS B 43 2.74 2.60 -17.36
N GLN B 44 2.39 1.59 -16.57
CA GLN B 44 2.27 0.23 -17.08
C GLN B 44 0.96 0.06 -17.85
N VAL B 45 -0.09 0.72 -17.36
CA VAL B 45 -1.39 0.64 -18.00
C VAL B 45 -1.61 1.80 -18.98
N HIS B 46 -1.20 3.00 -18.57
CA HIS B 46 -1.35 4.18 -19.40
C HIS B 46 -0.11 5.06 -19.27
N PRO B 47 0.87 4.89 -20.17
CA PRO B 47 2.12 5.66 -20.14
C PRO B 47 1.94 7.10 -20.59
N ASP B 48 0.86 7.35 -21.33
CA ASP B 48 0.59 8.68 -21.86
C ASP B 48 -0.04 9.60 -20.81
N THR B 49 -0.71 9.01 -19.84
CA THR B 49 -1.36 9.80 -18.81
C THR B 49 -0.38 10.22 -17.71
N GLY B 50 -0.75 11.28 -17.01
CA GLY B 50 0.08 11.78 -15.94
C GLY B 50 -0.69 11.83 -14.63
N ILE B 51 0.02 11.86 -13.52
CA ILE B 51 -0.62 11.90 -12.21
C ILE B 51 -0.52 13.29 -11.59
N SER B 52 -1.60 13.76 -11.01
CA SER B 52 -1.61 15.07 -10.37
C SER B 52 -1.21 14.91 -8.91
N SER B 53 -0.82 16.01 -8.29
CA SER B 53 -0.42 16.01 -6.89
C SER B 53 -1.54 15.49 -5.99
N LYS B 54 -2.77 15.83 -6.34
CA LYS B 54 -3.94 15.41 -5.56
C LYS B 54 -4.25 13.93 -5.81
N ALA B 55 -4.21 13.51 -7.08
CA ALA B 55 -4.50 12.13 -7.44
C ALA B 55 -3.55 11.18 -6.70
N MET B 56 -2.27 11.51 -6.71
CA MET B 56 -1.26 10.70 -6.04
C MET B 56 -1.55 10.59 -4.55
N SER B 57 -1.95 11.69 -3.94
CA SER B 57 -2.25 11.72 -2.52
C SER B 57 -3.45 10.82 -2.20
N ILE B 58 -4.47 10.84 -3.05
CA ILE B 58 -5.65 10.01 -2.85
C ILE B 58 -5.29 8.53 -3.00
N MET B 59 -4.56 8.23 -4.06
CA MET B 59 -4.13 6.86 -4.34
C MET B 59 -3.31 6.29 -3.19
N ASN B 60 -2.34 7.07 -2.74
CA ASN B 60 -1.45 6.66 -1.64
C ASN B 60 -2.25 6.36 -0.38
N SER B 61 -3.26 7.17 -0.11
CA SER B 61 -4.11 6.98 1.07
C SER B 61 -4.87 5.66 1.00
N PHE B 62 -5.38 5.33 -0.18
CA PHE B 62 -6.14 4.10 -0.36
C PHE B 62 -5.24 2.88 -0.28
N VAL B 63 -4.04 2.97 -0.87
CA VAL B 63 -3.10 1.86 -0.86
C VAL B 63 -2.69 1.52 0.58
N ASN B 64 -2.53 2.56 1.39
CA ASN B 64 -2.15 2.37 2.79
C ASN B 64 -3.24 1.63 3.56
N ASP B 65 -4.49 1.90 3.18
CA ASP B 65 -5.64 1.27 3.83
C ASP B 65 -5.74 -0.20 3.44
N ILE B 66 -5.27 -0.49 2.22
CA ILE B 66 -5.30 -1.85 1.69
C ILE B 66 -4.54 -2.83 2.59
N PHE B 67 -3.38 -2.41 3.08
CA PHE B 67 -2.56 -3.27 3.96
C PHE B 67 -3.34 -3.74 5.16
N GLU B 68 -3.85 -2.80 5.94
CA GLU B 68 -4.60 -3.11 7.16
C GLU B 68 -5.86 -3.89 6.85
N ARG B 69 -6.48 -3.59 5.70
CA ARG B 69 -7.69 -4.26 5.28
C ARG B 69 -7.44 -5.76 5.10
N ILE B 70 -6.35 -6.10 4.44
CA ILE B 70 -6.00 -7.49 4.20
C ILE B 70 -5.42 -8.14 5.46
N ALA B 71 -4.65 -7.36 6.22
CA ALA B 71 -4.04 -7.86 7.46
C ALA B 71 -5.10 -8.38 8.42
N ALA B 72 -6.22 -7.67 8.51
CA ALA B 72 -7.31 -8.05 9.40
C ALA B 72 -7.89 -9.40 9.00
N GLU B 73 -7.94 -9.66 7.69
CA GLU B 73 -8.46 -10.92 7.20
C GLU B 73 -7.44 -12.03 7.34
N ALA B 74 -6.18 -11.71 7.00
CA ALA B 74 -5.09 -12.68 7.09
C ALA B 74 -4.94 -13.19 8.52
N SER B 75 -5.06 -12.28 9.48
CA SER B 75 -4.94 -12.63 10.89
C SER B 75 -6.11 -13.54 11.30
N ARG B 76 -7.27 -13.31 10.70
CA ARG B 76 -8.45 -14.10 11.00
C ARG B 76 -8.25 -15.54 10.54
N LEU B 77 -7.59 -15.70 9.39
CA LEU B 77 -7.31 -17.03 8.86
C LEU B 77 -6.31 -17.75 9.75
N ALA B 78 -5.31 -17.01 10.23
CA ALA B 78 -4.29 -17.55 11.11
C ALA B 78 -4.92 -18.08 12.40
N HIS B 79 -5.96 -17.39 12.86
CA HIS B 79 -6.65 -17.79 14.08
C HIS B 79 -7.35 -19.13 13.90
N TYR B 80 -7.67 -19.45 12.65
CA TYR B 80 -8.33 -20.71 12.33
C TYR B 80 -7.29 -21.80 12.11
N ASN B 81 -6.03 -21.38 12.03
CA ASN B 81 -4.92 -22.29 11.82
C ASN B 81 -4.10 -22.42 13.10
N LYS B 82 -4.64 -21.86 14.19
CA LYS B 82 -3.98 -21.88 15.50
C LYS B 82 -2.65 -21.12 15.46
N ARG B 83 -2.59 -20.10 14.62
CA ARG B 83 -1.39 -19.30 14.48
C ARG B 83 -1.70 -17.83 14.74
N SER B 84 -0.67 -17.01 14.83
CA SER B 84 -0.84 -15.58 15.06
C SER B 84 0.21 -14.80 14.28
N THR B 85 0.73 -15.43 13.24
CA THR B 85 1.75 -14.83 12.40
C THR B 85 1.27 -14.73 10.96
N ILE B 86 1.45 -13.57 10.34
CA ILE B 86 1.04 -13.38 8.97
C ILE B 86 1.94 -14.18 8.04
N THR B 87 1.38 -15.19 7.41
CA THR B 87 2.13 -16.04 6.50
C THR B 87 1.60 -15.88 5.08
N SER B 88 2.50 -15.93 4.10
CA SER B 88 2.12 -15.79 2.69
C SER B 88 1.08 -16.83 2.28
N ARG B 89 1.21 -18.04 2.83
CA ARG B 89 0.29 -19.13 2.51
C ARG B 89 -1.16 -18.77 2.83
N GLU B 90 -1.36 -18.15 3.99
CA GLU B 90 -2.70 -17.77 4.43
C GLU B 90 -3.29 -16.66 3.55
N ILE B 91 -2.43 -15.72 3.16
CA ILE B 91 -2.86 -14.60 2.32
C ILE B 91 -3.39 -15.11 0.98
N GLN B 92 -2.82 -16.19 0.48
CA GLN B 92 -3.24 -16.78 -0.80
C GLN B 92 -4.72 -17.19 -0.76
N THR B 93 -5.16 -17.66 0.39
CA THR B 93 -6.54 -18.09 0.57
C THR B 93 -7.44 -16.90 0.94
N ALA B 94 -6.87 -15.93 1.64
CA ALA B 94 -7.61 -14.74 2.07
C ALA B 94 -8.18 -13.96 0.87
N VAL B 95 -7.36 -13.81 -0.16
CA VAL B 95 -7.77 -13.08 -1.36
C VAL B 95 -8.97 -13.75 -2.03
N ARG B 96 -9.00 -15.07 -1.98
CA ARG B 96 -10.07 -15.85 -2.59
C ARG B 96 -11.39 -15.69 -1.81
N LEU B 97 -11.29 -15.20 -0.58
CA LEU B 97 -12.47 -15.02 0.25
C LEU B 97 -12.99 -13.58 0.15
N LEU B 98 -12.26 -12.75 -0.59
CA LEU B 98 -12.64 -11.35 -0.75
C LEU B 98 -12.98 -11.05 -2.21
N LEU B 99 -12.13 -11.52 -3.11
CA LEU B 99 -12.31 -11.29 -4.53
C LEU B 99 -12.62 -12.60 -5.25
N PRO B 100 -13.30 -12.53 -6.41
CA PRO B 100 -13.63 -13.71 -7.21
C PRO B 100 -12.38 -14.36 -7.80
N GLY B 101 -12.52 -15.61 -8.22
CA GLY B 101 -11.39 -16.36 -8.80
C GLY B 101 -10.74 -15.63 -9.96
N GLU B 102 -11.55 -14.93 -10.75
CA GLU B 102 -11.07 -14.18 -11.91
C GLU B 102 -10.04 -13.12 -11.51
N LEU B 103 -10.11 -12.67 -10.26
CA LEU B 103 -9.17 -11.66 -9.78
C LEU B 103 -8.15 -12.27 -8.83
N ALA B 104 -8.62 -13.19 -7.99
CA ALA B 104 -7.76 -13.86 -7.02
C ALA B 104 -6.62 -14.60 -7.68
N LYS B 105 -6.92 -15.33 -8.75
CA LYS B 105 -5.90 -16.10 -9.47
C LYS B 105 -4.81 -15.19 -10.02
N HIS B 106 -5.21 -13.99 -10.46
CA HIS B 106 -4.25 -13.03 -11.00
C HIS B 106 -3.33 -12.54 -9.89
N ALA B 107 -3.91 -12.27 -8.73
CA ALA B 107 -3.16 -11.79 -7.58
C ALA B 107 -2.13 -12.82 -7.16
N VAL B 108 -2.54 -14.07 -7.10
CA VAL B 108 -1.64 -15.17 -6.73
C VAL B 108 -0.49 -15.26 -7.72
N SER B 109 -0.80 -15.06 -9.00
CA SER B 109 0.20 -15.13 -10.05
C SER B 109 1.23 -14.03 -9.87
N GLU B 110 0.77 -12.78 -9.69
CA GLU B 110 1.65 -11.64 -9.51
C GLU B 110 2.49 -11.79 -8.24
N GLY B 111 1.84 -12.25 -7.17
CA GLY B 111 2.52 -12.44 -5.91
C GLY B 111 3.70 -13.38 -6.01
N THR B 112 3.48 -14.54 -6.60
CA THR B 112 4.53 -15.54 -6.77
C THR B 112 5.70 -14.98 -7.59
N LYS B 113 5.37 -14.15 -8.59
CA LYS B 113 6.38 -13.54 -9.43
C LYS B 113 7.23 -12.57 -8.63
N ALA B 114 6.56 -11.75 -7.84
CA ALA B 114 7.24 -10.76 -7.01
C ALA B 114 8.16 -11.40 -5.99
N VAL B 115 7.68 -12.45 -5.33
CA VAL B 115 8.47 -13.16 -4.32
C VAL B 115 9.79 -13.63 -4.89
N THR B 116 9.73 -14.22 -6.07
CA THR B 116 10.93 -14.73 -6.74
C THR B 116 11.72 -13.59 -7.39
N LYS B 117 11.06 -12.48 -7.63
CA LYS B 117 11.70 -11.32 -8.23
C LYS B 117 12.57 -10.58 -7.22
N TYR B 118 12.00 -10.32 -6.05
CA TYR B 118 12.71 -9.61 -4.99
C TYR B 118 13.82 -10.44 -4.36
N THR B 119 13.75 -11.76 -4.51
CA THR B 119 14.80 -12.62 -3.97
C THR B 119 15.98 -12.68 -4.93
N SER B 120 15.70 -12.37 -6.20
CA SER B 120 16.72 -12.38 -7.24
C SER B 120 16.87 -11.01 -7.87
N SER B 121 16.96 -9.98 -7.03
CA SER B 121 17.11 -8.61 -7.51
C SER B 121 18.57 -8.18 -7.46
N LYS B 122 19.24 -8.25 -8.61
CA LYS B 122 20.64 -7.88 -8.71
C LYS B 122 20.79 -6.36 -8.80
N SER A 1 59.65 -0.85 -8.93
CA SER A 1 58.32 -0.32 -8.58
C SER A 1 58.06 1.01 -9.22
N GLY A 2 57.50 1.92 -8.42
CA GLY A 2 57.12 3.21 -8.88
C GLY A 2 55.65 3.14 -9.09
N ARG A 3 54.99 4.31 -9.04
CA ARG A 3 53.57 4.29 -9.26
C ARG A 3 53.30 5.35 -10.26
N GLY A 4 52.57 4.99 -11.33
CA GLY A 4 52.20 5.96 -12.31
C GLY A 4 50.78 5.68 -12.66
N LYS A 5 49.89 6.65 -12.41
CA LYS A 5 48.51 6.48 -12.74
C LYS A 5 48.28 7.26 -13.99
N GLY A 6 47.43 6.72 -14.88
CA GLY A 6 47.11 7.43 -16.08
C GLY A 6 45.80 8.11 -15.83
N GLY A 7 45.22 8.70 -16.89
CA GLY A 7 43.96 9.38 -16.76
C GLY A 7 44.21 10.84 -16.62
N LYS A 8 43.11 11.60 -16.46
CA LYS A 8 43.25 13.02 -16.33
C LYS A 8 42.60 13.38 -15.05
N VAL A 9 43.23 14.31 -14.29
CA VAL A 9 42.69 14.86 -13.06
C VAL A 9 41.50 15.76 -13.37
N LYS A 10 41.70 16.78 -14.23
CA LYS A 10 40.63 17.67 -14.58
C LYS A 10 40.27 17.33 -15.98
N GLY A 11 38.95 17.35 -16.29
CA GLY A 11 38.50 17.02 -17.60
C GLY A 11 37.02 17.17 -17.61
N LYS A 12 36.40 16.95 -18.79
CA LYS A 12 34.97 17.04 -18.92
C LYS A 12 34.44 15.67 -18.71
N ALA A 13 33.35 15.55 -17.92
CA ALA A 13 32.80 14.25 -17.72
C ALA A 13 31.32 14.38 -17.67
N LYS A 14 30.62 13.41 -18.27
CA LYS A 14 29.20 13.41 -18.21
C LYS A 14 28.86 12.29 -17.28
N SER A 15 27.80 12.46 -16.47
CA SER A 15 27.46 11.40 -15.57
C SER A 15 25.99 11.20 -15.61
N ARG A 16 25.55 9.94 -15.78
CA ARG A 16 24.13 9.68 -15.79
C ARG A 16 23.75 8.97 -14.52
N SER A 17 23.02 9.68 -13.63
CA SER A 17 22.63 9.09 -12.38
C SER A 17 21.61 8.05 -12.66
N ASN A 18 21.94 6.80 -12.24
CA ASN A 18 21.10 5.67 -12.41
C ASN A 18 20.12 5.65 -11.28
N ARG A 19 19.07 4.83 -11.39
CA ARG A 19 18.10 4.80 -10.33
C ARG A 19 18.01 3.40 -9.81
N ALA A 20 18.31 3.23 -8.49
CA ALA A 20 18.31 1.99 -7.75
C ALA A 20 16.94 1.41 -7.55
N GLY A 21 15.95 2.25 -7.20
CA GLY A 21 14.65 1.76 -6.87
C GLY A 21 14.58 1.86 -5.39
N LEU A 22 13.38 1.72 -4.80
CA LEU A 22 13.35 1.89 -3.36
C LEU A 22 13.20 0.53 -2.68
N GLN A 23 13.36 0.50 -1.37
CA GLN A 23 13.25 -0.75 -0.62
C GLN A 23 12.02 -0.72 0.28
N PHE A 24 11.28 -1.83 0.29
CA PHE A 24 10.07 -1.95 1.09
C PHE A 24 10.40 -1.97 2.58
N PRO A 25 9.73 -1.14 3.38
CA PRO A 25 9.93 -1.07 4.82
C PRO A 25 9.20 -2.19 5.56
N VAL A 26 9.86 -3.33 5.69
CA VAL A 26 9.29 -4.49 6.36
C VAL A 26 9.04 -4.19 7.84
N GLY A 27 9.99 -3.49 8.45
CA GLY A 27 9.88 -3.14 9.86
C GLY A 27 8.64 -2.33 10.16
N ARG A 28 8.28 -1.44 9.25
CA ARG A 28 7.11 -0.61 9.42
C ARG A 28 5.85 -1.47 9.50
N ILE A 29 5.72 -2.38 8.53
CA ILE A 29 4.56 -3.27 8.48
C ILE A 29 4.53 -4.18 9.71
N HIS A 30 5.71 -4.66 10.11
CA HIS A 30 5.83 -5.52 11.27
C HIS A 30 5.30 -4.82 12.53
N ARG A 31 5.68 -3.56 12.70
CA ARG A 31 5.25 -2.78 13.85
C ARG A 31 3.76 -2.51 13.81
N LEU A 32 3.26 -2.18 12.63
CA LEU A 32 1.83 -1.89 12.44
C LEU A 32 0.98 -3.12 12.75
N LEU A 33 1.42 -4.28 12.28
CA LEU A 33 0.70 -5.53 12.50
C LEU A 33 0.67 -5.88 13.99
N ARG A 34 1.74 -5.52 14.69
CA ARG A 34 1.85 -5.78 16.12
C ARG A 34 0.95 -4.85 16.92
N LYS A 35 0.94 -3.57 16.54
CA LYS A 35 0.13 -2.57 17.22
C LYS A 35 -1.35 -2.81 17.00
N GLY A 36 -1.71 -3.26 15.80
CA GLY A 36 -3.10 -3.55 15.50
C GLY A 36 -3.53 -4.89 16.07
N ASN A 37 -2.57 -5.60 16.66
CA ASN A 37 -2.79 -6.92 17.26
C ASN A 37 -3.24 -7.93 16.22
N TYR A 38 -2.72 -7.78 15.01
CA TYR A 38 -3.06 -8.68 13.91
C TYR A 38 -2.32 -10.00 14.08
N ALA A 39 -1.00 -9.93 14.13
CA ALA A 39 -0.18 -11.11 14.30
C ALA A 39 0.97 -10.82 15.26
N GLU A 40 1.59 -11.86 15.78
CA GLU A 40 2.69 -11.69 16.72
C GLU A 40 3.94 -11.23 15.99
N ARG A 41 4.41 -12.05 15.07
CA ARG A 41 5.60 -11.73 14.29
C ARG A 41 5.35 -12.02 12.82
N VAL A 42 6.02 -11.29 11.94
CA VAL A 42 5.86 -11.49 10.52
C VAL A 42 7.22 -11.52 9.83
N GLY A 43 7.31 -12.29 8.75
CA GLY A 43 8.55 -12.39 8.02
C GLY A 43 8.74 -11.24 7.06
N ALA A 44 9.75 -11.34 6.22
CA ALA A 44 10.05 -10.29 5.25
C ALA A 44 9.43 -10.61 3.89
N GLY A 45 8.97 -11.84 3.73
CA GLY A 45 8.38 -12.25 2.48
C GLY A 45 6.90 -11.92 2.39
N ALA A 46 6.19 -12.10 3.50
CA ALA A 46 4.74 -11.83 3.56
C ALA A 46 4.39 -10.40 3.14
N PRO A 47 5.00 -9.36 3.75
CA PRO A 47 4.70 -7.96 3.39
C PRO A 47 4.96 -7.65 1.92
N VAL A 48 6.07 -8.16 1.40
CA VAL A 48 6.43 -7.93 0.01
C VAL A 48 5.48 -8.70 -0.90
N TYR A 49 5.05 -9.88 -0.46
CA TYR A 49 4.11 -10.70 -1.22
C TYR A 49 2.78 -9.97 -1.35
N LEU A 50 2.33 -9.39 -0.24
CA LEU A 50 1.07 -8.65 -0.22
C LEU A 50 1.18 -7.40 -1.08
N ALA A 51 2.38 -6.87 -1.20
CA ALA A 51 2.62 -5.68 -2.01
C ALA A 51 2.26 -5.94 -3.47
N ALA A 52 2.67 -7.10 -3.98
CA ALA A 52 2.37 -7.47 -5.36
C ALA A 52 0.87 -7.62 -5.55
N VAL A 53 0.20 -8.10 -4.51
CA VAL A 53 -1.25 -8.27 -4.54
C VAL A 53 -1.93 -6.91 -4.59
N MET A 54 -1.40 -5.97 -3.81
CA MET A 54 -1.94 -4.61 -3.76
C MET A 54 -1.82 -3.96 -5.14
N GLU A 55 -0.74 -4.27 -5.84
CA GLU A 55 -0.52 -3.73 -7.18
C GLU A 55 -1.60 -4.24 -8.13
N TYR A 56 -1.96 -5.50 -7.98
CA TYR A 56 -3.00 -6.12 -8.81
C TYR A 56 -4.33 -5.43 -8.59
N LEU A 57 -4.64 -5.12 -7.34
CA LEU A 57 -5.89 -4.45 -6.99
C LEU A 57 -5.88 -3.02 -7.50
N ALA A 58 -4.73 -2.35 -7.34
CA ALA A 58 -4.57 -0.98 -7.80
C ALA A 58 -4.72 -0.86 -9.30
N ALA A 59 -4.41 -1.95 -10.02
CA ALA A 59 -4.50 -1.97 -11.47
C ALA A 59 -5.93 -1.69 -11.94
N GLU A 60 -6.89 -2.32 -11.27
CA GLU A 60 -8.30 -2.13 -11.61
C GLU A 60 -8.73 -0.70 -11.34
N VAL A 61 -8.24 -0.14 -10.24
CA VAL A 61 -8.56 1.24 -9.86
C VAL A 61 -7.94 2.22 -10.85
N LEU A 62 -6.66 2.02 -11.14
CA LEU A 62 -5.92 2.88 -12.06
C LEU A 62 -6.51 2.82 -13.46
N GLU A 63 -7.03 1.65 -13.84
CA GLU A 63 -7.65 1.48 -15.15
C GLU A 63 -8.83 2.43 -15.29
N LEU A 64 -9.72 2.40 -14.29
CA LEU A 64 -10.91 3.25 -14.29
C LEU A 64 -10.52 4.72 -14.27
N ALA A 65 -9.54 5.05 -13.44
CA ALA A 65 -9.07 6.43 -13.32
C ALA A 65 -8.54 6.94 -14.65
N GLY A 66 -7.74 6.10 -15.32
CA GLY A 66 -7.18 6.47 -16.60
C GLY A 66 -8.24 6.66 -17.67
N ASN A 67 -9.29 5.83 -17.61
CA ASN A 67 -10.39 5.91 -18.57
C ASN A 67 -11.09 7.26 -18.49
N ALA A 68 -11.21 7.77 -17.27
CA ALA A 68 -11.86 9.05 -17.03
C ALA A 68 -10.93 10.18 -17.44
N ALA A 69 -9.63 10.01 -17.15
CA ALA A 69 -8.64 11.01 -17.49
C ALA A 69 -8.51 11.18 -19.00
N ARG A 70 -8.53 10.05 -19.71
CA ARG A 70 -8.41 10.08 -21.16
C ARG A 70 -9.67 10.67 -21.80
N ASP A 71 -10.82 10.41 -21.20
CA ASP A 71 -12.09 10.92 -21.72
C ASP A 71 -12.10 12.44 -21.66
N ASN A 72 -11.66 12.98 -20.53
CA ASN A 72 -11.61 14.43 -20.34
C ASN A 72 -10.38 15.02 -21.03
N LYS A 73 -9.56 14.15 -21.61
CA LYS A 73 -8.34 14.53 -22.31
C LYS A 73 -7.33 15.21 -21.38
N LYS A 74 -6.97 14.48 -20.32
CA LYS A 74 -6.01 14.96 -19.35
C LYS A 74 -4.78 14.07 -19.38
N THR A 75 -3.60 14.66 -19.24
CA THR A 75 -2.37 13.91 -19.24
C THR A 75 -2.19 13.16 -17.93
N ARG A 76 -2.52 13.83 -16.83
CA ARG A 76 -2.41 13.23 -15.52
C ARG A 76 -3.76 13.19 -14.83
N ILE A 77 -4.03 12.06 -14.18
CA ILE A 77 -5.29 11.87 -13.46
C ILE A 77 -5.41 12.87 -12.31
N ILE A 78 -6.56 13.52 -12.21
CA ILE A 78 -6.80 14.49 -11.15
C ILE A 78 -7.67 13.87 -10.05
N PRO A 79 -7.64 14.45 -8.83
CA PRO A 79 -8.42 13.95 -7.69
C PRO A 79 -9.90 13.71 -8.03
N ARG A 80 -10.47 14.61 -8.83
CA ARG A 80 -11.87 14.52 -9.22
C ARG A 80 -12.16 13.21 -9.95
N HIS A 81 -11.23 12.76 -10.78
CA HIS A 81 -11.41 11.53 -11.55
C HIS A 81 -11.51 10.32 -10.62
N LEU A 82 -10.67 10.29 -9.59
CA LEU A 82 -10.67 9.20 -8.63
C LEU A 82 -12.00 9.14 -7.90
N GLN A 83 -12.49 10.31 -7.49
CA GLN A 83 -13.75 10.42 -6.78
C GLN A 83 -14.92 9.95 -7.65
N LEU A 84 -14.93 10.40 -8.90
CA LEU A 84 -15.98 10.03 -9.83
C LEU A 84 -15.96 8.54 -10.14
N ALA A 85 -14.78 8.00 -10.37
CA ALA A 85 -14.62 6.57 -10.67
C ALA A 85 -15.15 5.69 -9.55
N ILE A 86 -14.82 6.05 -8.31
CA ILE A 86 -15.26 5.29 -7.15
C ILE A 86 -16.79 5.29 -7.01
N ARG A 87 -17.41 6.42 -7.36
CA ARG A 87 -18.86 6.54 -7.27
C ARG A 87 -19.56 5.90 -8.47
N ASN A 88 -18.81 5.66 -9.53
CA ASN A 88 -19.38 5.07 -10.73
C ASN A 88 -19.24 3.54 -10.73
N ASP A 89 -18.63 3.02 -9.67
CA ASP A 89 -18.44 1.59 -9.54
C ASP A 89 -18.63 1.15 -8.10
N GLU A 90 -19.87 0.76 -7.78
CA GLU A 90 -20.20 0.31 -6.43
C GLU A 90 -19.43 -0.94 -6.05
N GLU A 91 -19.09 -1.74 -7.06
CA GLU A 91 -18.34 -2.96 -6.83
C GLU A 91 -16.97 -2.65 -6.25
N LEU A 92 -16.28 -1.71 -6.89
CA LEU A 92 -14.96 -1.29 -6.43
C LEU A 92 -15.07 -0.59 -5.09
N ASN A 93 -16.14 0.19 -4.92
CA ASN A 93 -16.37 0.91 -3.68
C ASN A 93 -16.57 -0.05 -2.51
N LYS A 94 -17.22 -1.18 -2.79
CA LYS A 94 -17.48 -2.20 -1.77
C LYS A 94 -16.21 -2.96 -1.40
N LEU A 95 -15.11 -2.66 -2.09
CA LEU A 95 -13.84 -3.31 -1.80
C LEU A 95 -12.98 -2.42 -0.90
N LEU A 96 -13.55 -1.27 -0.50
CA LEU A 96 -12.86 -0.35 0.39
C LEU A 96 -13.22 -0.62 1.84
N SER A 97 -14.50 -0.79 2.09
CA SER A 97 -14.99 -1.04 3.45
C SER A 97 -15.27 -2.53 3.66
N GLY A 98 -15.96 -2.90 4.77
CA GLY A 98 -16.39 -4.26 5.03
C GLY A 98 -15.39 -5.15 5.73
N VAL A 99 -15.91 -6.25 6.29
CA VAL A 99 -15.18 -7.26 7.01
C VAL A 99 -15.91 -8.53 6.70
N THR A 100 -15.27 -9.73 6.81
CA THR A 100 -16.00 -10.95 6.55
C THR A 100 -17.08 -11.07 7.59
N ILE A 101 -18.35 -10.82 7.16
CA ILE A 101 -19.44 -10.82 8.08
C ILE A 101 -19.72 -12.25 8.41
N ALA A 102 -19.62 -12.56 9.72
CA ALA A 102 -19.85 -13.85 10.25
C ALA A 102 -20.62 -13.55 11.49
N GLN A 103 -21.18 -14.58 12.17
CA GLN A 103 -21.94 -14.33 13.36
C GLN A 103 -21.02 -13.71 14.35
N GLY A 104 -21.23 -12.40 14.57
CA GLY A 104 -20.44 -11.62 15.48
C GLY A 104 -21.08 -11.68 16.82
N GLY A 105 -20.27 -11.46 17.86
CA GLY A 105 -20.74 -11.48 19.21
C GLY A 105 -20.80 -10.06 19.70
N VAL A 106 -20.39 -9.87 20.96
CA VAL A 106 -20.39 -8.60 21.64
C VAL A 106 -19.47 -7.63 20.96
N LEU A 107 -18.37 -8.12 20.33
CA LEU A 107 -17.35 -7.30 19.72
C LEU A 107 -17.83 -6.66 18.45
N PRO A 108 -17.51 -5.39 18.29
CA PRO A 108 -17.90 -4.69 17.10
C PRO A 108 -16.92 -4.84 15.99
N ASN A 109 -17.42 -4.80 14.74
CA ASN A 109 -16.56 -4.78 13.59
C ASN A 109 -17.23 -3.82 12.65
N ILE A 110 -16.43 -3.06 11.87
CA ILE A 110 -16.99 -2.06 10.99
C ILE A 110 -17.75 -2.77 9.91
N GLN A 111 -19.06 -2.53 9.83
CA GLN A 111 -19.87 -3.12 8.80
C GLN A 111 -20.72 -2.00 8.36
N ALA A 112 -21.44 -2.16 7.25
CA ALA A 112 -22.32 -1.13 6.79
C ALA A 112 -23.67 -1.43 7.36
N VAL A 113 -24.41 -0.38 7.76
CA VAL A 113 -25.69 -0.49 8.45
C VAL A 113 -26.68 -1.28 7.64
N LEU A 114 -26.62 -1.17 6.29
CA LEU A 114 -27.52 -1.85 5.39
C LEU A 114 -27.38 -3.35 5.46
N LEU A 115 -26.13 -3.91 5.47
CA LEU A 115 -25.91 -5.33 5.39
C LEU A 115 -26.31 -6.20 6.60
N PRO A 116 -25.95 -6.10 7.88
CA PRO A 116 -26.50 -7.15 8.71
C PRO A 116 -27.80 -6.81 9.38
N LYS A 117 -28.76 -7.77 9.38
CA LYS A 117 -30.07 -7.58 9.95
C LYS A 117 -29.98 -7.35 11.45
N LYS A 118 -29.29 -8.24 12.20
CA LYS A 118 -29.20 -8.11 13.63
C LYS A 118 -28.59 -6.79 13.99
N THR A 119 -27.51 -6.35 13.28
CA THR A 119 -26.87 -5.08 13.54
C THR A 119 -27.83 -3.94 13.26
N GLU A 120 -28.44 -3.89 12.05
CA GLU A 120 -29.31 -2.81 11.66
C GLU A 120 -30.44 -2.71 12.66
N LYS A 121 -31.07 -3.84 13.04
CA LYS A 121 -32.17 -3.83 13.97
C LYS A 121 -31.77 -3.49 15.40
N LYS A 122 -30.62 -4.00 15.89
CA LYS A 122 -30.01 -3.79 17.18
C LYS A 122 -30.98 -3.94 18.33
N ALA A 123 -31.89 -4.92 18.25
CA ALA A 123 -32.84 -5.05 19.32
C ALA A 123 -32.52 -6.32 20.12
N PRO B 1 13.07 39.18 37.21
CA PRO B 1 12.23 39.21 35.98
C PRO B 1 12.44 37.90 35.26
N PRO B 2 11.35 37.18 34.99
CA PRO B 2 11.39 35.86 34.38
C PRO B 2 12.22 35.84 33.14
N LYS B 3 13.29 35.02 33.16
CA LYS B 3 14.19 35.07 32.07
C LYS B 3 14.54 33.67 31.71
N THR B 4 14.63 33.39 30.40
CA THR B 4 15.06 32.10 29.96
C THR B 4 16.41 32.36 29.39
N SER B 5 17.42 31.56 29.74
CA SER B 5 18.70 31.89 29.19
C SER B 5 19.18 30.66 28.50
N GLY B 6 20.19 30.85 27.63
CA GLY B 6 20.80 29.79 26.89
C GLY B 6 22.00 30.38 26.24
N LYS B 7 22.70 29.58 25.40
CA LYS B 7 23.85 30.07 24.69
C LYS B 7 23.40 30.39 23.30
N ALA B 8 24.15 31.27 22.59
CA ALA B 8 23.78 31.68 21.27
C ALA B 8 23.79 30.51 20.33
N ALA B 9 22.63 30.29 19.67
CA ALA B 9 22.44 29.21 18.73
C ALA B 9 23.28 29.34 17.49
N LYS B 10 23.26 30.50 16.79
CA LYS B 10 24.07 30.61 15.61
C LYS B 10 24.58 32.02 15.48
N LYS B 11 25.92 32.17 15.51
CA LYS B 11 26.57 33.46 15.36
C LYS B 11 26.40 33.96 13.96
N ALA B 12 26.64 33.10 12.94
CA ALA B 12 26.48 33.42 11.55
C ALA B 12 25.09 33.06 11.14
N GLY B 13 24.67 33.60 9.98
CA GLY B 13 23.38 33.32 9.42
C GLY B 13 23.53 32.23 8.40
N LYS B 14 22.40 31.88 7.77
CA LYS B 14 22.38 30.87 6.76
C LYS B 14 22.31 31.58 5.45
N ALA B 15 22.89 30.95 4.40
CA ALA B 15 22.87 31.48 3.07
C ALA B 15 21.68 30.90 2.35
N GLN B 16 21.35 31.48 1.18
CA GLN B 16 20.26 31.01 0.36
C GLN B 16 20.57 29.63 -0.13
N LYS B 17 21.85 29.34 -0.43
CA LYS B 17 22.19 28.04 -0.94
C LYS B 17 23.01 27.34 0.11
N ASN B 18 23.17 26.00 -0.04
CA ASN B 18 23.88 25.08 0.82
C ASN B 18 23.47 25.15 2.26
N ILE B 19 22.22 24.73 2.60
CA ILE B 19 21.77 24.72 3.97
C ILE B 19 21.97 23.29 4.43
N THR B 20 22.43 23.13 5.69
CA THR B 20 22.80 21.87 6.33
C THR B 20 21.68 20.87 6.49
N LYS B 21 20.47 21.29 6.90
CA LYS B 21 19.36 20.40 7.13
C LYS B 21 18.61 20.15 5.84
N THR B 22 17.99 18.95 5.73
CA THR B 22 17.14 18.58 4.62
C THR B 22 15.86 19.34 4.65
N ASP B 23 15.21 19.44 5.84
CA ASP B 23 13.95 20.13 5.95
C ASP B 23 14.09 21.20 6.97
N LYS B 24 13.26 22.24 6.81
CA LYS B 24 13.19 23.29 7.79
C LYS B 24 11.96 23.03 8.61
N LYS B 25 11.77 23.84 9.68
CA LYS B 25 10.72 23.70 10.67
C LYS B 25 9.36 23.56 10.01
N LYS B 26 8.74 22.37 10.20
CA LYS B 26 7.48 21.87 9.68
C LYS B 26 7.38 21.81 8.17
N LYS B 27 8.41 21.30 7.48
CA LYS B 27 8.30 21.22 6.05
C LYS B 27 8.34 19.75 5.69
N ARG B 28 7.77 19.39 4.52
CA ARG B 28 7.84 18.08 3.93
C ARG B 28 7.68 16.94 4.88
N LYS B 29 6.55 16.86 5.63
CA LYS B 29 6.38 15.68 6.45
C LYS B 29 6.12 14.53 5.52
N ARG B 30 6.99 13.50 5.57
CA ARG B 30 6.85 12.45 4.63
C ARG B 30 6.87 11.12 5.30
N LYS B 31 5.86 10.28 4.95
CA LYS B 31 5.65 8.95 5.44
C LYS B 31 6.24 8.01 4.42
N GLU B 32 5.89 6.70 4.53
CA GLU B 32 6.29 5.68 3.58
C GLU B 32 5.51 6.00 2.35
N SER B 33 5.96 5.52 1.18
CA SER B 33 5.12 5.95 0.08
C SER B 33 5.01 4.85 -0.98
N TYR B 34 3.80 4.59 -1.43
CA TYR B 34 3.57 3.56 -2.43
C TYR B 34 3.48 4.17 -3.82
N ALA B 35 3.83 5.45 -3.91
CA ALA B 35 3.79 6.18 -5.18
C ALA B 35 4.62 5.48 -6.25
N ILE B 36 5.76 4.94 -5.83
CA ILE B 36 6.66 4.24 -6.73
C ILE B 36 5.98 3.04 -7.39
N TYR B 37 5.15 2.33 -6.63
CA TYR B 37 4.46 1.17 -7.14
C TYR B 37 3.26 1.56 -7.98
N ILE B 38 2.43 2.46 -7.45
CA ILE B 38 1.23 2.93 -8.15
C ILE B 38 1.59 3.48 -9.52
N TYR B 39 2.70 4.21 -9.60
CA TYR B 39 3.16 4.80 -10.85
C TYR B 39 3.42 3.71 -11.89
N LYS B 40 4.09 2.64 -11.45
CA LYS B 40 4.42 1.52 -12.34
C LYS B 40 3.16 0.81 -12.80
N VAL B 41 2.28 0.51 -11.86
CA VAL B 41 1.04 -0.19 -12.15
C VAL B 41 0.20 0.55 -13.20
N LEU B 42 0.13 1.87 -13.08
CA LEU B 42 -0.64 2.65 -14.04
C LEU B 42 0.01 2.62 -15.41
N LYS B 43 1.33 2.70 -15.45
CA LYS B 43 2.06 2.69 -16.72
C LYS B 43 1.84 1.38 -17.47
N GLN B 44 1.49 0.34 -16.73
CA GLN B 44 1.22 -0.97 -17.33
C GLN B 44 -0.12 -0.94 -18.06
N VAL B 45 -1.07 -0.18 -17.53
CA VAL B 45 -2.40 -0.07 -18.13
C VAL B 45 -2.46 1.13 -19.09
N HIS B 46 -2.06 2.29 -18.57
CA HIS B 46 -2.05 3.53 -19.34
C HIS B 46 -0.64 4.10 -19.38
N PRO B 47 0.12 3.83 -20.46
CA PRO B 47 1.50 4.30 -20.59
C PRO B 47 1.61 5.82 -20.75
N ASP B 48 0.70 6.39 -21.52
CA ASP B 48 0.69 7.83 -21.77
C ASP B 48 0.26 8.61 -20.52
N THR B 49 -0.87 8.20 -19.97
CA THR B 49 -1.45 8.84 -18.80
C THR B 49 -0.52 8.79 -17.58
N GLY B 50 -0.56 9.85 -16.78
CA GLY B 50 0.26 9.91 -15.59
C GLY B 50 -0.59 10.20 -14.35
N ILE B 51 0.06 10.45 -13.23
CA ILE B 51 -0.65 10.73 -12.00
C ILE B 51 -0.20 12.05 -11.40
N SER B 52 -1.15 12.85 -10.95
CA SER B 52 -0.85 14.13 -10.34
C SER B 52 -0.47 13.91 -8.88
N SER B 53 0.31 14.83 -8.33
CA SER B 53 0.75 14.72 -6.95
C SER B 53 -0.44 14.69 -5.98
N LYS B 54 -1.46 15.48 -6.29
CA LYS B 54 -2.65 15.53 -5.46
C LYS B 54 -3.40 14.20 -5.47
N ALA B 55 -3.55 13.63 -6.66
CA ALA B 55 -4.24 12.36 -6.80
C ALA B 55 -3.41 11.22 -6.23
N MET B 56 -2.10 11.32 -6.39
CA MET B 56 -1.18 10.30 -5.89
C MET B 56 -1.33 10.13 -4.38
N SER B 57 -1.37 11.24 -3.66
CA SER B 57 -1.51 11.22 -2.21
C SER B 57 -2.79 10.51 -1.78
N ILE B 58 -3.85 10.64 -2.58
CA ILE B 58 -5.13 10.01 -2.27
C ILE B 58 -5.01 8.49 -2.37
N MET B 59 -4.55 8.00 -3.52
CA MET B 59 -4.39 6.58 -3.74
C MET B 59 -3.36 5.99 -2.78
N ASN B 60 -2.35 6.80 -2.46
CA ASN B 60 -1.29 6.41 -1.54
C ASN B 60 -1.89 6.09 -0.17
N SER B 61 -2.95 6.79 0.17
CA SER B 61 -3.62 6.59 1.45
C SER B 61 -4.57 5.39 1.36
N PHE B 62 -5.17 5.20 0.19
CA PHE B 62 -6.10 4.09 -0.01
C PHE B 62 -5.38 2.75 0.13
N VAL B 63 -4.34 2.55 -0.66
CA VAL B 63 -3.57 1.31 -0.62
C VAL B 63 -2.96 1.07 0.75
N ASN B 64 -2.69 2.16 1.46
CA ASN B 64 -2.12 2.08 2.80
C ASN B 64 -3.16 1.55 3.79
N ASP B 65 -4.42 1.90 3.55
CA ASP B 65 -5.52 1.48 4.41
C ASP B 65 -6.00 0.09 4.05
N ILE B 66 -6.09 -0.18 2.74
CA ILE B 66 -6.54 -1.49 2.25
C ILE B 66 -5.56 -2.58 2.69
N PHE B 67 -4.32 -2.18 2.93
CA PHE B 67 -3.28 -3.10 3.37
C PHE B 67 -3.72 -3.76 4.67
N GLU B 68 -4.37 -2.99 5.53
CA GLU B 68 -4.85 -3.49 6.80
C GLU B 68 -6.10 -4.36 6.60
N ARG B 69 -6.88 -4.03 5.58
CA ARG B 69 -8.10 -4.77 5.27
C ARG B 69 -7.78 -6.23 4.96
N ILE B 70 -6.79 -6.44 4.10
CA ILE B 70 -6.39 -7.79 3.73
C ILE B 70 -5.71 -8.47 4.91
N ALA B 71 -4.87 -7.72 5.61
CA ALA B 71 -4.15 -8.24 6.77
C ALA B 71 -5.11 -8.69 7.85
N ALA B 72 -6.21 -7.96 8.01
CA ALA B 72 -7.21 -8.30 9.01
C ALA B 72 -7.82 -9.66 8.73
N GLU B 73 -8.24 -9.87 7.49
CA GLU B 73 -8.84 -11.13 7.09
C GLU B 73 -7.83 -12.26 7.19
N ALA B 74 -6.60 -11.99 6.77
CA ALA B 74 -5.54 -12.98 6.81
C ALA B 74 -5.21 -13.38 8.24
N SER B 75 -4.95 -12.41 9.11
CA SER B 75 -4.63 -12.68 10.50
C SER B 75 -5.78 -13.37 11.20
N ARG B 76 -7.01 -12.95 10.87
CA ARG B 76 -8.21 -13.53 11.46
C ARG B 76 -8.23 -15.05 11.25
N LEU B 77 -7.86 -15.48 10.05
CA LEU B 77 -7.83 -16.90 9.73
C LEU B 77 -6.74 -17.59 10.54
N ALA B 78 -5.61 -16.91 10.67
CA ALA B 78 -4.47 -17.44 11.42
C ALA B 78 -4.80 -17.57 12.90
N HIS B 79 -5.66 -16.68 13.40
CA HIS B 79 -6.07 -16.70 14.80
C HIS B 79 -6.83 -17.98 15.10
N TYR B 80 -7.71 -18.38 14.19
CA TYR B 80 -8.50 -19.60 14.36
C TYR B 80 -7.61 -20.81 14.18
N ASN B 81 -6.51 -20.62 13.47
CA ASN B 81 -5.56 -21.70 13.23
C ASN B 81 -4.53 -21.73 14.36
N LYS B 82 -4.71 -20.82 15.31
CA LYS B 82 -3.82 -20.69 16.47
C LYS B 82 -2.37 -20.51 16.03
N ARG B 83 -2.15 -19.58 15.12
CA ARG B 83 -0.83 -19.29 14.61
C ARG B 83 -0.34 -17.94 15.11
N SER B 84 0.98 -17.82 15.22
CA SER B 84 1.60 -16.59 15.68
C SER B 84 1.92 -15.70 14.47
N THR B 85 1.91 -16.31 13.30
CA THR B 85 2.17 -15.61 12.06
C THR B 85 1.20 -16.08 11.00
N ILE B 86 1.06 -15.30 9.93
CA ILE B 86 0.15 -15.64 8.85
C ILE B 86 0.88 -16.37 7.74
N THR B 87 0.33 -17.49 7.31
CA THR B 87 0.95 -18.27 6.24
C THR B 87 0.48 -17.76 4.89
N SER B 88 1.21 -18.11 3.84
CA SER B 88 0.88 -17.68 2.49
C SER B 88 -0.51 -18.20 2.08
N ARG B 89 -0.85 -19.39 2.55
CA ARG B 89 -2.14 -19.99 2.23
C ARG B 89 -3.29 -19.16 2.76
N GLU B 90 -3.15 -18.70 4.01
CA GLU B 90 -4.19 -17.87 4.64
C GLU B 90 -4.32 -16.55 3.90
N ILE B 91 -3.20 -16.00 3.45
CA ILE B 91 -3.21 -14.74 2.73
C ILE B 91 -3.96 -14.93 1.41
N GLN B 92 -3.72 -16.05 0.74
CA GLN B 92 -4.38 -16.35 -0.52
C GLN B 92 -5.90 -16.32 -0.37
N THR B 93 -6.38 -16.87 0.75
CA THR B 93 -7.80 -16.90 1.03
C THR B 93 -8.36 -15.48 1.15
N ALA B 94 -7.62 -14.61 1.83
CA ALA B 94 -8.03 -13.22 1.99
C ALA B 94 -8.05 -12.50 0.65
N VAL B 95 -7.06 -12.79 -0.19
CA VAL B 95 -6.96 -12.17 -1.49
C VAL B 95 -8.13 -12.58 -2.38
N ARG B 96 -8.49 -13.86 -2.31
CA ARG B 96 -9.59 -14.39 -3.11
C ARG B 96 -10.94 -13.84 -2.65
N LEU B 97 -10.97 -13.26 -1.44
CA LEU B 97 -12.20 -12.68 -0.90
C LEU B 97 -12.44 -11.30 -1.48
N LEU B 98 -11.44 -10.77 -2.18
CA LEU B 98 -11.54 -9.45 -2.79
C LEU B 98 -11.31 -9.55 -4.30
N LEU B 99 -10.19 -10.12 -4.68
CA LEU B 99 -9.85 -10.27 -6.09
C LEU B 99 -10.36 -11.61 -6.61
N PRO B 100 -10.74 -11.66 -7.90
CA PRO B 100 -11.23 -12.89 -8.53
C PRO B 100 -10.23 -14.03 -8.41
N GLY B 101 -10.73 -15.27 -8.51
CA GLY B 101 -9.88 -16.44 -8.39
C GLY B 101 -8.68 -16.42 -9.32
N GLU B 102 -8.95 -16.20 -10.60
CA GLU B 102 -7.87 -16.16 -11.61
C GLU B 102 -6.87 -15.04 -11.30
N LEU B 103 -7.38 -13.89 -10.85
CA LEU B 103 -6.52 -12.76 -10.53
C LEU B 103 -5.68 -13.08 -9.31
N ALA B 104 -6.30 -13.69 -8.31
CA ALA B 104 -5.60 -14.06 -7.08
C ALA B 104 -4.45 -15.03 -7.38
N LYS B 105 -4.72 -16.01 -8.23
CA LYS B 105 -3.72 -16.99 -8.60
C LYS B 105 -2.54 -16.31 -9.29
N HIS B 106 -2.84 -15.39 -10.21
CA HIS B 106 -1.82 -14.66 -10.94
C HIS B 106 -1.01 -13.75 -10.01
N ALA B 107 -1.71 -13.13 -9.05
CA ALA B 107 -1.06 -12.24 -8.11
C ALA B 107 0.03 -12.97 -7.32
N VAL B 108 -0.27 -14.19 -6.91
CA VAL B 108 0.68 -15.00 -6.16
C VAL B 108 1.90 -15.34 -7.03
N SER B 109 1.64 -15.71 -8.28
CA SER B 109 2.70 -16.07 -9.21
C SER B 109 3.62 -14.87 -9.49
N GLU B 110 3.03 -13.69 -9.61
CA GLU B 110 3.82 -12.48 -9.86
C GLU B 110 4.51 -12.05 -8.57
N GLY B 111 3.89 -12.37 -7.45
CA GLY B 111 4.45 -12.05 -6.16
C GLY B 111 5.78 -12.74 -5.93
N THR B 112 5.90 -13.95 -6.45
CA THR B 112 7.13 -14.73 -6.32
C THR B 112 8.27 -14.05 -7.09
N LYS B 113 7.92 -13.11 -7.96
CA LYS B 113 8.91 -12.40 -8.74
C LYS B 113 9.21 -11.05 -8.11
N ALA B 114 8.17 -10.41 -7.59
CA ALA B 114 8.29 -9.10 -6.96
C ALA B 114 9.06 -9.17 -5.64
N VAL B 115 9.02 -10.32 -4.97
CA VAL B 115 9.75 -10.49 -3.71
C VAL B 115 11.26 -10.42 -3.96
N THR B 116 11.67 -10.89 -5.12
CA THR B 116 13.08 -10.90 -5.50
C THR B 116 13.60 -9.47 -5.68
N LYS B 117 12.68 -8.54 -5.92
CA LYS B 117 13.05 -7.14 -6.11
C LYS B 117 13.47 -6.52 -4.79
N TYR B 118 13.06 -7.15 -3.69
CA TYR B 118 13.41 -6.67 -2.36
C TYR B 118 14.83 -7.10 -2.02
N THR B 119 15.18 -8.31 -2.43
CA THR B 119 16.49 -8.86 -2.17
C THR B 119 17.51 -8.34 -3.18
N SER B 120 17.08 -8.17 -4.42
CA SER B 120 17.96 -7.69 -5.48
C SER B 120 17.46 -6.40 -6.10
N SER B 121 18.09 -5.30 -5.75
CA SER B 121 17.73 -4.00 -6.29
C SER B 121 18.53 -3.75 -7.57
N LYS B 122 17.85 -3.80 -8.70
CA LYS B 122 18.48 -3.59 -10.00
C LYS B 122 19.18 -2.24 -10.08
N SER A 1 45.50 5.07 -8.70
CA SER A 1 45.25 3.90 -7.83
C SER A 1 44.78 2.76 -8.66
N GLY A 2 44.20 1.75 -7.99
CA GLY A 2 43.59 0.67 -8.68
C GLY A 2 42.12 0.94 -8.62
N ARG A 3 41.32 -0.01 -9.18
CA ARG A 3 39.87 -0.02 -9.27
C ARG A 3 39.37 0.85 -10.40
N GLY A 4 40.15 1.87 -10.79
CA GLY A 4 39.73 2.84 -11.73
C GLY A 4 39.10 3.92 -10.92
N LYS A 5 38.74 5.05 -11.57
CA LYS A 5 38.11 6.11 -10.85
C LYS A 5 36.93 6.49 -11.70
N GLY A 6 36.23 7.58 -11.32
CA GLY A 6 35.11 8.08 -12.08
C GLY A 6 33.86 7.66 -11.38
N GLY A 7 33.95 6.54 -10.66
CA GLY A 7 32.85 6.11 -9.88
C GLY A 7 33.44 5.58 -8.62
N LYS A 8 33.08 6.22 -7.50
CA LYS A 8 33.57 5.74 -6.24
C LYS A 8 32.36 5.54 -5.40
N VAL A 9 32.26 4.38 -4.71
CA VAL A 9 31.15 4.09 -3.85
C VAL A 9 31.38 4.74 -2.51
N LYS A 10 30.28 5.32 -1.95
CA LYS A 10 30.28 6.07 -0.71
C LYS A 10 30.57 5.19 0.48
N GLY A 11 29.91 4.02 0.60
CA GLY A 11 30.15 3.21 1.75
C GLY A 11 30.98 2.03 1.37
N LYS A 12 30.85 0.95 2.16
CA LYS A 12 31.57 -0.24 1.83
C LYS A 12 30.70 -1.41 2.20
N ALA A 13 29.83 -1.87 1.25
CA ALA A 13 29.03 -3.05 1.45
C ALA A 13 28.27 -3.32 0.18
N LYS A 14 28.13 -4.61 -0.20
CA LYS A 14 27.50 -4.99 -1.44
C LYS A 14 26.07 -4.54 -1.50
N SER A 15 25.23 -4.90 -0.49
CA SER A 15 23.84 -4.53 -0.47
C SER A 15 23.68 -3.02 -0.34
N ARG A 16 24.40 -2.37 0.60
CA ARG A 16 24.28 -0.96 0.86
C ARG A 16 24.75 -0.12 -0.31
N SER A 17 25.66 -0.65 -1.15
CA SER A 17 26.38 -0.01 -2.22
C SER A 17 25.66 1.16 -2.85
N ASN A 18 26.26 2.36 -2.64
CA ASN A 18 25.83 3.63 -3.16
C ASN A 18 24.38 3.89 -2.90
N ARG A 19 23.92 3.55 -1.67
CA ARG A 19 22.54 3.69 -1.22
C ARG A 19 21.61 2.94 -2.13
N ALA A 20 21.72 1.60 -2.14
CA ALA A 20 20.82 0.78 -2.90
C ALA A 20 19.53 0.66 -2.13
N GLY A 21 18.48 0.19 -2.82
CA GLY A 21 17.21 0.09 -2.18
C GLY A 21 16.37 1.21 -2.70
N LEU A 22 15.74 0.95 -3.87
CA LEU A 22 14.78 1.81 -4.56
C LEU A 22 13.47 1.07 -4.81
N GLN A 23 13.27 0.01 -4.04
CA GLN A 23 12.07 -0.80 -4.13
C GLN A 23 10.97 -0.23 -3.23
N PHE A 24 9.83 -0.91 -3.21
CA PHE A 24 8.72 -0.49 -2.36
C PHE A 24 9.06 -0.75 -0.90
N PRO A 25 8.41 -0.02 0.04
CA PRO A 25 8.64 -0.18 1.48
C PRO A 25 8.12 -1.50 2.05
N VAL A 26 8.47 -2.60 1.39
CA VAL A 26 8.05 -3.93 1.82
C VAL A 26 8.69 -4.29 3.16
N GLY A 27 9.92 -3.83 3.35
CA GLY A 27 10.63 -4.10 4.58
C GLY A 27 9.98 -3.41 5.76
N ARG A 28 9.35 -2.27 5.51
CA ARG A 28 8.68 -1.51 6.55
C ARG A 28 7.40 -2.23 6.98
N ILE A 29 6.79 -2.95 6.04
CA ILE A 29 5.56 -3.69 6.30
C ILE A 29 5.76 -4.71 7.43
N HIS A 30 6.91 -5.38 7.40
CA HIS A 30 7.24 -6.39 8.41
C HIS A 30 7.15 -5.79 9.82
N ARG A 31 7.80 -4.64 9.99
CA ARG A 31 7.82 -3.97 11.28
C ARG A 31 6.43 -3.40 11.63
N LEU A 32 5.73 -2.90 10.61
CA LEU A 32 4.41 -2.33 10.81
C LEU A 32 3.42 -3.40 11.29
N LEU A 33 3.51 -4.59 10.73
CA LEU A 33 2.64 -5.69 11.12
C LEU A 33 2.91 -6.11 12.56
N ARG A 34 4.17 -6.17 12.93
CA ARG A 34 4.56 -6.55 14.28
C ARG A 34 4.07 -5.52 15.30
N LYS A 35 4.17 -4.24 14.94
CA LYS A 35 3.73 -3.17 15.82
C LYS A 35 2.21 -3.09 15.86
N GLY A 36 1.57 -3.43 14.74
CA GLY A 36 0.12 -3.40 14.66
C GLY A 36 -0.53 -4.47 15.51
N ASN A 37 0.25 -5.49 15.85
CA ASN A 37 -0.24 -6.60 16.68
C ASN A 37 -1.40 -7.33 16.02
N TYR A 38 -1.24 -7.67 14.75
CA TYR A 38 -2.28 -8.38 14.03
C TYR A 38 -2.11 -9.89 14.22
N ALA A 39 -0.86 -10.31 14.40
CA ALA A 39 -0.54 -11.71 14.62
C ALA A 39 0.81 -11.82 15.30
N GLU A 40 1.07 -12.95 15.94
CA GLU A 40 2.32 -13.18 16.65
C GLU A 40 3.48 -13.29 15.67
N ARG A 41 3.35 -14.17 14.70
CA ARG A 41 4.40 -14.38 13.70
C ARG A 41 3.78 -14.64 12.32
N VAL A 42 4.53 -14.32 11.27
CA VAL A 42 4.06 -14.51 9.90
C VAL A 42 5.07 -15.37 9.12
N GLY A 43 4.58 -16.08 8.11
CA GLY A 43 5.46 -16.91 7.29
C GLY A 43 6.40 -16.08 6.43
N ALA A 44 7.51 -16.68 6.04
CA ALA A 44 8.50 -16.01 5.20
C ALA A 44 7.97 -15.80 3.80
N GLY A 45 8.04 -14.57 3.31
CA GLY A 45 7.56 -14.26 1.98
C GLY A 45 6.11 -13.81 1.98
N ALA A 46 5.42 -14.08 3.07
CA ALA A 46 4.01 -13.70 3.20
C ALA A 46 3.82 -12.17 3.14
N PRO A 47 4.62 -11.37 3.90
CA PRO A 47 4.49 -9.91 3.86
C PRO A 47 4.77 -9.36 2.45
N VAL A 48 5.56 -10.09 1.68
CA VAL A 48 5.90 -9.70 0.33
C VAL A 48 4.68 -9.82 -0.57
N TYR A 49 3.87 -10.83 -0.31
CA TYR A 49 2.65 -11.07 -1.08
C TYR A 49 1.71 -9.88 -0.96
N LEU A 50 1.69 -9.28 0.22
CA LEU A 50 0.84 -8.11 0.48
C LEU A 50 1.24 -6.96 -0.43
N ALA A 51 2.54 -6.79 -0.62
CA ALA A 51 3.06 -5.73 -1.47
C ALA A 51 2.71 -6.02 -2.93
N ALA A 52 2.77 -7.30 -3.31
CA ALA A 52 2.45 -7.72 -4.66
C ALA A 52 1.00 -7.38 -4.99
N VAL A 53 0.11 -7.62 -4.04
CA VAL A 53 -1.30 -7.32 -4.21
C VAL A 53 -1.49 -5.80 -4.32
N MET A 54 -0.74 -5.08 -3.49
CA MET A 54 -0.77 -3.62 -3.46
C MET A 54 -0.42 -3.05 -4.84
N GLU A 55 0.65 -3.59 -5.43
CA GLU A 55 1.10 -3.16 -6.74
C GLU A 55 0.04 -3.46 -7.80
N TYR A 56 -0.52 -4.67 -7.73
CA TYR A 56 -1.54 -5.09 -8.68
C TYR A 56 -2.76 -4.17 -8.62
N LEU A 57 -3.25 -3.91 -7.41
CA LEU A 57 -4.41 -3.05 -7.22
C LEU A 57 -4.16 -1.66 -7.78
N ALA A 58 -2.97 -1.12 -7.49
CA ALA A 58 -2.60 0.20 -7.97
C ALA A 58 -2.62 0.26 -9.49
N ALA A 59 -2.05 -0.75 -10.12
CA ALA A 59 -1.98 -0.82 -11.57
C ALA A 59 -3.38 -0.92 -12.19
N GLU A 60 -4.25 -1.72 -11.58
CA GLU A 60 -5.61 -1.89 -12.08
C GLU A 60 -6.36 -0.57 -12.12
N VAL A 61 -6.36 0.15 -11.00
CA VAL A 61 -7.05 1.43 -10.92
C VAL A 61 -6.37 2.47 -11.82
N LEU A 62 -5.03 2.38 -11.92
CA LEU A 62 -4.27 3.31 -12.74
C LEU A 62 -4.63 3.15 -14.21
N GLU A 63 -4.82 1.92 -14.66
CA GLU A 63 -5.18 1.67 -16.05
C GLU A 63 -6.58 2.22 -16.32
N LEU A 64 -7.51 1.94 -15.42
CA LEU A 64 -8.88 2.41 -15.54
C LEU A 64 -8.94 3.92 -15.61
N ALA A 65 -8.28 4.56 -14.64
CA ALA A 65 -8.25 6.02 -14.56
C ALA A 65 -7.47 6.63 -15.72
N GLY A 66 -6.35 6.02 -16.07
CA GLY A 66 -5.52 6.51 -17.15
C GLY A 66 -6.27 6.53 -18.47
N ASN A 67 -7.04 5.50 -18.72
CA ASN A 67 -7.82 5.40 -19.94
C ASN A 67 -8.99 6.37 -19.90
N ALA A 68 -9.54 6.58 -18.72
CA ALA A 68 -10.65 7.51 -18.54
C ALA A 68 -10.18 8.93 -18.82
N ALA A 69 -9.00 9.26 -18.34
CA ALA A 69 -8.41 10.59 -18.55
C ALA A 69 -8.10 10.79 -20.02
N ARG A 70 -7.78 9.69 -20.70
CA ARG A 70 -7.46 9.72 -22.13
C ARG A 70 -8.68 10.17 -22.93
N ASP A 71 -9.82 9.54 -22.68
CA ASP A 71 -11.06 9.87 -23.39
C ASP A 71 -11.60 11.22 -22.94
N ASN A 72 -11.23 11.62 -21.73
CA ASN A 72 -11.67 12.89 -21.18
C ASN A 72 -10.75 14.01 -21.66
N LYS A 73 -9.73 13.64 -22.43
CA LYS A 73 -8.76 14.59 -22.96
C LYS A 73 -8.08 15.35 -21.83
N LYS A 74 -7.64 14.60 -20.82
CA LYS A 74 -6.97 15.16 -19.67
C LYS A 74 -5.58 14.53 -19.54
N THR A 75 -4.57 15.38 -19.40
CA THR A 75 -3.20 14.91 -19.24
C THR A 75 -2.93 14.59 -17.77
N ARG A 76 -3.80 15.10 -16.90
CA ARG A 76 -3.67 14.87 -15.47
C ARG A 76 -4.90 14.15 -14.95
N ILE A 77 -4.71 12.94 -14.44
CA ILE A 77 -5.80 12.14 -13.90
C ILE A 77 -6.44 12.86 -12.72
N ILE A 78 -7.75 13.05 -12.78
CA ILE A 78 -8.49 13.72 -11.72
C ILE A 78 -9.05 12.70 -10.73
N PRO A 79 -9.28 13.11 -9.47
CA PRO A 79 -9.81 12.23 -8.40
C PRO A 79 -11.14 11.59 -8.77
N ARG A 80 -11.92 12.26 -9.62
CA ARG A 80 -13.21 11.75 -10.04
C ARG A 80 -13.08 10.38 -10.71
N HIS A 81 -12.05 10.22 -11.54
CA HIS A 81 -11.80 8.96 -12.23
C HIS A 81 -11.52 7.84 -11.25
N LEU A 82 -10.78 8.18 -10.18
CA LEU A 82 -10.44 7.21 -9.15
C LEU A 82 -11.69 6.79 -8.40
N GLN A 83 -12.47 7.78 -7.97
CA GLN A 83 -13.70 7.54 -7.22
C GLN A 83 -14.66 6.68 -8.03
N LEU A 84 -14.80 6.99 -9.33
CA LEU A 84 -15.68 6.24 -10.19
C LEU A 84 -15.22 4.79 -10.33
N ALA A 85 -13.91 4.61 -10.51
CA ALA A 85 -13.34 3.27 -10.66
C ALA A 85 -13.56 2.44 -9.39
N ILE A 86 -13.36 3.07 -8.24
CA ILE A 86 -13.53 2.41 -6.95
C ILE A 86 -14.99 2.01 -6.74
N ARG A 87 -15.91 2.90 -7.11
CA ARG A 87 -17.34 2.62 -6.95
C ARG A 87 -17.83 1.62 -7.98
N ASN A 88 -17.07 1.45 -9.05
CA ASN A 88 -17.43 0.50 -10.11
C ASN A 88 -17.26 -0.92 -9.59
N ASP A 89 -16.24 -1.11 -8.75
CA ASP A 89 -15.97 -2.41 -8.18
C ASP A 89 -16.64 -2.52 -6.82
N GLU A 90 -17.71 -3.28 -6.76
CA GLU A 90 -18.47 -3.43 -5.52
C GLU A 90 -17.76 -4.38 -4.55
N GLU A 91 -16.92 -5.26 -5.07
CA GLU A 91 -16.20 -6.20 -4.22
C GLU A 91 -15.10 -5.47 -3.47
N LEU A 92 -14.38 -4.62 -4.19
CA LEU A 92 -13.30 -3.84 -3.59
C LEU A 92 -13.88 -2.87 -2.57
N ASN A 93 -15.08 -2.39 -2.84
CA ASN A 93 -15.76 -1.46 -1.94
C ASN A 93 -16.06 -2.15 -0.61
N LYS A 94 -16.40 -3.44 -0.68
CA LYS A 94 -16.69 -4.22 0.52
C LYS A 94 -15.45 -4.36 1.38
N LEU A 95 -14.30 -4.50 0.73
CA LEU A 95 -13.03 -4.62 1.40
C LEU A 95 -12.63 -3.31 2.06
N LEU A 96 -12.90 -2.20 1.38
CA LEU A 96 -12.58 -0.88 1.91
C LEU A 96 -13.44 -0.57 3.14
N SER A 97 -14.72 -0.89 3.05
CA SER A 97 -15.64 -0.68 4.15
C SER A 97 -15.75 -1.93 5.02
N GLY A 98 -16.87 -1.89 5.77
CA GLY A 98 -17.28 -2.82 6.80
C GLY A 98 -17.82 -4.15 6.37
N VAL A 99 -18.78 -4.21 5.41
CA VAL A 99 -19.41 -5.49 5.09
C VAL A 99 -18.36 -6.43 4.62
N THR A 100 -18.12 -7.47 5.45
CA THR A 100 -17.08 -8.40 5.22
C THR A 100 -17.59 -9.69 5.82
N ILE A 101 -16.79 -10.78 5.74
CA ILE A 101 -17.17 -12.05 6.30
C ILE A 101 -17.33 -11.82 7.79
N ALA A 102 -18.61 -11.82 8.25
CA ALA A 102 -18.93 -11.52 9.61
C ALA A 102 -20.40 -11.68 9.80
N GLN A 103 -20.90 -11.14 10.94
CA GLN A 103 -22.30 -11.12 11.26
C GLN A 103 -22.77 -9.77 10.80
N GLY A 104 -23.85 -9.24 11.42
CA GLY A 104 -24.35 -7.96 11.01
C GLY A 104 -25.58 -8.08 10.15
N GLY A 105 -26.39 -9.14 10.33
CA GLY A 105 -27.62 -9.37 9.60
C GLY A 105 -28.61 -8.27 9.86
N VAL A 106 -28.55 -7.65 11.06
CA VAL A 106 -29.46 -6.62 11.52
C VAL A 106 -29.52 -5.48 10.54
N LEU A 107 -30.77 -5.21 10.05
CA LEU A 107 -31.19 -4.23 9.07
C LEU A 107 -31.08 -2.76 9.51
N PRO A 108 -31.33 -2.29 10.74
CA PRO A 108 -31.11 -0.89 11.03
C PRO A 108 -29.67 -0.51 11.10
N ASN A 109 -29.41 0.82 11.19
CA ASN A 109 -28.12 1.46 11.23
C ASN A 109 -27.52 1.25 12.59
N ILE A 110 -26.22 1.61 12.74
CA ILE A 110 -25.45 1.34 13.93
C ILE A 110 -26.10 1.91 15.16
N GLN A 111 -26.55 3.18 15.16
CA GLN A 111 -27.23 3.58 16.36
C GLN A 111 -28.65 3.16 16.20
N ALA A 112 -29.05 2.17 17.02
CA ALA A 112 -30.35 1.57 16.95
C ALA A 112 -30.25 0.25 17.64
N VAL A 113 -31.37 -0.51 17.67
CA VAL A 113 -31.59 -1.84 18.21
C VAL A 113 -31.07 -1.99 19.62
N LEU A 114 -31.39 -3.14 20.25
CA LEU A 114 -30.99 -3.46 21.59
C LEU A 114 -29.66 -4.17 21.45
N LEU A 115 -29.66 -5.50 21.28
CA LEU A 115 -28.44 -6.23 21.08
C LEU A 115 -28.51 -6.76 19.67
N PRO A 116 -27.40 -7.08 19.03
CA PRO A 116 -27.51 -7.63 17.70
C PRO A 116 -28.11 -9.01 17.63
N LYS A 117 -28.15 -9.76 18.76
CA LYS A 117 -28.79 -11.05 18.73
C LYS A 117 -29.66 -11.08 19.95
N LYS A 118 -30.99 -11.06 19.76
CA LYS A 118 -31.89 -11.08 20.88
C LYS A 118 -33.19 -11.62 20.37
N THR A 119 -33.91 -12.38 21.21
CA THR A 119 -35.21 -12.88 20.90
C THR A 119 -36.15 -11.85 21.48
N GLU A 120 -37.32 -11.61 20.84
CA GLU A 120 -38.21 -10.59 21.34
C GLU A 120 -38.75 -11.04 22.66
N LYS A 121 -38.51 -10.22 23.70
CA LYS A 121 -39.04 -10.51 25.01
C LYS A 121 -39.59 -9.21 25.52
N LYS A 122 -40.90 -8.98 25.35
CA LYS A 122 -41.50 -7.76 25.81
C LYS A 122 -42.29 -8.10 27.03
N ALA A 123 -42.46 -7.11 27.93
CA ALA A 123 -43.24 -7.27 29.12
C ALA A 123 -44.63 -6.77 28.76
N PRO B 1 0.88 40.74 22.43
CA PRO B 1 2.27 41.25 22.37
C PRO B 1 2.60 41.42 20.92
N PRO B 2 3.32 42.46 20.54
CA PRO B 2 3.69 42.64 19.16
C PRO B 2 4.53 41.53 18.56
N LYS B 3 5.55 41.03 19.29
CA LYS B 3 6.31 39.89 18.87
C LYS B 3 6.73 39.24 20.14
N THR B 4 6.92 37.91 20.12
CA THR B 4 7.33 37.25 21.33
C THR B 4 8.73 36.80 21.14
N SER B 5 9.46 36.61 22.24
CA SER B 5 10.79 36.12 22.10
C SER B 5 10.77 34.78 22.74
N GLY B 6 11.90 34.07 22.57
CA GLY B 6 12.10 32.76 23.12
C GLY B 6 13.49 32.36 22.72
N LYS B 7 13.92 31.16 23.12
CA LYS B 7 15.21 30.68 22.73
C LYS B 7 14.91 29.61 21.73
N ALA B 8 15.84 29.39 20.77
CA ALA B 8 15.71 28.43 19.71
C ALA B 8 15.97 27.06 20.23
N ALA B 9 15.48 26.05 19.48
CA ALA B 9 15.57 24.64 19.80
C ALA B 9 16.97 24.09 19.81
N LYS B 10 17.85 24.45 18.85
CA LYS B 10 19.12 23.80 18.89
C LYS B 10 20.21 24.82 18.68
N LYS B 11 21.08 25.01 19.70
CA LYS B 11 22.19 25.96 19.67
C LYS B 11 23.24 25.62 18.64
N ALA B 12 23.74 24.37 18.63
CA ALA B 12 24.78 24.05 17.70
C ALA B 12 24.23 23.08 16.73
N GLY B 13 24.85 23.02 15.53
CA GLY B 13 24.43 22.12 14.50
C GLY B 13 23.58 22.90 13.54
N LYS B 14 23.08 22.22 12.50
CA LYS B 14 22.25 22.91 11.56
C LYS B 14 20.99 22.12 11.38
N ALA B 15 19.85 22.79 11.60
CA ALA B 15 18.59 22.14 11.40
C ALA B 15 17.93 22.94 10.34
N GLN B 16 17.08 22.31 9.52
CA GLN B 16 16.38 23.04 8.50
C GLN B 16 14.97 23.16 8.94
N LYS B 17 14.25 24.14 8.36
CA LYS B 17 12.84 24.27 8.57
C LYS B 17 12.21 23.63 7.38
N ASN B 18 10.91 23.24 7.48
CA ASN B 18 10.27 22.60 6.36
C ASN B 18 10.16 23.58 5.22
N ILE B 19 10.67 23.16 4.04
CA ILE B 19 10.63 23.98 2.87
C ILE B 19 9.77 23.32 1.82
N THR B 20 8.73 24.12 1.40
CA THR B 20 7.62 23.78 0.54
C THR B 20 8.05 23.33 -0.83
N LYS B 21 8.80 24.13 -1.61
CA LYS B 21 9.15 23.58 -2.90
C LYS B 21 10.46 22.86 -2.74
N THR B 22 10.45 21.77 -1.95
CA THR B 22 11.63 20.99 -1.71
C THR B 22 11.21 19.75 -1.03
N ASP B 23 11.13 19.84 0.31
CA ASP B 23 10.84 18.66 1.08
C ASP B 23 9.39 18.53 1.46
N LYS B 24 8.94 19.28 2.49
CA LYS B 24 7.61 19.23 3.08
C LYS B 24 7.17 17.86 3.54
N LYS B 25 8.11 16.92 3.77
CA LYS B 25 7.72 15.63 4.27
C LYS B 25 8.86 15.17 5.10
N LYS B 26 8.66 15.09 6.42
CA LYS B 26 9.68 14.55 7.27
C LYS B 26 9.01 13.37 7.89
N LYS B 27 9.76 12.45 8.54
CA LYS B 27 9.07 11.31 9.13
C LYS B 27 8.12 11.78 10.17
N ARG B 28 6.82 11.58 9.87
CA ARG B 28 5.68 11.90 10.68
C ARG B 28 5.43 10.70 11.55
N LYS B 29 4.81 10.89 12.73
CA LYS B 29 4.55 9.76 13.61
C LYS B 29 3.37 8.99 13.09
N ARG B 30 3.66 8.06 12.13
CA ARG B 30 2.76 7.15 11.47
C ARG B 30 3.62 6.26 10.64
N LYS B 31 3.06 5.72 9.54
CA LYS B 31 3.77 4.91 8.60
C LYS B 31 4.26 5.83 7.52
N GLU B 32 5.25 5.38 6.72
CA GLU B 32 5.69 6.22 5.65
C GLU B 32 4.75 6.19 4.50
N SER B 33 5.21 6.85 3.42
CA SER B 33 4.21 7.08 2.38
C SER B 33 4.06 5.85 1.49
N TYR B 34 2.93 5.77 0.80
CA TYR B 34 2.66 4.67 -0.10
C TYR B 34 2.43 5.16 -1.52
N ALA B 35 2.67 6.47 -1.72
CA ALA B 35 2.49 7.09 -3.02
C ALA B 35 3.47 6.52 -4.05
N ILE B 36 4.53 5.89 -3.54
CA ILE B 36 5.55 5.27 -4.39
C ILE B 36 4.93 4.16 -5.24
N TYR B 37 3.84 3.57 -4.73
CA TYR B 37 3.15 2.49 -5.44
C TYR B 37 2.42 3.05 -6.65
N ILE B 38 2.31 4.36 -6.70
CA ILE B 38 1.65 5.02 -7.81
C ILE B 38 2.70 5.65 -8.72
N TYR B 39 3.64 6.37 -8.11
CA TYR B 39 4.71 7.04 -8.84
C TYR B 39 5.51 6.07 -9.72
N LYS B 40 5.77 4.89 -9.21
CA LYS B 40 6.57 3.90 -9.94
C LYS B 40 5.70 2.93 -10.77
N VAL B 41 4.40 3.17 -10.81
CA VAL B 41 3.52 2.29 -11.58
C VAL B 41 2.74 3.06 -12.64
N LEU B 42 2.53 4.35 -12.39
CA LEU B 42 1.80 5.21 -13.32
C LEU B 42 2.44 5.19 -14.70
N LYS B 43 3.78 5.21 -14.73
CA LYS B 43 4.52 5.23 -15.98
C LYS B 43 4.64 3.83 -16.59
N GLN B 44 4.04 2.83 -15.95
CA GLN B 44 4.09 1.47 -16.45
C GLN B 44 2.93 1.23 -17.40
N VAL B 45 1.84 1.95 -17.18
CA VAL B 45 0.65 1.81 -18.02
C VAL B 45 0.52 2.98 -18.98
N HIS B 46 0.55 4.19 -18.45
CA HIS B 46 0.44 5.40 -19.26
C HIS B 46 1.62 6.34 -19.00
N PRO B 47 2.69 6.20 -19.79
CA PRO B 47 3.89 7.05 -19.65
C PRO B 47 3.60 8.52 -19.93
N ASP B 48 2.87 8.78 -21.01
CA ASP B 48 2.53 10.16 -21.40
C ASP B 48 1.27 10.63 -20.67
N THR B 49 1.26 10.47 -19.36
CA THR B 49 0.13 10.89 -18.55
C THR B 49 0.60 11.23 -17.14
N GLY B 50 -0.02 12.24 -16.54
CA GLY B 50 0.33 12.67 -15.22
C GLY B 50 -0.84 12.57 -14.26
N ILE B 51 -0.61 12.94 -13.02
CA ILE B 51 -1.65 12.89 -11.99
C ILE B 51 -1.92 14.29 -11.43
N SER B 52 -3.18 14.58 -11.14
CA SER B 52 -3.53 15.87 -10.58
C SER B 52 -3.15 15.91 -9.10
N SER B 53 -2.93 17.11 -8.58
CA SER B 53 -2.56 17.29 -7.19
C SER B 53 -3.64 16.75 -6.24
N LYS B 54 -4.89 16.85 -6.66
CA LYS B 54 -6.00 16.40 -5.84
C LYS B 54 -6.17 14.88 -5.90
N ALA B 55 -5.77 14.27 -7.00
CA ALA B 55 -5.89 12.82 -7.17
C ALA B 55 -4.90 12.07 -6.29
N MET B 56 -3.69 12.61 -6.17
CA MET B 56 -2.64 11.98 -5.36
C MET B 56 -3.09 11.76 -3.93
N SER B 57 -3.84 12.72 -3.39
CA SER B 57 -4.35 12.63 -2.02
C SER B 57 -5.25 11.41 -1.85
N ILE B 58 -6.08 11.15 -2.85
CA ILE B 58 -6.99 10.02 -2.82
C ILE B 58 -6.23 8.72 -3.01
N MET B 59 -5.26 8.75 -3.92
CA MET B 59 -4.44 7.58 -4.26
C MET B 59 -3.69 7.05 -3.04
N ASN B 60 -2.84 7.88 -2.44
CA ASN B 60 -2.05 7.48 -1.27
C ASN B 60 -2.93 6.93 -0.17
N SER B 61 -4.05 7.60 0.09
CA SER B 61 -4.98 7.19 1.13
C SER B 61 -5.60 5.82 0.80
N PHE B 62 -6.04 5.65 -0.44
CA PHE B 62 -6.66 4.39 -0.87
C PHE B 62 -5.68 3.23 -0.71
N VAL B 63 -4.44 3.44 -1.15
CA VAL B 63 -3.42 2.43 -1.08
C VAL B 63 -3.12 2.04 0.37
N ASN B 64 -3.00 3.03 1.25
CA ASN B 64 -2.71 2.78 2.66
C ASN B 64 -3.91 2.14 3.36
N ASP B 65 -5.09 2.67 3.08
CA ASP B 65 -6.33 2.20 3.69
C ASP B 65 -6.61 0.74 3.40
N ILE B 66 -6.44 0.33 2.15
CA ILE B 66 -6.70 -1.06 1.78
C ILE B 66 -5.75 -2.00 2.52
N PHE B 67 -4.51 -1.58 2.71
CA PHE B 67 -3.52 -2.39 3.41
C PHE B 67 -3.92 -2.58 4.86
N GLU B 68 -4.22 -1.47 5.52
CA GLU B 68 -4.62 -1.49 6.92
C GLU B 68 -5.90 -2.32 7.13
N ARG B 69 -6.74 -2.39 6.11
CA ARG B 69 -7.97 -3.16 6.19
C ARG B 69 -7.70 -4.65 5.97
N ILE B 70 -6.89 -4.96 4.97
CA ILE B 70 -6.55 -6.35 4.66
C ILE B 70 -5.80 -6.98 5.83
N ALA B 71 -4.92 -6.20 6.46
CA ALA B 71 -4.15 -6.69 7.61
C ALA B 71 -5.09 -7.10 8.74
N ALA B 72 -6.20 -6.39 8.87
CA ALA B 72 -7.19 -6.69 9.89
C ALA B 72 -7.91 -7.99 9.54
N GLU B 73 -8.28 -8.13 8.28
CA GLU B 73 -8.98 -9.33 7.81
C GLU B 73 -8.13 -10.58 8.04
N ALA B 74 -6.82 -10.46 7.82
CA ALA B 74 -5.91 -11.57 8.02
C ALA B 74 -5.86 -11.95 9.49
N SER B 75 -5.88 -10.94 10.35
CA SER B 75 -5.88 -11.15 11.80
C SER B 75 -7.14 -11.89 12.22
N ARG B 76 -8.25 -11.56 11.58
CA ARG B 76 -9.54 -12.21 11.87
C ARG B 76 -9.46 -13.69 11.55
N LEU B 77 -8.81 -14.01 10.43
CA LEU B 77 -8.65 -15.40 10.01
C LEU B 77 -7.80 -16.15 11.01
N ALA B 78 -6.78 -15.47 11.54
CA ALA B 78 -5.88 -16.06 12.53
C ALA B 78 -6.66 -16.52 13.74
N HIS B 79 -7.64 -15.72 14.15
CA HIS B 79 -8.48 -16.05 15.29
C HIS B 79 -9.38 -17.24 14.95
N TYR B 80 -9.94 -17.20 13.75
CA TYR B 80 -10.83 -18.26 13.27
C TYR B 80 -10.08 -19.59 13.19
N ASN B 81 -8.86 -19.54 12.67
CA ASN B 81 -8.04 -20.75 12.52
C ASN B 81 -7.35 -21.11 13.83
N LYS B 82 -7.51 -20.24 14.84
CA LYS B 82 -6.92 -20.42 16.17
C LYS B 82 -5.41 -20.57 16.08
N ARG B 83 -4.79 -19.72 15.27
CA ARG B 83 -3.36 -19.73 15.09
C ARG B 83 -2.80 -18.32 15.17
N SER B 84 -1.69 -18.15 15.86
CA SER B 84 -1.07 -16.84 15.99
C SER B 84 0.02 -16.67 14.94
N THR B 85 0.03 -17.61 14.00
CA THR B 85 1.00 -17.61 12.92
C THR B 85 0.28 -17.70 11.58
N ILE B 86 0.41 -16.67 10.76
CA ILE B 86 -0.22 -16.67 9.44
C ILE B 86 0.74 -17.24 8.41
N THR B 87 0.36 -18.37 7.83
CA THR B 87 1.18 -19.04 6.83
C THR B 87 1.03 -18.37 5.47
N SER B 88 1.89 -18.78 4.54
CA SER B 88 1.88 -18.22 3.19
C SER B 88 0.59 -18.56 2.44
N ARG B 89 -0.12 -19.58 2.91
CA ARG B 89 -1.36 -19.99 2.29
C ARG B 89 -2.54 -19.18 2.83
N GLU B 90 -2.55 -18.97 4.14
CA GLU B 90 -3.61 -18.22 4.79
C GLU B 90 -3.65 -16.78 4.29
N ILE B 91 -2.49 -16.22 3.99
CA ILE B 91 -2.40 -14.84 3.49
C ILE B 91 -2.98 -14.75 2.07
N GLN B 92 -3.09 -15.89 1.40
CA GLN B 92 -3.64 -15.94 0.05
C GLN B 92 -5.15 -16.03 0.12
N THR B 93 -5.64 -16.81 1.08
CA THR B 93 -7.07 -17.00 1.28
C THR B 93 -7.75 -15.69 1.67
N ALA B 94 -7.04 -14.84 2.42
CA ALA B 94 -7.58 -13.55 2.84
C ALA B 94 -8.02 -12.71 1.66
N VAL B 95 -7.21 -12.72 0.60
CA VAL B 95 -7.51 -11.95 -0.60
C VAL B 95 -8.69 -12.57 -1.35
N ARG B 96 -8.72 -13.89 -1.42
CA ARG B 96 -9.77 -14.63 -2.12
C ARG B 96 -11.10 -14.60 -1.37
N LEU B 97 -11.12 -13.98 -0.19
CA LEU B 97 -12.32 -13.90 0.64
C LEU B 97 -13.37 -12.98 0.02
N LEU B 98 -12.94 -11.95 -0.69
CA LEU B 98 -13.88 -11.01 -1.31
C LEU B 98 -13.47 -10.63 -2.72
N LEU B 99 -12.16 -10.54 -2.97
CA LEU B 99 -11.68 -10.16 -4.29
C LEU B 99 -12.00 -11.25 -5.32
N PRO B 100 -12.54 -10.86 -6.49
CA PRO B 100 -12.90 -11.80 -7.57
C PRO B 100 -11.76 -12.76 -7.92
N GLY B 101 -12.12 -13.98 -8.29
CA GLY B 101 -11.14 -15.01 -8.62
C GLY B 101 -10.16 -14.59 -9.69
N GLU B 102 -10.64 -13.89 -10.73
CA GLU B 102 -9.78 -13.45 -11.81
C GLU B 102 -8.69 -12.50 -11.30
N LEU B 103 -9.09 -11.58 -10.43
CA LEU B 103 -8.16 -10.62 -9.86
C LEU B 103 -7.25 -11.30 -8.83
N ALA B 104 -7.84 -12.19 -8.04
CA ALA B 104 -7.09 -12.93 -7.03
C ALA B 104 -5.99 -13.75 -7.68
N LYS B 105 -6.33 -14.45 -8.76
CA LYS B 105 -5.36 -15.27 -9.48
C LYS B 105 -4.22 -14.40 -10.01
N HIS B 106 -4.59 -13.24 -10.57
CA HIS B 106 -3.61 -12.31 -11.13
C HIS B 106 -2.69 -11.79 -10.04
N ALA B 107 -3.24 -11.62 -8.83
CA ALA B 107 -2.48 -11.16 -7.69
C ALA B 107 -1.48 -12.22 -7.25
N VAL B 108 -1.87 -13.48 -7.41
CA VAL B 108 -1.01 -14.61 -7.04
C VAL B 108 0.12 -14.77 -8.07
N SER B 109 -0.23 -14.57 -9.34
CA SER B 109 0.73 -14.69 -10.44
C SER B 109 1.96 -13.83 -10.17
N GLU B 110 1.73 -12.54 -9.89
CA GLU B 110 2.83 -11.63 -9.61
C GLU B 110 3.27 -11.75 -8.15
N GLY B 111 2.43 -12.39 -7.35
CA GLY B 111 2.73 -12.57 -5.94
C GLY B 111 3.99 -13.37 -5.70
N THR B 112 4.09 -14.53 -6.34
CA THR B 112 5.26 -15.37 -6.18
C THR B 112 6.43 -14.87 -7.04
N LYS B 113 6.17 -13.86 -7.85
CA LYS B 113 7.21 -13.29 -8.69
C LYS B 113 7.79 -12.05 -8.02
N ALA B 114 6.96 -11.41 -7.20
CA ALA B 114 7.36 -10.21 -6.47
C ALA B 114 8.45 -10.50 -5.45
N VAL B 115 8.48 -11.74 -4.96
CA VAL B 115 9.47 -12.16 -3.98
C VAL B 115 10.88 -12.06 -4.58
N THR B 116 10.96 -12.13 -5.90
CA THR B 116 12.23 -12.04 -6.59
C THR B 116 12.42 -10.65 -7.19
N LYS B 117 11.47 -9.76 -6.94
CA LYS B 117 11.52 -8.40 -7.46
C LYS B 117 11.83 -7.40 -6.34
N TYR B 118 11.09 -7.51 -5.24
CA TYR B 118 11.26 -6.62 -4.10
C TYR B 118 12.55 -6.92 -3.36
N THR B 119 12.81 -8.20 -3.12
CA THR B 119 14.02 -8.61 -2.42
C THR B 119 15.24 -8.43 -3.32
N SER B 120 15.98 -7.36 -3.08
CA SER B 120 17.17 -7.07 -3.86
C SER B 120 18.42 -7.60 -3.17
N SER B 121 18.27 -7.93 -1.89
CA SER B 121 19.36 -8.46 -1.10
C SER B 121 19.09 -9.91 -0.73
N LYS B 122 20.14 -10.66 -0.41
CA LYS B 122 20.00 -12.05 -0.03
C LYS B 122 19.87 -12.18 1.48
N SER A 1 47.11 -43.87 3.23
CA SER A 1 46.25 -42.75 3.67
C SER A 1 45.96 -41.80 2.57
N GLY A 2 44.79 -41.14 2.68
CA GLY A 2 44.44 -40.11 1.76
C GLY A 2 44.87 -38.83 2.40
N ARG A 3 44.75 -37.71 1.68
CA ARG A 3 45.15 -36.46 2.24
C ARG A 3 43.93 -35.62 2.34
N GLY A 4 43.87 -34.79 3.40
CA GLY A 4 42.79 -33.86 3.61
C GLY A 4 41.70 -34.52 4.41
N LYS A 5 40.69 -33.72 4.81
CA LYS A 5 39.59 -34.29 5.53
C LYS A 5 38.35 -33.52 5.19
N GLY A 6 37.36 -34.18 4.54
CA GLY A 6 36.05 -33.60 4.33
C GLY A 6 36.10 -32.32 3.55
N GLY A 7 37.06 -32.24 2.59
CA GLY A 7 37.25 -31.05 1.82
C GLY A 7 35.98 -30.71 1.12
N LYS A 8 35.29 -31.74 0.55
CA LYS A 8 34.06 -31.50 -0.17
C LYS A 8 33.00 -30.95 0.75
N VAL A 9 32.70 -31.59 1.91
CA VAL A 9 31.65 -31.07 2.76
C VAL A 9 32.01 -29.69 3.24
N LYS A 10 33.26 -29.47 3.73
CA LYS A 10 33.61 -28.16 4.22
C LYS A 10 33.54 -27.11 3.15
N GLY A 11 33.95 -27.46 1.91
CA GLY A 11 33.92 -26.58 0.77
C GLY A 11 32.51 -26.22 0.39
N LYS A 12 31.61 -27.22 0.34
CA LYS A 12 30.21 -27.16 -0.02
C LYS A 12 29.40 -26.39 0.99
N ALA A 13 29.69 -26.56 2.30
CA ALA A 13 28.97 -26.00 3.42
C ALA A 13 29.37 -24.58 3.73
N LYS A 14 28.50 -23.92 4.53
CA LYS A 14 28.65 -22.59 5.04
C LYS A 14 27.91 -21.61 4.19
N SER A 15 26.89 -20.98 4.79
CA SER A 15 26.14 -19.96 4.14
C SER A 15 25.87 -18.98 5.23
N ARG A 16 25.70 -17.70 4.87
CA ARG A 16 25.39 -16.73 5.87
C ARG A 16 23.94 -16.43 5.69
N SER A 17 23.30 -15.89 6.75
CA SER A 17 21.94 -15.55 6.56
C SER A 17 21.83 -14.08 6.65
N ASN A 18 20.97 -13.53 5.77
CA ASN A 18 20.59 -12.15 5.67
C ASN A 18 19.45 -12.18 4.71
N ARG A 19 18.78 -11.03 4.47
CA ARG A 19 17.73 -11.03 3.50
C ARG A 19 18.32 -10.63 2.18
N ALA A 20 17.91 -11.35 1.10
CA ALA A 20 18.40 -11.11 -0.24
C ALA A 20 17.95 -9.78 -0.76
N GLY A 21 16.64 -9.48 -0.67
CA GLY A 21 16.16 -8.22 -1.16
C GLY A 21 15.83 -7.29 -0.05
N LEU A 22 15.15 -6.19 -0.43
CA LEU A 22 14.72 -5.19 0.53
C LEU A 22 13.24 -5.35 0.84
N GLN A 23 12.90 -5.34 2.12
CA GLN A 23 11.52 -5.47 2.54
C GLN A 23 11.10 -4.27 3.36
N PHE A 24 9.80 -3.99 3.36
CA PHE A 24 9.25 -2.86 4.08
C PHE A 24 9.57 -2.95 5.57
N PRO A 25 9.95 -1.82 6.20
CA PRO A 25 10.28 -1.76 7.63
C PRO A 25 9.18 -2.36 8.51
N VAL A 26 9.58 -3.26 9.40
CA VAL A 26 8.65 -3.92 10.30
C VAL A 26 7.89 -2.93 11.18
N GLY A 27 8.57 -1.88 11.62
CA GLY A 27 7.95 -0.87 12.48
C GLY A 27 6.72 -0.25 11.84
N ARG A 28 6.79 -0.01 10.53
CA ARG A 28 5.68 0.57 9.81
C ARG A 28 4.56 -0.44 9.63
N ILE A 29 4.94 -1.67 9.29
CA ILE A 29 3.98 -2.74 9.09
C ILE A 29 3.23 -3.05 10.38
N HIS A 30 3.97 -3.13 11.49
CA HIS A 30 3.39 -3.43 12.79
C HIS A 30 2.36 -2.37 13.19
N ARG A 31 2.64 -1.11 12.85
CA ARG A 31 1.74 -0.02 13.19
C ARG A 31 0.39 -0.18 12.50
N LEU A 32 0.38 -0.84 11.35
CA LEU A 32 -0.84 -1.08 10.61
C LEU A 32 -1.52 -2.34 11.12
N LEU A 33 -0.72 -3.35 11.43
CA LEU A 33 -1.23 -4.62 11.93
C LEU A 33 -1.83 -4.44 13.33
N ARG A 34 -1.24 -3.53 14.10
CA ARG A 34 -1.69 -3.25 15.45
C ARG A 34 -2.98 -2.43 15.47
N LYS A 35 -3.32 -1.81 14.34
CA LYS A 35 -4.52 -0.99 14.25
C LYS A 35 -5.77 -1.82 14.54
N GLY A 36 -5.86 -2.99 13.94
CA GLY A 36 -7.00 -3.85 14.17
C GLY A 36 -6.64 -5.15 14.86
N ASN A 37 -5.45 -5.16 15.48
CA ASN A 37 -4.95 -6.34 16.18
C ASN A 37 -4.95 -7.55 15.25
N TYR A 38 -4.23 -7.41 14.14
CA TYR A 38 -4.14 -8.46 13.15
C TYR A 38 -3.01 -9.44 13.45
N ALA A 39 -1.78 -8.94 13.48
CA ALA A 39 -0.63 -9.77 13.76
C ALA A 39 0.50 -8.94 14.36
N GLU A 40 1.62 -9.59 14.65
CA GLU A 40 2.76 -8.91 15.24
C GLU A 40 3.81 -8.59 14.20
N ARG A 41 4.03 -9.51 13.27
CA ARG A 41 5.04 -9.32 12.24
C ARG A 41 4.75 -10.20 11.03
N VAL A 42 5.40 -9.91 9.92
CA VAL A 42 5.23 -10.69 8.70
C VAL A 42 6.47 -11.55 8.46
N GLY A 43 6.27 -12.75 7.94
CA GLY A 43 7.38 -13.64 7.68
C GLY A 43 8.28 -13.14 6.57
N ALA A 44 9.55 -13.54 6.61
CA ALA A 44 10.50 -13.12 5.59
C ALA A 44 10.15 -13.71 4.24
N GLY A 45 10.13 -12.87 3.22
CA GLY A 45 9.80 -13.32 1.89
C GLY A 45 8.31 -13.26 1.61
N ALA A 46 7.53 -13.08 2.67
CA ALA A 46 6.08 -12.99 2.57
C ALA A 46 5.61 -11.65 1.98
N PRO A 47 6.22 -10.49 2.36
CA PRO A 47 5.82 -9.18 1.80
C PRO A 47 5.84 -9.16 0.27
N VAL A 48 6.65 -10.05 -0.32
CA VAL A 48 6.75 -10.16 -1.77
C VAL A 48 5.41 -10.59 -2.36
N TYR A 49 4.70 -11.40 -1.59
CA TYR A 49 3.39 -11.89 -2.00
C TYR A 49 2.36 -10.77 -1.86
N LEU A 50 2.43 -10.05 -0.74
CA LEU A 50 1.52 -8.96 -0.45
C LEU A 50 1.59 -7.88 -1.53
N ALA A 51 2.78 -7.66 -2.06
CA ALA A 51 2.99 -6.66 -3.11
C ALA A 51 2.14 -6.96 -4.33
N ALA A 52 2.23 -8.19 -4.83
CA ALA A 52 1.47 -8.61 -6.00
C ALA A 52 -0.03 -8.53 -5.74
N VAL A 53 -0.41 -8.82 -4.50
CA VAL A 53 -1.81 -8.78 -4.10
C VAL A 53 -2.34 -7.35 -4.15
N MET A 54 -1.59 -6.43 -3.56
CA MET A 54 -1.98 -5.02 -3.52
C MET A 54 -1.91 -4.39 -4.89
N GLU A 55 -1.03 -4.92 -5.74
CA GLU A 55 -0.87 -4.41 -7.10
C GLU A 55 -2.14 -4.59 -7.91
N TYR A 56 -2.91 -5.64 -7.60
CA TYR A 56 -4.15 -5.92 -8.30
C TYR A 56 -5.12 -4.74 -8.19
N LEU A 57 -5.42 -4.35 -6.95
CA LEU A 57 -6.34 -3.24 -6.70
C LEU A 57 -5.79 -1.95 -7.31
N ALA A 58 -4.48 -1.78 -7.23
CA ALA A 58 -3.84 -0.59 -7.77
C ALA A 58 -4.02 -0.54 -9.29
N ALA A 59 -3.74 -1.65 -9.95
CA ALA A 59 -3.86 -1.74 -11.41
C ALA A 59 -5.29 -1.46 -11.86
N GLU A 60 -6.25 -2.01 -11.15
CA GLU A 60 -7.67 -1.82 -11.47
C GLU A 60 -8.05 -0.35 -11.47
N VAL A 61 -7.59 0.38 -10.46
CA VAL A 61 -7.90 1.81 -10.35
C VAL A 61 -7.03 2.64 -11.30
N LEU A 62 -5.75 2.28 -11.40
CA LEU A 62 -4.82 3.00 -12.25
C LEU A 62 -5.24 2.93 -13.73
N GLU A 63 -5.69 1.76 -14.17
CA GLU A 63 -6.12 1.57 -15.54
C GLU A 63 -7.34 2.43 -15.83
N LEU A 64 -8.27 2.46 -14.88
CA LEU A 64 -9.50 3.25 -15.02
C LEU A 64 -9.16 4.74 -15.05
N ALA A 65 -8.26 5.15 -14.17
CA ALA A 65 -7.83 6.54 -14.08
C ALA A 65 -7.22 7.00 -15.39
N GLY A 66 -6.34 6.17 -15.94
CA GLY A 66 -5.70 6.51 -17.19
C GLY A 66 -6.68 6.64 -18.34
N ASN A 67 -7.68 5.76 -18.35
CA ASN A 67 -8.70 5.79 -19.39
C ASN A 67 -9.61 7.00 -19.23
N ALA A 68 -9.95 7.31 -17.99
CA ALA A 68 -10.80 8.46 -17.70
C ALA A 68 -10.09 9.77 -18.04
N ALA A 69 -8.79 9.81 -17.79
CA ALA A 69 -7.99 10.99 -18.07
C ALA A 69 -8.01 11.30 -19.57
N ARG A 70 -7.90 10.24 -20.38
CA ARG A 70 -7.92 10.39 -21.83
C ARG A 70 -9.27 10.90 -22.31
N ASP A 71 -10.33 10.38 -21.70
CA ASP A 71 -11.69 10.76 -22.06
C ASP A 71 -11.95 12.23 -21.77
N ASN A 72 -11.28 12.75 -20.75
CA ASN A 72 -11.44 14.16 -20.35
C ASN A 72 -10.34 15.02 -20.96
N LYS A 73 -9.50 14.42 -21.79
CA LYS A 73 -8.40 15.12 -22.44
C LYS A 73 -7.45 15.75 -21.41
N LYS A 74 -7.20 15.01 -20.33
CA LYS A 74 -6.34 15.50 -19.27
C LYS A 74 -4.94 14.90 -19.36
N THR A 75 -3.93 15.72 -19.07
CA THR A 75 -2.56 15.27 -19.10
C THR A 75 -2.12 14.80 -17.71
N ARG A 76 -2.93 15.15 -16.72
CA ARG A 76 -2.67 14.78 -15.34
C ARG A 76 -3.95 14.28 -14.69
N ILE A 77 -3.90 13.07 -14.15
CA ILE A 77 -5.05 12.47 -13.48
C ILE A 77 -5.38 13.22 -12.20
N ILE A 78 -6.66 13.49 -12.00
CA ILE A 78 -7.12 14.19 -10.82
C ILE A 78 -7.67 13.21 -9.79
N PRO A 79 -7.68 13.61 -8.50
CA PRO A 79 -8.17 12.76 -7.40
C PRO A 79 -9.64 12.36 -7.56
N ARG A 80 -10.38 13.17 -8.31
CA ARG A 80 -11.80 12.92 -8.54
C ARG A 80 -12.01 11.56 -9.20
N HIS A 81 -11.21 11.27 -10.23
CA HIS A 81 -11.32 10.01 -10.96
C HIS A 81 -10.97 8.83 -10.06
N LEU A 82 -10.05 9.05 -9.14
CA LEU A 82 -9.62 8.01 -8.22
C LEU A 82 -10.77 7.62 -7.28
N GLN A 83 -11.39 8.62 -6.69
CA GLN A 83 -12.50 8.39 -5.76
C GLN A 83 -13.72 7.87 -6.51
N LEU A 84 -13.94 8.38 -7.73
CA LEU A 84 -15.08 7.97 -8.53
C LEU A 84 -15.02 6.48 -8.85
N ALA A 85 -13.83 6.00 -9.22
CA ALA A 85 -13.65 4.59 -9.56
C ALA A 85 -14.06 3.68 -8.40
N ILE A 86 -13.72 4.09 -7.19
CA ILE A 86 -14.05 3.32 -6.00
C ILE A 86 -15.54 3.41 -5.68
N ARG A 87 -16.08 4.62 -5.75
CA ARG A 87 -17.49 4.86 -5.45
C ARG A 87 -18.41 4.32 -6.55
N ASN A 88 -17.83 3.95 -7.68
CA ASN A 88 -18.60 3.41 -8.79
C ASN A 88 -18.43 1.91 -8.91
N ASP A 89 -17.69 1.31 -7.99
CA ASP A 89 -17.44 -0.12 -8.01
C ASP A 89 -17.89 -0.76 -6.70
N GLU A 90 -18.58 -1.90 -6.81
CA GLU A 90 -19.08 -2.59 -5.63
C GLU A 90 -17.96 -3.20 -4.79
N GLU A 91 -17.08 -3.96 -5.44
CA GLU A 91 -15.99 -4.62 -4.74
C GLU A 91 -15.03 -3.62 -4.12
N LEU A 92 -14.60 -2.63 -4.89
CA LEU A 92 -13.67 -1.62 -4.40
C LEU A 92 -14.26 -0.88 -3.20
N ASN A 93 -15.56 -0.60 -3.27
CA ASN A 93 -16.25 0.09 -2.19
C ASN A 93 -16.22 -0.73 -0.91
N LYS A 94 -16.54 -2.01 -1.03
CA LYS A 94 -16.55 -2.93 0.10
C LYS A 94 -15.15 -3.16 0.65
N LEU A 95 -14.17 -3.22 -0.24
CA LEU A 95 -12.77 -3.44 0.15
C LEU A 95 -12.27 -2.28 1.00
N LEU A 96 -12.79 -1.08 0.73
CA LEU A 96 -12.40 0.10 1.50
C LEU A 96 -13.35 0.30 2.67
N SER A 97 -13.96 -0.78 3.11
CA SER A 97 -14.90 -0.73 4.22
C SER A 97 -14.70 -1.94 5.13
N GLY A 98 -15.42 -1.87 6.26
CA GLY A 98 -15.58 -2.80 7.33
C GLY A 98 -16.95 -2.42 7.79
N VAL A 99 -17.50 -3.04 8.85
CA VAL A 99 -18.84 -2.65 9.20
C VAL A 99 -18.81 -1.27 9.79
N THR A 100 -19.32 -0.27 9.04
CA THR A 100 -19.37 1.05 9.58
C THR A 100 -20.81 1.40 9.51
N ILE A 101 -21.26 2.36 10.33
CA ILE A 101 -22.65 2.77 10.38
C ILE A 101 -23.07 3.26 9.02
N ALA A 102 -22.21 4.06 8.34
CA ALA A 102 -22.54 4.56 7.04
C ALA A 102 -21.27 4.91 6.34
N GLN A 103 -21.39 5.26 5.04
CA GLN A 103 -20.24 5.67 4.28
C GLN A 103 -20.30 7.15 4.18
N GLY A 104 -19.13 7.78 4.01
CA GLY A 104 -19.03 9.21 3.81
C GLY A 104 -19.32 9.93 5.09
N GLY A 105 -20.05 11.06 4.94
CA GLY A 105 -20.42 11.87 6.07
C GLY A 105 -19.43 12.98 6.18
N VAL A 106 -19.79 13.96 7.01
CA VAL A 106 -18.95 15.09 7.27
C VAL A 106 -18.49 14.91 8.68
N LEU A 107 -17.40 15.61 9.07
CA LEU A 107 -16.84 15.53 10.40
C LEU A 107 -17.67 16.36 11.35
N PRO A 108 -17.90 15.82 12.53
CA PRO A 108 -18.60 16.55 13.55
C PRO A 108 -17.55 17.34 14.28
N ASN A 109 -17.93 18.42 14.98
CA ASN A 109 -16.89 19.12 15.69
C ASN A 109 -16.51 18.26 16.84
N ILE A 110 -15.32 17.63 16.74
CA ILE A 110 -14.88 16.74 17.77
C ILE A 110 -14.47 17.60 18.93
N GLN A 111 -15.15 17.38 20.07
CA GLN A 111 -14.92 18.15 21.25
C GLN A 111 -14.02 17.34 22.13
N ALA A 112 -13.26 18.03 23.01
CA ALA A 112 -12.31 17.44 23.93
C ALA A 112 -12.98 16.62 25.00
N VAL A 113 -14.07 17.10 25.62
CA VAL A 113 -14.69 16.36 26.69
C VAL A 113 -15.80 15.54 26.10
N LEU A 114 -15.85 14.26 26.51
CA LEU A 114 -16.94 13.39 26.18
C LEU A 114 -17.58 13.27 27.52
N LEU A 115 -18.91 13.08 27.61
CA LEU A 115 -19.52 13.02 28.92
C LEU A 115 -19.54 11.58 29.38
N PRO A 116 -19.12 11.35 30.61
CA PRO A 116 -19.07 10.01 31.16
C PRO A 116 -20.36 9.28 31.44
N LYS A 117 -21.43 9.93 31.90
CA LYS A 117 -22.60 9.14 32.11
C LYS A 117 -23.72 9.82 31.42
N LYS A 118 -24.64 8.98 30.94
CA LYS A 118 -25.88 9.35 30.34
C LYS A 118 -26.83 8.38 30.98
N THR A 119 -27.95 8.02 30.30
CA THR A 119 -28.85 7.08 30.91
C THR A 119 -28.13 5.78 31.11
N GLU A 120 -27.80 5.44 32.38
CA GLU A 120 -27.14 4.19 32.63
C GLU A 120 -28.21 3.15 32.74
N LYS A 121 -27.96 1.96 32.17
CA LYS A 121 -28.98 0.96 32.21
C LYS A 121 -28.51 -0.11 33.12
N LYS A 122 -29.46 -0.97 33.59
CA LYS A 122 -29.18 -2.07 34.47
C LYS A 122 -28.34 -3.09 33.74
N ALA A 123 -28.72 -3.48 32.51
CA ALA A 123 -27.94 -4.43 31.77
C ALA A 123 -27.28 -3.64 30.63
N PRO B 1 20.66 26.10 22.08
CA PRO B 1 20.71 26.42 20.62
C PRO B 1 20.88 25.12 19.89
N PRO B 2 20.24 24.89 18.77
CA PRO B 2 20.43 23.65 18.07
C PRO B 2 21.81 23.46 17.47
N LYS B 3 22.58 24.55 17.32
CA LYS B 3 23.91 24.49 16.79
C LYS B 3 24.77 25.42 17.59
N THR B 4 26.09 25.32 17.39
CA THR B 4 27.02 26.19 18.05
C THR B 4 27.43 27.24 17.06
N SER B 5 27.90 28.38 17.59
CA SER B 5 28.47 29.41 16.77
C SER B 5 29.94 29.10 16.81
N GLY B 6 30.74 29.85 16.03
CA GLY B 6 32.15 29.63 16.04
C GLY B 6 32.82 30.95 16.23
N LYS B 7 33.64 31.04 17.29
CA LYS B 7 34.33 32.27 17.56
C LYS B 7 35.43 32.39 16.54
N ALA B 8 35.33 33.40 15.66
CA ALA B 8 36.34 33.53 14.67
C ALA B 8 36.93 34.87 14.89
N ALA B 9 38.25 35.02 14.60
CA ALA B 9 38.97 36.27 14.75
C ALA B 9 38.47 37.29 13.77
N LYS B 10 38.37 36.90 12.48
CA LYS B 10 37.86 37.77 11.46
C LYS B 10 36.46 37.28 11.21
N LYS B 11 35.62 38.13 10.58
CA LYS B 11 34.27 37.71 10.31
C LYS B 11 34.22 37.25 8.90
N ALA B 12 33.61 36.07 8.69
CA ALA B 12 33.39 35.52 7.39
C ALA B 12 31.92 35.29 7.40
N GLY B 13 31.31 35.17 6.21
CA GLY B 13 29.90 34.92 6.20
C GLY B 13 29.53 34.42 4.85
N LYS B 14 28.58 33.46 4.80
CA LYS B 14 28.15 32.96 3.54
C LYS B 14 26.68 33.18 3.49
N ALA B 15 26.17 33.69 2.35
CA ALA B 15 24.75 33.80 2.20
C ALA B 15 24.39 33.10 0.93
N GLN B 16 23.60 32.02 1.03
CA GLN B 16 23.19 31.32 -0.16
C GLN B 16 21.88 30.68 0.13
N LYS B 17 21.06 30.47 -0.93
CA LYS B 17 19.81 29.78 -0.80
C LYS B 17 20.12 28.34 -1.08
N ASN B 18 19.47 27.40 -0.36
CA ASN B 18 19.74 26.02 -0.63
C ASN B 18 18.42 25.34 -0.76
N ILE B 19 18.12 24.84 -1.99
CA ILE B 19 16.85 24.26 -2.37
C ILE B 19 16.43 22.99 -1.66
N THR B 20 17.28 21.95 -1.54
CA THR B 20 16.75 20.77 -0.92
C THR B 20 17.68 20.26 0.15
N LYS B 21 17.07 19.66 1.19
CA LYS B 21 17.71 18.97 2.27
C LYS B 21 18.23 17.62 1.82
N THR B 22 17.42 16.78 1.14
CA THR B 22 17.93 15.50 0.78
C THR B 22 17.85 15.39 -0.70
N ASP B 23 18.41 14.27 -1.19
CA ASP B 23 18.51 13.89 -2.57
C ASP B 23 17.15 13.74 -3.22
N LYS B 24 16.11 13.38 -2.44
CA LYS B 24 14.73 13.25 -2.90
C LYS B 24 14.61 12.23 -4.00
N LYS B 25 15.46 11.19 -4.00
CA LYS B 25 15.43 10.19 -5.02
C LYS B 25 14.88 8.96 -4.35
N LYS B 26 14.17 8.10 -5.11
CA LYS B 26 13.63 6.89 -4.56
C LYS B 26 14.79 6.02 -4.18
N LYS B 27 15.06 6.01 -2.87
CA LYS B 27 16.07 5.24 -2.20
C LYS B 27 15.37 4.80 -0.98
N ARG B 28 15.98 5.06 0.20
CA ARG B 28 15.33 4.73 1.44
C ARG B 28 14.07 5.55 1.50
N LYS B 29 12.92 4.85 1.67
CA LYS B 29 11.66 5.54 1.77
C LYS B 29 11.71 6.19 3.11
N ARG B 30 11.74 7.54 3.12
CA ARG B 30 11.87 8.35 4.30
C ARG B 30 10.63 8.23 5.13
N LYS B 31 9.45 8.38 4.52
CA LYS B 31 8.27 8.13 5.29
C LYS B 31 7.64 6.90 4.70
N GLU B 32 6.61 6.36 5.38
CA GLU B 32 5.90 5.18 4.95
C GLU B 32 5.38 5.48 3.59
N SER B 33 5.96 4.87 2.55
CA SER B 33 5.23 5.28 1.37
C SER B 33 4.95 4.08 0.48
N TYR B 34 3.95 4.21 -0.38
CA TYR B 34 3.57 3.14 -1.29
C TYR B 34 3.55 3.67 -2.72
N ALA B 35 4.06 4.88 -2.89
CA ALA B 35 4.11 5.52 -4.20
C ALA B 35 4.94 4.74 -5.20
N ILE B 36 5.97 4.04 -4.70
CA ILE B 36 6.84 3.25 -5.57
C ILE B 36 6.06 2.14 -6.26
N TYR B 37 5.16 1.50 -5.54
CA TYR B 37 4.34 0.43 -6.09
C TYR B 37 3.43 0.98 -7.17
N ILE B 38 2.95 2.19 -6.95
CA ILE B 38 2.06 2.87 -7.88
C ILE B 38 2.78 3.15 -9.20
N TYR B 39 3.99 3.70 -9.11
CA TYR B 39 4.78 4.04 -10.30
C TYR B 39 5.03 2.81 -11.17
N LYS B 40 5.33 1.68 -10.54
CA LYS B 40 5.61 0.45 -11.27
C LYS B 40 4.41 -0.03 -12.04
N VAL B 41 3.24 -0.04 -11.39
CA VAL B 41 2.02 -0.51 -12.04
C VAL B 41 1.50 0.50 -13.06
N LEU B 42 1.55 1.79 -12.72
CA LEU B 42 1.09 2.84 -13.61
C LEU B 42 1.83 2.79 -14.94
N LYS B 43 3.14 2.57 -14.87
CA LYS B 43 3.97 2.51 -16.08
C LYS B 43 3.64 1.27 -16.91
N GLN B 44 2.96 0.31 -16.31
CA GLN B 44 2.58 -0.92 -17.01
C GLN B 44 1.27 -0.74 -17.76
N VAL B 45 0.31 -0.07 -17.16
CA VAL B 45 -0.98 0.14 -17.78
C VAL B 45 -1.01 1.39 -18.66
N HIS B 46 -0.54 2.51 -18.12
CA HIS B 46 -0.53 3.77 -18.86
C HIS B 46 0.78 4.52 -18.60
N PRO B 47 1.82 4.26 -19.40
CA PRO B 47 3.12 4.91 -19.23
C PRO B 47 3.18 6.34 -19.76
N ASP B 48 2.08 6.82 -20.32
CA ASP B 48 2.05 8.18 -20.87
C ASP B 48 1.17 9.11 -20.04
N THR B 49 0.39 8.56 -19.13
CA THR B 49 -0.49 9.37 -18.30
C THR B 49 0.25 9.96 -17.12
N GLY B 50 -0.05 11.21 -16.78
CA GLY B 50 0.59 11.86 -15.67
C GLY B 50 -0.33 11.97 -14.48
N ILE B 51 0.23 12.20 -13.30
CA ILE B 51 -0.56 12.30 -12.09
C ILE B 51 -0.28 13.63 -11.38
N SER B 52 -1.23 14.09 -10.58
CA SER B 52 -1.09 15.33 -9.84
C SER B 52 -0.61 15.04 -8.43
N SER B 53 -0.15 16.06 -7.72
CA SER B 53 0.33 15.90 -6.36
C SER B 53 -0.79 15.41 -5.44
N LYS B 54 -1.97 15.99 -5.60
CA LYS B 54 -3.12 15.62 -4.79
C LYS B 54 -3.53 14.17 -5.07
N ALA B 55 -3.36 13.74 -6.31
CA ALA B 55 -3.70 12.38 -6.68
C ALA B 55 -2.79 11.39 -5.97
N MET B 56 -1.51 11.74 -5.89
CA MET B 56 -0.52 10.89 -5.23
C MET B 56 -0.87 10.71 -3.75
N SER B 57 -1.42 11.76 -3.14
CA SER B 57 -1.81 11.72 -1.75
C SER B 57 -2.93 10.71 -1.54
N ILE B 58 -3.89 10.69 -2.45
CA ILE B 58 -5.02 9.77 -2.37
C ILE B 58 -4.58 8.34 -2.69
N MET B 59 -3.75 8.20 -3.72
CA MET B 59 -3.25 6.90 -4.15
C MET B 59 -2.55 6.18 -3.00
N ASN B 60 -1.67 6.91 -2.31
CA ASN B 60 -0.92 6.34 -1.18
C ASN B 60 -1.87 5.92 -0.05
N SER B 61 -2.87 6.77 0.19
CA SER B 61 -3.84 6.50 1.24
C SER B 61 -4.70 5.28 0.90
N PHE B 62 -4.93 5.06 -0.39
CA PHE B 62 -5.70 3.91 -0.85
C PHE B 62 -4.98 2.62 -0.49
N VAL B 63 -3.70 2.56 -0.83
CA VAL B 63 -2.89 1.38 -0.54
C VAL B 63 -2.76 1.17 0.97
N ASN B 64 -2.57 2.24 1.71
CA ASN B 64 -2.42 2.16 3.15
C ASN B 64 -3.72 1.68 3.82
N ASP B 65 -4.85 1.98 3.18
CA ASP B 65 -6.15 1.60 3.71
C ASP B 65 -6.48 0.14 3.42
N ILE B 66 -6.20 -0.31 2.20
CA ILE B 66 -6.49 -1.69 1.81
C ILE B 66 -5.59 -2.68 2.56
N PHE B 67 -4.50 -2.16 3.14
CA PHE B 67 -3.57 -2.99 3.89
C PHE B 67 -4.29 -3.68 5.04
N GLU B 68 -5.10 -2.90 5.74
CA GLU B 68 -5.86 -3.40 6.87
C GLU B 68 -6.89 -4.44 6.44
N ARG B 69 -7.51 -4.21 5.28
CA ARG B 69 -8.52 -5.12 4.76
C ARG B 69 -7.91 -6.50 4.49
N ILE B 70 -6.73 -6.52 3.88
CA ILE B 70 -6.05 -7.77 3.57
C ILE B 70 -5.56 -8.43 4.86
N ALA B 71 -4.94 -7.62 5.71
CA ALA B 71 -4.39 -8.09 6.98
C ALA B 71 -5.48 -8.69 7.87
N ALA B 72 -6.69 -8.15 7.75
CA ALA B 72 -7.82 -8.63 8.53
C ALA B 72 -8.15 -10.07 8.18
N GLU B 73 -8.16 -10.37 6.88
CA GLU B 73 -8.46 -11.71 6.41
C GLU B 73 -7.34 -12.67 6.78
N ALA B 74 -6.10 -12.19 6.64
CA ALA B 74 -4.93 -13.00 6.98
C ALA B 74 -4.97 -13.31 8.48
N SER B 75 -5.33 -12.32 9.27
CA SER B 75 -5.43 -12.45 10.71
C SER B 75 -6.52 -13.45 11.07
N ARG B 76 -7.59 -13.47 10.27
CA ARG B 76 -8.72 -14.37 10.49
C ARG B 76 -8.27 -15.83 10.52
N LEU B 77 -7.25 -16.14 9.73
CA LEU B 77 -6.72 -17.50 9.68
C LEU B 77 -5.53 -17.64 10.63
N ALA B 78 -4.65 -16.64 10.64
CA ALA B 78 -3.46 -16.64 11.48
C ALA B 78 -3.79 -16.83 12.96
N HIS B 79 -4.85 -16.18 13.43
CA HIS B 79 -5.25 -16.27 14.82
C HIS B 79 -5.67 -17.69 15.18
N TYR B 80 -6.40 -18.33 14.28
CA TYR B 80 -6.86 -19.70 14.52
C TYR B 80 -5.74 -20.68 14.26
N ASN B 81 -4.74 -20.24 13.51
CA ASN B 81 -3.59 -21.06 13.19
C ASN B 81 -2.51 -20.88 14.26
N LYS B 82 -2.78 -19.97 15.20
CA LYS B 82 -1.87 -19.66 16.29
C LYS B 82 -0.53 -19.15 15.76
N ARG B 83 -0.60 -18.17 14.85
CA ARG B 83 0.59 -17.60 14.25
C ARG B 83 0.61 -16.08 14.42
N SER B 84 1.66 -15.58 15.08
CA SER B 84 1.81 -14.14 15.27
C SER B 84 2.51 -13.52 14.07
N THR B 85 3.05 -14.39 13.22
CA THR B 85 3.76 -13.97 12.02
C THR B 85 2.98 -14.39 10.78
N ILE B 86 2.58 -13.40 9.99
CA ILE B 86 1.84 -13.66 8.76
C ILE B 86 2.76 -14.24 7.70
N THR B 87 2.47 -15.45 7.26
CA THR B 87 3.28 -16.10 6.25
C THR B 87 2.56 -16.05 4.89
N SER B 88 3.27 -16.49 3.85
CA SER B 88 2.74 -16.48 2.50
C SER B 88 1.45 -17.29 2.37
N ARG B 89 1.33 -18.36 3.16
CA ARG B 89 0.14 -19.21 3.12
C ARG B 89 -1.09 -18.45 3.59
N GLU B 90 -0.93 -17.64 4.63
CA GLU B 90 -2.02 -16.84 5.17
C GLU B 90 -2.44 -15.79 4.14
N ILE B 91 -1.45 -15.23 3.45
CA ILE B 91 -1.70 -14.22 2.44
C ILE B 91 -2.47 -14.80 1.27
N GLN B 92 -2.04 -15.97 0.79
CA GLN B 92 -2.69 -16.63 -0.33
C GLN B 92 -4.16 -16.91 -0.01
N THR B 93 -4.42 -17.23 1.25
CA THR B 93 -5.78 -17.52 1.70
C THR B 93 -6.60 -16.22 1.76
N ALA B 94 -5.97 -15.15 2.23
CA ALA B 94 -6.63 -13.85 2.36
C ALA B 94 -7.14 -13.36 1.00
N VAL B 95 -6.46 -13.75 -0.07
CA VAL B 95 -6.84 -13.36 -1.42
C VAL B 95 -8.20 -13.95 -1.78
N ARG B 96 -8.38 -15.24 -1.48
CA ARG B 96 -9.63 -15.93 -1.79
C ARG B 96 -10.76 -15.48 -0.87
N LEU B 97 -10.40 -14.90 0.26
CA LEU B 97 -11.38 -14.43 1.23
C LEU B 97 -11.93 -13.06 0.81
N LEU B 98 -11.27 -12.42 -0.14
CA LEU B 98 -11.71 -11.11 -0.62
C LEU B 98 -12.15 -11.19 -2.08
N LEU B 99 -11.25 -11.64 -2.94
CA LEU B 99 -11.54 -11.75 -4.36
C LEU B 99 -11.31 -13.18 -4.85
N PRO B 100 -12.36 -14.00 -4.83
CA PRO B 100 -12.27 -15.40 -5.26
C PRO B 100 -12.35 -15.56 -6.76
N GLY B 101 -12.34 -14.44 -7.48
CA GLY B 101 -12.41 -14.45 -8.92
C GLY B 101 -11.22 -15.15 -9.56
N GLU B 102 -11.45 -15.83 -10.69
CA GLU B 102 -10.40 -16.54 -11.39
C GLU B 102 -9.33 -15.57 -11.88
N LEU B 103 -9.76 -14.45 -12.45
CA LEU B 103 -8.84 -13.44 -12.95
C LEU B 103 -8.05 -12.80 -11.81
N ALA B 104 -8.72 -12.66 -10.67
CA ALA B 104 -8.12 -12.06 -9.49
C ALA B 104 -6.95 -12.91 -8.99
N LYS B 105 -7.22 -14.17 -8.73
CA LYS B 105 -6.21 -15.08 -8.22
C LYS B 105 -5.13 -15.34 -9.26
N HIS B 106 -5.45 -15.15 -10.53
CA HIS B 106 -4.49 -15.38 -11.60
C HIS B 106 -3.45 -14.27 -11.65
N ALA B 107 -3.92 -13.03 -11.79
CA ALA B 107 -3.03 -11.88 -11.86
C ALA B 107 -2.14 -11.77 -10.62
N VAL B 108 -2.72 -12.06 -9.46
CA VAL B 108 -1.99 -12.00 -8.21
C VAL B 108 -0.86 -13.04 -8.19
N SER B 109 -1.19 -14.28 -8.57
CA SER B 109 -0.21 -15.36 -8.58
C SER B 109 0.91 -15.06 -9.57
N GLU B 110 0.57 -14.38 -10.67
CA GLU B 110 1.55 -14.06 -11.69
C GLU B 110 2.45 -12.93 -11.22
N GLY B 111 1.83 -11.88 -10.68
CA GLY B 111 2.59 -10.75 -10.19
C GLY B 111 3.51 -11.13 -9.05
N THR B 112 3.13 -12.16 -8.30
CA THR B 112 3.94 -12.62 -7.18
C THR B 112 5.31 -13.07 -7.67
N LYS B 113 5.33 -13.77 -8.79
CA LYS B 113 6.56 -14.25 -9.38
C LYS B 113 7.38 -13.07 -9.91
N ALA B 114 6.70 -11.95 -10.15
CA ALA B 114 7.38 -10.76 -10.67
C ALA B 114 8.09 -10.01 -9.56
N VAL B 115 7.48 -9.98 -8.37
CA VAL B 115 8.07 -9.30 -7.24
C VAL B 115 9.18 -10.18 -6.64
N THR B 116 9.01 -11.50 -6.76
CA THR B 116 10.01 -12.43 -6.25
C THR B 116 11.33 -12.24 -7.00
N LYS B 117 11.22 -11.91 -8.27
CA LYS B 117 12.40 -11.69 -9.11
C LYS B 117 13.00 -10.32 -8.82
N TYR B 118 12.34 -9.54 -7.96
CA TYR B 118 12.83 -8.21 -7.62
C TYR B 118 13.78 -8.32 -6.43
N THR B 119 13.36 -9.09 -5.44
CA THR B 119 14.17 -9.29 -4.24
C THR B 119 15.35 -10.22 -4.52
N SER B 120 15.20 -11.06 -5.55
CA SER B 120 16.25 -12.00 -5.92
C SER B 120 17.24 -11.38 -6.91
N SER B 121 17.10 -10.08 -7.14
CA SER B 121 18.01 -9.36 -8.03
C SER B 121 18.97 -8.50 -7.23
N LYS B 122 20.25 -8.54 -7.59
CA LYS B 122 21.25 -7.74 -6.91
C LYS B 122 21.20 -6.29 -7.37
N SER A 1 33.70 18.14 -15.73
CA SER A 1 34.23 17.71 -14.42
C SER A 1 35.72 17.83 -14.39
N GLY A 2 36.37 16.68 -14.13
CA GLY A 2 37.79 16.60 -14.04
C GLY A 2 38.12 15.14 -13.97
N ARG A 3 39.40 14.82 -13.66
CA ARG A 3 39.83 13.46 -13.55
C ARG A 3 39.48 13.01 -12.18
N GLY A 4 38.81 11.85 -12.06
CA GLY A 4 38.41 11.40 -10.77
C GLY A 4 39.32 10.31 -10.32
N LYS A 5 38.86 9.57 -9.29
CA LYS A 5 39.58 8.46 -8.75
C LYS A 5 38.94 7.23 -9.30
N GLY A 6 39.40 6.05 -8.81
CA GLY A 6 38.85 4.78 -9.19
C GLY A 6 37.70 4.51 -8.27
N GLY A 7 36.98 3.40 -8.49
CA GLY A 7 35.84 3.09 -7.67
C GLY A 7 35.35 1.71 -8.01
N LYS A 8 34.24 1.32 -7.36
CA LYS A 8 33.65 0.01 -7.49
C LYS A 8 33.24 -0.29 -8.89
N VAL A 9 32.78 0.72 -9.67
CA VAL A 9 32.27 0.41 -10.98
C VAL A 9 33.40 -0.09 -11.83
N LYS A 10 33.35 -1.39 -12.16
CA LYS A 10 34.33 -2.02 -12.99
C LYS A 10 33.67 -2.22 -14.30
N GLY A 11 34.46 -2.22 -15.39
CA GLY A 11 33.94 -2.41 -16.72
C GLY A 11 33.62 -1.07 -17.33
N LYS A 12 32.75 -1.09 -18.35
CA LYS A 12 32.33 0.14 -18.98
C LYS A 12 31.12 0.60 -18.25
N ALA A 13 31.09 1.90 -17.92
CA ALA A 13 29.99 2.50 -17.21
C ALA A 13 28.99 2.96 -18.21
N LYS A 14 27.78 3.28 -17.71
CA LYS A 14 26.70 3.78 -18.50
C LYS A 14 26.72 5.27 -18.33
N SER A 15 26.08 6.01 -19.27
CA SER A 15 25.97 7.45 -19.26
C SER A 15 25.19 7.97 -18.09
N ARG A 16 23.85 7.85 -18.13
CA ARG A 16 23.07 8.32 -17.01
C ARG A 16 22.13 7.24 -16.59
N SER A 17 22.32 6.73 -15.36
CA SER A 17 21.40 5.75 -14.87
C SER A 17 21.05 6.13 -13.48
N ASN A 18 19.76 6.39 -13.23
CA ASN A 18 19.34 6.69 -11.91
C ASN A 18 18.10 5.90 -11.66
N ARG A 19 18.15 5.05 -10.61
CA ARG A 19 16.96 4.34 -10.26
C ARG A 19 16.77 4.49 -8.80
N ALA A 20 15.58 5.01 -8.42
CA ALA A 20 15.18 5.17 -7.05
C ALA A 20 14.66 3.84 -6.61
N GLY A 21 14.65 3.61 -5.30
CA GLY A 21 14.10 2.36 -4.88
C GLY A 21 13.49 2.55 -3.54
N LEU A 22 12.15 2.50 -3.54
CA LEU A 22 11.31 2.49 -2.35
C LEU A 22 11.10 1.06 -1.86
N GLN A 23 10.92 0.91 -0.56
CA GLN A 23 10.70 -0.40 0.04
C GLN A 23 9.26 -0.52 0.52
N PHE A 24 8.92 -1.66 1.10
CA PHE A 24 7.58 -1.91 1.61
C PHE A 24 7.47 -1.40 3.04
N PRO A 25 6.46 -0.58 3.33
CA PRO A 25 6.25 -0.04 4.68
C PRO A 25 5.66 -1.07 5.62
N VAL A 26 6.48 -2.05 6.00
CA VAL A 26 6.07 -3.13 6.90
C VAL A 26 5.59 -2.56 8.22
N GLY A 27 6.32 -1.59 8.75
CA GLY A 27 5.98 -0.99 10.02
C GLY A 27 4.60 -0.36 10.03
N ARG A 28 4.17 0.12 8.87
CA ARG A 28 2.86 0.76 8.73
C ARG A 28 1.73 -0.25 8.97
N ILE A 29 2.03 -1.53 8.80
CA ILE A 29 1.04 -2.58 9.01
C ILE A 29 1.34 -3.36 10.29
N HIS A 30 2.60 -3.79 10.43
CA HIS A 30 3.07 -4.56 11.57
C HIS A 30 2.65 -3.95 12.92
N ARG A 31 2.87 -2.64 13.06
CA ARG A 31 2.54 -1.94 14.31
C ARG A 31 1.04 -2.00 14.58
N LEU A 32 0.25 -1.74 13.55
CA LEU A 32 -1.21 -1.75 13.68
C LEU A 32 -1.71 -3.17 13.97
N LEU A 33 -0.99 -4.16 13.49
CA LEU A 33 -1.37 -5.55 13.71
C LEU A 33 -1.16 -5.92 15.18
N ARG A 34 -0.07 -5.46 15.75
CA ARG A 34 0.24 -5.76 17.15
C ARG A 34 -0.70 -5.01 18.09
N LYS A 35 -0.99 -3.76 17.77
CA LYS A 35 -1.88 -2.95 18.58
C LYS A 35 -3.32 -3.43 18.49
N GLY A 36 -3.67 -4.00 17.34
CA GLY A 36 -5.01 -4.49 17.13
C GLY A 36 -5.19 -5.94 17.52
N ASN A 37 -4.15 -6.54 18.11
CA ASN A 37 -4.19 -7.94 18.54
C ASN A 37 -4.39 -8.88 17.35
N TYR A 38 -3.87 -8.47 16.20
CA TYR A 38 -4.00 -9.27 14.99
C TYR A 38 -2.89 -10.30 14.92
N ALA A 39 -1.69 -9.86 14.61
CA ALA A 39 -0.54 -10.75 14.51
C ALA A 39 0.65 -10.17 15.26
N GLU A 40 1.66 -11.01 15.48
CA GLU A 40 2.86 -10.57 16.20
C GLU A 40 4.09 -10.62 15.31
N ARG A 41 4.19 -11.64 14.47
CA ARG A 41 5.35 -11.78 13.60
C ARG A 41 4.94 -11.91 12.14
N VAL A 42 5.92 -11.76 11.26
CA VAL A 42 5.71 -11.88 9.82
C VAL A 42 6.73 -12.85 9.23
N GLY A 43 6.29 -13.70 8.30
CA GLY A 43 7.19 -14.66 7.69
C GLY A 43 8.26 -14.00 6.84
N ALA A 44 9.24 -14.79 6.41
CA ALA A 44 10.34 -14.27 5.61
C ALA A 44 9.94 -14.15 4.14
N GLY A 45 9.02 -15.00 3.72
CA GLY A 45 8.56 -14.96 2.35
C GLY A 45 7.30 -14.14 2.21
N ALA A 46 6.66 -13.88 3.33
CA ALA A 46 5.43 -13.09 3.38
C ALA A 46 5.57 -11.73 2.68
N PRO A 47 6.62 -10.94 2.94
CA PRO A 47 6.82 -9.63 2.29
C PRO A 47 6.69 -9.69 0.77
N VAL A 48 7.19 -10.76 0.17
CA VAL A 48 7.14 -10.93 -1.29
C VAL A 48 5.69 -11.15 -1.74
N TYR A 49 4.89 -11.76 -0.89
CA TYR A 49 3.49 -12.02 -1.21
C TYR A 49 2.65 -10.77 -0.90
N LEU A 50 3.02 -10.08 0.17
CA LEU A 50 2.32 -8.88 0.60
C LEU A 50 2.43 -7.76 -0.44
N ALA A 51 3.66 -7.47 -0.86
CA ALA A 51 3.91 -6.43 -1.84
C ALA A 51 3.29 -6.80 -3.19
N ALA A 52 3.18 -8.11 -3.44
CA ALA A 52 2.59 -8.60 -4.68
C ALA A 52 1.15 -8.16 -4.80
N VAL A 53 0.45 -8.20 -3.68
CA VAL A 53 -0.95 -7.80 -3.64
C VAL A 53 -1.06 -6.29 -3.84
N MET A 54 -0.17 -5.54 -3.19
CA MET A 54 -0.17 -4.09 -3.30
C MET A 54 0.16 -3.65 -4.72
N GLU A 55 1.11 -4.33 -5.36
CA GLU A 55 1.51 -4.02 -6.72
C GLU A 55 0.31 -4.14 -7.66
N TYR A 56 -0.59 -5.06 -7.34
CA TYR A 56 -1.79 -5.27 -8.15
C TYR A 56 -2.91 -4.33 -7.73
N LEU A 57 -2.97 -4.02 -6.43
CA LEU A 57 -4.00 -3.12 -5.91
C LEU A 57 -3.96 -1.78 -6.63
N ALA A 58 -2.77 -1.21 -6.73
CA ALA A 58 -2.59 0.07 -7.40
C ALA A 58 -2.91 -0.03 -8.88
N ALA A 59 -2.61 -1.19 -9.48
CA ALA A 59 -2.85 -1.43 -10.89
C ALA A 59 -4.33 -1.33 -11.23
N GLU A 60 -5.18 -1.92 -10.38
CA GLU A 60 -6.62 -1.89 -10.58
C GLU A 60 -7.12 -0.45 -10.63
N VAL A 61 -6.62 0.37 -9.71
CA VAL A 61 -7.02 1.78 -9.65
C VAL A 61 -6.46 2.53 -10.85
N LEU A 62 -5.24 2.19 -11.25
CA LEU A 62 -4.58 2.85 -12.39
C LEU A 62 -5.36 2.61 -13.67
N GLU A 63 -5.87 1.40 -13.84
CA GLU A 63 -6.63 1.05 -15.03
C GLU A 63 -7.93 1.85 -15.10
N LEU A 64 -8.66 1.88 -13.98
CA LEU A 64 -9.94 2.60 -13.92
C LEU A 64 -9.73 4.10 -14.03
N ALA A 65 -8.96 4.67 -13.10
CA ALA A 65 -8.72 6.10 -13.06
C ALA A 65 -7.99 6.57 -14.32
N GLY A 66 -7.09 5.75 -14.82
CA GLY A 66 -6.34 6.09 -16.01
C GLY A 66 -7.25 6.23 -17.22
N ASN A 67 -8.14 5.25 -17.40
CA ASN A 67 -9.07 5.28 -18.52
C ASN A 67 -9.98 6.50 -18.43
N ALA A 68 -10.44 6.79 -17.22
CA ALA A 68 -11.31 7.93 -16.97
C ALA A 68 -10.59 9.23 -17.28
N ALA A 69 -9.27 9.23 -17.16
CA ALA A 69 -8.47 10.42 -17.44
C ALA A 69 -8.48 10.73 -18.93
N ARG A 70 -8.11 9.75 -19.75
CA ARG A 70 -8.08 9.94 -21.20
C ARG A 70 -9.48 10.19 -21.75
N ASP A 71 -10.47 9.55 -21.13
CA ASP A 71 -11.86 9.71 -21.53
C ASP A 71 -12.34 11.13 -21.25
N ASN A 72 -11.83 11.72 -20.17
CA ASN A 72 -12.20 13.07 -19.78
C ASN A 72 -11.25 14.08 -20.40
N LYS A 73 -10.40 13.61 -21.33
CA LYS A 73 -9.43 14.45 -22.02
C LYS A 73 -8.46 15.11 -21.05
N LYS A 74 -8.02 14.33 -20.07
CA LYS A 74 -7.08 14.80 -19.06
C LYS A 74 -5.78 14.01 -19.16
N THR A 75 -4.66 14.72 -19.05
CA THR A 75 -3.36 14.07 -19.15
C THR A 75 -2.84 13.69 -17.77
N ARG A 76 -3.48 14.20 -16.73
CA ARG A 76 -3.09 13.91 -15.36
C ARG A 76 -4.30 13.45 -14.55
N ILE A 77 -4.17 12.29 -13.92
CA ILE A 77 -5.24 11.76 -13.09
C ILE A 77 -5.47 12.67 -11.89
N ILE A 78 -6.69 13.17 -11.76
CA ILE A 78 -7.04 14.05 -10.66
C ILE A 78 -7.80 13.28 -9.58
N PRO A 79 -7.91 13.85 -8.35
CA PRO A 79 -8.63 13.20 -7.23
C PRO A 79 -10.02 12.71 -7.62
N ARG A 80 -10.68 13.45 -8.51
CA ARG A 80 -12.03 13.08 -8.96
C ARG A 80 -12.02 11.74 -9.67
N HIS A 81 -10.98 11.48 -10.44
CA HIS A 81 -10.85 10.22 -11.18
C HIS A 81 -10.79 9.04 -10.22
N LEU A 82 -10.06 9.23 -9.13
CA LEU A 82 -9.91 8.19 -8.12
C LEU A 82 -11.26 7.91 -7.46
N GLN A 83 -12.01 8.98 -7.22
CA GLN A 83 -13.33 8.86 -6.59
C GLN A 83 -14.29 8.11 -7.52
N LEU A 84 -14.26 8.46 -8.80
CA LEU A 84 -15.12 7.82 -9.79
C LEU A 84 -14.77 6.33 -9.92
N ALA A 85 -13.48 6.04 -9.84
CA ALA A 85 -12.99 4.67 -9.94
C ALA A 85 -13.52 3.81 -8.80
N ILE A 86 -13.55 4.37 -7.60
CA ILE A 86 -14.04 3.66 -6.42
C ILE A 86 -15.53 3.37 -6.55
N ARG A 87 -16.27 4.34 -7.05
CA ARG A 87 -17.72 4.20 -7.22
C ARG A 87 -18.05 3.33 -8.42
N ASN A 88 -17.07 3.13 -9.29
CA ASN A 88 -17.25 2.31 -10.49
C ASN A 88 -17.44 0.85 -10.13
N ASP A 89 -16.77 0.43 -9.07
CA ASP A 89 -16.85 -0.95 -8.61
C ASP A 89 -17.62 -1.03 -7.31
N GLU A 90 -17.84 -2.23 -6.81
CA GLU A 90 -18.56 -2.44 -5.57
C GLU A 90 -17.68 -3.16 -4.57
N GLU A 91 -16.92 -4.13 -5.08
CA GLU A 91 -16.02 -4.91 -4.24
C GLU A 91 -14.83 -4.06 -3.86
N LEU A 92 -14.37 -3.24 -4.80
CA LEU A 92 -13.24 -2.35 -4.57
C LEU A 92 -13.60 -1.31 -3.52
N ASN A 93 -14.87 -0.93 -3.50
CA ASN A 93 -15.36 0.06 -2.53
C ASN A 93 -15.37 -0.53 -1.12
N LYS A 94 -15.65 -1.82 -1.03
CA LYS A 94 -15.68 -2.51 0.26
C LYS A 94 -14.28 -2.62 0.85
N LEU A 95 -13.28 -2.55 -0.01
CA LEU A 95 -11.88 -2.62 0.42
C LEU A 95 -11.51 -1.38 1.22
N LEU A 96 -12.28 -0.31 1.04
CA LEU A 96 -12.04 0.93 1.75
C LEU A 96 -12.87 0.98 3.02
N SER A 97 -13.70 -0.03 3.23
CA SER A 97 -14.55 -0.10 4.41
C SER A 97 -14.20 -1.31 5.27
N GLY A 98 -15.02 -2.37 5.06
CA GLY A 98 -14.92 -3.61 5.76
C GLY A 98 -15.54 -4.68 4.91
N VAL A 99 -15.11 -5.93 5.13
CA VAL A 99 -15.56 -7.03 4.31
C VAL A 99 -17.00 -7.32 4.58
N THR A 100 -17.82 -7.10 3.53
CA THR A 100 -19.20 -7.45 3.49
C THR A 100 -19.35 -8.18 2.19
N ILE A 101 -19.70 -9.48 2.27
CA ILE A 101 -19.88 -10.27 1.08
C ILE A 101 -21.33 -10.68 1.05
N ALA A 102 -22.00 -10.47 -0.09
CA ALA A 102 -23.38 -10.83 -0.15
C ALA A 102 -23.64 -11.65 -1.38
N GLN A 103 -24.44 -12.72 -1.20
CA GLN A 103 -24.84 -13.59 -2.29
C GLN A 103 -25.77 -12.85 -3.21
N GLY A 104 -26.74 -12.13 -2.61
CA GLY A 104 -27.72 -11.36 -3.32
C GLY A 104 -28.84 -11.15 -2.36
N GLY A 105 -29.86 -10.38 -2.77
CA GLY A 105 -30.95 -10.09 -1.87
C GLY A 105 -30.71 -8.76 -1.25
N VAL A 106 -31.38 -8.49 -0.12
CA VAL A 106 -31.22 -7.24 0.56
C VAL A 106 -30.42 -7.54 1.80
N LEU A 107 -29.78 -6.50 2.36
CA LEU A 107 -29.01 -6.68 3.57
C LEU A 107 -29.85 -6.18 4.70
N PRO A 108 -29.77 -6.82 5.84
CA PRO A 108 -30.52 -6.36 6.99
C PRO A 108 -29.83 -5.24 7.68
N ASN A 109 -30.63 -4.36 8.30
CA ASN A 109 -30.08 -3.24 9.00
C ASN A 109 -30.38 -3.48 10.45
N ILE A 110 -29.86 -2.59 11.32
CA ILE A 110 -30.11 -2.65 12.74
C ILE A 110 -31.27 -1.72 12.94
N GLN A 111 -32.28 -2.13 13.73
CA GLN A 111 -33.43 -1.30 13.92
C GLN A 111 -33.37 -0.85 15.33
N ALA A 112 -33.83 0.40 15.59
CA ALA A 112 -33.92 0.97 16.90
C ALA A 112 -35.24 0.58 17.49
N VAL A 113 -35.37 0.67 18.82
CA VAL A 113 -36.60 0.33 19.48
C VAL A 113 -37.30 1.63 19.72
N LEU A 114 -38.60 1.70 19.34
CA LEU A 114 -39.38 2.87 19.55
C LEU A 114 -40.31 2.51 20.66
N LEU A 115 -40.82 3.52 21.41
CA LEU A 115 -41.81 3.26 22.43
C LEU A 115 -43.16 2.91 21.84
N PRO A 116 -43.74 3.58 20.85
CA PRO A 116 -44.94 3.06 20.24
C PRO A 116 -44.47 2.07 19.24
N LYS A 117 -45.29 1.08 18.86
CA LYS A 117 -44.82 0.21 17.84
C LYS A 117 -45.87 0.22 16.78
N LYS A 118 -45.45 0.12 15.49
CA LYS A 118 -46.37 0.04 14.40
C LYS A 118 -46.06 -1.27 13.73
N THR A 119 -46.96 -2.27 13.88
CA THR A 119 -46.71 -3.61 13.42
C THR A 119 -47.97 -4.27 12.91
N GLU A 120 -48.41 -5.37 13.58
CA GLU A 120 -49.52 -6.19 13.21
C GLU A 120 -50.84 -5.47 13.37
N LYS A 121 -51.78 -5.81 12.45
CA LYS A 121 -53.10 -5.23 12.38
C LYS A 121 -53.81 -5.54 13.67
N LYS A 122 -54.16 -4.47 14.41
CA LYS A 122 -54.85 -4.65 15.64
C LYS A 122 -56.18 -4.01 15.41
N ALA A 123 -57.25 -4.61 15.96
CA ALA A 123 -58.55 -4.03 15.79
C ALA A 123 -58.82 -3.20 17.03
N PRO B 1 45.97 22.54 -11.39
CA PRO B 1 45.83 22.92 -9.97
C PRO B 1 44.89 24.10 -9.96
N PRO B 2 44.23 24.42 -8.88
CA PRO B 2 43.42 25.60 -8.89
C PRO B 2 44.30 26.82 -8.90
N LYS B 3 44.17 27.66 -9.95
CA LYS B 3 44.91 28.87 -10.15
C LYS B 3 44.43 30.04 -9.32
N THR B 4 43.11 30.31 -9.28
CA THR B 4 42.62 31.43 -8.54
C THR B 4 41.75 30.87 -7.47
N SER B 5 41.50 31.66 -6.41
CA SER B 5 40.62 31.25 -5.35
C SER B 5 39.26 31.69 -5.76
N GLY B 6 38.26 31.24 -4.99
CA GLY B 6 36.92 31.66 -5.23
C GLY B 6 36.63 32.74 -4.26
N LYS B 7 35.34 33.11 -4.15
CA LYS B 7 34.93 34.11 -3.21
C LYS B 7 34.18 33.40 -2.15
N ALA B 8 34.02 34.06 -0.99
CA ALA B 8 33.29 33.48 0.10
C ALA B 8 31.98 34.21 0.16
N ALA B 9 30.96 33.53 0.71
CA ALA B 9 29.65 34.09 0.89
C ALA B 9 29.62 34.80 2.22
N LYS B 10 28.60 35.66 2.41
CA LYS B 10 28.47 36.43 3.63
C LYS B 10 28.32 35.46 4.77
N LYS B 11 29.42 35.30 5.55
CA LYS B 11 29.55 34.38 6.66
C LYS B 11 28.65 34.68 7.83
N ALA B 12 28.52 35.98 8.21
CA ALA B 12 27.69 36.38 9.33
C ALA B 12 26.30 36.68 8.87
N GLY B 13 25.36 36.69 9.82
CA GLY B 13 24.00 36.97 9.49
C GLY B 13 23.22 35.70 9.58
N LYS B 14 21.95 35.77 9.17
CA LYS B 14 21.10 34.62 9.21
C LYS B 14 20.96 34.12 7.82
N ALA B 15 20.65 32.80 7.69
CA ALA B 15 20.40 32.15 6.45
C ALA B 15 18.97 32.42 6.11
N GLN B 16 18.56 32.13 4.85
CA GLN B 16 17.20 32.38 4.45
C GLN B 16 16.28 31.37 5.08
N LYS B 17 15.14 31.85 5.62
CA LYS B 17 14.17 30.95 6.15
C LYS B 17 13.16 30.77 5.06
N ASN B 18 12.85 29.51 4.73
CA ASN B 18 11.83 29.26 3.76
C ASN B 18 10.73 28.69 4.60
N ILE B 19 9.45 28.89 4.19
CA ILE B 19 8.36 28.42 5.01
C ILE B 19 7.88 27.08 4.53
N THR B 20 8.23 26.03 5.30
CA THR B 20 7.81 24.71 4.96
C THR B 20 7.07 24.24 6.16
N LYS B 21 6.71 22.95 6.16
CA LYS B 21 6.13 22.32 7.31
C LYS B 21 7.28 21.66 8.00
N THR B 22 7.11 21.41 9.31
CA THR B 22 8.14 20.73 10.03
C THR B 22 7.71 19.32 10.23
N ASP B 23 8.72 18.44 10.33
CA ASP B 23 8.50 17.09 10.70
C ASP B 23 8.93 17.01 12.12
N LYS B 24 8.98 15.79 12.68
CA LYS B 24 9.35 15.54 14.06
C LYS B 24 10.78 15.94 14.36
N LYS B 25 11.74 15.62 13.47
CA LYS B 25 13.10 16.00 13.81
C LYS B 25 13.64 16.85 12.70
N LYS B 26 14.97 17.07 12.69
CA LYS B 26 15.68 17.88 11.73
C LYS B 26 15.65 17.31 10.32
N LYS B 27 15.82 15.98 10.16
CA LYS B 27 15.81 15.35 8.86
C LYS B 27 14.42 14.84 8.62
N ARG B 28 14.00 14.74 7.34
CA ARG B 28 12.67 14.26 7.05
C ARG B 28 12.80 12.80 6.72
N LYS B 29 12.06 11.93 7.44
CA LYS B 29 12.16 10.54 7.16
C LYS B 29 10.79 9.95 7.30
N ARG B 30 10.10 9.76 6.16
CA ARG B 30 8.80 9.13 6.18
C ARG B 30 8.95 7.99 5.22
N LYS B 31 8.54 6.76 5.62
CA LYS B 31 8.67 5.65 4.70
C LYS B 31 7.37 4.91 4.62
N GLU B 32 6.54 5.19 3.60
CA GLU B 32 5.32 4.44 3.41
C GLU B 32 4.98 4.70 1.98
N SER B 33 5.60 4.02 0.96
CA SER B 33 5.22 4.74 -0.25
C SER B 33 5.68 3.97 -1.49
N TYR B 34 4.84 3.98 -2.52
CA TYR B 34 5.14 3.29 -3.77
C TYR B 34 4.89 4.23 -4.93
N ALA B 35 5.01 5.52 -4.67
CA ALA B 35 4.78 6.58 -5.67
C ALA B 35 5.46 6.30 -7.00
N ILE B 36 6.75 6.03 -6.96
CA ILE B 36 7.53 5.77 -8.16
C ILE B 36 7.07 4.47 -8.84
N TYR B 37 6.76 3.46 -8.04
CA TYR B 37 6.32 2.17 -8.55
C TYR B 37 4.95 2.28 -9.23
N ILE B 38 4.07 3.06 -8.63
CA ILE B 38 2.73 3.27 -9.18
C ILE B 38 2.80 3.87 -10.58
N TYR B 39 3.67 4.85 -10.75
CA TYR B 39 3.83 5.50 -12.04
C TYR B 39 4.38 4.51 -13.07
N LYS B 40 5.23 3.60 -12.60
CA LYS B 40 5.82 2.59 -13.47
C LYS B 40 4.74 1.64 -13.98
N VAL B 41 3.87 1.20 -13.07
CA VAL B 41 2.78 0.30 -13.43
C VAL B 41 1.79 1.00 -14.34
N LEU B 42 1.58 2.29 -14.13
CA LEU B 42 0.66 3.07 -14.93
C LEU B 42 1.18 3.16 -16.36
N LYS B 43 2.49 3.40 -16.49
CA LYS B 43 3.13 3.51 -17.80
C LYS B 43 3.03 2.22 -18.60
N GLN B 44 2.75 1.12 -17.92
CA GLN B 44 2.62 -0.17 -18.58
C GLN B 44 1.32 -0.23 -19.35
N VAL B 45 0.24 0.25 -18.75
CA VAL B 45 -1.06 0.21 -19.39
C VAL B 45 -1.36 1.51 -20.12
N HIS B 46 -1.19 2.63 -19.43
CA HIS B 46 -1.46 3.93 -20.02
C HIS B 46 -0.20 4.81 -20.02
N PRO B 47 0.62 4.70 -21.08
CA PRO B 47 1.86 5.48 -21.20
C PRO B 47 1.62 6.96 -21.47
N ASP B 48 0.43 7.30 -21.93
CA ASP B 48 0.09 8.69 -22.23
C ASP B 48 -0.68 9.34 -21.09
N THR B 49 -0.82 8.60 -20.00
CA THR B 49 -1.54 9.10 -18.83
C THR B 49 -0.58 9.35 -17.67
N GLY B 50 -0.78 10.45 -16.96
CA GLY B 50 0.06 10.78 -15.83
C GLY B 50 -0.75 10.93 -14.56
N ILE B 51 -0.07 11.24 -13.45
CA ILE B 51 -0.73 11.39 -12.17
C ILE B 51 -0.44 12.77 -11.58
N SER B 52 -1.43 13.36 -10.91
CA SER B 52 -1.24 14.66 -10.28
C SER B 52 -0.62 14.49 -8.90
N SER B 53 -0.10 15.58 -8.35
CA SER B 53 0.52 15.56 -7.04
C SER B 53 -0.49 15.16 -5.97
N LYS B 54 -1.73 15.64 -6.15
CA LYS B 54 -2.81 15.36 -5.21
C LYS B 54 -3.22 13.90 -5.31
N ALA B 55 -3.42 13.41 -6.53
CA ALA B 55 -3.83 12.04 -6.75
C ALA B 55 -2.78 11.06 -6.23
N MET B 56 -1.52 11.41 -6.38
CA MET B 56 -0.42 10.57 -5.92
C MET B 56 -0.51 10.34 -4.41
N SER B 57 -0.72 11.42 -3.66
CA SER B 57 -0.83 11.33 -2.21
C SER B 57 -2.06 10.52 -1.81
N ILE B 58 -3.13 10.68 -2.57
CA ILE B 58 -4.36 9.96 -2.30
C ILE B 58 -4.20 8.48 -2.67
N MET B 59 -3.56 8.22 -3.80
CA MET B 59 -3.34 6.85 -4.28
C MET B 59 -2.59 6.03 -3.22
N ASN B 60 -1.44 6.54 -2.80
CA ASN B 60 -0.62 5.85 -1.81
C ASN B 60 -1.42 5.60 -0.52
N SER B 61 -2.19 6.59 -0.09
CA SER B 61 -2.99 6.47 1.11
C SER B 61 -4.15 5.48 0.91
N PHE B 62 -4.70 5.45 -0.30
CA PHE B 62 -5.79 4.54 -0.61
C PHE B 62 -5.32 3.10 -0.59
N VAL B 63 -4.19 2.84 -1.26
CA VAL B 63 -3.62 1.51 -1.31
C VAL B 63 -3.28 1.04 0.11
N ASN B 64 -2.74 1.95 0.90
CA ASN B 64 -2.38 1.66 2.28
C ASN B 64 -3.62 1.32 3.10
N ASP B 65 -4.65 2.15 2.95
CA ASP B 65 -5.90 1.95 3.68
C ASP B 65 -6.61 0.66 3.24
N ILE B 66 -6.51 0.35 1.95
CA ILE B 66 -7.13 -0.84 1.41
C ILE B 66 -6.41 -2.10 1.90
N PHE B 67 -5.08 -2.07 1.83
CA PHE B 67 -4.27 -3.20 2.28
C PHE B 67 -4.50 -3.44 3.77
N GLU B 68 -4.77 -2.37 4.49
CA GLU B 68 -5.04 -2.43 5.92
C GLU B 68 -6.22 -3.37 6.20
N ARG B 69 -7.17 -3.41 5.27
CA ARG B 69 -8.35 -4.27 5.41
C ARG B 69 -7.98 -5.72 5.14
N ILE B 70 -7.12 -5.91 4.14
CA ILE B 70 -6.67 -7.25 3.76
C ILE B 70 -5.91 -7.88 4.92
N ALA B 71 -5.19 -7.03 5.66
CA ALA B 71 -4.42 -7.48 6.80
C ALA B 71 -5.33 -8.03 7.89
N ALA B 72 -6.53 -7.46 8.00
CA ALA B 72 -7.50 -7.88 8.99
C ALA B 72 -7.98 -9.30 8.69
N GLU B 73 -8.23 -9.57 7.41
CA GLU B 73 -8.70 -10.87 6.97
C GLU B 73 -7.57 -11.90 7.10
N ALA B 74 -6.38 -11.50 6.68
CA ALA B 74 -5.21 -12.39 6.75
C ALA B 74 -4.93 -12.80 8.19
N SER B 75 -5.03 -11.85 9.10
CA SER B 75 -4.80 -12.11 10.52
C SER B 75 -5.87 -13.04 11.07
N ARG B 76 -7.11 -12.86 10.60
CA ARG B 76 -8.22 -13.69 11.04
C ARG B 76 -7.95 -15.16 10.72
N LEU B 77 -7.42 -15.40 9.52
CA LEU B 77 -7.09 -16.75 9.08
C LEU B 77 -5.95 -17.32 9.90
N ALA B 78 -5.03 -16.44 10.31
CA ALA B 78 -3.89 -16.83 11.12
C ALA B 78 -4.36 -17.33 12.48
N HIS B 79 -5.41 -16.70 13.00
CA HIS B 79 -5.98 -17.07 14.28
C HIS B 79 -6.51 -18.50 14.22
N TYR B 80 -7.16 -18.83 13.10
CA TYR B 80 -7.72 -20.16 12.90
C TYR B 80 -6.59 -21.16 12.67
N ASN B 81 -5.47 -20.66 12.17
CA ASN B 81 -4.30 -21.50 11.91
C ASN B 81 -3.50 -21.66 13.20
N LYS B 82 -3.93 -20.94 14.24
CA LYS B 82 -3.29 -20.97 15.54
C LYS B 82 -1.85 -20.48 15.45
N ARG B 83 -1.65 -19.44 14.65
CA ARG B 83 -0.33 -18.85 14.46
C ARG B 83 -0.39 -17.34 14.57
N SER B 84 0.57 -16.76 15.27
CA SER B 84 0.64 -15.31 15.43
C SER B 84 1.55 -14.73 14.35
N THR B 85 1.83 -15.53 13.34
CA THR B 85 2.68 -15.12 12.24
C THR B 85 1.95 -15.33 10.91
N ILE B 86 1.87 -14.28 10.11
CA ILE B 86 1.19 -14.36 8.82
C ILE B 86 2.08 -15.04 7.78
N THR B 87 1.62 -16.17 7.25
CA THR B 87 2.38 -16.88 6.25
C THR B 87 1.77 -16.64 4.87
N SER B 88 2.36 -17.25 3.84
CA SER B 88 1.87 -17.09 2.49
C SER B 88 0.47 -17.67 2.31
N ARG B 89 0.17 -18.71 3.09
CA ARG B 89 -1.12 -19.37 3.02
C ARG B 89 -2.26 -18.42 3.38
N GLU B 90 -2.05 -17.63 4.44
CA GLU B 90 -3.06 -16.67 4.88
C GLU B 90 -3.32 -15.63 3.79
N ILE B 91 -2.24 -15.10 3.23
CA ILE B 91 -2.32 -14.08 2.19
C ILE B 91 -3.05 -14.60 0.95
N GLN B 92 -2.62 -15.76 0.46
CA GLN B 92 -3.22 -16.36 -0.73
C GLN B 92 -4.72 -16.60 -0.57
N THR B 93 -5.13 -16.97 0.64
CA THR B 93 -6.53 -17.23 0.91
C THR B 93 -7.33 -15.94 1.14
N ALA B 94 -6.72 -14.98 1.82
CA ALA B 94 -7.37 -13.71 2.12
C ALA B 94 -7.82 -13.00 0.83
N VAL B 95 -6.92 -12.92 -0.14
CA VAL B 95 -7.20 -12.27 -1.41
C VAL B 95 -8.33 -13.00 -2.16
N ARG B 96 -8.35 -14.31 -2.04
CA ARG B 96 -9.36 -15.14 -2.71
C ARG B 96 -10.71 -15.03 -2.02
N LEU B 97 -10.72 -14.48 -0.81
CA LEU B 97 -11.95 -14.33 -0.06
C LEU B 97 -12.51 -12.92 -0.21
N LEU B 98 -11.64 -11.92 -0.19
CA LEU B 98 -12.06 -10.54 -0.31
C LEU B 98 -12.39 -10.17 -1.75
N LEU B 99 -11.61 -10.68 -2.69
CA LEU B 99 -11.84 -10.39 -4.09
C LEU B 99 -12.18 -11.65 -4.87
N PRO B 100 -12.81 -11.51 -6.05
CA PRO B 100 -13.17 -12.66 -6.90
C PRO B 100 -11.94 -13.45 -7.32
N GLY B 101 -12.13 -14.75 -7.57
CA GLY B 101 -11.04 -15.61 -7.98
C GLY B 101 -10.30 -15.08 -9.20
N GLU B 102 -11.03 -14.47 -10.11
CA GLU B 102 -10.45 -13.91 -11.33
C GLU B 102 -9.46 -12.81 -11.02
N LEU B 103 -9.73 -12.01 -9.99
CA LEU B 103 -8.84 -10.92 -9.62
C LEU B 103 -7.75 -11.42 -8.69
N ALA B 104 -8.11 -12.35 -7.80
CA ALA B 104 -7.19 -12.93 -6.85
C ALA B 104 -6.03 -13.63 -7.56
N LYS B 105 -6.35 -14.32 -8.65
CA LYS B 105 -5.32 -15.03 -9.41
C LYS B 105 -4.33 -14.06 -10.07
N HIS B 106 -4.74 -12.81 -10.21
CA HIS B 106 -3.87 -11.81 -10.82
C HIS B 106 -2.87 -11.27 -9.81
N ALA B 107 -3.31 -11.14 -8.57
CA ALA B 107 -2.46 -10.64 -7.50
C ALA B 107 -1.50 -11.71 -7.01
N VAL B 108 -1.97 -12.94 -6.95
CA VAL B 108 -1.16 -14.05 -6.46
C VAL B 108 -0.29 -14.68 -7.55
N SER B 109 -0.92 -15.27 -8.55
CA SER B 109 -0.20 -15.97 -9.62
C SER B 109 0.59 -15.04 -10.56
N GLU B 110 0.62 -13.76 -10.28
CA GLU B 110 1.36 -12.83 -11.15
C GLU B 110 2.20 -11.86 -10.32
N GLY B 111 1.61 -11.33 -9.26
CA GLY B 111 2.32 -10.38 -8.42
C GLY B 111 3.52 -10.96 -7.71
N THR B 112 3.36 -12.14 -7.12
CA THR B 112 4.46 -12.78 -6.39
C THR B 112 5.70 -12.97 -7.26
N LYS B 113 5.49 -13.30 -8.52
CA LYS B 113 6.61 -13.51 -9.44
C LYS B 113 7.31 -12.20 -9.78
N ALA B 114 6.65 -11.09 -9.50
CA ALA B 114 7.22 -9.79 -9.77
C ALA B 114 8.03 -9.29 -8.58
N VAL B 115 7.46 -9.46 -7.39
CA VAL B 115 8.11 -9.03 -6.16
C VAL B 115 9.32 -9.91 -5.83
N THR B 116 9.36 -11.10 -6.41
CA THR B 116 10.49 -11.99 -6.19
C THR B 116 11.76 -11.33 -6.70
N LYS B 117 11.59 -10.48 -7.71
CA LYS B 117 12.70 -9.76 -8.31
C LYS B 117 13.05 -8.54 -7.46
N TYR B 118 12.18 -8.22 -6.51
CA TYR B 118 12.40 -7.07 -5.64
C TYR B 118 13.28 -7.46 -4.47
N THR B 119 13.00 -8.62 -3.89
CA THR B 119 13.77 -9.13 -2.78
C THR B 119 15.10 -9.69 -3.26
N SER B 120 15.04 -10.54 -4.27
CA SER B 120 16.23 -11.15 -4.82
C SER B 120 16.67 -10.40 -6.08
N SER B 121 17.80 -9.70 -5.98
CA SER B 121 18.32 -8.95 -7.09
C SER B 121 19.83 -9.17 -7.23
N LYS B 122 20.33 -9.14 -8.45
CA LYS B 122 21.74 -9.34 -8.69
C LYS B 122 22.33 -8.14 -9.44
N SER A 1 36.61 3.37 -21.82
CA SER A 1 38.04 3.35 -21.42
C SER A 1 38.59 1.99 -21.66
N GLY A 2 39.91 1.83 -21.48
CA GLY A 2 40.55 0.56 -21.72
C GLY A 2 39.98 -0.49 -20.81
N ARG A 3 39.77 -0.18 -19.52
CA ARG A 3 39.30 -1.19 -18.60
C ARG A 3 37.94 -1.65 -19.01
N GLY A 4 37.09 -0.73 -19.48
CA GLY A 4 35.77 -1.07 -19.91
C GLY A 4 34.99 0.20 -19.98
N LYS A 5 33.68 0.07 -20.24
CA LYS A 5 32.84 1.23 -20.32
C LYS A 5 32.04 1.27 -19.06
N GLY A 6 32.02 2.43 -18.37
CA GLY A 6 31.27 2.63 -17.18
C GLY A 6 31.63 3.98 -16.70
N GLY A 7 30.72 4.64 -15.95
CA GLY A 7 31.00 5.96 -15.47
C GLY A 7 30.01 6.27 -14.40
N LYS A 8 30.36 7.24 -13.55
CA LYS A 8 29.47 7.60 -12.50
C LYS A 8 29.17 9.04 -12.73
N VAL A 9 28.01 9.54 -12.27
CA VAL A 9 27.68 10.93 -12.41
C VAL A 9 27.95 11.54 -11.06
N LYS A 10 28.64 12.71 -11.05
CA LYS A 10 29.08 13.40 -9.85
C LYS A 10 27.94 13.51 -8.89
N GLY A 11 27.97 12.66 -7.83
CA GLY A 11 26.98 12.70 -6.78
C GLY A 11 25.91 11.63 -6.81
N LYS A 12 25.91 10.65 -7.74
CA LYS A 12 24.79 9.74 -7.63
C LYS A 12 25.30 8.37 -7.29
N ALA A 13 24.38 7.51 -6.78
CA ALA A 13 24.67 6.14 -6.48
C ALA A 13 24.30 5.34 -7.69
N LYS A 14 24.86 4.12 -7.81
CA LYS A 14 24.55 3.29 -8.94
C LYS A 14 23.45 2.34 -8.54
N SER A 15 22.56 2.05 -9.50
CA SER A 15 21.39 1.23 -9.33
C SER A 15 21.71 -0.17 -8.89
N ARG A 16 22.93 -0.66 -9.18
CA ARG A 16 23.35 -2.01 -8.86
C ARG A 16 23.32 -2.22 -7.37
N SER A 17 23.54 -1.16 -6.55
CA SER A 17 23.53 -1.26 -5.11
C SER A 17 22.31 -2.00 -4.66
N ASN A 18 22.55 -3.23 -4.17
CA ASN A 18 21.53 -4.18 -3.87
C ASN A 18 21.12 -4.03 -2.44
N ARG A 19 19.97 -4.65 -2.14
CA ARG A 19 19.25 -4.67 -0.90
C ARG A 19 19.81 -5.78 -0.04
N ALA A 20 19.60 -5.70 1.30
CA ALA A 20 20.08 -6.66 2.29
C ALA A 20 19.46 -7.99 2.01
N GLY A 21 18.21 -7.89 1.52
CA GLY A 21 17.26 -8.82 1.03
C GLY A 21 16.17 -7.85 0.81
N LEU A 22 14.98 -8.20 0.25
CA LEU A 22 14.14 -7.03 0.42
C LEU A 22 13.68 -6.90 1.87
N GLN A 23 13.80 -5.70 2.42
CA GLN A 23 13.38 -5.47 3.79
C GLN A 23 12.28 -4.43 3.84
N PHE A 24 11.53 -4.43 4.93
CA PHE A 24 10.44 -3.50 5.11
C PHE A 24 10.67 -2.61 6.33
N PRO A 25 10.22 -1.35 6.27
CA PRO A 25 10.39 -0.41 7.38
C PRO A 25 9.75 -0.91 8.68
N VAL A 26 10.56 -1.01 9.72
CA VAL A 26 10.09 -1.49 11.02
C VAL A 26 8.99 -0.58 11.57
N GLY A 27 9.13 0.73 11.32
CA GLY A 27 8.14 1.69 11.76
C GLY A 27 6.77 1.36 11.19
N ARG A 28 6.76 0.97 9.92
CA ARG A 28 5.53 0.61 9.24
C ARG A 28 4.97 -0.67 9.85
N ILE A 29 5.84 -1.66 10.04
CA ILE A 29 5.45 -2.94 10.62
C ILE A 29 4.83 -2.75 12.00
N HIS A 30 5.42 -1.87 12.80
CA HIS A 30 4.94 -1.59 14.15
C HIS A 30 3.49 -1.11 14.10
N ARG A 31 3.18 -0.24 13.15
CA ARG A 31 1.83 0.28 12.99
C ARG A 31 0.89 -0.81 12.54
N LEU A 32 1.37 -1.61 11.58
CA LEU A 32 0.59 -2.72 11.03
C LEU A 32 0.27 -3.75 12.11
N LEU A 33 1.25 -4.01 12.98
CA LEU A 33 1.08 -4.98 14.06
C LEU A 33 -0.08 -4.57 14.98
N ARG A 34 -0.22 -3.28 15.18
CA ARG A 34 -1.26 -2.75 16.05
C ARG A 34 -2.59 -2.55 15.32
N LYS A 35 -2.57 -1.68 14.32
CA LYS A 35 -3.77 -1.35 13.55
C LYS A 35 -4.35 -2.58 12.86
N GLY A 36 -3.48 -3.43 12.34
CA GLY A 36 -3.92 -4.62 11.65
C GLY A 36 -4.23 -5.76 12.59
N ASN A 37 -3.96 -5.56 13.87
CA ASN A 37 -4.21 -6.58 14.89
C ASN A 37 -3.53 -7.90 14.52
N TYR A 38 -2.23 -7.82 14.27
CA TYR A 38 -1.45 -8.98 13.88
C TYR A 38 -1.37 -10.02 14.99
N ALA A 39 -0.93 -11.21 14.61
CA ALA A 39 -0.80 -12.32 15.53
C ALA A 39 0.47 -12.17 16.39
N GLU A 40 1.35 -13.15 16.35
CA GLU A 40 2.57 -13.08 17.14
C GLU A 40 3.79 -12.90 16.24
N ARG A 41 3.99 -13.85 15.34
CA ARG A 41 5.13 -13.81 14.43
C ARG A 41 4.66 -13.87 12.99
N VAL A 42 5.57 -13.61 12.07
CA VAL A 42 5.27 -13.64 10.64
C VAL A 42 6.22 -14.57 9.91
N GLY A 43 5.69 -15.33 8.96
CA GLY A 43 6.51 -16.26 8.22
C GLY A 43 7.23 -15.60 7.06
N ALA A 44 8.34 -16.19 6.64
CA ALA A 44 9.13 -15.64 5.54
C ALA A 44 8.37 -15.73 4.23
N GLY A 45 8.31 -14.62 3.51
CA GLY A 45 7.62 -14.58 2.25
C GLY A 45 6.22 -13.99 2.37
N ALA A 46 5.71 -13.91 3.59
CA ALA A 46 4.38 -13.37 3.84
C ALA A 46 4.28 -11.88 3.45
N PRO A 47 5.15 -11.00 4.00
CA PRO A 47 5.10 -9.56 3.67
C PRO A 47 5.40 -9.31 2.19
N VAL A 48 6.21 -10.18 1.61
CA VAL A 48 6.57 -10.06 0.20
C VAL A 48 5.38 -10.38 -0.69
N TYR A 49 4.60 -11.38 -0.29
CA TYR A 49 3.42 -11.80 -1.03
C TYR A 49 2.43 -10.63 -1.15
N LEU A 50 2.24 -9.92 -0.04
CA LEU A 50 1.32 -8.79 0.00
C LEU A 50 1.87 -7.60 -0.77
N ALA A 51 3.18 -7.46 -0.80
CA ALA A 51 3.83 -6.35 -1.51
C ALA A 51 3.48 -6.39 -2.99
N ALA A 52 3.58 -7.56 -3.60
CA ALA A 52 3.26 -7.72 -5.01
C ALA A 52 1.78 -7.46 -5.27
N VAL A 53 0.95 -7.83 -4.30
CA VAL A 53 -0.49 -7.62 -4.40
C VAL A 53 -0.80 -6.13 -4.48
N MET A 54 -0.09 -5.34 -3.67
CA MET A 54 -0.27 -3.89 -3.65
C MET A 54 0.09 -3.30 -5.01
N GLU A 55 1.23 -3.75 -5.54
CA GLU A 55 1.71 -3.28 -6.83
C GLU A 55 0.75 -3.67 -7.96
N TYR A 56 0.21 -4.88 -7.87
CA TYR A 56 -0.73 -5.35 -8.87
C TYR A 56 -2.04 -4.58 -8.80
N LEU A 57 -2.55 -4.38 -7.59
CA LEU A 57 -3.80 -3.66 -7.39
C LEU A 57 -3.70 -2.24 -7.91
N ALA A 58 -2.57 -1.59 -7.68
CA ALA A 58 -2.36 -0.23 -8.14
C ALA A 58 -2.41 -0.15 -9.66
N ALA A 59 -1.82 -1.15 -10.32
CA ALA A 59 -1.79 -1.20 -11.79
C ALA A 59 -3.17 -1.50 -12.35
N GLU A 60 -3.84 -2.50 -11.77
CA GLU A 60 -5.17 -2.92 -12.22
C GLU A 60 -6.15 -1.75 -12.14
N VAL A 61 -6.14 -1.04 -11.01
CA VAL A 61 -7.04 0.09 -10.81
C VAL A 61 -6.64 1.26 -11.72
N LEU A 62 -5.34 1.44 -11.92
CA LEU A 62 -4.84 2.52 -12.77
C LEU A 62 -5.43 2.42 -14.17
N GLU A 63 -5.50 1.20 -14.69
CA GLU A 63 -6.05 0.97 -16.03
C GLU A 63 -7.53 1.35 -16.07
N LEU A 64 -8.25 0.98 -15.01
CA LEU A 64 -9.68 1.28 -14.91
C LEU A 64 -9.91 2.79 -14.85
N ALA A 65 -9.14 3.45 -14.00
CA ALA A 65 -9.24 4.90 -13.85
C ALA A 65 -8.88 5.59 -15.16
N GLY A 66 -7.95 5.00 -15.89
CA GLY A 66 -7.53 5.54 -17.16
C GLY A 66 -8.65 5.52 -18.18
N ASN A 67 -9.50 4.50 -18.08
CA ASN A 67 -10.64 4.37 -19.00
C ASN A 67 -11.58 5.53 -18.81
N ALA A 68 -11.74 5.97 -17.57
CA ALA A 68 -12.62 7.08 -17.24
C ALA A 68 -11.96 8.41 -17.62
N ALA A 69 -10.65 8.47 -17.43
CA ALA A 69 -9.89 9.68 -17.77
C ALA A 69 -9.87 9.89 -19.27
N ARG A 70 -9.70 8.80 -20.02
CA ARG A 70 -9.66 8.84 -21.48
C ARG A 70 -11.00 9.32 -22.05
N ASP A 71 -12.09 8.84 -21.47
CA ASP A 71 -13.43 9.21 -21.92
C ASP A 71 -13.70 10.69 -21.72
N ASN A 72 -13.08 11.27 -20.70
CA ASN A 72 -13.27 12.68 -20.41
C ASN A 72 -12.13 13.52 -21.00
N LYS A 73 -11.20 12.83 -21.67
CA LYS A 73 -10.04 13.47 -22.29
C LYS A 73 -9.23 14.26 -21.27
N LYS A 74 -9.06 13.66 -20.10
CA LYS A 74 -8.30 14.29 -19.03
C LYS A 74 -6.80 14.14 -19.26
N THR A 75 -6.10 15.26 -19.26
CA THR A 75 -4.65 15.25 -19.45
C THR A 75 -3.92 15.11 -18.12
N ARG A 76 -4.63 15.41 -17.04
CA ARG A 76 -4.05 15.32 -15.71
C ARG A 76 -5.11 14.87 -14.72
N ILE A 77 -4.81 13.82 -13.96
CA ILE A 77 -5.74 13.30 -12.96
C ILE A 77 -5.81 14.25 -11.78
N ILE A 78 -7.02 14.69 -11.47
CA ILE A 78 -7.24 15.60 -10.36
C ILE A 78 -7.91 14.87 -9.19
N PRO A 79 -7.67 15.34 -7.96
CA PRO A 79 -8.24 14.73 -6.74
C PRO A 79 -9.77 14.54 -6.82
N ARG A 80 -10.47 15.55 -7.32
CA ARG A 80 -11.92 15.48 -7.43
C ARG A 80 -12.35 14.34 -8.36
N HIS A 81 -11.55 14.09 -9.39
CA HIS A 81 -11.85 13.01 -10.33
C HIS A 81 -11.83 11.68 -9.60
N LEU A 82 -10.80 11.47 -8.78
CA LEU A 82 -10.66 10.23 -8.02
C LEU A 82 -11.75 10.15 -6.95
N GLN A 83 -12.07 11.29 -6.37
CA GLN A 83 -13.10 11.38 -5.33
C GLN A 83 -14.46 10.96 -5.87
N LEU A 84 -14.60 11.01 -7.19
CA LEU A 84 -15.85 10.62 -7.85
C LEU A 84 -15.73 9.22 -8.44
N ALA A 85 -14.61 8.97 -9.11
CA ALA A 85 -14.36 7.68 -9.76
C ALA A 85 -14.29 6.52 -8.78
N ILE A 86 -13.64 6.72 -7.65
CA ILE A 86 -13.51 5.67 -6.65
C ILE A 86 -14.81 5.48 -5.86
N ARG A 87 -15.54 6.57 -5.68
CA ARG A 87 -16.80 6.53 -4.94
C ARG A 87 -17.91 5.92 -5.80
N ASN A 88 -17.95 6.32 -7.07
CA ASN A 88 -18.96 5.84 -8.01
C ASN A 88 -18.51 4.59 -8.72
N ASP A 89 -17.85 3.69 -8.00
CA ASP A 89 -17.38 2.45 -8.60
C ASP A 89 -17.92 1.25 -7.84
N GLU A 90 -18.03 0.13 -8.54
CA GLU A 90 -18.53 -1.10 -7.96
C GLU A 90 -17.40 -2.07 -7.62
N GLU A 91 -16.32 -2.04 -8.39
CA GLU A 91 -15.21 -2.95 -8.16
C GLU A 91 -14.23 -2.39 -7.15
N LEU A 92 -13.97 -1.08 -7.24
CA LEU A 92 -13.05 -0.43 -6.31
C LEU A 92 -13.62 -0.44 -4.90
N ASN A 93 -14.94 -0.55 -4.80
CA ASN A 93 -15.61 -0.59 -3.51
C ASN A 93 -15.49 -1.96 -2.89
N LYS A 94 -15.14 -2.94 -3.70
CA LYS A 94 -14.97 -4.31 -3.22
C LYS A 94 -13.58 -4.50 -2.64
N LEU A 95 -12.64 -3.69 -3.09
CA LEU A 95 -11.26 -3.76 -2.63
C LEU A 95 -11.15 -3.34 -1.17
N LEU A 96 -12.13 -2.59 -0.69
CA LEU A 96 -12.14 -2.13 0.69
C LEU A 96 -12.79 -3.18 1.60
N SER A 97 -13.06 -4.34 1.02
CA SER A 97 -13.69 -5.43 1.75
C SER A 97 -12.72 -6.61 1.89
N GLY A 98 -13.46 -7.64 1.47
CA GLY A 98 -13.69 -9.03 1.34
C GLY A 98 -14.77 -9.51 2.27
N VAL A 99 -15.40 -10.63 1.89
CA VAL A 99 -16.34 -11.27 2.72
C VAL A 99 -15.61 -12.51 3.07
N THR A 100 -15.47 -12.85 4.36
CA THR A 100 -14.69 -14.01 4.67
C THR A 100 -15.67 -15.07 5.11
N ILE A 101 -15.24 -16.36 5.10
CA ILE A 101 -16.07 -17.47 5.46
C ILE A 101 -16.52 -17.26 6.88
N ALA A 102 -17.87 -17.20 7.07
CA ALA A 102 -18.45 -16.85 8.34
C ALA A 102 -17.96 -17.75 9.42
N GLN A 103 -17.10 -17.18 10.29
CA GLN A 103 -16.52 -17.80 11.45
C GLN A 103 -17.55 -17.92 12.54
N GLY A 104 -18.37 -16.86 12.74
CA GLY A 104 -19.49 -16.92 13.64
C GLY A 104 -19.13 -16.34 14.98
N GLY A 105 -17.89 -16.61 15.41
CA GLY A 105 -17.44 -16.12 16.68
C GLY A 105 -17.44 -17.26 17.65
N VAL A 106 -16.26 -17.54 18.21
CA VAL A 106 -16.10 -18.60 19.15
C VAL A 106 -15.75 -17.88 20.41
N LEU A 107 -16.32 -18.31 21.57
CA LEU A 107 -16.04 -17.68 22.84
C LEU A 107 -14.89 -18.39 23.47
N PRO A 108 -14.00 -17.62 24.07
CA PRO A 108 -12.85 -18.21 24.72
C PRO A 108 -13.15 -18.62 26.12
N ASN A 109 -12.40 -19.62 26.63
CA ASN A 109 -12.54 -19.99 28.00
C ASN A 109 -11.15 -19.98 28.54
N ILE A 110 -10.95 -19.29 29.69
CA ILE A 110 -9.66 -19.16 30.35
C ILE A 110 -9.21 -20.48 30.93
N GLN A 111 -10.10 -21.18 31.67
CA GLN A 111 -9.82 -22.45 32.29
C GLN A 111 -10.12 -23.54 31.30
N ALA A 112 -9.47 -24.71 31.47
CA ALA A 112 -9.69 -25.83 30.60
C ALA A 112 -11.04 -26.41 30.92
N VAL A 113 -11.79 -26.75 29.86
CA VAL A 113 -13.12 -27.29 30.02
C VAL A 113 -13.13 -28.61 29.33
N LEU A 114 -13.56 -29.66 30.05
CA LEU A 114 -13.72 -30.98 29.48
C LEU A 114 -15.19 -31.03 29.14
N LEU A 115 -15.54 -31.69 28.03
CA LEU A 115 -16.92 -31.72 27.63
C LEU A 115 -17.52 -33.02 28.07
N PRO A 116 -18.74 -32.96 28.56
CA PRO A 116 -19.47 -34.14 29.00
C PRO A 116 -20.06 -35.10 28.00
N LYS A 117 -20.19 -34.75 26.69
CA LYS A 117 -20.85 -35.62 25.74
C LYS A 117 -20.18 -36.96 25.72
N LYS A 118 -20.95 -37.98 26.16
CA LYS A 118 -20.48 -39.32 26.27
C LYS A 118 -21.04 -40.12 25.13
N THR A 119 -20.86 -41.45 25.21
CA THR A 119 -21.31 -42.42 24.24
C THR A 119 -22.80 -42.41 24.14
N GLU A 120 -23.48 -42.36 25.31
CA GLU A 120 -24.90 -42.39 25.45
C GLU A 120 -25.28 -41.01 25.87
N LYS A 121 -26.51 -40.57 25.51
CA LYS A 121 -26.97 -39.26 25.91
C LYS A 121 -27.55 -39.43 27.28
N LYS A 122 -27.19 -38.51 28.20
CA LYS A 122 -27.69 -38.55 29.54
C LYS A 122 -28.79 -37.55 29.59
N ALA A 123 -29.75 -37.74 30.52
CA ALA A 123 -30.87 -36.83 30.64
C ALA A 123 -30.55 -35.89 31.79
N PRO B 1 30.29 21.34 1.21
CA PRO B 1 30.05 22.63 1.94
C PRO B 1 28.79 23.17 1.36
N PRO B 2 28.17 24.14 1.99
CA PRO B 2 27.04 24.82 1.40
C PRO B 2 27.56 25.82 0.42
N LYS B 3 26.76 26.19 -0.60
CA LYS B 3 27.26 27.09 -1.59
C LYS B 3 27.46 28.46 -1.03
N THR B 4 28.73 28.93 -1.06
CA THR B 4 29.14 30.22 -0.62
C THR B 4 28.58 31.24 -1.59
N SER B 5 28.42 30.83 -2.87
CA SER B 5 27.94 31.61 -3.99
C SER B 5 26.68 32.32 -3.63
N GLY B 6 26.71 33.67 -3.70
CA GLY B 6 25.59 34.50 -3.38
C GLY B 6 26.11 35.90 -3.29
N LYS B 7 25.33 36.80 -2.68
CA LYS B 7 25.79 38.14 -2.47
C LYS B 7 25.79 38.40 -0.99
N ALA B 8 26.99 38.67 -0.42
CA ALA B 8 27.20 38.83 1.01
C ALA B 8 26.33 39.92 1.57
N ALA B 9 26.12 41.02 0.81
CA ALA B 9 25.35 42.14 1.27
C ALA B 9 23.94 41.76 1.62
N LYS B 10 23.29 40.88 0.83
CA LYS B 10 21.90 40.62 1.12
C LYS B 10 21.70 39.23 1.64
N LYS B 11 20.43 38.89 1.92
CA LYS B 11 20.04 37.60 2.40
C LYS B 11 19.56 36.85 1.20
N ALA B 12 19.77 35.52 1.19
CA ALA B 12 19.34 34.71 0.09
C ALA B 12 18.01 34.13 0.46
N GLY B 13 17.16 33.91 -0.54
CA GLY B 13 15.84 33.35 -0.36
C GLY B 13 15.93 31.95 0.14
N LYS B 14 16.97 31.20 -0.32
CA LYS B 14 17.14 29.81 0.00
C LYS B 14 17.60 29.65 1.41
N ALA B 15 17.04 28.65 2.10
CA ALA B 15 17.47 28.39 3.44
C ALA B 15 18.22 27.09 3.38
N GLN B 16 19.27 26.94 4.21
CA GLN B 16 20.07 25.74 4.24
C GLN B 16 19.29 24.58 4.75
N LYS B 17 18.57 24.74 5.88
CA LYS B 17 17.75 23.68 6.39
C LYS B 17 16.34 24.14 6.15
N ASN B 18 15.39 23.21 6.24
CA ASN B 18 14.01 23.55 6.02
C ASN B 18 13.21 22.85 7.10
N ILE B 19 11.87 22.78 6.95
CA ILE B 19 10.97 22.22 7.94
C ILE B 19 11.29 20.79 8.27
N THR B 20 11.69 19.97 7.28
CA THR B 20 11.99 18.58 7.55
C THR B 20 13.22 18.21 6.77
N LYS B 21 13.84 17.05 7.08
CA LYS B 21 15.00 16.66 6.33
C LYS B 21 14.55 16.35 4.94
N THR B 22 14.86 17.25 3.99
CA THR B 22 14.48 17.04 2.62
C THR B 22 15.71 16.99 1.83
N ASP B 23 15.82 15.90 1.05
CA ASP B 23 16.89 15.52 0.17
C ASP B 23 17.12 16.51 -0.94
N LYS B 24 16.08 16.92 -1.70
CA LYS B 24 16.23 17.91 -2.73
C LYS B 24 15.37 19.04 -2.28
N LYS B 25 15.26 20.08 -3.12
CA LYS B 25 14.42 21.21 -2.79
C LYS B 25 13.16 21.12 -3.61
N LYS B 26 12.13 21.90 -3.19
CA LYS B 26 10.85 22.09 -3.86
C LYS B 26 10.12 20.80 -4.16
N LYS B 27 10.27 19.77 -3.31
CA LYS B 27 9.61 18.55 -3.66
C LYS B 27 8.71 18.14 -2.54
N ARG B 28 7.92 17.08 -2.76
CA ARG B 28 7.05 16.49 -1.78
C ARG B 28 7.84 15.51 -0.97
N LYS B 29 7.54 15.44 0.35
CA LYS B 29 8.21 14.45 1.13
C LYS B 29 7.20 13.77 1.98
N ARG B 30 7.19 12.44 1.87
CA ARG B 30 6.36 11.56 2.65
C ARG B 30 7.22 10.39 2.96
N LYS B 31 6.65 9.31 3.55
CA LYS B 31 7.42 8.13 3.89
C LYS B 31 7.22 7.10 2.82
N GLU B 32 6.58 5.97 3.19
CA GLU B 32 6.35 4.86 2.30
C GLU B 32 5.53 5.37 1.16
N SER B 33 6.02 5.15 -0.08
CA SER B 33 5.19 5.74 -1.11
C SER B 33 5.31 4.95 -2.41
N TYR B 34 4.21 4.87 -3.15
CA TYR B 34 4.19 4.17 -4.42
C TYR B 34 3.99 5.16 -5.55
N ALA B 35 4.27 6.43 -5.26
CA ALA B 35 4.11 7.53 -6.22
C ALA B 35 4.91 7.30 -7.49
N ILE B 36 6.15 6.86 -7.35
CA ILE B 36 6.99 6.60 -8.51
C ILE B 36 6.44 5.44 -9.32
N TYR B 37 6.01 4.39 -8.63
CA TYR B 37 5.44 3.21 -9.28
C TYR B 37 4.19 3.59 -10.08
N ILE B 38 3.34 4.41 -9.48
CA ILE B 38 2.12 4.86 -10.13
C ILE B 38 2.45 5.59 -11.44
N TYR B 39 3.41 6.49 -11.38
CA TYR B 39 3.83 7.25 -12.55
C TYR B 39 4.37 6.33 -13.64
N LYS B 40 5.16 5.34 -13.23
CA LYS B 40 5.75 4.37 -14.16
C LYS B 40 4.66 3.59 -14.90
N VAL B 41 3.66 3.12 -14.15
CA VAL B 41 2.58 2.35 -14.74
C VAL B 41 1.65 3.25 -15.54
N LEU B 42 1.44 4.46 -15.04
CA LEU B 42 0.56 5.43 -15.70
C LEU B 42 1.03 5.71 -17.12
N LYS B 43 2.31 6.01 -17.27
CA LYS B 43 2.89 6.31 -18.58
C LYS B 43 3.09 5.05 -19.40
N GLN B 44 2.81 3.89 -18.80
CA GLN B 44 2.94 2.62 -19.49
C GLN B 44 1.61 2.26 -20.14
N VAL B 45 0.53 2.50 -19.41
CA VAL B 45 -0.81 2.20 -19.92
C VAL B 45 -1.32 3.36 -20.77
N HIS B 46 -1.38 4.55 -20.19
CA HIS B 46 -1.86 5.74 -20.90
C HIS B 46 -0.82 6.86 -20.76
N PRO B 47 0.13 6.95 -21.70
CA PRO B 47 1.18 7.98 -21.67
C PRO B 47 0.63 9.40 -21.79
N ASP B 48 -0.59 9.52 -22.33
CA ASP B 48 -1.21 10.82 -22.53
C ASP B 48 -1.73 11.41 -21.22
N THR B 49 -2.09 10.54 -20.29
CA THR B 49 -2.61 10.99 -19.01
C THR B 49 -1.51 11.26 -18.00
N GLY B 50 -1.72 12.28 -17.18
CA GLY B 50 -0.77 12.64 -16.15
C GLY B 50 -1.45 12.60 -14.80
N ILE B 51 -0.70 12.82 -13.72
CA ILE B 51 -1.29 12.78 -12.40
C ILE B 51 -0.68 13.86 -11.50
N SER B 52 -1.50 14.42 -10.63
CA SER B 52 -1.05 15.46 -9.72
C SER B 52 -0.52 14.85 -8.42
N SER B 53 0.26 15.62 -7.69
CA SER B 53 0.84 15.16 -6.43
C SER B 53 -0.23 14.83 -5.40
N LYS B 54 -1.21 15.72 -5.28
CA LYS B 54 -2.30 15.55 -4.32
C LYS B 54 -3.17 14.34 -4.68
N ALA B 55 -3.25 14.03 -5.97
CA ALA B 55 -4.04 12.90 -6.43
C ALA B 55 -3.36 11.59 -6.08
N MET B 56 -2.03 11.59 -6.14
CA MET B 56 -1.25 10.39 -5.83
C MET B 56 -1.43 10.00 -4.37
N SER B 57 -1.66 11.00 -3.51
CA SER B 57 -1.87 10.76 -2.09
C SER B 57 -3.14 9.94 -1.87
N ILE B 58 -4.14 10.18 -2.71
CA ILE B 58 -5.41 9.47 -2.62
C ILE B 58 -5.21 8.00 -2.95
N MET B 59 -4.46 7.74 -4.03
CA MET B 59 -4.18 6.37 -4.45
C MET B 59 -3.30 5.68 -3.40
N ASN B 60 -2.29 6.39 -2.93
CA ASN B 60 -1.37 5.86 -1.92
C ASN B 60 -2.14 5.34 -0.70
N SER B 61 -3.06 6.16 -0.22
CA SER B 61 -3.86 5.80 0.95
C SER B 61 -4.89 4.71 0.62
N PHE B 62 -5.35 4.69 -0.63
CA PHE B 62 -6.33 3.71 -1.07
C PHE B 62 -5.71 2.31 -1.11
N VAL B 63 -4.57 2.20 -1.79
CA VAL B 63 -3.88 0.92 -1.89
C VAL B 63 -3.47 0.43 -0.50
N ASN B 64 -3.08 1.36 0.35
CA ASN B 64 -2.67 1.03 1.72
C ASN B 64 -3.83 0.48 2.51
N ASP B 65 -5.01 1.05 2.33
CA ASP B 65 -6.22 0.63 3.05
C ASP B 65 -6.56 -0.82 2.72
N ILE B 66 -6.49 -1.16 1.43
CA ILE B 66 -6.77 -2.52 0.98
C ILE B 66 -5.85 -3.51 1.67
N PHE B 67 -4.56 -3.18 1.67
CA PHE B 67 -3.54 -4.02 2.29
C PHE B 67 -3.87 -4.24 3.76
N GLU B 68 -4.25 -3.15 4.43
CA GLU B 68 -4.61 -3.20 5.85
C GLU B 68 -5.76 -4.18 6.08
N ARG B 69 -6.79 -4.07 5.27
CA ARG B 69 -7.97 -4.93 5.37
C ARG B 69 -7.62 -6.41 5.22
N ILE B 70 -6.79 -6.71 4.23
CA ILE B 70 -6.38 -8.09 3.96
C ILE B 70 -5.52 -8.63 5.10
N ALA B 71 -4.53 -7.83 5.51
CA ALA B 71 -3.61 -8.22 6.57
C ALA B 71 -4.35 -8.53 7.88
N ALA B 72 -5.34 -7.70 8.19
CA ALA B 72 -6.14 -7.87 9.41
C ALA B 72 -6.85 -9.22 9.41
N GLU B 73 -7.45 -9.57 8.29
CA GLU B 73 -8.16 -10.83 8.17
C GLU B 73 -7.19 -12.01 8.17
N ALA B 74 -5.98 -11.77 7.65
CA ALA B 74 -4.95 -12.81 7.61
C ALA B 74 -4.59 -13.23 9.04
N SER B 75 -4.43 -12.25 9.91
CA SER B 75 -4.11 -12.49 11.31
C SER B 75 -5.23 -13.30 11.96
N ARG B 76 -6.47 -12.94 11.64
CA ARG B 76 -7.62 -13.64 12.19
C ARG B 76 -7.63 -15.09 11.73
N LEU B 77 -7.41 -15.30 10.43
CA LEU B 77 -7.37 -16.63 9.85
C LEU B 77 -6.30 -17.47 10.53
N ALA B 78 -5.19 -16.81 10.88
CA ALA B 78 -4.09 -17.48 11.56
C ALA B 78 -4.52 -17.89 12.96
N HIS B 79 -5.15 -16.96 13.67
CA HIS B 79 -5.62 -17.22 15.02
C HIS B 79 -6.65 -18.34 15.04
N TYR B 80 -7.50 -18.38 14.01
CA TYR B 80 -8.53 -19.42 13.91
C TYR B 80 -7.89 -20.76 13.53
N ASN B 81 -6.65 -20.70 13.06
CA ASN B 81 -5.93 -21.90 12.66
C ASN B 81 -4.88 -22.26 13.71
N LYS B 82 -4.92 -21.55 14.84
CA LYS B 82 -3.96 -21.77 15.93
C LYS B 82 -2.54 -21.53 15.46
N ARG B 83 -2.40 -20.61 14.51
CA ARG B 83 -1.11 -20.28 13.96
C ARG B 83 -0.68 -18.91 14.46
N SER B 84 0.24 -18.90 15.40
CA SER B 84 0.76 -17.65 15.96
C SER B 84 1.66 -16.96 14.95
N THR B 85 2.11 -17.74 13.97
CA THR B 85 2.97 -17.23 12.92
C THR B 85 2.20 -17.14 11.61
N ILE B 86 1.91 -15.91 11.19
CA ILE B 86 1.16 -15.67 9.96
C ILE B 86 1.98 -16.09 8.75
N THR B 87 1.51 -17.11 8.05
CA THR B 87 2.21 -17.59 6.87
C THR B 87 1.59 -16.97 5.61
N SER B 88 2.25 -17.15 4.48
CA SER B 88 1.75 -16.64 3.22
C SER B 88 0.48 -17.39 2.84
N ARG B 89 0.30 -18.57 3.42
CA ARG B 89 -0.86 -19.41 3.17
C ARG B 89 -2.13 -18.73 3.65
N GLU B 90 -2.04 -18.07 4.80
CA GLU B 90 -3.17 -17.36 5.38
C GLU B 90 -3.68 -16.28 4.43
N ILE B 91 -2.74 -15.51 3.90
CA ILE B 91 -3.07 -14.44 2.99
C ILE B 91 -3.64 -14.97 1.68
N GLN B 92 -3.11 -16.10 1.22
CA GLN B 92 -3.57 -16.72 -0.02
C GLN B 92 -5.08 -17.00 0.03
N THR B 93 -5.52 -17.61 1.13
CA THR B 93 -6.92 -17.93 1.30
C THR B 93 -7.77 -16.67 1.45
N ALA B 94 -7.18 -15.65 2.06
CA ALA B 94 -7.88 -14.38 2.28
C ALA B 94 -8.08 -13.61 0.99
N VAL B 95 -7.03 -13.55 0.17
CA VAL B 95 -7.08 -12.82 -1.11
C VAL B 95 -8.20 -13.34 -2.01
N ARG B 96 -8.39 -14.64 -2.04
CA ARG B 96 -9.41 -15.27 -2.87
C ARG B 96 -10.83 -14.99 -2.36
N LEU B 97 -10.95 -14.49 -1.14
CA LEU B 97 -12.26 -14.23 -0.55
C LEU B 97 -12.55 -12.73 -0.41
N LEU B 98 -11.54 -11.98 0.02
CA LEU B 98 -11.67 -10.54 0.21
C LEU B 98 -11.70 -9.82 -1.13
N LEU B 99 -10.88 -10.27 -2.06
CA LEU B 99 -10.81 -9.66 -3.38
C LEU B 99 -11.54 -10.55 -4.39
N PRO B 100 -11.99 -9.96 -5.51
CA PRO B 100 -12.69 -10.71 -6.57
C PRO B 100 -11.88 -11.92 -7.02
N GLY B 101 -12.57 -13.04 -7.21
CA GLY B 101 -11.92 -14.27 -7.62
C GLY B 101 -11.04 -14.12 -8.84
N GLU B 102 -11.53 -13.40 -9.84
CA GLU B 102 -10.77 -13.17 -11.07
C GLU B 102 -9.45 -12.47 -10.78
N LEU B 103 -9.51 -11.37 -10.03
CA LEU B 103 -8.30 -10.61 -9.69
C LEU B 103 -7.33 -11.46 -8.87
N ALA B 104 -7.89 -12.29 -7.99
CA ALA B 104 -7.08 -13.16 -7.14
C ALA B 104 -6.24 -14.13 -7.96
N LYS B 105 -6.79 -14.58 -9.08
CA LYS B 105 -6.09 -15.52 -9.97
C LYS B 105 -4.78 -14.94 -10.47
N HIS B 106 -4.71 -13.61 -10.52
CA HIS B 106 -3.51 -12.93 -10.99
C HIS B 106 -2.64 -12.51 -9.81
N ALA B 107 -3.30 -12.05 -8.74
CA ALA B 107 -2.60 -11.61 -7.54
C ALA B 107 -1.76 -12.72 -6.92
N VAL B 108 -2.33 -13.92 -6.84
CA VAL B 108 -1.62 -15.05 -6.27
C VAL B 108 -0.35 -15.35 -7.06
N SER B 109 -0.44 -15.24 -8.38
CA SER B 109 0.67 -15.48 -9.26
C SER B 109 1.78 -14.46 -9.03
N GLU B 110 1.42 -13.17 -9.09
CA GLU B 110 2.38 -12.09 -8.89
C GLU B 110 3.05 -12.21 -7.52
N GLY B 111 2.24 -12.50 -6.51
CA GLY B 111 2.76 -12.64 -5.16
C GLY B 111 3.79 -13.75 -5.07
N THR B 112 3.45 -14.91 -5.60
CA THR B 112 4.35 -16.06 -5.58
C THR B 112 5.65 -15.76 -6.34
N LYS B 113 5.54 -14.99 -7.42
CA LYS B 113 6.72 -14.64 -8.21
C LYS B 113 7.68 -13.80 -7.37
N ALA B 114 7.14 -12.74 -6.78
CA ALA B 114 7.93 -11.83 -5.95
C ALA B 114 8.54 -12.56 -4.75
N VAL B 115 7.74 -13.42 -4.12
CA VAL B 115 8.19 -14.17 -2.95
C VAL B 115 9.50 -14.93 -3.25
N THR B 116 9.50 -15.69 -4.32
CA THR B 116 10.66 -16.48 -4.69
C THR B 116 11.82 -15.59 -5.16
N LYS B 117 11.51 -14.54 -5.91
CA LYS B 117 12.55 -13.64 -6.42
C LYS B 117 13.22 -12.84 -5.30
N TYR B 118 12.54 -12.71 -4.16
CA TYR B 118 13.10 -11.95 -3.05
C TYR B 118 13.66 -12.86 -1.96
N THR B 119 13.54 -14.17 -2.15
CA THR B 119 14.04 -15.13 -1.17
C THR B 119 15.31 -15.82 -1.69
N SER B 120 15.20 -16.47 -2.85
CA SER B 120 16.33 -17.16 -3.44
C SER B 120 17.33 -16.16 -4.01
N SER B 121 16.80 -15.09 -4.60
CA SER B 121 17.64 -14.06 -5.18
C SER B 121 17.77 -12.87 -4.24
N LYS B 122 18.88 -12.16 -4.35
CA LYS B 122 19.14 -11.00 -3.51
C LYS B 122 19.46 -9.78 -4.36
N SER A 1 36.67 -9.28 -8.08
CA SER A 1 35.57 -8.59 -8.80
C SER A 1 34.65 -7.89 -7.87
N GLY A 2 34.02 -6.83 -8.39
CA GLY A 2 32.99 -6.14 -7.67
C GLY A 2 31.70 -6.72 -8.14
N ARG A 3 30.58 -6.03 -7.83
CA ARG A 3 29.26 -6.46 -8.19
C ARG A 3 29.17 -6.51 -9.68
N GLY A 4 29.79 -5.55 -10.39
CA GLY A 4 29.72 -5.65 -11.82
C GLY A 4 30.90 -4.97 -12.41
N LYS A 5 31.96 -5.76 -12.71
CA LYS A 5 33.17 -5.17 -13.25
C LYS A 5 32.91 -4.54 -14.59
N GLY A 6 33.29 -3.25 -14.70
CA GLY A 6 33.13 -2.49 -15.91
C GLY A 6 31.87 -1.69 -15.82
N GLY A 7 31.00 -2.01 -14.85
CA GLY A 7 29.76 -1.33 -14.73
C GLY A 7 28.70 -2.25 -15.24
N LYS A 8 27.43 -1.91 -14.91
CA LYS A 8 26.24 -2.64 -15.28
C LYS A 8 25.87 -2.57 -16.75
N VAL A 9 25.75 -1.37 -17.36
CA VAL A 9 25.40 -1.34 -18.76
C VAL A 9 26.57 -0.66 -19.42
N LYS A 10 26.83 -0.97 -20.71
CA LYS A 10 27.87 -0.35 -21.47
C LYS A 10 27.17 0.71 -22.27
N GLY A 11 27.76 1.93 -22.40
CA GLY A 11 27.01 2.88 -23.17
C GLY A 11 27.52 4.26 -22.97
N LYS A 12 26.56 5.21 -22.90
CA LYS A 12 26.84 6.60 -22.76
C LYS A 12 26.69 6.99 -21.32
N ALA A 13 26.68 8.32 -21.07
CA ALA A 13 26.53 8.92 -19.76
C ALA A 13 25.19 8.62 -19.14
N LYS A 14 24.12 8.63 -19.96
CA LYS A 14 22.75 8.40 -19.55
C LYS A 14 22.48 6.92 -19.55
N SER A 15 21.52 6.50 -18.69
CA SER A 15 21.10 5.13 -18.59
C SER A 15 20.03 4.88 -19.61
N ARG A 16 19.83 3.59 -19.90
CA ARG A 16 18.82 3.12 -20.78
C ARG A 16 17.76 2.58 -19.88
N SER A 17 16.48 2.69 -20.29
CA SER A 17 15.44 2.19 -19.44
C SER A 17 15.36 0.69 -19.55
N ASN A 18 16.17 0.01 -18.72
CA ASN A 18 16.24 -1.43 -18.65
C ASN A 18 16.73 -1.78 -17.26
N ARG A 19 16.40 -3.00 -16.76
CA ARG A 19 16.87 -3.57 -15.51
C ARG A 19 16.83 -2.65 -14.31
N ALA A 20 15.88 -1.70 -14.26
CA ALA A 20 15.87 -0.84 -13.12
C ALA A 20 14.47 -0.76 -12.67
N GLY A 21 14.28 -0.67 -11.34
CA GLY A 21 12.96 -0.54 -10.80
C GLY A 21 13.08 -0.60 -9.31
N LEU A 22 12.31 0.28 -8.60
CA LEU A 22 12.38 0.22 -7.15
C LEU A 22 11.62 -0.99 -6.64
N GLN A 23 12.03 -1.51 -5.49
CA GLN A 23 11.37 -2.66 -4.90
C GLN A 23 10.36 -2.21 -3.85
N PHE A 24 9.29 -2.98 -3.71
CA PHE A 24 8.24 -2.68 -2.74
C PHE A 24 8.75 -2.86 -1.30
N PRO A 25 8.54 -1.86 -0.44
CA PRO A 25 8.96 -1.94 0.97
C PRO A 25 8.13 -2.94 1.76
N VAL A 26 8.57 -4.20 1.77
CA VAL A 26 7.87 -5.26 2.47
C VAL A 26 8.10 -5.19 3.97
N GLY A 27 9.05 -4.38 4.40
CA GLY A 27 9.34 -4.23 5.81
C GLY A 27 8.26 -3.45 6.53
N ARG A 28 7.66 -2.50 5.81
CA ARG A 28 6.59 -1.67 6.36
C ARG A 28 5.42 -2.54 6.81
N ILE A 29 5.04 -3.48 5.96
CA ILE A 29 3.93 -4.39 6.23
C ILE A 29 4.14 -5.15 7.56
N HIS A 30 5.34 -5.70 7.74
CA HIS A 30 5.67 -6.44 8.95
C HIS A 30 5.52 -5.55 10.18
N ARG A 31 6.03 -4.33 10.08
CA ARG A 31 5.97 -3.39 11.20
C ARG A 31 4.54 -2.93 11.45
N LEU A 32 3.78 -2.71 10.39
CA LEU A 32 2.39 -2.28 10.51
C LEU A 32 1.55 -3.34 11.21
N LEU A 33 1.80 -4.59 10.88
CA LEU A 33 1.07 -5.70 11.48
C LEU A 33 1.36 -5.77 12.98
N ARG A 34 2.58 -5.40 13.35
CA ARG A 34 2.99 -5.41 14.75
C ARG A 34 2.42 -4.19 15.47
N LYS A 35 2.35 -3.06 14.78
CA LYS A 35 1.81 -1.83 15.35
C LYS A 35 0.32 -1.99 15.65
N GLY A 36 -0.38 -2.62 14.72
CA GLY A 36 -1.81 -2.85 14.89
C GLY A 36 -2.09 -4.01 15.83
N ASN A 37 -1.01 -4.64 16.31
CA ASN A 37 -1.09 -5.77 17.22
C ASN A 37 -1.81 -6.95 16.58
N TYR A 38 -1.63 -7.11 15.27
CA TYR A 38 -2.26 -8.20 14.55
C TYR A 38 -1.52 -9.50 14.83
N ALA A 39 -0.20 -9.43 14.86
CA ALA A 39 0.64 -10.58 15.11
C ALA A 39 2.00 -10.14 15.61
N GLU A 40 2.76 -11.07 16.17
CA GLU A 40 4.09 -10.74 16.70
C GLU A 40 5.15 -10.90 15.62
N ARG A 41 4.87 -11.74 14.63
CA ARG A 41 5.81 -11.98 13.56
C ARG A 41 5.08 -12.45 12.31
N VAL A 42 5.70 -12.26 11.15
CA VAL A 42 5.11 -12.68 9.89
C VAL A 42 6.04 -13.66 9.19
N GLY A 43 5.48 -14.62 8.47
CA GLY A 43 6.28 -15.61 7.76
C GLY A 43 7.07 -15.01 6.63
N ALA A 44 8.21 -15.62 6.32
CA ALA A 44 9.07 -15.14 5.25
C ALA A 44 8.38 -15.31 3.89
N GLY A 45 8.19 -14.19 3.21
CA GLY A 45 7.55 -14.23 1.91
C GLY A 45 6.09 -13.84 1.98
N ALA A 46 5.53 -13.88 3.18
CA ALA A 46 4.12 -13.53 3.39
C ALA A 46 3.83 -12.06 3.05
N PRO A 47 4.58 -11.09 3.64
CA PRO A 47 4.36 -9.66 3.34
C PRO A 47 4.61 -9.36 1.87
N VAL A 48 5.55 -10.10 1.28
CA VAL A 48 5.91 -9.94 -0.11
C VAL A 48 4.75 -10.39 -1.00
N TYR A 49 4.08 -11.46 -0.60
CA TYR A 49 2.95 -12.00 -1.34
C TYR A 49 1.81 -11.00 -1.33
N LEU A 50 1.52 -10.45 -0.15
CA LEU A 50 0.45 -9.48 0.02
C LEU A 50 0.73 -8.22 -0.79
N ALA A 51 2.00 -7.83 -0.83
CA ALA A 51 2.42 -6.64 -1.56
C ALA A 51 2.03 -6.73 -3.04
N ALA A 52 2.28 -7.90 -3.64
CA ALA A 52 1.96 -8.12 -5.04
C ALA A 52 0.45 -8.09 -5.26
N VAL A 53 -0.30 -8.50 -4.25
CA VAL A 53 -1.76 -8.52 -4.32
C VAL A 53 -2.30 -7.09 -4.27
N MET A 54 -1.73 -6.28 -3.39
CA MET A 54 -2.15 -4.89 -3.24
C MET A 54 -1.82 -4.09 -4.50
N GLU A 55 -0.74 -4.47 -5.17
CA GLU A 55 -0.31 -3.80 -6.40
C GLU A 55 -1.30 -4.04 -7.53
N TYR A 56 -2.02 -5.16 -7.45
CA TYR A 56 -3.00 -5.52 -8.47
C TYR A 56 -4.10 -4.46 -8.58
N LEU A 57 -4.83 -4.26 -7.48
CA LEU A 57 -5.92 -3.29 -7.45
C LEU A 57 -5.42 -1.87 -7.73
N ALA A 58 -4.19 -1.59 -7.31
CA ALA A 58 -3.60 -0.27 -7.52
C ALA A 58 -3.52 0.05 -9.01
N ALA A 59 -3.08 -0.92 -9.80
CA ALA A 59 -2.95 -0.74 -11.24
C ALA A 59 -4.33 -0.64 -11.89
N GLU A 60 -5.28 -1.41 -11.38
CA GLU A 60 -6.64 -1.41 -11.93
C GLU A 60 -7.27 -0.02 -11.83
N VAL A 61 -7.13 0.61 -10.67
CA VAL A 61 -7.69 1.95 -10.46
C VAL A 61 -6.96 2.97 -11.33
N LEU A 62 -5.65 2.79 -11.47
CA LEU A 62 -4.83 3.70 -12.28
C LEU A 62 -5.28 3.68 -13.74
N GLU A 63 -5.67 2.50 -14.22
CA GLU A 63 -6.13 2.36 -15.59
C GLU A 63 -7.40 3.18 -15.82
N LEU A 64 -8.36 3.02 -14.93
CA LEU A 64 -9.64 3.74 -15.02
C LEU A 64 -9.42 5.24 -14.92
N ALA A 65 -8.55 5.65 -14.00
CA ALA A 65 -8.24 7.06 -13.79
C ALA A 65 -7.52 7.65 -15.01
N GLY A 66 -6.54 6.90 -15.53
CA GLY A 66 -5.78 7.36 -16.68
C GLY A 66 -6.66 7.55 -17.89
N ASN A 67 -7.58 6.63 -18.11
CA ASN A 67 -8.50 6.70 -19.24
C ASN A 67 -9.43 7.89 -19.09
N ALA A 68 -9.79 8.20 -17.85
CA ALA A 68 -10.68 9.33 -17.57
C ALA A 68 -9.96 10.64 -17.86
N ALA A 69 -8.69 10.72 -17.46
CA ALA A 69 -7.88 11.91 -17.70
C ALA A 69 -7.62 12.09 -19.18
N ARG A 70 -7.44 10.96 -19.88
CA ARG A 70 -7.20 10.97 -21.31
C ARG A 70 -8.38 11.59 -22.06
N ASP A 71 -9.58 11.15 -21.70
CA ASP A 71 -10.80 11.66 -22.34
C ASP A 71 -11.04 13.12 -21.99
N ASN A 72 -10.47 13.54 -20.87
CA ASN A 72 -10.61 14.92 -20.40
C ASN A 72 -9.50 15.80 -20.98
N LYS A 73 -8.60 15.17 -21.73
CA LYS A 73 -7.47 15.86 -22.36
C LYS A 73 -6.58 16.53 -21.31
N LYS A 74 -6.40 15.85 -20.19
CA LYS A 74 -5.58 16.36 -19.11
C LYS A 74 -4.30 15.54 -18.98
N THR A 75 -3.18 16.23 -18.80
CA THR A 75 -1.90 15.58 -18.66
C THR A 75 -1.70 15.06 -17.24
N ARG A 76 -2.55 15.52 -16.34
CA ARG A 76 -2.48 15.11 -14.94
C ARG A 76 -3.86 14.64 -14.49
N ILE A 77 -3.92 13.44 -13.94
CA ILE A 77 -5.16 12.87 -13.45
C ILE A 77 -5.75 13.72 -12.33
N ILE A 78 -7.00 14.09 -12.49
CA ILE A 78 -7.70 14.91 -11.51
C ILE A 78 -8.22 14.03 -10.38
N PRO A 79 -8.06 14.46 -9.11
CA PRO A 79 -8.53 13.69 -7.94
C PRO A 79 -9.98 13.25 -8.04
N ARG A 80 -10.78 14.01 -8.78
CA ARG A 80 -12.20 13.69 -8.95
C ARG A 80 -12.38 12.43 -9.80
N HIS A 81 -11.42 12.16 -10.68
CA HIS A 81 -11.48 10.99 -11.56
C HIS A 81 -11.47 9.71 -10.74
N LEU A 82 -10.80 9.75 -9.60
CA LEU A 82 -10.70 8.60 -8.72
C LEU A 82 -12.09 8.18 -8.23
N GLN A 83 -12.80 9.13 -7.64
CA GLN A 83 -14.15 8.87 -7.13
C GLN A 83 -15.12 8.59 -8.26
N LEU A 84 -14.91 9.24 -9.40
CA LEU A 84 -15.77 9.04 -10.56
C LEU A 84 -15.69 7.60 -11.04
N ALA A 85 -14.47 7.09 -11.17
CA ALA A 85 -14.26 5.71 -11.63
C ALA A 85 -14.85 4.72 -10.64
N ILE A 86 -14.62 4.96 -9.34
CA ILE A 86 -15.13 4.09 -8.30
C ILE A 86 -16.66 4.06 -8.32
N ARG A 87 -17.26 5.20 -8.58
CA ARG A 87 -18.71 5.30 -8.62
C ARG A 87 -19.25 5.02 -10.02
N ASN A 88 -18.40 4.49 -10.88
CA ASN A 88 -18.78 4.14 -12.24
C ASN A 88 -18.72 2.63 -12.44
N ASP A 89 -17.76 2.00 -11.78
CA ASP A 89 -17.59 0.55 -11.86
C ASP A 89 -18.45 -0.13 -10.81
N GLU A 90 -18.77 -1.40 -11.01
CA GLU A 90 -19.61 -2.12 -10.07
C GLU A 90 -18.76 -2.97 -9.11
N GLU A 91 -17.93 -3.83 -9.67
CA GLU A 91 -17.10 -4.72 -8.87
C GLU A 91 -16.12 -3.93 -7.99
N LEU A 92 -15.51 -2.90 -8.57
CA LEU A 92 -14.56 -2.08 -7.83
C LEU A 92 -15.24 -1.42 -6.62
N ASN A 93 -16.50 -1.03 -6.82
CA ASN A 93 -17.27 -0.40 -5.76
C ASN A 93 -17.54 -1.39 -4.63
N LYS A 94 -17.93 -2.60 -5.00
CA LYS A 94 -18.20 -3.65 -4.03
C LYS A 94 -16.98 -3.94 -3.16
N LEU A 95 -15.83 -4.07 -3.80
CA LEU A 95 -14.58 -4.37 -3.10
C LEU A 95 -14.20 -3.24 -2.14
N LEU A 96 -14.50 -2.01 -2.50
CA LEU A 96 -14.17 -0.86 -1.66
C LEU A 96 -15.24 -0.59 -0.62
N SER A 97 -16.39 -1.25 -0.75
CA SER A 97 -17.49 -1.08 0.19
C SER A 97 -17.36 -2.06 1.36
N GLY A 98 -18.51 -2.54 1.85
CA GLY A 98 -18.49 -3.43 2.98
C GLY A 98 -19.77 -3.26 3.72
N VAL A 99 -19.80 -3.80 4.95
CA VAL A 99 -20.96 -3.71 5.76
C VAL A 99 -20.64 -2.76 6.87
N THR A 100 -21.68 -2.25 7.57
CA THR A 100 -21.52 -1.34 8.67
C THR A 100 -21.51 -2.13 9.96
N ILE A 101 -21.07 -1.48 11.05
CA ILE A 101 -21.01 -2.06 12.36
C ILE A 101 -22.24 -1.56 13.04
N ALA A 102 -23.00 -2.47 13.70
CA ALA A 102 -24.21 -2.17 14.43
C ALA A 102 -23.84 -1.75 15.82
N GLN A 103 -24.85 -1.20 16.53
CA GLN A 103 -24.71 -0.78 17.89
C GLN A 103 -25.03 -1.93 18.79
N GLY A 104 -24.44 -1.94 20.00
CA GLY A 104 -24.74 -2.94 20.97
C GLY A 104 -26.00 -2.50 21.64
N GLY A 105 -26.73 -3.45 22.26
CA GLY A 105 -27.98 -3.15 22.90
C GLY A 105 -29.02 -2.79 21.86
N VAL A 106 -29.30 -3.68 20.91
CA VAL A 106 -30.29 -3.30 19.93
C VAL A 106 -31.39 -4.30 20.01
N LEU A 107 -32.54 -3.98 19.36
CA LEU A 107 -33.71 -4.82 19.27
C LEU A 107 -33.47 -5.91 18.25
N PRO A 108 -33.95 -7.11 18.49
CA PRO A 108 -33.69 -8.18 17.56
C PRO A 108 -34.24 -8.04 16.16
N ASN A 109 -35.37 -7.34 15.96
CA ASN A 109 -35.79 -7.10 14.61
C ASN A 109 -36.25 -5.67 14.53
N ILE A 110 -35.52 -4.85 13.75
CA ILE A 110 -35.84 -3.44 13.68
C ILE A 110 -36.59 -3.18 12.40
N GLN A 111 -37.94 -3.24 12.48
CA GLN A 111 -38.92 -3.04 11.43
C GLN A 111 -39.15 -1.59 11.05
N ALA A 112 -39.14 -0.64 12.03
CA ALA A 112 -39.38 0.76 11.78
C ALA A 112 -38.11 1.49 11.44
N VAL A 113 -38.26 2.76 10.99
CA VAL A 113 -37.19 3.65 10.64
C VAL A 113 -36.39 3.99 11.86
N LEU A 114 -37.07 4.32 12.99
CA LEU A 114 -36.40 4.67 14.20
C LEU A 114 -36.54 3.46 15.09
N LEU A 115 -35.76 3.37 16.21
CA LEU A 115 -35.64 2.26 17.14
C LEU A 115 -36.90 1.93 17.94
N PRO A 116 -37.76 2.79 18.47
CA PRO A 116 -38.91 2.25 19.15
C PRO A 116 -39.83 1.54 18.21
N LYS A 117 -40.22 0.28 18.55
CA LYS A 117 -41.06 -0.46 17.66
C LYS A 117 -42.42 0.18 17.65
N LYS A 118 -42.70 0.95 16.56
CA LYS A 118 -43.94 1.66 16.37
C LYS A 118 -45.08 0.70 16.20
N THR A 119 -44.92 -0.30 15.29
CA THR A 119 -45.91 -1.32 15.09
C THR A 119 -45.18 -2.59 14.85
N GLU A 120 -45.86 -3.73 15.06
CA GLU A 120 -45.29 -4.99 14.72
C GLU A 120 -46.09 -5.45 13.57
N LYS A 121 -45.52 -6.35 12.72
CA LYS A 121 -46.19 -6.88 11.57
C LYS A 121 -47.04 -8.03 12.00
N LYS A 122 -48.24 -8.15 11.39
CA LYS A 122 -49.13 -9.23 11.71
C LYS A 122 -48.87 -10.29 10.67
N ALA A 123 -48.73 -11.55 11.10
CA ALA A 123 -48.51 -12.63 10.19
C ALA A 123 -49.89 -13.26 9.97
N PRO B 1 14.09 23.34 27.14
CA PRO B 1 15.22 24.11 26.58
C PRO B 1 15.43 25.31 27.46
N PRO B 2 16.64 25.82 27.55
CA PRO B 2 17.03 26.89 28.44
C PRO B 2 16.32 28.20 28.29
N LYS B 3 15.97 28.84 29.42
CA LYS B 3 15.36 30.15 29.42
C LYS B 3 16.37 31.14 29.90
N THR B 4 17.19 31.68 28.97
CA THR B 4 18.10 32.73 29.33
C THR B 4 17.60 33.87 28.52
N SER B 5 17.99 35.12 28.84
CA SER B 5 17.47 36.17 28.01
C SER B 5 18.44 37.29 27.96
N GLY B 6 18.05 38.31 27.19
CA GLY B 6 18.79 39.52 27.04
C GLY B 6 17.86 40.45 26.35
N LYS B 7 18.13 41.76 26.50
CA LYS B 7 17.34 42.77 25.85
C LYS B 7 18.21 43.27 24.73
N ALA B 8 17.65 43.33 23.50
CA ALA B 8 18.38 43.76 22.35
C ALA B 8 17.43 43.87 21.21
N ALA B 9 17.96 44.23 20.02
CA ALA B 9 17.20 44.33 18.82
C ALA B 9 17.49 43.06 18.08
N LYS B 10 16.50 42.58 17.29
CA LYS B 10 16.66 41.37 16.55
C LYS B 10 17.01 41.70 15.14
N LYS B 11 17.62 40.72 14.44
CA LYS B 11 18.04 40.85 13.08
C LYS B 11 17.21 39.89 12.27
N ALA B 12 16.52 40.41 11.24
CA ALA B 12 15.75 39.62 10.32
C ALA B 12 16.66 39.25 9.18
N GLY B 13 16.24 38.26 8.38
CA GLY B 13 17.05 37.83 7.27
C GLY B 13 16.27 36.88 6.42
N LYS B 14 16.91 36.31 5.38
CA LYS B 14 16.25 35.39 4.48
C LYS B 14 15.92 34.16 5.26
N ALA B 15 14.62 33.85 5.39
CA ALA B 15 14.26 32.68 6.16
C ALA B 15 14.67 31.47 5.39
N GLN B 16 15.56 30.67 5.99
CA GLN B 16 16.03 29.49 5.35
C GLN B 16 16.40 28.52 6.43
N LYS B 17 15.93 27.27 6.29
CA LYS B 17 16.23 26.32 7.32
C LYS B 17 16.65 25.03 6.68
N ASN B 18 17.85 24.54 7.07
CA ASN B 18 18.40 23.26 6.74
C ASN B 18 18.25 22.89 5.29
N ILE B 19 18.67 23.75 4.34
CA ILE B 19 18.48 23.40 2.95
C ILE B 19 19.59 22.48 2.51
N THR B 20 19.41 21.18 2.86
CA THR B 20 20.32 20.11 2.56
C THR B 20 19.47 18.96 2.10
N LYS B 21 19.92 18.21 1.08
CA LYS B 21 19.17 17.07 0.63
C LYS B 21 19.26 16.06 1.73
N THR B 22 18.17 15.91 2.50
CA THR B 22 18.17 15.01 3.61
C THR B 22 16.75 14.60 3.80
N ASP B 23 16.52 13.40 4.37
CA ASP B 23 15.15 13.01 4.60
C ASP B 23 14.66 13.87 5.72
N LYS B 24 13.84 14.90 5.38
CA LYS B 24 13.33 15.83 6.35
C LYS B 24 12.19 15.17 7.04
N LYS B 25 12.14 15.26 8.39
CA LYS B 25 11.05 14.62 9.07
C LYS B 25 10.48 15.58 10.06
N LYS B 26 9.15 15.79 9.97
CA LYS B 26 8.47 16.72 10.82
C LYS B 26 7.74 15.96 11.89
N LYS B 27 6.76 16.65 12.51
CA LYS B 27 5.88 16.22 13.56
C LYS B 27 4.97 15.11 13.12
N ARG B 28 4.41 15.20 11.89
CA ARG B 28 3.48 14.26 11.32
C ARG B 28 4.25 13.20 10.59
N LYS B 29 3.73 11.95 10.55
CA LYS B 29 4.44 10.92 9.86
C LYS B 29 4.39 11.14 8.38
N ARG B 30 5.57 11.18 7.74
CA ARG B 30 5.63 11.26 6.32
C ARG B 30 6.60 10.20 5.86
N LYS B 31 6.14 8.95 5.64
CA LYS B 31 7.07 7.94 5.22
C LYS B 31 6.24 6.84 4.65
N GLU B 32 5.11 6.54 5.32
CA GLU B 32 4.23 5.52 4.82
C GLU B 32 3.40 6.11 3.74
N SER B 33 4.01 6.13 2.54
CA SER B 33 3.46 6.58 1.27
C SER B 33 4.10 5.81 0.12
N TYR B 34 3.31 5.57 -0.91
CA TYR B 34 3.78 4.86 -2.09
C TYR B 34 3.53 5.70 -3.33
N ALA B 35 3.48 7.01 -3.14
CA ALA B 35 3.23 7.97 -4.23
C ALA B 35 4.23 7.81 -5.37
N ILE B 36 5.47 7.49 -5.03
CA ILE B 36 6.51 7.31 -6.04
C ILE B 36 6.26 6.05 -6.85
N TYR B 37 5.67 5.05 -6.21
CA TYR B 37 5.38 3.78 -6.86
C TYR B 37 4.14 3.91 -7.75
N ILE B 38 3.11 4.57 -7.24
CA ILE B 38 1.87 4.77 -7.99
C ILE B 38 2.14 5.44 -9.33
N TYR B 39 3.04 6.42 -9.32
CA TYR B 39 3.41 7.14 -10.54
C TYR B 39 4.10 6.21 -11.54
N LYS B 40 4.98 5.35 -11.02
CA LYS B 40 5.71 4.42 -11.87
C LYS B 40 4.79 3.37 -12.46
N VAL B 41 3.86 2.86 -11.64
CA VAL B 41 2.91 1.85 -12.10
C VAL B 41 1.97 2.45 -13.14
N LEU B 42 1.61 3.71 -12.94
CA LEU B 42 0.73 4.41 -13.88
C LEU B 42 1.37 4.50 -15.25
N LYS B 43 2.65 4.85 -15.28
CA LYS B 43 3.39 4.98 -16.52
C LYS B 43 3.49 3.64 -17.26
N GLN B 44 3.27 2.55 -16.54
CA GLN B 44 3.33 1.23 -17.11
C GLN B 44 2.06 0.94 -17.91
N VAL B 45 0.91 1.16 -17.28
CA VAL B 45 -0.39 0.91 -17.92
C VAL B 45 -0.79 2.08 -18.83
N HIS B 46 -0.49 3.30 -18.42
CA HIS B 46 -0.85 4.48 -19.19
C HIS B 46 0.36 5.40 -19.34
N PRO B 47 1.17 5.19 -20.37
CA PRO B 47 2.35 6.01 -20.61
C PRO B 47 2.00 7.40 -21.10
N ASP B 48 2.86 8.37 -20.77
CA ASP B 48 2.69 9.78 -21.14
C ASP B 48 1.58 10.45 -20.34
N THR B 49 1.04 9.71 -19.37
CA THR B 49 -0.01 10.22 -18.51
C THR B 49 0.55 10.43 -17.10
N GLY B 50 0.25 11.58 -16.50
CA GLY B 50 0.74 11.87 -15.17
C GLY B 50 -0.38 11.97 -14.16
N ILE B 51 -0.02 12.03 -12.89
CA ILE B 51 -0.99 12.13 -11.82
C ILE B 51 -0.74 13.39 -10.98
N SER B 52 -1.77 13.88 -10.31
CA SER B 52 -1.64 15.07 -9.48
C SER B 52 -1.20 14.67 -8.07
N SER B 53 -0.66 15.63 -7.34
CA SER B 53 -0.19 15.40 -5.98
C SER B 53 -1.36 15.07 -5.05
N LYS B 54 -2.48 15.76 -5.26
CA LYS B 54 -3.68 15.56 -4.46
C LYS B 54 -4.24 14.16 -4.67
N ALA B 55 -4.21 13.67 -5.90
CA ALA B 55 -4.72 12.36 -6.23
C ALA B 55 -3.89 11.26 -5.57
N MET B 56 -2.57 11.41 -5.61
CA MET B 56 -1.67 10.42 -5.00
C MET B 56 -1.94 10.27 -3.51
N SER B 57 -2.29 11.39 -2.86
CA SER B 57 -2.58 11.40 -1.45
C SER B 57 -3.84 10.60 -1.14
N ILE B 58 -4.81 10.65 -2.05
CA ILE B 58 -6.06 9.92 -1.88
C ILE B 58 -5.88 8.44 -2.21
N MET B 59 -5.08 8.18 -3.25
CA MET B 59 -4.81 6.80 -3.69
C MET B 59 -4.21 5.99 -2.56
N ASN B 60 -3.29 6.59 -1.81
CA ASN B 60 -2.64 5.90 -0.71
C ASN B 60 -3.66 5.45 0.34
N SER B 61 -4.64 6.29 0.61
CA SER B 61 -5.68 5.98 1.59
C SER B 61 -6.55 4.81 1.15
N PHE B 62 -6.75 4.67 -0.16
CA PHE B 62 -7.57 3.58 -0.69
C PHE B 62 -6.80 2.26 -0.72
N VAL B 63 -5.49 2.35 -0.89
CA VAL B 63 -4.65 1.16 -0.95
C VAL B 63 -4.40 0.61 0.45
N ASN B 64 -4.00 1.49 1.37
CA ASN B 64 -3.71 1.08 2.75
C ASN B 64 -4.96 0.57 3.45
N ASP B 65 -6.11 1.07 3.01
CA ASP B 65 -7.40 0.68 3.59
C ASP B 65 -7.62 -0.82 3.47
N ILE B 66 -7.29 -1.37 2.31
CA ILE B 66 -7.48 -2.80 2.05
C ILE B 66 -6.56 -3.65 2.93
N PHE B 67 -5.31 -3.21 3.07
CA PHE B 67 -4.33 -3.93 3.88
C PHE B 67 -4.84 -4.17 5.29
N GLU B 68 -5.30 -3.10 5.94
CA GLU B 68 -5.81 -3.18 7.30
C GLU B 68 -6.95 -4.20 7.40
N ARG B 69 -7.79 -4.25 6.38
CA ARG B 69 -8.93 -5.17 6.36
C ARG B 69 -8.45 -6.62 6.31
N ILE B 70 -7.52 -6.90 5.41
CA ILE B 70 -6.96 -8.24 5.25
C ILE B 70 -6.17 -8.64 6.49
N ALA B 71 -5.45 -7.67 7.05
CA ALA B 71 -4.63 -7.91 8.24
C ALA B 71 -5.48 -8.45 9.38
N ALA B 72 -6.68 -7.90 9.55
CA ALA B 72 -7.59 -8.32 10.60
C ALA B 72 -7.99 -9.78 10.41
N GLU B 73 -8.31 -10.13 9.17
CA GLU B 73 -8.72 -11.51 8.85
C GLU B 73 -7.57 -12.47 9.08
N ALA B 74 -6.37 -12.08 8.65
CA ALA B 74 -5.18 -12.91 8.83
C ALA B 74 -4.94 -13.16 10.31
N SER B 75 -5.00 -12.10 11.11
CA SER B 75 -4.81 -12.20 12.54
C SER B 75 -5.84 -13.13 13.16
N ARG B 76 -7.09 -12.97 12.75
CA ARG B 76 -8.19 -13.78 13.26
C ARG B 76 -7.96 -15.27 12.98
N LEU B 77 -7.55 -15.59 11.75
CA LEU B 77 -7.30 -16.96 11.37
C LEU B 77 -6.08 -17.53 12.10
N ALA B 78 -5.05 -16.72 12.24
CA ALA B 78 -3.83 -17.14 12.92
C ALA B 78 -4.09 -17.37 14.42
N HIS B 79 -4.95 -16.53 14.98
CA HIS B 79 -5.30 -16.62 16.40
C HIS B 79 -5.99 -17.95 16.71
N TYR B 80 -6.86 -18.39 15.81
CA TYR B 80 -7.57 -19.65 15.98
C TYR B 80 -6.62 -20.85 15.94
N ASN B 81 -5.52 -20.68 15.23
CA ASN B 81 -4.54 -21.75 15.08
C ASN B 81 -3.39 -21.60 16.08
N LYS B 82 -3.53 -20.64 16.99
CA LYS B 82 -2.52 -20.38 18.01
C LYS B 82 -1.18 -20.04 17.37
N ARG B 83 -1.21 -19.24 16.33
CA ARG B 83 0.00 -18.85 15.63
C ARG B 83 0.28 -17.37 15.82
N SER B 84 1.42 -17.05 16.41
CA SER B 84 1.82 -15.67 16.63
C SER B 84 2.51 -15.13 15.38
N THR B 85 2.78 -16.03 14.45
CA THR B 85 3.41 -15.69 13.19
C THR B 85 2.46 -16.02 12.04
N ILE B 86 2.07 -15.01 11.27
CA ILE B 86 1.17 -15.20 10.16
C ILE B 86 1.90 -15.75 8.94
N THR B 87 1.57 -16.97 8.56
CA THR B 87 2.18 -17.61 7.40
C THR B 87 1.54 -17.11 6.11
N SER B 88 2.26 -17.24 5.00
CA SER B 88 1.77 -16.81 3.70
C SER B 88 0.47 -17.54 3.33
N ARG B 89 0.32 -18.75 3.85
CA ARG B 89 -0.86 -19.56 3.58
C ARG B 89 -2.12 -18.90 4.12
N GLU B 90 -2.01 -18.31 5.31
CA GLU B 90 -3.16 -17.65 5.94
C GLU B 90 -3.60 -16.46 5.09
N ILE B 91 -2.63 -15.70 4.60
CA ILE B 91 -2.91 -14.54 3.76
C ILE B 91 -3.61 -14.98 2.48
N GLN B 92 -3.07 -16.01 1.85
CA GLN B 92 -3.64 -16.54 0.61
C GLN B 92 -5.09 -16.99 0.83
N THR B 93 -5.34 -17.57 2.00
CA THR B 93 -6.67 -18.03 2.36
C THR B 93 -7.63 -16.85 2.48
N ALA B 94 -7.20 -15.81 3.20
CA ALA B 94 -8.00 -14.62 3.39
C ALA B 94 -8.31 -13.93 2.06
N VAL B 95 -7.30 -13.88 1.19
CA VAL B 95 -7.45 -13.27 -0.12
C VAL B 95 -8.50 -14.02 -0.96
N ARG B 96 -8.55 -15.33 -0.80
CA ARG B 96 -9.51 -16.16 -1.54
C ARG B 96 -10.91 -16.05 -0.97
N LEU B 97 -11.06 -15.25 0.09
CA LEU B 97 -12.35 -15.05 0.72
C LEU B 97 -12.84 -13.63 0.51
N LEU B 98 -11.92 -12.68 0.46
CA LEU B 98 -12.26 -11.27 0.27
C LEU B 98 -12.24 -10.89 -1.21
N LEU B 99 -11.47 -11.61 -2.00
CA LEU B 99 -11.36 -11.31 -3.43
C LEU B 99 -11.81 -12.49 -4.26
N PRO B 100 -12.26 -12.24 -5.50
CA PRO B 100 -12.72 -13.30 -6.42
C PRO B 100 -11.60 -14.26 -6.78
N GLY B 101 -11.99 -15.46 -7.21
CA GLY B 101 -11.01 -16.48 -7.57
C GLY B 101 -10.10 -16.05 -8.70
N GLU B 102 -10.67 -15.42 -9.72
CA GLU B 102 -9.89 -14.94 -10.86
C GLU B 102 -8.82 -13.96 -10.42
N LEU B 103 -9.21 -13.03 -9.55
CA LEU B 103 -8.30 -12.01 -9.05
C LEU B 103 -7.22 -12.66 -8.17
N ALA B 104 -7.64 -13.56 -7.30
CA ALA B 104 -6.74 -14.25 -6.40
C ALA B 104 -5.67 -15.04 -7.16
N LYS B 105 -6.11 -15.81 -8.15
CA LYS B 105 -5.20 -16.62 -8.95
C LYS B 105 -4.12 -15.76 -9.61
N HIS B 106 -4.53 -14.63 -10.18
CA HIS B 106 -3.58 -13.74 -10.84
C HIS B 106 -2.63 -13.12 -9.83
N ALA B 107 -3.18 -12.64 -8.72
CA ALA B 107 -2.39 -12.01 -7.67
C ALA B 107 -1.33 -12.95 -7.11
N VAL B 108 -1.74 -14.16 -6.75
CA VAL B 108 -0.81 -15.15 -6.21
C VAL B 108 0.31 -15.45 -7.20
N SER B 109 -0.05 -15.62 -8.46
CA SER B 109 0.93 -15.92 -9.50
C SER B 109 1.97 -14.82 -9.65
N GLU B 110 1.54 -13.56 -9.52
CA GLU B 110 2.46 -12.43 -9.64
C GLU B 110 3.35 -12.35 -8.41
N GLY B 111 2.79 -12.70 -7.25
CA GLY B 111 3.53 -12.66 -6.00
C GLY B 111 4.70 -13.62 -5.97
N THR B 112 4.54 -14.76 -6.63
CA THR B 112 5.60 -15.77 -6.67
C THR B 112 6.77 -15.31 -7.54
N LYS B 113 6.56 -14.27 -8.33
CA LYS B 113 7.60 -13.75 -9.20
C LYS B 113 8.23 -12.50 -8.60
N ALA B 114 7.40 -11.66 -8.00
CA ALA B 114 7.87 -10.42 -7.41
C ALA B 114 8.67 -10.66 -6.12
N VAL B 115 8.43 -11.81 -5.48
CA VAL B 115 9.11 -12.15 -4.24
C VAL B 115 10.63 -12.17 -4.40
N THR B 116 11.10 -12.62 -5.56
CA THR B 116 12.53 -12.71 -5.83
C THR B 116 13.19 -11.34 -5.92
N LYS B 117 12.40 -10.31 -6.20
CA LYS B 117 12.93 -8.95 -6.33
C LYS B 117 12.69 -8.13 -5.08
N TYR B 118 11.48 -8.20 -4.54
CA TYR B 118 11.11 -7.42 -3.36
C TYR B 118 11.92 -7.84 -2.12
N THR B 119 12.17 -9.14 -1.99
CA THR B 119 12.91 -9.64 -0.83
C THR B 119 14.39 -9.79 -1.14
N SER B 120 14.84 -9.17 -2.22
CA SER B 120 16.24 -9.23 -2.62
C SER B 120 17.13 -8.48 -1.63
N SER B 121 18.36 -8.93 -1.48
CA SER B 121 19.31 -8.31 -0.58
C SER B 121 19.91 -7.06 -1.22
N LYS B 122 20.95 -6.52 -0.61
CA LYS B 122 21.61 -5.34 -1.13
C LYS B 122 22.74 -5.72 -2.08
N SER A 1 36.72 8.34 -1.70
CA SER A 1 36.82 7.98 -0.26
C SER A 1 36.81 9.18 0.62
N GLY A 2 36.33 8.98 1.86
CA GLY A 2 36.37 10.00 2.86
C GLY A 2 37.61 9.75 3.65
N ARG A 3 37.79 10.52 4.73
CA ARG A 3 38.91 10.39 5.60
C ARG A 3 38.40 9.69 6.81
N GLY A 4 39.25 8.85 7.44
CA GLY A 4 38.81 8.15 8.60
C GLY A 4 40.00 7.90 9.46
N LYS A 5 39.74 7.65 10.75
CA LYS A 5 40.79 7.38 11.69
C LYS A 5 40.72 5.92 11.98
N GLY A 6 41.83 5.38 12.50
CA GLY A 6 41.87 3.99 12.86
C GLY A 6 41.65 3.94 14.34
N GLY A 7 41.07 2.84 14.82
CA GLY A 7 40.80 2.69 16.22
C GLY A 7 40.34 1.29 16.44
N LYS A 8 39.87 1.01 17.68
CA LYS A 8 39.38 -0.28 18.08
C LYS A 8 38.11 -0.63 17.35
N VAL A 9 37.14 0.32 17.27
CA VAL A 9 35.85 0.09 16.67
C VAL A 9 35.98 0.06 15.17
N LYS A 10 35.31 -0.93 14.54
CA LYS A 10 35.36 -1.01 13.11
C LYS A 10 33.95 -0.79 12.68
N GLY A 11 33.73 -0.32 11.44
CA GLY A 11 32.38 -0.11 11.02
C GLY A 11 32.36 0.20 9.56
N LYS A 12 31.15 0.18 8.96
CA LYS A 12 30.98 0.51 7.58
C LYS A 12 30.40 1.89 7.58
N ALA A 13 30.64 2.65 6.50
CA ALA A 13 30.11 3.97 6.43
C ALA A 13 29.10 3.97 5.35
N LYS A 14 28.25 5.03 5.35
CA LYS A 14 27.26 5.19 4.31
C LYS A 14 27.85 6.10 3.28
N SER A 15 27.05 6.41 2.24
CA SER A 15 27.45 7.26 1.16
C SER A 15 27.10 8.68 1.49
N ARG A 16 27.75 9.63 0.79
CA ARG A 16 27.57 11.05 0.99
C ARG A 16 26.14 11.41 0.74
N SER A 17 25.51 10.77 -0.26
CA SER A 17 24.12 11.02 -0.51
C SER A 17 23.44 9.77 -0.10
N ASN A 18 22.26 9.89 0.52
CA ASN A 18 21.50 8.72 0.83
C ASN A 18 20.28 8.85 -0.02
N ARG A 19 19.71 7.72 -0.44
CA ARG A 19 18.54 7.75 -1.29
C ARG A 19 17.34 7.76 -0.40
N ALA A 20 16.32 8.60 -0.73
CA ALA A 20 15.08 8.60 -0.01
C ALA A 20 14.35 7.41 -0.53
N GLY A 21 13.49 6.79 0.29
CA GLY A 21 12.87 5.62 -0.23
C GLY A 21 11.41 5.87 -0.35
N LEU A 22 10.79 5.21 -1.36
CA LEU A 22 9.36 5.16 -1.66
C LEU A 22 8.93 3.73 -1.92
N GLN A 23 9.75 2.80 -1.46
CA GLN A 23 9.49 1.38 -1.66
C GLN A 23 8.52 0.84 -0.60
N PHE A 24 8.29 -0.46 -0.63
CA PHE A 24 7.38 -1.11 0.32
C PHE A 24 7.93 -1.04 1.74
N PRO A 25 7.18 -0.40 2.66
CA PRO A 25 7.60 -0.26 4.05
C PRO A 25 7.34 -1.52 4.88
N VAL A 26 8.12 -2.56 4.61
CA VAL A 26 7.98 -3.84 5.31
C VAL A 26 8.02 -3.64 6.84
N GLY A 27 8.95 -2.83 7.31
CA GLY A 27 9.08 -2.58 8.73
C GLY A 27 7.81 -1.99 9.32
N ARG A 28 7.17 -1.11 8.57
CA ARG A 28 5.93 -0.47 9.03
C ARG A 28 4.78 -1.45 8.98
N ILE A 29 4.70 -2.22 7.90
CA ILE A 29 3.64 -3.21 7.71
C ILE A 29 3.59 -4.19 8.87
N HIS A 30 4.74 -4.72 9.24
CA HIS A 30 4.83 -5.67 10.35
C HIS A 30 4.40 -5.02 11.67
N ARG A 31 4.72 -3.74 11.82
CA ARG A 31 4.36 -3.00 13.03
C ARG A 31 2.86 -2.76 13.07
N LEU A 32 2.26 -2.44 11.92
CA LEU A 32 0.83 -2.19 11.84
C LEU A 32 0.04 -3.43 12.25
N LEU A 33 0.53 -4.59 11.80
CA LEU A 33 -0.10 -5.87 12.14
C LEU A 33 -0.11 -6.09 13.65
N ARG A 34 0.98 -5.69 14.28
CA ARG A 34 1.12 -5.83 15.73
C ARG A 34 0.24 -4.82 16.46
N LYS A 35 0.19 -3.60 15.95
CA LYS A 35 -0.61 -2.53 16.55
C LYS A 35 -2.10 -2.87 16.50
N GLY A 36 -2.54 -3.37 15.35
CA GLY A 36 -3.93 -3.74 15.19
C GLY A 36 -4.27 -5.05 15.86
N ASN A 37 -3.28 -5.64 16.52
CA ASN A 37 -3.44 -6.91 17.24
C ASN A 37 -3.87 -8.03 16.29
N TYR A 38 -3.42 -7.94 15.05
CA TYR A 38 -3.76 -8.94 14.05
C TYR A 38 -2.85 -10.14 14.19
N ALA A 39 -1.55 -9.88 14.32
CA ALA A 39 -0.58 -10.94 14.47
C ALA A 39 0.64 -10.44 15.23
N GLU A 40 1.46 -11.36 15.72
CA GLU A 40 2.66 -11.00 16.46
C GLU A 40 3.90 -11.18 15.60
N ARG A 41 3.89 -12.22 14.78
CA ARG A 41 5.01 -12.51 13.90
C ARG A 41 4.53 -12.70 12.47
N VAL A 42 5.42 -12.50 11.51
CA VAL A 42 5.09 -12.66 10.10
C VAL A 42 6.12 -13.57 9.43
N GLY A 43 5.67 -14.37 8.47
CA GLY A 43 6.57 -15.28 7.76
C GLY A 43 7.65 -14.55 7.00
N ALA A 44 8.74 -15.26 6.69
CA ALA A 44 9.86 -14.67 5.98
C ALA A 44 9.48 -14.40 4.53
N GLY A 45 8.69 -15.31 3.96
CA GLY A 45 8.27 -15.14 2.59
C GLY A 45 6.88 -14.53 2.49
N ALA A 46 6.58 -13.62 3.41
CA ALA A 46 5.29 -12.96 3.44
C ALA A 46 5.33 -11.58 2.76
N PRO A 47 6.33 -10.71 3.08
CA PRO A 47 6.44 -9.37 2.48
C PRO A 47 6.26 -9.36 0.96
N VAL A 48 6.77 -10.39 0.29
CA VAL A 48 6.63 -10.51 -1.16
C VAL A 48 5.16 -10.49 -1.59
N TYR A 49 4.36 -11.34 -0.98
CA TYR A 49 2.95 -11.44 -1.31
C TYR A 49 2.22 -10.16 -0.91
N LEU A 50 2.55 -9.63 0.25
CA LEU A 50 1.95 -8.40 0.74
C LEU A 50 2.19 -7.24 -0.23
N ALA A 51 3.39 -7.22 -0.80
CA ALA A 51 3.74 -6.18 -1.76
C ALA A 51 2.98 -6.35 -3.05
N ALA A 52 2.98 -7.57 -3.58
CA ALA A 52 2.29 -7.89 -4.83
C ALA A 52 0.82 -7.48 -4.79
N VAL A 53 0.17 -7.73 -3.67
CA VAL A 53 -1.25 -7.37 -3.50
C VAL A 53 -1.45 -5.86 -3.62
N MET A 54 -0.63 -5.11 -2.90
CA MET A 54 -0.71 -3.65 -2.91
C MET A 54 -0.32 -3.08 -4.26
N GLU A 55 0.68 -3.68 -4.90
CA GLU A 55 1.15 -3.23 -6.20
C GLU A 55 0.10 -3.51 -7.27
N TYR A 56 -0.50 -4.70 -7.24
CA TYR A 56 -1.52 -5.06 -8.21
C TYR A 56 -2.74 -4.16 -8.08
N LEU A 57 -3.10 -3.81 -6.85
CA LEU A 57 -4.24 -2.94 -6.62
C LEU A 57 -4.05 -1.60 -7.32
N ALA A 58 -2.87 -1.00 -7.11
CA ALA A 58 -2.54 0.28 -7.72
C ALA A 58 -2.49 0.18 -9.24
N ALA A 59 -2.06 -0.98 -9.74
CA ALA A 59 -1.97 -1.21 -11.18
C ALA A 59 -3.34 -1.18 -11.83
N GLU A 60 -4.30 -1.90 -11.25
CA GLU A 60 -5.66 -1.95 -11.78
C GLU A 60 -6.32 -0.58 -11.72
N VAL A 61 -6.16 0.10 -10.58
CA VAL A 61 -6.74 1.42 -10.39
C VAL A 61 -6.14 2.44 -11.36
N LEU A 62 -4.83 2.36 -11.56
CA LEU A 62 -4.13 3.29 -12.46
C LEU A 62 -4.70 3.21 -13.87
N GLU A 63 -4.97 1.99 -14.34
CA GLU A 63 -5.52 1.80 -15.67
C GLU A 63 -6.89 2.46 -15.78
N LEU A 64 -7.74 2.19 -14.79
CA LEU A 64 -9.09 2.75 -14.76
C LEU A 64 -9.04 4.27 -14.65
N ALA A 65 -8.08 4.76 -13.89
CA ALA A 65 -7.91 6.19 -13.68
C ALA A 65 -7.44 6.87 -14.97
N GLY A 66 -6.44 6.26 -15.61
CA GLY A 66 -5.92 6.79 -16.85
C GLY A 66 -6.98 6.83 -17.93
N ASN A 67 -7.81 5.79 -17.97
CA ASN A 67 -8.89 5.70 -18.94
C ASN A 67 -9.88 6.84 -18.73
N ALA A 68 -10.10 7.17 -17.46
CA ALA A 68 -11.01 8.25 -17.11
C ALA A 68 -10.46 9.59 -17.57
N ALA A 69 -9.15 9.76 -17.39
CA ALA A 69 -8.48 10.99 -17.80
C ALA A 69 -8.52 11.14 -19.32
N ARG A 70 -8.23 10.05 -20.01
CA ARG A 70 -8.24 10.05 -21.47
C ARG A 70 -9.63 10.35 -22.00
N ASP A 71 -10.62 9.70 -21.40
CA ASP A 71 -12.02 9.88 -21.80
C ASP A 71 -12.46 11.32 -21.55
N ASN A 72 -11.99 11.90 -20.45
CA ASN A 72 -12.34 13.28 -20.10
C ASN A 72 -11.48 14.28 -20.86
N LYS A 73 -10.61 13.78 -21.73
CA LYS A 73 -9.72 14.59 -22.56
C LYS A 73 -8.81 15.48 -21.71
N LYS A 74 -8.27 14.91 -20.64
CA LYS A 74 -7.38 15.63 -19.75
C LYS A 74 -5.96 15.07 -19.86
N THR A 75 -4.98 15.93 -19.71
CA THR A 75 -3.58 15.52 -19.80
C THR A 75 -3.04 15.08 -18.44
N ARG A 76 -3.70 15.52 -17.37
CA ARG A 76 -3.28 15.19 -16.03
C ARG A 76 -4.40 14.47 -15.27
N ILE A 77 -4.09 13.29 -14.76
CA ILE A 77 -5.05 12.52 -13.99
C ILE A 77 -5.28 13.18 -12.63
N ILE A 78 -6.52 13.52 -12.34
CA ILE A 78 -6.87 14.17 -11.09
C ILE A 78 -7.48 13.17 -10.10
N PRO A 79 -7.50 13.51 -8.80
CA PRO A 79 -8.05 12.64 -7.75
C PRO A 79 -9.48 12.17 -8.05
N ARG A 80 -10.24 13.00 -8.76
CA ARG A 80 -11.61 12.68 -9.11
C ARG A 80 -11.69 11.48 -10.05
N HIS A 81 -10.63 11.27 -10.84
CA HIS A 81 -10.57 10.16 -11.78
C HIS A 81 -10.44 8.84 -11.03
N LEU A 82 -9.88 8.91 -9.82
CA LEU A 82 -9.71 7.74 -8.99
C LEU A 82 -11.01 7.43 -8.27
N GLN A 83 -11.62 8.49 -7.74
CA GLN A 83 -12.87 8.37 -7.01
C GLN A 83 -13.98 7.82 -7.90
N LEU A 84 -13.87 8.08 -9.19
CA LEU A 84 -14.84 7.58 -10.16
C LEU A 84 -14.95 6.07 -10.09
N ALA A 85 -13.80 5.40 -10.16
CA ALA A 85 -13.76 3.94 -10.11
C ALA A 85 -14.15 3.43 -8.72
N ILE A 86 -13.70 4.13 -7.69
CA ILE A 86 -13.98 3.77 -6.31
C ILE A 86 -15.48 3.67 -6.04
N ARG A 87 -16.25 4.60 -6.59
CA ARG A 87 -17.68 4.63 -6.39
C ARG A 87 -18.44 4.01 -7.57
N ASN A 88 -17.71 3.47 -8.53
CA ASN A 88 -18.35 2.86 -9.70
C ASN A 88 -18.33 1.34 -9.61
N ASP A 89 -17.20 0.79 -9.20
CA ASP A 89 -17.06 -0.65 -9.08
C ASP A 89 -17.61 -1.12 -7.75
N GLU A 90 -18.72 -1.84 -7.81
CA GLU A 90 -19.38 -2.35 -6.61
C GLU A 90 -18.52 -3.40 -5.92
N GLU A 91 -17.83 -4.21 -6.72
CA GLU A 91 -16.96 -5.25 -6.17
C GLU A 91 -15.81 -4.61 -5.41
N LEU A 92 -15.24 -3.57 -6.01
CA LEU A 92 -14.13 -2.84 -5.39
C LEU A 92 -14.61 -2.13 -4.13
N ASN A 93 -15.84 -1.67 -4.15
CA ASN A 93 -16.44 -0.97 -3.01
C ASN A 93 -16.62 -1.92 -1.84
N LYS A 94 -16.86 -3.20 -2.13
CA LYS A 94 -17.06 -4.21 -1.10
C LYS A 94 -15.77 -4.50 -0.35
N LEU A 95 -14.63 -4.11 -0.92
CA LEU A 95 -13.34 -4.34 -0.29
C LEU A 95 -13.16 -3.40 0.90
N LEU A 96 -13.96 -2.36 0.96
CA LEU A 96 -13.90 -1.39 2.05
C LEU A 96 -15.10 -1.56 2.97
N SER A 97 -15.66 -2.77 2.99
CA SER A 97 -16.81 -3.07 3.83
C SER A 97 -16.67 -4.43 4.49
N GLY A 98 -17.74 -4.88 5.17
CA GLY A 98 -17.76 -6.16 5.83
C GLY A 98 -18.15 -7.15 4.80
N VAL A 99 -17.49 -8.31 4.81
CA VAL A 99 -17.76 -9.23 3.76
C VAL A 99 -18.61 -10.35 4.31
N THR A 100 -19.61 -10.79 3.52
CA THR A 100 -20.62 -11.76 3.87
C THR A 100 -20.02 -13.06 4.33
N ILE A 101 -18.90 -13.48 3.70
CA ILE A 101 -18.24 -14.75 3.97
C ILE A 101 -17.82 -14.82 5.40
N ALA A 102 -17.31 -13.70 5.95
CA ALA A 102 -16.73 -13.63 7.27
C ALA A 102 -17.74 -13.78 8.38
N GLN A 103 -17.26 -14.43 9.46
CA GLN A 103 -17.89 -14.83 10.70
C GLN A 103 -18.33 -13.67 11.56
N GLY A 104 -17.55 -12.56 11.56
CA GLY A 104 -17.78 -11.43 12.42
C GLY A 104 -19.20 -11.00 12.35
N GLY A 105 -19.88 -11.28 13.47
CA GLY A 105 -21.26 -10.95 13.66
C GLY A 105 -21.24 -9.83 14.64
N VAL A 106 -21.88 -10.06 15.80
CA VAL A 106 -21.89 -9.09 16.86
C VAL A 106 -20.48 -8.91 17.34
N LEU A 107 -19.69 -10.00 17.46
CA LEU A 107 -18.33 -9.94 17.92
C LEU A 107 -17.44 -10.20 16.73
N PRO A 108 -16.17 -9.79 16.82
CA PRO A 108 -15.19 -10.01 15.78
C PRO A 108 -14.67 -11.41 15.48
N ASN A 109 -14.61 -12.33 16.46
CA ASN A 109 -14.13 -13.67 16.20
C ASN A 109 -14.84 -14.57 17.17
N ILE A 110 -14.59 -15.90 17.07
CA ILE A 110 -15.24 -16.93 17.85
C ILE A 110 -15.03 -16.62 19.32
N GLN A 111 -16.13 -16.30 20.02
CA GLN A 111 -16.20 -15.98 21.42
C GLN A 111 -17.60 -16.32 21.83
N ALA A 112 -17.93 -16.20 23.14
CA ALA A 112 -19.27 -16.46 23.60
C ALA A 112 -20.10 -15.23 23.38
N VAL A 113 -21.38 -15.42 23.01
CA VAL A 113 -22.22 -14.29 22.74
C VAL A 113 -23.21 -14.19 23.85
N LEU A 114 -23.81 -12.99 24.01
CA LEU A 114 -24.82 -12.71 25.00
C LEU A 114 -26.13 -13.18 24.43
N LEU A 115 -26.95 -13.87 25.23
CA LEU A 115 -28.20 -14.33 24.68
C LEU A 115 -29.30 -13.51 25.25
N PRO A 116 -30.20 -13.07 24.40
CA PRO A 116 -31.42 -12.45 24.85
C PRO A 116 -32.40 -13.57 25.02
N LYS A 117 -33.39 -13.46 25.91
CA LYS A 117 -34.29 -14.57 25.96
C LYS A 117 -35.63 -14.08 26.39
N LYS A 118 -36.54 -13.89 25.40
CA LYS A 118 -37.89 -13.49 25.71
C LYS A 118 -38.71 -14.69 25.44
N THR A 119 -39.94 -14.75 26.01
CA THR A 119 -40.83 -15.84 25.72
C THR A 119 -41.90 -15.24 24.86
N GLU A 120 -42.16 -15.84 23.68
CA GLU A 120 -43.15 -15.31 22.79
C GLU A 120 -44.46 -16.01 22.94
N LYS A 121 -45.47 -15.42 22.28
CA LYS A 121 -46.86 -15.80 22.28
C LYS A 121 -47.07 -17.18 21.71
N LYS A 122 -46.59 -17.46 20.47
CA LYS A 122 -46.83 -18.73 19.87
C LYS A 122 -45.53 -19.46 19.84
N ALA A 123 -45.60 -20.81 19.78
CA ALA A 123 -44.43 -21.62 19.72
C ALA A 123 -44.12 -21.81 18.23
N PRO B 1 24.42 36.80 14.47
CA PRO B 1 25.06 36.99 13.13
C PRO B 1 24.67 38.36 12.69
N PRO B 2 25.53 39.03 11.97
CA PRO B 2 25.18 40.32 11.42
C PRO B 2 24.46 40.10 10.12
N LYS B 3 23.79 41.17 9.62
CA LYS B 3 23.12 41.17 8.35
C LYS B 3 24.17 41.49 7.33
N THR B 4 23.84 41.41 6.03
CA THR B 4 24.80 41.72 5.01
C THR B 4 25.13 43.17 5.05
N SER B 5 26.42 43.44 4.78
CA SER B 5 26.97 44.76 4.75
C SER B 5 26.86 45.25 3.34
N GLY B 6 27.00 46.57 3.21
CA GLY B 6 26.91 47.32 1.99
C GLY B 6 26.48 48.66 2.47
N LYS B 7 26.15 49.58 1.54
CA LYS B 7 25.67 50.87 1.96
C LYS B 7 24.18 50.78 1.89
N ALA B 8 23.48 51.41 2.87
CA ALA B 8 22.06 51.28 2.85
C ALA B 8 21.49 52.58 2.38
N ALA B 9 20.59 52.45 1.39
CA ALA B 9 19.82 53.47 0.78
C ALA B 9 18.90 52.72 -0.13
N LYS B 10 17.75 53.32 -0.49
CA LYS B 10 16.77 52.80 -1.42
C LYS B 10 16.50 51.34 -1.22
N LYS B 11 16.11 50.90 0.00
CA LYS B 11 15.79 49.50 0.18
C LYS B 11 14.37 49.44 0.65
N ALA B 12 13.48 48.77 -0.10
CA ALA B 12 12.12 48.72 0.35
C ALA B 12 11.85 47.33 0.76
N GLY B 13 11.12 47.17 1.86
CA GLY B 13 10.74 45.85 2.27
C GLY B 13 9.43 45.99 2.94
N LYS B 14 8.36 45.54 2.27
CA LYS B 14 7.06 45.62 2.88
C LYS B 14 6.45 44.26 2.73
N ALA B 15 6.17 43.58 3.86
CA ALA B 15 5.49 42.32 3.78
C ALA B 15 4.03 42.59 3.74
N GLN B 16 3.27 41.77 2.98
CA GLN B 16 1.85 42.01 2.95
C GLN B 16 1.19 40.70 3.27
N LYS B 17 0.43 40.66 4.38
CA LYS B 17 -0.28 39.46 4.70
C LYS B 17 -1.70 39.86 4.96
N ASN B 18 -2.62 39.33 4.14
CA ASN B 18 -4.01 39.59 4.34
C ASN B 18 -4.57 38.33 4.92
N ILE B 19 -5.70 38.44 5.65
CA ILE B 19 -6.37 37.30 6.20
C ILE B 19 -7.62 37.19 5.39
N THR B 20 -7.90 36.01 4.82
CA THR B 20 -9.05 35.87 3.96
C THR B 20 -10.19 35.27 4.72
N LYS B 21 -11.21 34.89 3.92
CA LYS B 21 -12.42 34.22 4.33
C LYS B 21 -12.06 32.76 4.33
N THR B 22 -12.94 31.88 4.87
CA THR B 22 -12.67 30.47 4.88
C THR B 22 -12.52 30.04 3.44
N ASP B 23 -11.27 29.74 3.07
CA ASP B 23 -11.00 29.38 1.73
C ASP B 23 -10.54 27.97 1.83
N LYS B 24 -10.66 27.20 0.73
CA LYS B 24 -10.20 25.85 0.69
C LYS B 24 -8.77 25.89 0.24
N LYS B 25 -7.89 25.12 0.93
CA LYS B 25 -6.53 25.00 0.51
C LYS B 25 -6.17 23.59 0.80
N LYS B 26 -6.27 22.69 -0.21
CA LYS B 26 -6.00 21.30 0.06
C LYS B 26 -4.53 21.12 0.21
N LYS B 27 -4.14 20.59 1.38
CA LYS B 27 -2.75 20.36 1.72
C LYS B 27 -2.32 19.05 1.18
N ARG B 28 -1.02 18.98 0.81
CA ARG B 28 -0.41 17.79 0.28
C ARG B 28 -0.16 16.89 1.44
N LYS B 29 -0.45 15.58 1.26
CA LYS B 29 -0.26 14.66 2.34
C LYS B 29 0.54 13.54 1.77
N ARG B 30 1.50 13.00 2.53
CA ARG B 30 2.17 11.89 1.92
C ARG B 30 2.38 10.89 3.02
N LYS B 31 2.06 9.62 2.71
CA LYS B 31 2.17 8.50 3.61
C LYS B 31 3.46 7.81 3.27
N GLU B 32 3.49 6.46 3.28
CA GLU B 32 4.68 5.71 2.94
C GLU B 32 5.04 6.12 1.56
N SER B 33 4.00 6.06 0.69
CA SER B 33 3.92 6.53 -0.68
C SER B 33 4.61 5.55 -1.63
N TYR B 34 3.86 5.01 -2.58
CA TYR B 34 4.39 4.05 -3.54
C TYR B 34 4.52 4.70 -4.91
N ALA B 35 4.88 5.99 -4.91
CA ALA B 35 5.02 6.77 -6.13
C ALA B 35 6.03 6.15 -7.09
N ILE B 36 7.03 5.46 -6.54
CA ILE B 36 8.07 4.83 -7.36
C ILE B 36 7.47 3.78 -8.30
N TYR B 37 6.44 3.08 -7.83
CA TYR B 37 5.80 2.04 -8.63
C TYR B 37 4.72 2.65 -9.53
N ILE B 38 4.00 3.61 -8.96
CA ILE B 38 2.92 4.30 -9.69
C ILE B 38 3.46 4.95 -10.96
N TYR B 39 4.56 5.68 -10.83
CA TYR B 39 5.17 6.36 -11.97
C TYR B 39 5.55 5.38 -13.07
N LYS B 40 6.11 4.24 -12.68
CA LYS B 40 6.52 3.22 -13.64
C LYS B 40 5.34 2.67 -14.43
N VAL B 41 4.30 2.26 -13.72
CA VAL B 41 3.11 1.70 -14.36
C VAL B 41 2.36 2.76 -15.16
N LEU B 42 2.33 3.98 -14.62
CA LEU B 42 1.66 5.10 -15.28
C LEU B 42 2.21 5.31 -16.69
N LYS B 43 3.53 5.38 -16.80
CA LYS B 43 4.16 5.61 -18.08
C LYS B 43 4.21 4.35 -18.93
N GLN B 44 3.69 3.25 -18.40
CA GLN B 44 3.65 2.00 -19.14
C GLN B 44 2.32 1.86 -19.86
N VAL B 45 1.25 2.31 -19.21
CA VAL B 45 -0.08 2.23 -19.80
C VAL B 45 -0.46 3.57 -20.45
N HIS B 46 -0.09 4.67 -19.81
CA HIS B 46 -0.40 6.00 -20.33
C HIS B 46 0.85 6.89 -20.32
N PRO B 47 1.78 6.64 -21.26
CA PRO B 47 3.03 7.40 -21.34
C PRO B 47 2.81 8.89 -21.64
N ASP B 48 1.88 9.16 -22.56
CA ASP B 48 1.59 10.53 -22.97
C ASP B 48 0.62 11.22 -22.01
N THR B 49 0.40 10.62 -20.85
CA THR B 49 -0.50 11.20 -19.86
C THR B 49 0.22 11.39 -18.53
N GLY B 50 -0.13 12.44 -17.81
CA GLY B 50 0.50 12.70 -16.53
C GLY B 50 -0.47 12.52 -15.38
N ILE B 51 0.03 12.68 -14.16
CA ILE B 51 -0.80 12.51 -12.98
C ILE B 51 -0.52 13.63 -11.98
N SER B 52 -1.52 13.99 -11.19
CA SER B 52 -1.36 15.04 -10.20
C SER B 52 -0.72 14.46 -8.94
N SER B 53 -0.01 15.31 -8.18
CA SER B 53 0.66 14.90 -6.97
C SER B 53 -0.35 14.38 -5.94
N LYS B 54 -1.46 15.08 -5.80
CA LYS B 54 -2.50 14.71 -4.84
C LYS B 54 -3.14 13.37 -5.20
N ALA B 55 -3.24 13.08 -6.50
CA ALA B 55 -3.83 11.83 -6.96
C ALA B 55 -3.05 10.63 -6.44
N MET B 56 -1.73 10.72 -6.47
CA MET B 56 -0.86 9.65 -6.00
C MET B 56 -1.10 9.39 -4.52
N SER B 57 -1.20 10.47 -3.76
CA SER B 57 -1.43 10.37 -2.32
C SER B 57 -2.78 9.70 -2.02
N ILE B 58 -3.76 9.95 -2.89
CA ILE B 58 -5.08 9.34 -2.72
C ILE B 58 -4.98 7.82 -2.84
N MET B 59 -4.29 7.36 -3.87
CA MET B 59 -4.11 5.92 -4.09
C MET B 59 -3.31 5.30 -2.95
N ASN B 60 -2.32 6.05 -2.45
CA ASN B 60 -1.49 5.59 -1.35
C ASN B 60 -2.34 5.36 -0.10
N SER B 61 -3.33 6.22 0.09
CA SER B 61 -4.22 6.11 1.23
C SER B 61 -5.26 5.03 0.99
N PHE B 62 -5.63 4.86 -0.28
CA PHE B 62 -6.61 3.88 -0.69
C PHE B 62 -6.12 2.46 -0.40
N VAL B 63 -4.93 2.14 -0.93
CA VAL B 63 -4.36 0.80 -0.73
C VAL B 63 -4.04 0.54 0.74
N ASN B 64 -3.74 1.60 1.49
CA ASN B 64 -3.42 1.46 2.91
C ASN B 64 -4.65 1.00 3.70
N ASP B 65 -5.80 1.60 3.38
CA ASP B 65 -7.05 1.24 4.04
C ASP B 65 -7.43 -0.20 3.73
N ILE B 66 -7.32 -0.57 2.46
CA ILE B 66 -7.64 -1.92 2.01
C ILE B 66 -6.77 -2.96 2.72
N PHE B 67 -5.46 -2.66 2.82
CA PHE B 67 -4.53 -3.56 3.48
C PHE B 67 -4.96 -3.84 4.92
N GLU B 68 -5.28 -2.78 5.65
CA GLU B 68 -5.72 -2.90 7.04
C GLU B 68 -7.00 -3.73 7.13
N ARG B 69 -7.82 -3.64 6.09
CA ARG B 69 -9.07 -4.38 6.05
C ARG B 69 -8.81 -5.87 5.85
N ILE B 70 -7.87 -6.20 4.98
CA ILE B 70 -7.52 -7.60 4.69
C ILE B 70 -6.83 -8.23 5.91
N ALA B 71 -6.05 -7.42 6.61
CA ALA B 71 -5.33 -7.88 7.80
C ALA B 71 -6.30 -8.44 8.84
N ALA B 72 -7.53 -7.94 8.83
CA ALA B 72 -8.55 -8.40 9.76
C ALA B 72 -8.87 -9.87 9.54
N GLU B 73 -8.89 -10.29 8.28
CA GLU B 73 -9.18 -11.69 7.94
C GLU B 73 -7.96 -12.55 8.23
N ALA B 74 -6.78 -11.98 8.03
CA ALA B 74 -5.53 -12.69 8.30
C ALA B 74 -5.46 -13.08 9.76
N SER B 75 -5.90 -12.17 10.62
CA SER B 75 -5.93 -12.42 12.05
C SER B 75 -6.90 -13.55 12.36
N ARG B 76 -8.05 -13.53 11.69
CA ARG B 76 -9.06 -14.58 11.88
C ARG B 76 -8.49 -15.93 11.51
N LEU B 77 -7.85 -15.99 10.34
CA LEU B 77 -7.23 -17.22 9.86
C LEU B 77 -6.19 -17.71 10.84
N ALA B 78 -5.39 -16.79 11.36
CA ALA B 78 -4.36 -17.13 12.33
C ALA B 78 -4.99 -17.69 13.60
N HIS B 79 -6.06 -17.03 14.05
CA HIS B 79 -6.77 -17.47 15.25
C HIS B 79 -7.38 -18.85 15.07
N TYR B 80 -7.92 -19.10 13.88
CA TYR B 80 -8.54 -20.39 13.57
C TYR B 80 -7.47 -21.49 13.54
N ASN B 81 -6.27 -21.13 13.09
CA ASN B 81 -5.16 -22.08 13.01
C ASN B 81 -4.40 -22.11 14.33
N LYS B 82 -4.87 -21.29 15.29
CA LYS B 82 -4.25 -21.19 16.61
C LYS B 82 -2.79 -20.80 16.49
N ARG B 83 -2.54 -19.79 15.65
CA ARG B 83 -1.21 -19.29 15.42
C ARG B 83 -1.18 -17.77 15.60
N SER B 84 0.00 -17.24 15.88
CA SER B 84 0.17 -15.81 16.03
C SER B 84 1.09 -15.27 14.95
N THR B 85 1.36 -16.12 13.97
CA THR B 85 2.23 -15.78 12.85
C THR B 85 1.49 -15.93 11.52
N ILE B 86 1.59 -14.92 10.67
CA ILE B 86 0.94 -14.95 9.37
C ILE B 86 1.87 -15.60 8.34
N THR B 87 1.43 -16.71 7.76
CA THR B 87 2.22 -17.42 6.77
C THR B 87 1.99 -16.84 5.39
N SER B 88 2.79 -17.29 4.42
CA SER B 88 2.66 -16.83 3.05
C SER B 88 1.37 -17.33 2.43
N ARG B 89 0.84 -18.40 3.01
CA ARG B 89 -0.41 -18.99 2.54
C ARG B 89 -1.61 -18.28 3.14
N GLU B 90 -1.45 -17.81 4.38
CA GLU B 90 -2.52 -17.10 5.07
C GLU B 90 -2.93 -15.86 4.32
N ILE B 91 -1.93 -15.14 3.78
CA ILE B 91 -2.18 -13.93 3.02
C ILE B 91 -3.08 -14.22 1.82
N GLN B 92 -2.74 -15.27 1.10
CA GLN B 92 -3.50 -15.69 -0.08
C GLN B 92 -4.95 -15.98 0.29
N THR B 93 -5.15 -16.65 1.41
CA THR B 93 -6.50 -16.98 1.87
C THR B 93 -7.24 -15.72 2.29
N ALA B 94 -6.56 -14.83 2.99
CA ALA B 94 -7.16 -13.58 3.47
C ALA B 94 -7.66 -12.75 2.29
N VAL B 95 -6.82 -12.61 1.26
CA VAL B 95 -7.18 -11.86 0.08
C VAL B 95 -8.39 -12.49 -0.62
N ARG B 96 -8.40 -13.82 -0.67
CA ARG B 96 -9.49 -14.56 -1.31
C ARG B 96 -10.81 -14.40 -0.55
N LEU B 97 -10.73 -14.11 0.74
CA LEU B 97 -11.91 -13.95 1.57
C LEU B 97 -12.53 -12.57 1.43
N LEU B 98 -11.87 -11.69 0.69
CA LEU B 98 -12.37 -10.33 0.51
C LEU B 98 -12.50 -9.99 -0.97
N LEU B 99 -11.42 -10.19 -1.72
CA LEU B 99 -11.41 -9.90 -3.14
C LEU B 99 -12.09 -10.99 -3.95
N PRO B 100 -12.80 -10.61 -5.02
CA PRO B 100 -13.49 -11.57 -5.90
C PRO B 100 -12.51 -12.57 -6.51
N GLY B 101 -13.04 -13.71 -6.96
CA GLY B 101 -12.21 -14.75 -7.54
C GLY B 101 -11.29 -14.26 -8.65
N GLU B 102 -11.84 -13.48 -9.58
CA GLU B 102 -11.06 -12.95 -10.70
C GLU B 102 -9.86 -12.14 -10.22
N LEU B 103 -10.09 -11.27 -9.25
CA LEU B 103 -9.03 -10.42 -8.72
C LEU B 103 -8.06 -11.23 -7.86
N ALA B 104 -8.61 -12.10 -7.02
CA ALA B 104 -7.81 -12.93 -6.14
C ALA B 104 -6.83 -13.80 -6.92
N LYS B 105 -7.31 -14.41 -7.99
CA LYS B 105 -6.48 -15.27 -8.83
C LYS B 105 -5.32 -14.47 -9.43
N HIS B 106 -5.61 -13.26 -9.88
CA HIS B 106 -4.60 -12.40 -10.48
C HIS B 106 -3.60 -11.93 -9.44
N ALA B 107 -4.10 -11.59 -8.26
CA ALA B 107 -3.24 -11.11 -7.17
C ALA B 107 -2.20 -12.15 -6.79
N VAL B 108 -2.63 -13.40 -6.66
CA VAL B 108 -1.73 -14.49 -6.29
C VAL B 108 -0.69 -14.73 -7.39
N SER B 109 -1.11 -14.55 -8.65
CA SER B 109 -0.23 -14.75 -9.78
C SER B 109 0.86 -13.68 -9.81
N GLU B 110 0.52 -12.47 -9.40
CA GLU B 110 1.46 -11.35 -9.37
C GLU B 110 2.53 -11.55 -8.30
N GLY B 111 2.33 -12.55 -7.44
CA GLY B 111 3.29 -12.83 -6.39
C GLY B 111 4.67 -13.17 -6.93
N THR B 112 4.69 -13.75 -8.13
CA THR B 112 5.94 -14.14 -8.77
C THR B 112 6.84 -12.93 -8.98
N LYS B 113 6.25 -11.84 -9.47
CA LYS B 113 7.00 -10.61 -9.72
C LYS B 113 7.68 -10.12 -8.45
N ALA B 114 6.93 -10.14 -7.35
CA ALA B 114 7.44 -9.69 -6.07
C ALA B 114 8.61 -10.56 -5.61
N VAL B 115 8.45 -11.88 -5.68
CA VAL B 115 9.50 -12.80 -5.28
C VAL B 115 10.76 -12.56 -6.09
N THR B 116 10.59 -12.31 -7.37
CA THR B 116 11.71 -12.06 -8.26
C THR B 116 12.35 -10.70 -7.97
N LYS B 117 11.52 -9.68 -7.72
CA LYS B 117 12.01 -8.34 -7.44
C LYS B 117 12.75 -8.29 -6.09
N TYR B 118 12.23 -9.00 -5.11
CA TYR B 118 12.84 -9.03 -3.78
C TYR B 118 14.20 -9.73 -3.80
N THR B 119 14.34 -10.72 -4.68
CA THR B 119 15.59 -11.46 -4.77
C THR B 119 16.57 -10.79 -5.73
N SER B 120 16.13 -9.72 -6.38
CA SER B 120 16.99 -9.00 -7.32
C SER B 120 18.12 -8.31 -6.56
N SER B 121 19.34 -8.47 -7.05
CA SER B 121 20.51 -7.89 -6.43
C SER B 121 20.62 -6.38 -6.71
N LYS B 122 21.61 -5.75 -6.09
CA LYS B 122 21.83 -4.31 -6.26
C LYS B 122 22.60 -4.05 -7.54
N SER A 1 54.05 -22.67 -0.02
CA SER A 1 53.82 -22.48 -1.48
C SER A 1 53.79 -21.02 -1.81
N GLY A 2 54.52 -20.62 -2.87
CA GLY A 2 54.64 -19.23 -3.26
C GLY A 2 53.29 -18.62 -3.53
N ARG A 3 52.38 -19.38 -4.17
CA ARG A 3 51.04 -18.90 -4.48
C ARG A 3 50.33 -18.61 -3.19
N GLY A 4 50.55 -19.46 -2.18
CA GLY A 4 49.85 -19.34 -0.94
C GLY A 4 49.18 -20.65 -0.70
N LYS A 5 47.83 -20.63 -0.65
CA LYS A 5 47.01 -21.79 -0.44
C LYS A 5 46.63 -22.34 -1.78
N GLY A 6 46.02 -23.54 -1.78
CA GLY A 6 45.53 -24.17 -2.98
C GLY A 6 44.15 -23.66 -3.21
N GLY A 7 43.45 -24.23 -4.21
CA GLY A 7 42.14 -23.76 -4.53
C GLY A 7 42.25 -22.95 -5.79
N LYS A 8 41.16 -22.94 -6.59
CA LYS A 8 41.15 -22.24 -7.85
C LYS A 8 41.22 -20.73 -7.68
N VAL A 9 40.43 -20.12 -6.78
CA VAL A 9 40.48 -18.69 -6.66
C VAL A 9 41.02 -18.36 -5.30
N LYS A 10 41.61 -17.16 -5.14
CA LYS A 10 42.15 -16.77 -3.86
C LYS A 10 41.01 -16.42 -2.96
N GLY A 11 40.89 -17.14 -1.82
CA GLY A 11 39.86 -16.89 -0.84
C GLY A 11 38.52 -17.24 -1.42
N LYS A 12 37.53 -16.42 -1.06
CA LYS A 12 36.20 -16.57 -1.57
C LYS A 12 36.02 -15.39 -2.46
N ALA A 13 35.30 -15.56 -3.58
CA ALA A 13 35.07 -14.44 -4.45
C ALA A 13 33.61 -14.30 -4.66
N LYS A 14 33.10 -13.10 -4.34
CA LYS A 14 31.72 -12.80 -4.58
C LYS A 14 31.73 -11.81 -5.68
N SER A 15 30.58 -11.63 -6.35
CA SER A 15 30.47 -10.66 -7.40
C SER A 15 30.25 -9.31 -6.78
N ARG A 16 31.02 -8.29 -7.25
CA ARG A 16 30.88 -6.94 -6.79
C ARG A 16 29.59 -6.37 -7.34
N SER A 17 29.29 -6.71 -8.61
CA SER A 17 28.11 -6.29 -9.30
C SER A 17 27.11 -7.38 -9.15
N ASN A 18 26.10 -7.36 -10.05
CA ASN A 18 25.04 -8.33 -10.17
C ASN A 18 24.29 -8.52 -8.88
N ARG A 19 23.63 -7.46 -8.37
CA ARG A 19 22.81 -7.66 -7.20
C ARG A 19 21.52 -6.93 -7.46
N ALA A 20 20.41 -7.67 -7.65
CA ALA A 20 19.17 -6.97 -7.85
C ALA A 20 18.19 -7.50 -6.85
N GLY A 21 17.66 -6.59 -6.03
CA GLY A 21 16.72 -7.00 -5.02
C GLY A 21 17.46 -7.28 -3.76
N LEU A 22 16.70 -7.71 -2.71
CA LEU A 22 17.17 -8.04 -1.38
C LEU A 22 16.02 -8.53 -0.49
N GLN A 23 16.35 -8.88 0.74
CA GLN A 23 15.37 -9.39 1.70
C GLN A 23 14.51 -8.25 2.23
N PHE A 24 13.20 -8.47 2.28
CA PHE A 24 12.27 -7.46 2.76
C PHE A 24 12.30 -7.36 4.27
N PRO A 25 12.24 -6.13 4.82
CA PRO A 25 12.23 -5.93 6.28
C PRO A 25 10.93 -6.43 6.90
N VAL A 26 11.01 -7.58 7.55
CA VAL A 26 9.85 -8.20 8.18
C VAL A 26 9.48 -7.48 9.48
N GLY A 27 10.47 -6.83 10.08
CA GLY A 27 10.25 -6.12 11.31
C GLY A 27 9.23 -5.00 11.15
N ARG A 28 9.30 -4.30 10.02
CA ARG A 28 8.37 -3.22 9.74
C ARG A 28 6.95 -3.76 9.70
N ILE A 29 6.79 -4.93 9.10
CA ILE A 29 5.49 -5.57 8.99
C ILE A 29 4.98 -5.95 10.38
N HIS A 30 5.85 -6.55 11.18
CA HIS A 30 5.50 -6.96 12.54
C HIS A 30 5.05 -5.75 13.36
N ARG A 31 5.78 -4.64 13.20
CA ARG A 31 5.46 -3.41 13.90
C ARG A 31 4.12 -2.86 13.43
N LEU A 32 3.88 -2.95 12.12
CA LEU A 32 2.63 -2.48 11.54
C LEU A 32 1.46 -3.31 12.05
N LEU A 33 1.66 -4.62 12.10
CA LEU A 33 0.63 -5.54 12.57
C LEU A 33 0.25 -5.24 14.01
N ARG A 34 1.23 -4.85 14.81
CA ARG A 34 1.00 -4.53 16.21
C ARG A 34 0.37 -3.14 16.34
N LYS A 35 0.84 -2.20 15.52
CA LYS A 35 0.32 -0.83 15.54
C LYS A 35 -1.14 -0.80 15.12
N GLY A 36 -1.48 -1.54 14.07
CA GLY A 36 -2.84 -1.58 13.58
C GLY A 36 -3.70 -2.54 14.36
N ASN A 37 -3.11 -3.16 15.39
CA ASN A 37 -3.81 -4.11 16.25
C ASN A 37 -4.36 -5.28 15.45
N TYR A 38 -3.47 -5.97 14.75
CA TYR A 38 -3.84 -7.11 13.93
C TYR A 38 -3.29 -8.41 14.50
N ALA A 39 -1.96 -8.50 14.63
CA ALA A 39 -1.33 -9.71 15.15
C ALA A 39 0.01 -9.39 15.80
N GLU A 40 0.63 -10.39 16.39
CA GLU A 40 1.92 -10.24 17.05
C GLU A 40 3.05 -10.27 16.03
N ARG A 41 2.94 -11.19 15.07
CA ARG A 41 3.93 -11.34 14.02
C ARG A 41 3.34 -12.08 12.82
N VAL A 42 4.13 -12.21 11.77
CA VAL A 42 3.69 -12.89 10.55
C VAL A 42 4.70 -13.98 10.19
N GLY A 43 4.35 -14.81 9.21
CA GLY A 43 5.22 -15.88 8.78
C GLY A 43 6.13 -15.47 7.64
N ALA A 44 7.24 -16.18 7.47
CA ALA A 44 8.19 -15.89 6.40
C ALA A 44 7.57 -16.13 5.03
N GLY A 45 7.98 -15.33 4.06
CA GLY A 45 7.46 -15.47 2.71
C GLY A 45 6.25 -14.57 2.47
N ALA A 46 5.74 -14.00 3.55
CA ALA A 46 4.58 -13.10 3.47
C ALA A 46 4.92 -11.81 2.72
N PRO A 47 6.02 -11.10 3.09
CA PRO A 47 6.41 -9.85 2.42
C PRO A 47 6.56 -10.01 0.91
N VAL A 48 7.11 -11.15 0.49
CA VAL A 48 7.32 -11.42 -0.94
C VAL A 48 5.97 -11.56 -1.65
N TYR A 49 5.03 -12.21 -0.98
CA TYR A 49 3.70 -12.41 -1.53
C TYR A 49 2.94 -11.08 -1.56
N LEU A 50 3.04 -10.33 -0.46
CA LEU A 50 2.37 -9.04 -0.34
C LEU A 50 2.81 -8.08 -1.43
N ALA A 51 4.10 -8.10 -1.76
CA ALA A 51 4.64 -7.22 -2.79
C ALA A 51 3.96 -7.47 -4.13
N ALA A 52 3.72 -8.74 -4.44
CA ALA A 52 3.07 -9.12 -5.69
C ALA A 52 1.63 -8.60 -5.73
N VAL A 53 0.92 -8.82 -4.64
CA VAL A 53 -0.46 -8.40 -4.52
C VAL A 53 -0.57 -6.88 -4.63
N MET A 54 0.26 -6.18 -3.88
CA MET A 54 0.25 -4.72 -3.86
C MET A 54 0.56 -4.15 -5.25
N GLU A 55 1.60 -4.68 -5.89
CA GLU A 55 2.02 -4.21 -7.20
C GLU A 55 0.90 -4.41 -8.24
N TYR A 56 0.33 -5.60 -8.26
CA TYR A 56 -0.72 -5.92 -9.22
C TYR A 56 -1.97 -5.07 -8.99
N LEU A 57 -2.44 -5.04 -7.75
CA LEU A 57 -3.64 -4.27 -7.41
C LEU A 57 -3.47 -2.79 -7.73
N ALA A 58 -2.37 -2.21 -7.24
CA ALA A 58 -2.09 -0.80 -7.47
C ALA A 58 -2.08 -0.48 -8.95
N ALA A 59 -1.41 -1.33 -9.74
CA ALA A 59 -1.32 -1.14 -11.18
C ALA A 59 -2.70 -1.01 -11.82
N GLU A 60 -3.63 -1.88 -11.41
CA GLU A 60 -4.98 -1.85 -11.95
C GLU A 60 -5.72 -0.60 -11.49
N VAL A 61 -5.59 -0.28 -10.21
CA VAL A 61 -6.26 0.88 -9.63
C VAL A 61 -5.83 2.18 -10.31
N LEU A 62 -4.53 2.41 -10.42
CA LEU A 62 -4.03 3.63 -11.04
C LEU A 62 -4.41 3.72 -12.51
N GLU A 63 -4.41 2.59 -13.20
CA GLU A 63 -4.79 2.57 -14.62
C GLU A 63 -6.26 2.91 -14.77
N LEU A 64 -7.09 2.34 -13.90
CA LEU A 64 -8.52 2.59 -13.94
C LEU A 64 -8.81 4.04 -13.58
N ALA A 65 -8.04 4.60 -12.66
CA ALA A 65 -8.19 5.99 -12.24
C ALA A 65 -7.98 6.91 -13.44
N GLY A 66 -6.91 6.66 -14.18
CA GLY A 66 -6.62 7.45 -15.36
C GLY A 66 -7.67 7.23 -16.43
N ASN A 67 -8.15 6.00 -16.54
CA ASN A 67 -9.16 5.65 -17.51
C ASN A 67 -10.48 6.36 -17.21
N ALA A 68 -10.77 6.50 -15.92
CA ALA A 68 -11.98 7.18 -15.48
C ALA A 68 -11.94 8.64 -15.90
N ALA A 69 -10.78 9.27 -15.71
CA ALA A 69 -10.60 10.67 -16.09
C ALA A 69 -10.62 10.79 -17.61
N ARG A 70 -10.08 9.78 -18.27
CA ARG A 70 -10.03 9.74 -19.73
C ARG A 70 -11.44 9.62 -20.32
N ASP A 71 -12.25 8.77 -19.68
CA ASP A 71 -13.62 8.55 -20.11
C ASP A 71 -14.46 9.79 -19.90
N ASN A 72 -14.17 10.51 -18.83
CA ASN A 72 -14.89 11.74 -18.51
C ASN A 72 -14.34 12.91 -19.32
N LYS A 73 -13.20 12.67 -19.97
CA LYS A 73 -12.54 13.67 -20.79
C LYS A 73 -12.06 14.87 -19.97
N LYS A 74 -11.09 14.62 -19.11
CA LYS A 74 -10.53 15.68 -18.27
C LYS A 74 -9.09 15.97 -18.69
N THR A 75 -8.62 17.17 -18.38
CA THR A 75 -7.26 17.56 -18.73
C THR A 75 -6.26 17.00 -17.73
N ARG A 76 -6.67 16.95 -16.47
CA ARG A 76 -5.83 16.44 -15.39
C ARG A 76 -6.66 15.60 -14.43
N ILE A 77 -6.11 14.47 -14.00
CA ILE A 77 -6.80 13.58 -13.08
C ILE A 77 -6.96 14.26 -11.72
N ILE A 78 -8.19 14.45 -11.30
CA ILE A 78 -8.48 15.07 -10.01
C ILE A 78 -8.95 14.01 -9.01
N PRO A 79 -8.77 14.28 -7.71
CA PRO A 79 -9.16 13.35 -6.63
C PRO A 79 -10.61 12.89 -6.73
N ARG A 80 -11.47 13.73 -7.28
CA ARG A 80 -12.89 13.43 -7.41
C ARG A 80 -13.13 12.21 -8.32
N HIS A 81 -12.19 11.93 -9.21
CA HIS A 81 -12.35 10.81 -10.14
C HIS A 81 -11.59 9.57 -9.67
N LEU A 82 -10.92 9.67 -8.53
CA LEU A 82 -10.16 8.55 -8.00
C LEU A 82 -11.10 7.47 -7.47
N GLN A 83 -12.23 7.89 -6.95
CA GLN A 83 -13.22 6.97 -6.39
C GLN A 83 -13.94 6.19 -7.50
N LEU A 84 -13.98 6.78 -8.68
CA LEU A 84 -14.65 6.16 -9.82
C LEU A 84 -13.96 4.86 -10.22
N ALA A 85 -12.64 4.82 -10.07
CA ALA A 85 -11.86 3.63 -10.41
C ALA A 85 -12.31 2.41 -9.60
N ILE A 86 -12.77 2.67 -8.38
CA ILE A 86 -13.21 1.61 -7.49
C ILE A 86 -14.70 1.36 -7.64
N ARG A 87 -15.47 2.43 -7.78
CA ARG A 87 -16.92 2.32 -7.91
C ARG A 87 -17.33 1.69 -9.24
N ASN A 88 -16.47 1.78 -10.24
CA ASN A 88 -16.74 1.19 -11.54
C ASN A 88 -16.20 -0.22 -11.62
N ASP A 89 -15.86 -0.78 -10.46
CA ASP A 89 -15.32 -2.13 -10.37
C ASP A 89 -16.02 -2.89 -9.25
N GLU A 90 -15.90 -4.21 -9.26
CA GLU A 90 -16.53 -5.04 -8.23
C GLU A 90 -15.47 -5.76 -7.40
N GLU A 91 -14.32 -6.00 -7.99
CA GLU A 91 -13.23 -6.69 -7.30
C GLU A 91 -12.58 -5.76 -6.29
N LEU A 92 -12.15 -4.61 -6.76
CA LEU A 92 -11.52 -3.61 -5.91
C LEU A 92 -12.52 -3.05 -4.91
N ASN A 93 -13.80 -3.08 -5.29
CA ASN A 93 -14.86 -2.58 -4.44
C ASN A 93 -14.93 -3.39 -3.15
N LYS A 94 -14.95 -4.71 -3.28
CA LYS A 94 -15.01 -5.59 -2.12
C LYS A 94 -13.70 -5.51 -1.33
N LEU A 95 -12.60 -5.36 -2.06
CA LEU A 95 -11.28 -5.25 -1.44
C LEU A 95 -11.22 -4.07 -0.48
N LEU A 96 -11.70 -2.92 -0.95
CA LEU A 96 -11.69 -1.70 -0.14
C LEU A 96 -12.93 -1.59 0.74
N SER A 97 -13.45 -2.73 1.17
CA SER A 97 -14.63 -2.75 2.03
C SER A 97 -14.28 -3.37 3.39
N GLY A 98 -15.33 -3.49 4.23
CA GLY A 98 -15.21 -4.02 5.55
C GLY A 98 -15.66 -5.42 5.52
N VAL A 99 -16.21 -5.89 6.65
CA VAL A 99 -16.64 -7.24 6.78
C VAL A 99 -18.14 -7.27 6.73
N THR A 100 -18.69 -8.40 6.20
CA THR A 100 -20.08 -8.76 6.03
C THR A 100 -20.83 -9.14 7.31
N ILE A 101 -20.18 -9.83 8.29
CA ILE A 101 -20.79 -10.41 9.47
C ILE A 101 -21.68 -9.46 10.25
N ALA A 102 -21.37 -8.15 10.29
CA ALA A 102 -22.17 -7.19 11.01
C ALA A 102 -23.58 -7.14 10.46
N GLN A 103 -23.75 -7.28 9.13
CA GLN A 103 -25.08 -7.14 8.58
C GLN A 103 -25.91 -8.35 8.92
N GLY A 104 -27.14 -8.10 9.40
CA GLY A 104 -28.01 -9.19 9.72
C GLY A 104 -29.33 -8.63 10.12
N GLY A 105 -30.40 -9.39 9.85
CA GLY A 105 -31.73 -8.97 10.21
C GLY A 105 -32.67 -9.98 9.63
N VAL A 106 -33.89 -10.04 10.20
CA VAL A 106 -34.86 -10.95 9.69
C VAL A 106 -35.97 -10.11 9.16
N LEU A 107 -36.89 -10.71 8.36
CA LEU A 107 -38.02 -10.04 7.76
C LEU A 107 -39.06 -9.58 8.77
N PRO A 108 -39.52 -10.31 9.80
CA PRO A 108 -40.45 -9.70 10.72
C PRO A 108 -39.76 -8.60 11.46
N ASN A 109 -40.36 -7.39 11.50
CA ASN A 109 -39.62 -6.32 12.08
C ASN A 109 -39.52 -6.52 13.57
N ILE A 110 -38.29 -6.85 14.00
CA ILE A 110 -37.93 -7.06 15.37
C ILE A 110 -36.93 -5.97 15.66
N GLN A 111 -37.20 -5.14 16.69
CA GLN A 111 -36.36 -4.05 17.11
C GLN A 111 -35.36 -4.58 18.09
N ALA A 112 -34.04 -4.51 17.77
CA ALA A 112 -33.06 -5.01 18.69
C ALA A 112 -33.04 -4.17 19.92
N VAL A 113 -33.14 -4.84 21.08
CA VAL A 113 -33.11 -4.17 22.33
C VAL A 113 -31.82 -4.65 22.95
N LEU A 114 -31.30 -3.92 23.95
CA LEU A 114 -30.05 -4.22 24.62
C LEU A 114 -30.11 -5.56 25.32
N LEU A 115 -31.27 -5.92 25.91
CA LEU A 115 -31.48 -7.13 26.69
C LEU A 115 -32.07 -8.19 25.80
N PRO A 116 -31.96 -9.48 26.09
CA PRO A 116 -32.62 -10.48 25.28
C PRO A 116 -34.10 -10.35 25.42
N LYS A 117 -34.81 -10.07 24.31
CA LYS A 117 -36.24 -9.88 24.29
C LYS A 117 -36.62 -10.07 22.85
N LYS A 118 -37.92 -9.97 22.53
CA LYS A 118 -38.32 -10.03 21.15
C LYS A 118 -39.37 -8.96 20.99
N THR A 119 -38.96 -7.76 20.54
CA THR A 119 -39.86 -6.62 20.45
C THR A 119 -40.23 -6.30 19.02
N GLU A 120 -41.45 -6.73 18.62
CA GLU A 120 -42.10 -6.44 17.35
C GLU A 120 -42.76 -5.08 17.39
N LYS A 121 -43.55 -4.81 18.45
CA LYS A 121 -44.36 -3.64 18.55
C LYS A 121 -43.88 -2.79 19.68
N LYS A 122 -44.56 -1.64 19.89
CA LYS A 122 -44.32 -0.70 20.97
C LYS A 122 -42.88 -0.30 21.06
N ALA A 123 -42.23 -0.04 19.91
CA ALA A 123 -40.86 0.37 19.87
C ALA A 123 -40.79 1.90 19.98
N PRO B 1 26.79 29.95 5.97
CA PRO B 1 28.14 30.48 5.66
C PRO B 1 27.87 31.94 5.45
N PRO B 2 28.80 32.82 5.75
CA PRO B 2 28.60 34.23 5.54
C PRO B 2 28.83 34.67 4.13
N LYS B 3 28.14 35.75 3.71
CA LYS B 3 28.31 36.22 2.36
C LYS B 3 29.64 36.89 2.29
N THR B 4 30.49 36.30 1.43
CA THR B 4 31.82 36.71 1.07
C THR B 4 31.85 36.28 -0.35
N SER B 5 33.04 36.20 -0.94
CA SER B 5 33.16 35.61 -2.24
C SER B 5 33.62 34.22 -1.94
N GLY B 6 33.33 33.23 -2.79
CA GLY B 6 33.94 31.99 -2.42
C GLY B 6 33.00 30.86 -2.47
N LYS B 7 33.62 29.67 -2.36
CA LYS B 7 33.04 28.37 -2.33
C LYS B 7 33.12 28.03 -0.88
N ALA B 8 32.12 27.35 -0.30
CA ALA B 8 32.25 27.13 1.12
C ALA B 8 32.46 25.69 1.43
N ALA B 9 33.49 25.41 2.27
CA ALA B 9 33.80 24.11 2.81
C ALA B 9 32.79 23.69 3.84
N LYS B 10 32.44 24.60 4.78
CA LYS B 10 31.52 24.27 5.85
C LYS B 10 30.14 24.47 5.36
N LYS B 11 29.25 23.53 5.75
CA LYS B 11 27.86 23.52 5.42
C LYS B 11 27.14 24.16 6.55
N ALA B 12 25.85 24.46 6.33
CA ALA B 12 24.98 25.05 7.32
C ALA B 12 24.40 23.96 8.17
N GLY B 13 24.03 24.31 9.42
CA GLY B 13 23.47 23.40 10.39
C GLY B 13 22.10 22.88 10.04
N LYS B 14 21.19 23.75 9.57
CA LYS B 14 19.86 23.30 9.24
C LYS B 14 19.83 23.22 7.74
N ALA B 15 19.29 22.12 7.19
CA ALA B 15 19.20 21.89 5.76
C ALA B 15 18.23 22.82 5.08
N GLN B 16 17.03 23.00 5.65
CA GLN B 16 16.07 23.83 4.99
C GLN B 16 15.91 25.08 5.80
N LYS B 17 15.67 26.22 5.09
CA LYS B 17 15.52 27.59 5.56
C LYS B 17 14.29 27.81 6.41
N ASN B 18 13.12 27.26 6.01
CA ASN B 18 11.89 27.50 6.70
C ASN B 18 11.54 26.40 7.66
N ILE B 19 10.36 26.58 8.30
CA ILE B 19 9.84 25.68 9.29
C ILE B 19 9.55 24.39 8.62
N THR B 20 10.26 23.33 9.03
CA THR B 20 10.12 22.02 8.48
C THR B 20 9.28 21.25 9.45
N LYS B 21 9.38 19.91 9.37
CA LYS B 21 8.72 19.00 10.27
C LYS B 21 9.70 18.83 11.41
N THR B 22 9.24 18.24 12.52
CA THR B 22 9.97 18.07 13.75
C THR B 22 11.35 17.59 13.49
N ASP B 23 12.33 18.54 13.53
CA ASP B 23 13.70 18.18 13.33
C ASP B 23 14.13 17.44 14.55
N LYS B 24 14.47 16.16 14.34
CA LYS B 24 14.84 15.27 15.40
C LYS B 24 16.29 15.02 15.17
N LYS B 25 16.77 13.80 15.48
CA LYS B 25 18.15 13.48 15.21
C LYS B 25 18.29 13.54 13.71
N LYS B 26 19.21 14.41 13.23
CA LYS B 26 19.33 14.71 11.83
C LYS B 26 19.59 13.46 11.06
N LYS B 27 18.54 13.05 10.32
CA LYS B 27 18.54 11.89 9.48
C LYS B 27 17.89 12.33 8.21
N ARG B 28 18.27 11.74 7.05
CA ARG B 28 17.63 12.18 5.85
C ARG B 28 16.19 11.74 5.91
N LYS B 29 15.28 12.75 6.00
CA LYS B 29 13.87 12.47 6.13
C LYS B 29 13.41 11.80 4.88
N ARG B 30 12.99 10.51 5.00
CA ARG B 30 12.50 9.82 3.85
C ARG B 30 11.35 9.02 4.33
N LYS B 31 10.22 9.11 3.61
CA LYS B 31 9.06 8.32 3.98
C LYS B 31 8.93 7.31 2.90
N GLU B 32 8.25 6.17 3.19
CA GLU B 32 8.05 5.17 2.16
C GLU B 32 6.84 5.57 1.35
N SER B 33 6.92 5.38 0.02
CA SER B 33 5.85 5.84 -0.86
C SER B 33 5.73 4.93 -2.07
N TYR B 34 4.48 4.65 -2.46
CA TYR B 34 4.23 3.81 -3.62
C TYR B 34 3.79 4.66 -4.80
N ALA B 35 3.92 5.98 -4.65
CA ALA B 35 3.55 6.92 -5.70
C ALA B 35 4.51 6.82 -6.88
N ILE B 36 5.70 6.30 -6.62
CA ILE B 36 6.73 6.16 -7.65
C ILE B 36 6.24 5.21 -8.76
N TYR B 37 5.71 4.07 -8.36
CA TYR B 37 5.22 3.07 -9.30
C TYR B 37 4.01 3.61 -10.07
N ILE B 38 3.15 4.35 -9.37
CA ILE B 38 1.97 4.94 -9.96
C ILE B 38 2.34 5.92 -11.07
N TYR B 39 3.29 6.81 -10.77
CA TYR B 39 3.74 7.81 -11.72
C TYR B 39 4.32 7.16 -12.97
N LYS B 40 4.95 6.00 -12.80
CA LYS B 40 5.54 5.28 -13.92
C LYS B 40 4.47 4.77 -14.89
N VAL B 41 3.63 3.88 -14.40
CA VAL B 41 2.58 3.28 -15.21
C VAL B 41 1.59 4.31 -15.75
N LEU B 42 1.22 5.28 -14.92
CA LEU B 42 0.26 6.31 -15.34
C LEU B 42 0.78 7.09 -16.53
N LYS B 43 2.09 7.32 -16.58
CA LYS B 43 2.70 8.07 -17.67
C LYS B 43 2.71 7.24 -18.95
N GLN B 44 2.88 5.93 -18.81
CA GLN B 44 2.91 5.02 -19.95
C GLN B 44 1.53 4.88 -20.60
N VAL B 45 0.53 4.64 -19.77
CA VAL B 45 -0.83 4.44 -20.25
C VAL B 45 -1.54 5.76 -20.56
N HIS B 46 -1.36 6.76 -19.70
CA HIS B 46 -2.01 8.05 -19.91
C HIS B 46 -1.00 9.19 -19.99
N PRO B 47 -0.38 9.38 -21.17
CA PRO B 47 0.60 10.43 -21.39
C PRO B 47 -0.05 11.77 -21.75
N ASP B 48 -1.38 11.77 -21.80
CA ASP B 48 -2.14 12.97 -22.13
C ASP B 48 -2.78 13.56 -20.88
N THR B 49 -3.35 12.69 -20.07
CA THR B 49 -4.02 13.12 -18.85
C THR B 49 -3.00 13.45 -17.76
N GLY B 50 -3.13 14.64 -17.19
CA GLY B 50 -2.22 15.06 -16.14
C GLY B 50 -2.60 14.47 -14.79
N ILE B 51 -1.89 14.87 -13.75
CA ILE B 51 -2.13 14.36 -12.40
C ILE B 51 -1.97 15.48 -11.37
N SER B 52 -3.02 15.72 -10.60
CA SER B 52 -2.98 16.75 -9.58
C SER B 52 -2.24 16.26 -8.34
N SER B 53 -1.58 17.17 -7.64
CA SER B 53 -0.83 16.81 -6.44
C SER B 53 -1.75 16.24 -5.37
N LYS B 54 -2.95 16.79 -5.27
CA LYS B 54 -3.92 16.33 -4.28
C LYS B 54 -4.36 14.90 -4.60
N ALA B 55 -4.40 14.56 -5.89
CA ALA B 55 -4.78 13.23 -6.30
C ALA B 55 -3.68 12.24 -5.97
N MET B 56 -2.45 12.63 -6.26
CA MET B 56 -1.28 11.79 -5.98
C MET B 56 -1.19 11.47 -4.49
N SER B 57 -1.52 12.46 -3.66
CA SER B 57 -1.48 12.30 -2.21
C SER B 57 -2.40 11.16 -1.76
N ILE B 58 -3.62 11.15 -2.28
CA ILE B 58 -4.61 10.15 -1.93
C ILE B 58 -4.29 8.81 -2.60
N MET B 59 -3.75 8.86 -3.82
CA MET B 59 -3.40 7.64 -4.56
C MET B 59 -2.39 6.81 -3.79
N ASN B 60 -1.43 7.47 -3.16
CA ASN B 60 -0.41 6.78 -2.37
C ASN B 60 -1.07 6.09 -1.18
N SER B 61 -2.00 6.78 -0.54
CA SER B 61 -2.72 6.25 0.60
C SER B 61 -3.57 5.07 0.20
N PHE B 62 -4.03 5.06 -1.05
CA PHE B 62 -4.85 3.97 -1.58
C PHE B 62 -4.06 2.67 -1.59
N VAL B 63 -2.79 2.77 -2.00
CA VAL B 63 -1.93 1.59 -2.05
C VAL B 63 -1.62 1.09 -0.65
N ASN B 64 -1.40 2.04 0.27
CA ASN B 64 -1.11 1.72 1.66
C ASN B 64 -2.32 1.08 2.32
N ASP B 65 -3.50 1.48 1.86
CA ASP B 65 -4.77 0.97 2.38
C ASP B 65 -4.95 -0.50 2.04
N ILE B 66 -4.29 -0.94 0.96
CA ILE B 66 -4.37 -2.33 0.53
C ILE B 66 -3.86 -3.26 1.63
N PHE B 67 -2.76 -2.83 2.27
CA PHE B 67 -2.16 -3.60 3.35
C PHE B 67 -3.15 -3.75 4.50
N GLU B 68 -3.86 -2.67 4.80
CA GLU B 68 -4.86 -2.64 5.86
C GLU B 68 -5.98 -3.63 5.58
N ARG B 69 -6.46 -3.63 4.33
CA ARG B 69 -7.54 -4.52 3.92
C ARG B 69 -7.15 -5.99 4.10
N ILE B 70 -5.98 -6.34 3.60
CA ILE B 70 -5.48 -7.71 3.71
C ILE B 70 -5.27 -8.09 5.16
N ALA B 71 -4.68 -7.18 5.93
CA ALA B 71 -4.41 -7.43 7.34
C ALA B 71 -5.71 -7.63 8.13
N ALA B 72 -6.74 -6.86 7.78
CA ALA B 72 -8.03 -6.96 8.46
C ALA B 72 -8.62 -8.36 8.33
N GLU B 73 -8.61 -8.90 7.12
CA GLU B 73 -9.15 -10.24 6.88
C GLU B 73 -8.21 -11.30 7.43
N ALA B 74 -6.91 -11.08 7.30
CA ALA B 74 -5.90 -12.03 7.80
C ALA B 74 -6.02 -12.19 9.30
N SER B 75 -6.10 -11.06 10.00
CA SER B 75 -6.23 -11.05 11.46
C SER B 75 -7.54 -11.74 11.85
N ARG B 76 -8.58 -11.49 11.06
CA ARG B 76 -9.89 -12.06 11.29
C ARG B 76 -9.83 -13.59 11.21
N LEU B 77 -9.13 -14.09 10.19
CA LEU B 77 -8.98 -15.53 9.99
C LEU B 77 -8.22 -16.15 11.16
N ALA B 78 -7.18 -15.45 11.60
CA ALA B 78 -6.36 -15.92 12.71
C ALA B 78 -7.17 -15.94 14.00
N HIS B 79 -8.00 -14.91 14.19
CA HIS B 79 -8.83 -14.81 15.37
C HIS B 79 -9.78 -16.00 15.48
N TYR B 80 -10.42 -16.37 14.37
CA TYR B 80 -11.35 -17.49 14.36
C TYR B 80 -10.63 -18.81 14.59
N ASN B 81 -9.33 -18.83 14.30
CA ASN B 81 -8.51 -20.03 14.49
C ASN B 81 -7.81 -20.01 15.83
N LYS B 82 -8.14 -19.01 16.64
CA LYS B 82 -7.55 -18.85 17.97
C LYS B 82 -6.03 -18.68 17.90
N ARG B 83 -5.60 -17.82 17.00
CA ARG B 83 -4.19 -17.53 16.82
C ARG B 83 -3.94 -16.04 16.80
N SER B 84 -2.87 -15.60 17.46
CA SER B 84 -2.51 -14.20 17.50
C SER B 84 -1.37 -13.93 16.51
N THR B 85 -1.09 -14.94 15.69
CA THR B 85 -0.04 -14.85 14.70
C THR B 85 -0.58 -15.24 13.33
N ILE B 86 -0.14 -14.53 12.30
CA ILE B 86 -0.58 -14.82 10.94
C ILE B 86 0.51 -15.58 10.20
N THR B 87 0.16 -16.73 9.63
CA THR B 87 1.14 -17.52 8.90
C THR B 87 1.13 -17.13 7.42
N SER B 88 1.92 -17.84 6.63
CA SER B 88 1.98 -17.59 5.19
C SER B 88 0.75 -18.17 4.50
N ARG B 89 -0.14 -18.75 5.28
CA ARG B 89 -1.36 -19.34 4.76
C ARG B 89 -2.50 -18.33 4.79
N GLU B 90 -2.78 -17.80 5.98
CA GLU B 90 -3.85 -16.81 6.16
C GLU B 90 -3.66 -15.59 5.27
N ILE B 91 -2.41 -15.17 5.12
CA ILE B 91 -2.09 -13.99 4.31
C ILE B 91 -2.50 -14.22 2.85
N GLN B 92 -2.42 -15.46 2.39
CA GLN B 92 -2.79 -15.79 1.02
C GLN B 92 -4.30 -15.98 0.92
N THR B 93 -4.88 -16.57 1.94
CA THR B 93 -6.32 -16.81 1.98
C THR B 93 -7.09 -15.49 1.98
N ALA B 94 -6.57 -14.50 2.69
CA ALA B 94 -7.19 -13.18 2.78
C ALA B 94 -7.39 -12.56 1.40
N VAL B 95 -6.35 -12.65 0.56
CA VAL B 95 -6.42 -12.09 -0.77
C VAL B 95 -7.44 -12.83 -1.63
N ARG B 96 -7.49 -14.15 -1.46
CA ARG B 96 -8.44 -14.98 -2.21
C ARG B 96 -9.87 -14.72 -1.76
N LEU B 97 -10.01 -14.12 -0.59
CA LEU B 97 -11.33 -13.79 -0.05
C LEU B 97 -11.75 -12.40 -0.50
N LEU B 98 -10.84 -11.44 -0.37
CA LEU B 98 -11.11 -10.06 -0.76
C LEU B 98 -11.35 -9.95 -2.26
N LEU B 99 -10.54 -10.64 -3.05
CA LEU B 99 -10.67 -10.61 -4.51
C LEU B 99 -11.48 -11.81 -4.98
N PRO B 100 -12.72 -11.58 -5.44
CA PRO B 100 -13.60 -12.65 -5.92
C PRO B 100 -13.42 -12.93 -7.42
N GLY B 101 -12.39 -12.34 -8.00
CA GLY B 101 -12.15 -12.53 -9.42
C GLY B 101 -11.12 -13.61 -9.70
N GLU B 102 -11.36 -14.37 -10.74
CA GLU B 102 -10.47 -15.45 -11.15
C GLU B 102 -9.17 -14.87 -11.72
N LEU B 103 -9.31 -13.90 -12.62
CA LEU B 103 -8.16 -13.27 -13.25
C LEU B 103 -7.31 -12.54 -12.21
N ALA B 104 -7.98 -11.94 -11.24
CA ALA B 104 -7.30 -11.20 -10.18
C ALA B 104 -6.37 -12.11 -9.39
N LYS B 105 -6.88 -13.29 -9.01
CA LYS B 105 -6.09 -14.25 -8.25
C LYS B 105 -4.99 -14.87 -9.11
N HIS B 106 -5.09 -14.68 -10.41
CA HIS B 106 -4.12 -15.26 -11.34
C HIS B 106 -2.82 -14.47 -11.32
N ALA B 107 -2.92 -13.17 -11.56
CA ALA B 107 -1.75 -12.31 -11.57
C ALA B 107 -1.08 -12.27 -10.20
N VAL B 108 -1.90 -12.37 -9.15
CA VAL B 108 -1.40 -12.37 -7.79
C VAL B 108 -0.50 -13.57 -7.56
N SER B 109 -0.97 -14.75 -7.99
CA SER B 109 -0.21 -15.98 -7.83
C SER B 109 1.00 -16.00 -8.77
N GLU B 110 0.97 -15.18 -9.79
CA GLU B 110 2.06 -15.11 -10.76
C GLU B 110 3.16 -14.21 -10.20
N GLY B 111 2.76 -13.10 -9.61
CA GLY B 111 3.70 -12.17 -9.03
C GLY B 111 4.47 -12.79 -7.88
N THR B 112 3.85 -13.75 -7.19
CA THR B 112 4.50 -14.41 -6.08
C THR B 112 5.80 -15.05 -6.54
N LYS B 113 5.75 -15.68 -7.71
CA LYS B 113 6.91 -16.35 -8.28
C LYS B 113 7.88 -15.35 -8.89
N ALA B 114 7.46 -14.09 -8.98
CA ALA B 114 8.29 -13.05 -9.57
C ALA B 114 9.08 -12.31 -8.51
N VAL B 115 8.40 -11.91 -7.44
CA VAL B 115 9.05 -11.17 -6.37
C VAL B 115 10.04 -12.05 -5.60
N THR B 116 9.79 -13.35 -5.59
CA THR B 116 10.67 -14.29 -4.91
C THR B 116 12.05 -14.29 -5.56
N LYS B 117 12.08 -13.97 -6.84
CA LYS B 117 13.33 -13.90 -7.58
C LYS B 117 14.09 -12.63 -7.23
N TYR B 118 13.44 -11.75 -6.47
CA TYR B 118 14.06 -10.48 -6.09
C TYR B 118 14.43 -10.50 -4.61
N THR B 119 14.06 -11.57 -3.93
CA THR B 119 14.36 -11.73 -2.52
C THR B 119 15.48 -12.74 -2.32
N SER B 120 15.30 -13.92 -2.87
CA SER B 120 16.29 -14.97 -2.76
C SER B 120 17.21 -14.94 -3.98
N SER B 121 18.40 -15.51 -3.84
CA SER B 121 19.36 -15.55 -4.93
C SER B 121 18.85 -16.37 -6.10
N LYS B 122 19.43 -16.14 -7.28
CA LYS B 122 19.05 -16.84 -8.52
C LYS B 122 17.67 -16.40 -9.00
N SER A 1 49.62 -11.42 -6.76
CA SER A 1 51.01 -11.93 -6.84
C SER A 1 51.04 -13.21 -7.60
N GLY A 2 52.26 -13.61 -8.05
CA GLY A 2 52.40 -14.78 -8.89
C GLY A 2 52.08 -14.42 -10.32
N ARG A 3 52.79 -13.41 -10.89
CA ARG A 3 52.62 -12.95 -12.24
C ARG A 3 51.19 -12.61 -12.50
N GLY A 4 50.52 -11.95 -11.52
CA GLY A 4 49.15 -11.59 -11.72
C GLY A 4 48.74 -10.71 -10.59
N LYS A 5 47.78 -9.80 -10.86
CA LYS A 5 47.28 -8.90 -9.86
C LYS A 5 45.87 -8.55 -10.20
N GLY A 6 45.08 -8.14 -9.18
CA GLY A 6 43.74 -7.66 -9.35
C GLY A 6 42.76 -8.77 -9.15
N GLY A 7 43.07 -9.94 -9.76
CA GLY A 7 42.23 -11.08 -9.67
C GLY A 7 42.49 -11.93 -10.89
N LYS A 8 42.21 -13.24 -10.76
CA LYS A 8 42.42 -14.22 -11.79
C LYS A 8 41.51 -14.03 -12.98
N VAL A 9 40.20 -13.76 -12.76
CA VAL A 9 39.29 -13.65 -13.86
C VAL A 9 39.02 -12.20 -14.15
N LYS A 10 38.68 -11.92 -15.43
CA LYS A 10 38.32 -10.62 -15.97
C LYS A 10 39.51 -9.96 -16.60
N GLY A 11 39.34 -9.51 -17.86
CA GLY A 11 40.35 -8.81 -18.61
C GLY A 11 40.64 -7.47 -18.02
N LYS A 12 39.58 -6.74 -17.62
CA LYS A 12 39.72 -5.44 -17.02
C LYS A 12 39.60 -5.60 -15.54
N ALA A 13 39.93 -4.52 -14.80
CA ALA A 13 39.85 -4.41 -13.36
C ALA A 13 38.42 -4.47 -12.92
N LYS A 14 37.54 -3.70 -13.58
CA LYS A 14 36.14 -3.73 -13.29
C LYS A 14 35.46 -4.00 -14.60
N SER A 15 34.61 -5.05 -14.63
CA SER A 15 33.94 -5.33 -15.85
C SER A 15 32.50 -5.59 -15.58
N ARG A 16 31.64 -4.81 -16.29
CA ARG A 16 30.20 -4.79 -16.24
C ARG A 16 29.67 -4.41 -14.87
N SER A 17 30.12 -3.23 -14.35
CA SER A 17 29.74 -2.71 -13.05
C SER A 17 28.27 -2.42 -12.94
N ASN A 18 27.57 -2.24 -14.09
CA ASN A 18 26.17 -1.92 -14.15
C ASN A 18 25.34 -3.01 -13.52
N ARG A 19 25.81 -4.29 -13.51
CA ARG A 19 24.98 -5.35 -12.99
C ARG A 19 24.72 -5.14 -11.52
N ALA A 20 23.43 -5.04 -11.14
CA ALA A 20 23.12 -4.84 -9.76
C ALA A 20 21.69 -5.18 -9.53
N GLY A 21 21.39 -5.52 -8.27
CA GLY A 21 20.05 -5.76 -7.85
C GLY A 21 19.92 -4.96 -6.60
N LEU A 22 18.91 -4.08 -6.55
CA LEU A 22 18.76 -3.28 -5.35
C LEU A 22 17.64 -3.81 -4.46
N GLN A 23 17.91 -3.88 -3.17
CA GLN A 23 16.93 -4.38 -2.22
C GLN A 23 15.85 -3.33 -1.96
N PHE A 24 14.61 -3.70 -2.26
CA PHE A 24 13.47 -2.82 -2.05
C PHE A 24 13.15 -2.72 -0.55
N PRO A 25 12.87 -1.50 -0.05
CA PRO A 25 12.55 -1.30 1.36
C PRO A 25 11.21 -1.89 1.78
N VAL A 26 11.18 -3.20 1.96
CA VAL A 26 9.97 -3.92 2.34
C VAL A 26 9.74 -3.79 3.85
N GLY A 27 10.75 -3.26 4.54
CA GLY A 27 10.67 -3.07 5.98
C GLY A 27 9.49 -2.21 6.40
N ARG A 28 9.03 -1.35 5.48
CA ARG A 28 7.91 -0.47 5.73
C ARG A 28 6.68 -1.28 6.15
N ILE A 29 6.40 -2.30 5.36
CA ILE A 29 5.25 -3.17 5.61
C ILE A 29 5.42 -3.97 6.88
N HIS A 30 6.65 -4.43 7.13
CA HIS A 30 6.95 -5.22 8.33
C HIS A 30 6.61 -4.42 9.58
N ARG A 31 7.08 -3.18 9.62
CA ARG A 31 6.84 -2.30 10.77
C ARG A 31 5.36 -1.96 10.88
N LEU A 32 4.73 -1.69 9.74
CA LEU A 32 3.31 -1.35 9.70
C LEU A 32 2.45 -2.49 10.20
N LEU A 33 2.83 -3.72 9.86
CA LEU A 33 2.09 -4.90 10.28
C LEU A 33 2.13 -5.06 11.80
N ARG A 34 3.30 -4.84 12.38
CA ARG A 34 3.46 -4.96 13.83
C ARG A 34 2.67 -3.87 14.55
N LYS A 35 2.54 -2.71 13.92
CA LYS A 35 1.80 -1.59 14.51
C LYS A 35 0.30 -1.76 14.30
N GLY A 36 -0.07 -2.82 13.59
CA GLY A 36 -1.48 -3.09 13.35
C GLY A 36 -2.14 -3.72 14.56
N ASN A 37 -1.33 -4.28 15.45
CA ASN A 37 -1.81 -4.94 16.67
C ASN A 37 -2.77 -6.07 16.33
N TYR A 38 -2.29 -7.06 15.59
CA TYR A 38 -3.13 -8.18 15.20
C TYR A 38 -2.53 -9.50 15.69
N ALA A 39 -1.35 -9.84 15.20
CA ALA A 39 -0.69 -11.09 15.59
C ALA A 39 0.60 -10.82 16.34
N GLU A 40 1.11 -11.85 17.01
CA GLU A 40 2.34 -11.74 17.78
C GLU A 40 3.56 -11.63 16.87
N ARG A 41 3.62 -12.48 15.85
CA ARG A 41 4.75 -12.47 14.93
C ARG A 41 4.29 -12.62 13.48
N VAL A 42 5.20 -12.34 12.56
CA VAL A 42 4.94 -12.45 11.13
C VAL A 42 5.97 -13.39 10.49
N GLY A 43 5.51 -14.27 9.62
CA GLY A 43 6.39 -15.22 8.97
C GLY A 43 7.28 -14.58 7.91
N ALA A 44 8.33 -15.27 7.53
CA ALA A 44 9.24 -14.77 6.52
C ALA A 44 8.60 -14.86 5.14
N GLY A 45 8.66 -13.77 4.39
CA GLY A 45 8.08 -13.75 3.07
C GLY A 45 6.65 -13.23 3.08
N ALA A 46 6.06 -13.17 4.26
CA ALA A 46 4.67 -12.69 4.41
C ALA A 46 4.54 -11.24 3.97
N PRO A 47 5.35 -10.29 4.52
CA PRO A 47 5.28 -8.88 4.11
C PRO A 47 5.64 -8.71 2.64
N VAL A 48 6.43 -9.66 2.14
CA VAL A 48 6.85 -9.66 0.75
C VAL A 48 5.67 -9.94 -0.17
N TYR A 49 4.78 -10.82 0.28
CA TYR A 49 3.61 -11.16 -0.50
C TYR A 49 2.66 -9.96 -0.57
N LEU A 50 2.52 -9.28 0.55
CA LEU A 50 1.64 -8.11 0.64
C LEU A 50 2.11 -7.01 -0.30
N ALA A 51 3.42 -6.91 -0.50
CA ALA A 51 3.99 -5.89 -1.37
C ALA A 51 3.42 -5.99 -2.79
N ALA A 52 3.33 -7.20 -3.30
CA ALA A 52 2.79 -7.42 -4.64
C ALA A 52 1.27 -7.25 -4.63
N VAL A 53 0.62 -7.75 -3.59
CA VAL A 53 -0.84 -7.67 -3.46
C VAL A 53 -1.33 -6.22 -3.50
N MET A 54 -0.60 -5.32 -2.86
CA MET A 54 -0.99 -3.91 -2.84
C MET A 54 -0.90 -3.30 -4.24
N GLU A 55 -0.04 -3.88 -5.08
CA GLU A 55 0.12 -3.42 -6.46
C GLU A 55 -1.09 -3.83 -7.30
N TYR A 56 -1.75 -4.91 -6.90
CA TYR A 56 -2.93 -5.40 -7.60
C TYR A 56 -4.03 -4.36 -7.58
N LEU A 57 -4.23 -3.78 -6.41
CA LEU A 57 -5.24 -2.75 -6.21
C LEU A 57 -4.96 -1.56 -7.10
N ALA A 58 -3.70 -1.12 -7.09
CA ALA A 58 -3.28 0.01 -7.89
C ALA A 58 -3.50 -0.25 -9.38
N ALA A 59 -3.13 -1.44 -9.82
CA ALA A 59 -3.26 -1.84 -11.23
C ALA A 59 -4.70 -1.72 -11.74
N GLU A 60 -5.64 -2.32 -11.01
CA GLU A 60 -7.05 -2.29 -11.41
C GLU A 60 -7.63 -0.88 -11.38
N VAL A 61 -7.25 -0.09 -10.37
CA VAL A 61 -7.75 1.28 -10.25
C VAL A 61 -7.11 2.21 -11.27
N LEU A 62 -5.79 2.12 -11.40
CA LEU A 62 -5.04 2.96 -12.33
C LEU A 62 -5.52 2.80 -13.77
N GLU A 63 -5.97 1.61 -14.12
CA GLU A 63 -6.46 1.37 -15.47
C GLU A 63 -7.70 2.22 -15.74
N LEU A 64 -8.70 2.06 -14.88
CA LEU A 64 -9.95 2.80 -15.00
C LEU A 64 -9.71 4.30 -14.87
N ALA A 65 -8.86 4.68 -13.92
CA ALA A 65 -8.54 6.07 -13.70
C ALA A 65 -7.82 6.66 -14.91
N GLY A 66 -6.90 5.89 -15.47
CA GLY A 66 -6.17 6.35 -16.64
C GLY A 66 -7.08 6.57 -17.83
N ASN A 67 -8.07 5.70 -17.98
CA ASN A 67 -9.03 5.82 -19.07
C ASN A 67 -9.87 7.08 -18.89
N ALA A 68 -10.25 7.35 -17.64
CA ALA A 68 -11.03 8.52 -17.31
C ALA A 68 -10.26 9.79 -17.64
N ALA A 69 -8.96 9.78 -17.32
CA ALA A 69 -8.11 10.91 -17.59
C ALA A 69 -7.91 11.09 -19.09
N ARG A 70 -7.77 9.96 -19.78
CA ARG A 70 -7.58 9.93 -21.22
C ARG A 70 -8.79 10.53 -21.93
N ASP A 71 -9.98 10.08 -21.52
CA ASP A 71 -11.22 10.56 -22.10
C ASP A 71 -11.44 12.03 -21.77
N ASN A 72 -10.87 12.46 -20.66
CA ASN A 72 -10.99 13.84 -20.23
C ASN A 72 -9.92 14.71 -20.88
N LYS A 73 -9.05 14.06 -21.67
CA LYS A 73 -7.98 14.74 -22.38
C LYS A 73 -7.03 15.43 -21.40
N LYS A 74 -6.88 14.83 -20.23
CA LYS A 74 -6.01 15.37 -19.20
C LYS A 74 -4.73 14.53 -19.09
N THR A 75 -3.61 15.19 -18.88
CA THR A 75 -2.34 14.51 -18.78
C THR A 75 -2.13 13.88 -17.40
N ARG A 76 -2.85 14.36 -16.40
CA ARG A 76 -2.73 13.83 -15.05
C ARG A 76 -4.08 13.48 -14.46
N ILE A 77 -4.13 12.34 -13.78
CA ILE A 77 -5.36 11.87 -13.14
C ILE A 77 -5.70 12.76 -11.94
N ILE A 78 -6.95 13.21 -11.89
CA ILE A 78 -7.41 14.06 -10.80
C ILE A 78 -8.41 13.30 -9.92
N PRO A 79 -8.72 13.82 -8.71
CA PRO A 79 -9.67 13.16 -7.79
C PRO A 79 -11.02 12.88 -8.43
N ARG A 80 -11.48 13.78 -9.30
CA ARG A 80 -12.77 13.60 -9.97
C ARG A 80 -12.79 12.32 -10.81
N HIS A 81 -11.63 11.98 -11.37
CA HIS A 81 -11.52 10.78 -12.19
C HIS A 81 -11.68 9.55 -11.32
N LEU A 82 -11.00 9.55 -10.18
CA LEU A 82 -11.07 8.44 -9.22
C LEU A 82 -12.50 8.28 -8.72
N GLN A 83 -13.15 9.41 -8.45
CA GLN A 83 -14.52 9.41 -7.97
C GLN A 83 -15.43 8.64 -8.91
N LEU A 84 -15.43 9.04 -10.18
CA LEU A 84 -16.26 8.40 -11.19
C LEU A 84 -15.86 6.94 -11.41
N ALA A 85 -14.55 6.68 -11.47
CA ALA A 85 -14.05 5.33 -11.71
C ALA A 85 -14.50 4.35 -10.63
N ILE A 86 -14.36 4.74 -9.37
CA ILE A 86 -14.72 3.87 -8.25
C ILE A 86 -16.23 3.85 -7.97
N ARG A 87 -16.87 5.01 -8.04
CA ARG A 87 -18.31 5.10 -7.76
C ARG A 87 -19.14 4.44 -8.86
N ASN A 88 -18.57 4.31 -10.05
CA ASN A 88 -19.28 3.67 -11.17
C ASN A 88 -18.82 2.23 -11.30
N ASP A 89 -18.13 1.75 -10.26
CA ASP A 89 -17.65 0.38 -10.24
C ASP A 89 -18.32 -0.40 -9.12
N GLU A 90 -18.38 -1.71 -9.29
CA GLU A 90 -19.00 -2.56 -8.29
C GLU A 90 -17.92 -3.29 -7.49
N GLU A 91 -16.93 -3.83 -8.21
CA GLU A 91 -15.85 -4.56 -7.59
C GLU A 91 -15.05 -3.68 -6.62
N LEU A 92 -14.64 -2.51 -7.09
CA LEU A 92 -13.86 -1.59 -6.27
C LEU A 92 -14.70 -0.98 -5.15
N ASN A 93 -15.97 -0.70 -5.46
CA ASN A 93 -16.88 -0.11 -4.48
C ASN A 93 -17.11 -1.05 -3.31
N LYS A 94 -17.23 -2.34 -3.60
CA LYS A 94 -17.45 -3.35 -2.58
C LYS A 94 -16.22 -3.52 -1.70
N LEU A 95 -15.07 -3.13 -2.21
CA LEU A 95 -13.82 -3.22 -1.46
C LEU A 95 -13.76 -2.17 -0.37
N LEU A 96 -14.63 -1.16 -0.47
CA LEU A 96 -14.68 -0.09 0.52
C LEU A 96 -15.94 -0.20 1.36
N SER A 97 -16.69 -1.27 1.13
CA SER A 97 -17.94 -1.51 1.85
C SER A 97 -17.68 -2.12 3.22
N GLY A 98 -18.76 -2.50 3.94
CA GLY A 98 -18.75 -3.12 5.24
C GLY A 98 -17.87 -2.38 6.20
N VAL A 99 -16.97 -3.18 6.80
CA VAL A 99 -15.92 -2.90 7.75
C VAL A 99 -15.37 -4.27 8.02
N THR A 100 -14.48 -4.44 9.05
CA THR A 100 -13.90 -5.74 9.32
C THR A 100 -14.87 -6.79 9.81
N ILE A 101 -15.85 -6.43 10.66
CA ILE A 101 -16.92 -7.32 11.07
C ILE A 101 -18.16 -6.58 10.71
N ALA A 102 -18.91 -7.04 9.68
CA ALA A 102 -20.08 -6.29 9.32
C ALA A 102 -21.27 -7.01 9.85
N GLN A 103 -22.18 -6.28 10.52
CA GLN A 103 -23.34 -6.93 11.05
C GLN A 103 -24.53 -6.14 10.59
N GLY A 104 -25.49 -6.83 9.93
CA GLY A 104 -26.70 -6.19 9.49
C GLY A 104 -26.37 -5.17 8.44
N GLY A 105 -26.77 -3.90 8.71
CA GLY A 105 -26.51 -2.83 7.80
C GLY A 105 -27.59 -2.77 6.75
N VAL A 106 -28.67 -3.54 6.95
CA VAL A 106 -29.75 -3.53 6.00
C VAL A 106 -30.87 -2.74 6.61
N LEU A 107 -31.74 -2.15 5.77
CA LEU A 107 -32.87 -1.40 6.24
C LEU A 107 -34.05 -2.33 6.30
N PRO A 108 -34.90 -2.16 7.28
CA PRO A 108 -36.04 -3.04 7.41
C PRO A 108 -37.10 -2.95 6.35
N ASN A 109 -37.11 -1.90 5.52
CA ASN A 109 -38.16 -1.78 4.55
C ASN A 109 -37.58 -1.96 3.18
N ILE A 110 -38.47 -2.22 2.19
CA ILE A 110 -38.12 -2.33 0.79
C ILE A 110 -37.71 -0.98 0.22
N GLN A 111 -38.50 0.08 0.48
CA GLN A 111 -38.21 1.41 0.05
C GLN A 111 -38.30 2.25 1.29
N ALA A 112 -37.35 3.17 1.48
CA ALA A 112 -37.47 3.99 2.66
C ALA A 112 -37.17 5.41 2.27
N VAL A 113 -38.16 6.32 2.46
CA VAL A 113 -37.99 7.73 2.17
C VAL A 113 -37.07 8.32 3.19
N LEU A 114 -37.40 8.12 4.48
CA LEU A 114 -36.60 8.54 5.59
C LEU A 114 -36.13 7.23 6.14
N LEU A 115 -35.10 7.22 7.03
CA LEU A 115 -34.60 6.02 7.66
C LEU A 115 -35.56 5.60 8.74
N PRO A 116 -35.71 4.30 8.91
CA PRO A 116 -36.65 3.84 9.91
C PRO A 116 -36.21 4.04 11.32
N LYS A 117 -37.16 4.31 12.22
CA LYS A 117 -36.84 4.52 13.60
C LYS A 117 -37.35 3.34 14.34
N LYS A 118 -36.87 3.14 15.60
CA LYS A 118 -37.30 1.99 16.35
C LYS A 118 -38.76 2.11 16.67
N THR A 119 -39.51 1.05 16.29
CA THR A 119 -40.90 0.96 16.58
C THR A 119 -41.00 0.21 17.87
N GLU A 120 -42.17 0.26 18.53
CA GLU A 120 -42.34 -0.48 19.73
C GLU A 120 -43.10 -1.70 19.31
N LYS A 121 -42.69 -2.88 19.79
CA LYS A 121 -43.39 -4.08 19.45
C LYS A 121 -43.95 -4.56 20.74
N LYS A 122 -44.95 -5.46 20.65
CA LYS A 122 -45.56 -6.02 21.84
C LYS A 122 -44.92 -7.36 22.05
N ALA A 123 -44.99 -7.86 23.30
CA ALA A 123 -44.47 -9.15 23.63
C ALA A 123 -45.65 -10.11 23.56
N PRO B 1 17.21 38.46 26.84
CA PRO B 1 16.52 37.14 26.81
C PRO B 1 15.13 37.14 27.40
N PRO B 2 14.84 37.04 28.68
CA PRO B 2 13.48 36.87 29.17
C PRO B 2 12.37 37.80 28.69
N LYS B 3 12.62 39.13 28.56
CA LYS B 3 11.63 40.06 28.07
C LYS B 3 12.25 40.66 26.86
N THR B 4 11.52 40.68 25.71
CA THR B 4 12.09 41.23 24.50
C THR B 4 12.23 42.71 24.68
N SER B 5 13.49 43.20 24.63
CA SER B 5 13.77 44.59 24.80
C SER B 5 15.17 44.82 24.32
N GLY B 6 15.53 46.10 24.09
CA GLY B 6 16.85 46.43 23.62
C GLY B 6 17.03 45.94 22.22
N LYS B 7 18.17 45.28 21.95
CA LYS B 7 18.38 44.74 20.64
C LYS B 7 18.31 43.26 20.81
N ALA B 8 17.66 42.57 19.87
CA ALA B 8 17.61 41.14 19.95
C ALA B 8 18.28 40.68 18.71
N ALA B 9 18.99 39.53 18.79
CA ALA B 9 19.61 39.03 17.60
C ALA B 9 19.13 37.63 17.42
N LYS B 10 18.61 37.33 16.22
CA LYS B 10 18.19 35.99 15.95
C LYS B 10 19.10 35.50 14.88
N LYS B 11 19.24 34.17 14.76
CA LYS B 11 20.03 33.59 13.71
C LYS B 11 19.05 33.10 12.69
N ALA B 12 19.53 32.85 11.46
CA ALA B 12 18.67 32.37 10.43
C ALA B 12 19.01 30.93 10.25
N GLY B 13 18.02 30.13 9.85
CA GLY B 13 18.23 28.72 9.65
C GLY B 13 16.91 28.11 9.31
N LYS B 14 16.89 26.77 9.12
CA LYS B 14 15.63 26.16 8.82
C LYS B 14 14.84 26.21 10.09
N ALA B 15 13.84 27.12 10.11
CA ALA B 15 12.99 27.35 11.23
C ALA B 15 11.72 27.82 10.63
N GLN B 16 10.70 28.15 11.46
CA GLN B 16 9.45 28.58 10.87
C GLN B 16 9.63 29.90 10.17
N LYS B 17 9.30 29.87 8.86
CA LYS B 17 9.42 30.91 7.87
C LYS B 17 10.66 30.60 7.08
N ASN B 18 10.48 30.08 5.85
CA ASN B 18 11.55 29.72 4.94
C ASN B 18 10.89 29.29 3.66
N ILE B 19 11.41 28.21 3.04
CA ILE B 19 10.86 27.66 1.82
C ILE B 19 9.44 27.25 2.10
N THR B 20 9.20 26.65 3.28
CA THR B 20 7.88 26.34 3.71
C THR B 20 7.64 27.30 4.84
N LYS B 21 6.36 27.68 5.06
CA LYS B 21 5.93 28.59 6.10
C LYS B 21 6.18 27.99 7.45
N THR B 22 5.57 26.83 7.69
CA THR B 22 5.75 26.03 8.86
C THR B 22 6.40 24.83 8.29
N ASP B 23 6.89 23.87 9.11
CA ASP B 23 7.54 22.79 8.41
C ASP B 23 7.13 21.45 8.98
N LYS B 24 6.33 21.40 10.08
CA LYS B 24 5.92 20.13 10.62
C LYS B 24 4.95 19.43 9.70
N LYS B 25 3.82 20.10 9.36
CA LYS B 25 2.81 19.58 8.47
C LYS B 25 3.33 19.53 7.05
N LYS B 26 3.78 20.70 6.53
CA LYS B 26 4.19 20.87 5.17
C LYS B 26 5.33 19.97 4.84
N LYS B 27 5.24 19.39 3.63
CA LYS B 27 6.16 18.44 3.06
C LYS B 27 6.43 17.28 3.97
N ARG B 28 5.40 16.83 4.73
CA ARG B 28 5.53 15.62 5.50
C ARG B 28 4.20 14.92 5.38
N LYS B 29 4.07 13.97 4.40
CA LYS B 29 2.85 13.21 4.17
C LYS B 29 2.55 12.17 5.22
N ARG B 30 3.42 11.13 5.39
CA ARG B 30 3.25 10.05 6.33
C ARG B 30 4.60 9.38 6.43
N LYS B 31 4.74 8.36 7.32
CA LYS B 31 5.93 7.57 7.45
C LYS B 31 6.12 6.68 6.24
N GLU B 32 5.11 5.88 5.88
CA GLU B 32 5.16 5.00 4.74
C GLU B 32 4.28 5.58 3.72
N SER B 33 4.64 5.48 2.44
CA SER B 33 3.59 5.97 1.56
C SER B 33 3.30 4.95 0.47
N TYR B 34 2.02 4.66 0.27
CA TYR B 34 1.60 3.68 -0.74
C TYR B 34 1.76 4.26 -2.14
N ALA B 35 2.06 5.56 -2.19
CA ALA B 35 2.26 6.27 -3.45
C ALA B 35 3.38 5.65 -4.28
N ILE B 36 4.38 5.09 -3.60
CA ILE B 36 5.51 4.48 -4.28
C ILE B 36 5.08 3.27 -5.11
N TYR B 37 4.10 2.52 -4.61
CA TYR B 37 3.62 1.34 -5.32
C TYR B 37 2.73 1.78 -6.49
N ILE B 38 1.91 2.80 -6.23
CA ILE B 38 1.02 3.33 -7.25
C ILE B 38 1.80 3.88 -8.44
N TYR B 39 2.79 4.72 -8.15
CA TYR B 39 3.63 5.32 -9.19
C TYR B 39 4.37 4.26 -9.99
N LYS B 40 4.69 3.15 -9.32
CA LYS B 40 5.40 2.05 -9.97
C LYS B 40 4.52 1.40 -11.04
N VAL B 41 3.28 1.11 -10.67
CA VAL B 41 2.34 0.47 -11.59
C VAL B 41 1.81 1.45 -12.62
N LEU B 42 1.76 2.73 -12.26
CA LEU B 42 1.28 3.78 -13.16
C LEU B 42 2.03 3.78 -14.49
N LYS B 43 3.35 3.76 -14.40
CA LYS B 43 4.20 3.78 -15.60
C LYS B 43 4.11 2.46 -16.37
N GLN B 44 3.43 1.48 -15.81
CA GLN B 44 3.26 0.20 -16.46
C GLN B 44 1.98 0.20 -17.29
N VAL B 45 0.91 0.72 -16.69
CA VAL B 45 -0.38 0.78 -17.36
C VAL B 45 -0.43 1.96 -18.34
N HIS B 46 -0.32 3.16 -17.80
CA HIS B 46 -0.35 4.38 -18.63
C HIS B 46 0.96 5.15 -18.44
N PRO B 47 2.00 4.81 -19.21
CA PRO B 47 3.31 5.45 -19.11
C PRO B 47 3.32 6.91 -19.56
N ASP B 48 2.29 7.32 -20.28
CA ASP B 48 2.18 8.69 -20.77
C ASP B 48 1.22 9.51 -19.93
N THR B 49 0.75 8.95 -18.83
CA THR B 49 -0.19 9.64 -17.97
C THR B 49 0.41 9.87 -16.58
N GLY B 50 0.13 11.02 -16.00
CA GLY B 50 0.61 11.34 -14.68
C GLY B 50 -0.52 11.39 -13.67
N ILE B 51 -0.22 11.80 -12.45
CA ILE B 51 -1.23 11.88 -11.40
C ILE B 51 -1.06 13.16 -10.60
N SER B 52 -2.18 13.77 -10.21
CA SER B 52 -2.15 14.97 -9.41
C SER B 52 -1.87 14.61 -7.94
N SER B 53 -1.31 15.55 -7.19
CA SER B 53 -1.00 15.33 -5.79
C SER B 53 -2.27 15.02 -5.00
N LYS B 54 -3.37 15.67 -5.38
CA LYS B 54 -4.66 15.47 -4.72
C LYS B 54 -5.13 14.02 -4.89
N ALA B 55 -5.04 13.53 -6.12
CA ALA B 55 -5.46 12.18 -6.44
C ALA B 55 -4.59 11.15 -5.73
N MET B 56 -3.30 11.46 -5.59
CA MET B 56 -2.37 10.57 -4.93
C MET B 56 -2.80 10.29 -3.49
N SER B 57 -3.15 11.35 -2.77
CA SER B 57 -3.59 11.22 -1.38
C SER B 57 -4.89 10.41 -1.29
N ILE B 58 -5.75 10.55 -2.29
CA ILE B 58 -7.00 9.81 -2.32
C ILE B 58 -6.73 8.32 -2.47
N MET B 59 -5.89 7.98 -3.45
CA MET B 59 -5.52 6.59 -3.70
C MET B 59 -4.72 6.03 -2.53
N ASN B 60 -3.87 6.88 -1.95
CA ASN B 60 -3.04 6.51 -0.81
C ASN B 60 -3.92 6.01 0.33
N SER B 61 -5.02 6.72 0.56
CA SER B 61 -5.96 6.37 1.60
C SER B 61 -6.74 5.11 1.20
N PHE B 62 -7.03 4.99 -0.09
CA PHE B 62 -7.76 3.84 -0.62
C PHE B 62 -6.97 2.55 -0.35
N VAL B 63 -5.71 2.55 -0.77
CA VAL B 63 -4.85 1.38 -0.59
C VAL B 63 -4.62 1.12 0.91
N ASN B 64 -4.47 2.19 1.67
CA ASN B 64 -4.25 2.09 3.11
C ASN B 64 -5.42 1.41 3.82
N ASP B 65 -6.63 1.69 3.36
CA ASP B 65 -7.83 1.12 3.96
C ASP B 65 -7.89 -0.38 3.74
N ILE B 66 -7.57 -0.79 2.52
CA ILE B 66 -7.57 -2.20 2.17
C ILE B 66 -6.47 -2.95 2.92
N PHE B 67 -5.37 -2.25 3.18
CA PHE B 67 -4.24 -2.83 3.90
C PHE B 67 -4.69 -3.30 5.28
N GLU B 68 -5.45 -2.45 5.95
CA GLU B 68 -5.96 -2.75 7.28
C GLU B 68 -6.95 -3.91 7.25
N ARG B 69 -7.65 -4.05 6.13
CA ARG B 69 -8.62 -5.14 5.96
C ARG B 69 -7.91 -6.47 5.80
N ILE B 70 -6.89 -6.50 4.95
CA ILE B 70 -6.12 -7.72 4.72
C ILE B 70 -5.48 -8.19 6.02
N ALA B 71 -4.88 -7.24 6.74
CA ALA B 71 -4.22 -7.55 8.00
C ALA B 71 -5.18 -8.16 9.02
N ALA B 72 -6.43 -7.69 9.01
CA ALA B 72 -7.44 -8.20 9.92
C ALA B 72 -7.82 -9.63 9.57
N GLU B 73 -8.07 -9.88 8.29
CA GLU B 73 -8.45 -11.22 7.85
C GLU B 73 -7.29 -12.20 8.00
N ALA B 74 -6.09 -11.73 7.71
CA ALA B 74 -4.89 -12.55 7.81
C ALA B 74 -4.68 -13.04 9.24
N SER B 75 -4.92 -12.17 10.21
CA SER B 75 -4.75 -12.54 11.61
C SER B 75 -5.86 -13.49 12.04
N ARG B 76 -7.07 -13.23 11.56
CA ARG B 76 -8.22 -14.07 11.89
C ARG B 76 -7.95 -15.51 11.49
N LEU B 77 -7.48 -15.69 10.26
CA LEU B 77 -7.18 -17.03 9.74
C LEU B 77 -6.04 -17.67 10.52
N ALA B 78 -5.08 -16.85 10.95
CA ALA B 78 -3.95 -17.34 11.73
C ALA B 78 -4.41 -17.82 13.09
N HIS B 79 -5.27 -17.04 13.72
CA HIS B 79 -5.81 -17.37 15.03
C HIS B 79 -6.67 -18.64 14.94
N TYR B 80 -7.38 -18.79 13.82
CA TYR B 80 -8.22 -19.96 13.58
C TYR B 80 -7.36 -21.20 13.47
N ASN B 81 -6.18 -21.04 12.90
CA ASN B 81 -5.25 -22.16 12.72
C ASN B 81 -4.38 -22.35 13.96
N LYS B 82 -4.70 -21.63 15.02
CA LYS B 82 -3.97 -21.70 16.28
C LYS B 82 -2.50 -21.32 16.07
N ARG B 83 -2.29 -20.19 15.40
CA ARG B 83 -0.94 -19.70 15.14
C ARG B 83 -0.81 -18.26 15.57
N SER B 84 0.35 -17.90 16.09
CA SER B 84 0.62 -16.54 16.52
C SER B 84 1.49 -15.83 15.50
N THR B 85 1.81 -16.56 14.44
CA THR B 85 2.64 -16.04 13.36
C THR B 85 1.92 -16.21 12.02
N ILE B 86 1.65 -15.09 11.36
CA ILE B 86 0.95 -15.11 10.08
C ILE B 86 1.92 -15.41 8.93
N THR B 87 1.58 -16.40 8.11
CA THR B 87 2.41 -16.76 6.98
C THR B 87 1.75 -16.27 5.69
N SER B 88 2.43 -16.44 4.57
CA SER B 88 1.91 -16.02 3.28
C SER B 88 0.66 -16.81 2.90
N ARG B 89 0.51 -17.99 3.49
CA ARG B 89 -0.63 -18.86 3.21
C ARG B 89 -1.93 -18.23 3.73
N GLU B 90 -1.87 -17.72 4.95
CA GLU B 90 -3.03 -17.09 5.56
C GLU B 90 -3.40 -15.82 4.79
N ILE B 91 -2.37 -15.07 4.40
CA ILE B 91 -2.56 -13.85 3.64
C ILE B 91 -3.16 -14.15 2.27
N GLN B 92 -2.60 -15.17 1.61
CA GLN B 92 -3.07 -15.59 0.29
C GLN B 92 -4.56 -15.92 0.34
N THR B 93 -4.95 -16.63 1.40
CA THR B 93 -6.34 -17.02 1.59
C THR B 93 -7.22 -15.78 1.79
N ALA B 94 -6.73 -14.85 2.60
CA ALA B 94 -7.45 -13.61 2.88
C ALA B 94 -7.65 -12.80 1.61
N VAL B 95 -6.60 -12.71 0.81
CA VAL B 95 -6.63 -11.97 -0.45
C VAL B 95 -7.67 -12.57 -1.40
N ARG B 96 -7.68 -13.90 -1.50
CA ARG B 96 -8.61 -14.60 -2.39
C ARG B 96 -10.06 -14.44 -1.92
N LEU B 97 -10.24 -14.04 -0.67
CA LEU B 97 -11.57 -13.84 -0.10
C LEU B 97 -11.90 -12.35 0.03
N LEU B 98 -11.03 -11.51 -0.53
CA LEU B 98 -11.23 -10.06 -0.45
C LEU B 98 -11.30 -9.43 -1.84
N LEU B 99 -10.35 -9.80 -2.70
CA LEU B 99 -10.31 -9.25 -4.05
C LEU B 99 -11.28 -9.96 -4.98
N PRO B 100 -12.32 -9.25 -5.44
CA PRO B 100 -13.31 -9.79 -6.35
C PRO B 100 -12.95 -9.57 -7.82
N GLY B 101 -11.99 -8.68 -8.07
CA GLY B 101 -11.57 -8.38 -9.43
C GLY B 101 -11.04 -9.58 -10.17
N GLU B 102 -11.49 -9.76 -11.41
CA GLU B 102 -11.06 -10.89 -12.23
C GLU B 102 -9.56 -10.85 -12.47
N LEU B 103 -9.05 -9.68 -12.84
CA LEU B 103 -7.62 -9.52 -13.11
C LEU B 103 -6.80 -9.92 -11.89
N ALA B 104 -7.24 -9.47 -10.72
CA ALA B 104 -6.56 -9.76 -9.47
C ALA B 104 -6.62 -11.24 -9.11
N LYS B 105 -7.62 -11.94 -9.61
CA LYS B 105 -7.78 -13.36 -9.33
C LYS B 105 -7.16 -14.22 -10.43
N HIS B 106 -6.60 -13.58 -11.44
CA HIS B 106 -5.98 -14.33 -12.55
C HIS B 106 -4.48 -14.09 -12.60
N ALA B 107 -4.08 -12.83 -12.52
CA ALA B 107 -2.66 -12.48 -12.57
C ALA B 107 -2.01 -12.65 -11.21
N VAL B 108 -2.32 -13.76 -10.55
CA VAL B 108 -1.79 -14.04 -9.21
C VAL B 108 -0.34 -14.53 -9.27
N SER B 109 0.27 -14.48 -10.43
CA SER B 109 1.64 -14.91 -10.61
C SER B 109 2.62 -13.78 -10.32
N GLU B 110 2.10 -12.63 -9.89
CA GLU B 110 2.94 -11.48 -9.59
C GLU B 110 3.59 -11.64 -8.22
N GLY B 111 2.85 -12.21 -7.28
CA GLY B 111 3.37 -12.41 -5.95
C GLY B 111 4.51 -13.41 -5.93
N THR B 112 4.38 -14.44 -6.76
CA THR B 112 5.38 -15.49 -6.88
C THR B 112 6.71 -14.93 -7.37
N LYS B 113 6.66 -13.80 -8.05
CA LYS B 113 7.87 -13.17 -8.56
C LYS B 113 8.59 -12.41 -7.46
N ALA B 114 7.85 -11.52 -6.79
CA ALA B 114 8.41 -10.70 -5.71
C ALA B 114 8.92 -11.55 -4.54
N VAL B 115 8.18 -12.60 -4.19
CA VAL B 115 8.57 -13.46 -3.08
C VAL B 115 9.97 -14.03 -3.29
N THR B 116 10.18 -14.70 -4.41
CA THR B 116 11.47 -15.28 -4.73
C THR B 116 12.54 -14.22 -4.94
N LYS B 117 12.13 -13.09 -5.49
CA LYS B 117 13.03 -11.98 -5.77
C LYS B 117 13.57 -11.36 -4.48
N TYR B 118 12.72 -11.17 -3.50
CA TYR B 118 13.12 -10.56 -2.23
C TYR B 118 13.81 -11.55 -1.30
N THR B 119 13.54 -12.84 -1.50
CA THR B 119 14.14 -13.86 -0.65
C THR B 119 15.44 -14.41 -1.25
N SER B 120 15.90 -13.79 -2.33
CA SER B 120 17.13 -14.22 -2.97
C SER B 120 18.33 -14.00 -2.06
N SER B 121 19.30 -14.89 -2.15
CA SER B 121 20.51 -14.80 -1.34
C SER B 121 21.50 -13.81 -1.94
N LYS B 122 21.03 -12.58 -2.14
CA LYS B 122 21.83 -11.50 -2.71
C LYS B 122 22.46 -11.91 -4.04
#